data_7L85
#
_entry.id   7L85
#
_cell.length_a   1.00
_cell.length_b   1.00
_cell.length_c   1.00
_cell.angle_alpha   90.00
_cell.angle_beta   90.00
_cell.angle_gamma   90.00
#
_symmetry.space_group_name_H-M   'P 1'
#
loop_
_entity.id
_entity.type
_entity.pdbx_description
1 polymer 'BG505 SOSIP-T33-31B'
2 polymer 'BG505 SOSIP-T33-31A'
#
loop_
_entity_poly.entity_id
_entity_poly.type
_entity_poly.pdbx_seq_one_letter_code
_entity_poly.pdbx_strand_id
1 'polypeptide(L)'
;GSVRGIRGAITVEEDTPAAILAATIELLLKMLEANGIQSYEELAAVIFTVTEDLTSAFPAEAARLIGMHRVPLLSAREVP
VPGSLPRVIRVLALWNTDTPQDRVRHVYLNEAVRLRPDLESAQLE
;
B,C,E,G,I,K,M,O,Q,S,V,X
2 'polypeptide(L)'
;GGEEVVLITVPSALVAVKIAHALVEERLAACVNIVPGLTSIYREEGSVVSDHELLLLVKTTTDAFPKLKERVKELHPYEV
PEIVALPIAEGNREYLDWLRENTGLE
;
A,D,F,H,J,L,N,P,R,T,W,Y
#
# COMPACT_ATOMS: atom_id res chain seq x y z
N GLY A 1 -10.03 -32.87 41.29
CA GLY A 1 -10.48 -32.31 40.02
C GLY A 1 -9.34 -32.19 39.04
N SER A 2 -9.66 -31.91 37.80
CA SER A 2 -8.70 -31.73 36.75
C SER A 2 -9.12 -30.60 35.88
N VAL A 3 -8.53 -30.47 34.71
CA VAL A 3 -8.89 -29.36 33.85
C VAL A 3 -9.33 -29.82 32.49
N ARG A 4 -10.46 -29.34 32.06
CA ARG A 4 -10.93 -29.67 30.75
C ARG A 4 -11.22 -28.42 29.99
N GLY A 5 -10.77 -28.34 28.76
CA GLY A 5 -11.14 -27.17 28.00
C GLY A 5 -12.53 -27.34 27.42
N ILE A 6 -13.22 -26.24 27.23
CA ILE A 6 -14.52 -26.22 26.61
C ILE A 6 -14.41 -25.35 25.39
N ARG A 7 -14.84 -25.80 24.25
CA ARG A 7 -14.74 -24.95 23.08
C ARG A 7 -16.05 -24.61 22.47
N GLY A 8 -16.06 -23.47 21.85
CA GLY A 8 -17.19 -23.14 21.03
C GLY A 8 -16.92 -22.02 20.08
N ALA A 9 -17.83 -21.80 19.18
CA ALA A 9 -17.67 -20.76 18.20
C ALA A 9 -18.98 -20.24 17.68
N ILE A 10 -18.99 -18.99 17.29
CA ILE A 10 -20.15 -18.36 16.73
C ILE A 10 -19.76 -17.40 15.63
N THR A 11 -20.60 -17.24 14.65
CA THR A 11 -20.30 -16.26 13.62
C THR A 11 -21.22 -15.08 13.69
N VAL A 12 -20.77 -13.98 13.13
CA VAL A 12 -21.61 -12.80 13.05
C VAL A 12 -21.67 -12.35 11.63
N GLU A 13 -22.66 -11.53 11.27
CA GLU A 13 -22.75 -11.06 9.90
C GLU A 13 -21.98 -9.79 9.61
N GLU A 14 -21.71 -8.99 10.62
CA GLU A 14 -20.99 -7.76 10.38
C GLU A 14 -20.15 -7.35 11.56
N ASP A 15 -19.14 -6.53 11.31
CA ASP A 15 -18.28 -6.04 12.37
C ASP A 15 -18.86 -4.81 13.05
N THR A 16 -19.91 -5.04 13.79
CA THR A 16 -20.62 -4.02 14.54
C THR A 16 -20.49 -4.37 16.00
N PRO A 17 -20.03 -3.48 16.89
CA PRO A 17 -19.85 -3.76 18.28
C PRO A 17 -21.03 -4.42 18.92
N ALA A 18 -22.23 -4.00 18.56
CA ALA A 18 -23.37 -4.63 19.17
C ALA A 18 -23.49 -6.08 18.79
N ALA A 19 -23.13 -6.41 17.54
CA ALA A 19 -23.27 -7.76 17.07
C ALA A 19 -22.24 -8.64 17.72
N ILE A 20 -21.07 -8.08 17.91
CA ILE A 20 -20.01 -8.85 18.51
C ILE A 20 -20.34 -9.15 19.93
N LEU A 21 -20.80 -8.15 20.65
CA LEU A 21 -21.10 -8.36 22.03
C LEU A 21 -22.27 -9.29 22.17
N ALA A 22 -23.30 -9.12 21.34
CA ALA A 22 -24.44 -9.97 21.50
C ALA A 22 -24.11 -11.40 21.18
N ALA A 23 -23.29 -11.62 20.15
CA ALA A 23 -22.92 -12.95 19.78
C ALA A 23 -22.06 -13.58 20.83
N THR A 24 -21.18 -12.80 21.42
CA THR A 24 -20.33 -13.35 22.43
C THR A 24 -21.15 -13.78 23.60
N ILE A 25 -22.13 -13.00 23.99
CA ILE A 25 -22.95 -13.43 25.11
C ILE A 25 -23.67 -14.69 24.78
N GLU A 26 -24.28 -14.78 23.60
CA GLU A 26 -24.98 -15.98 23.28
C GLU A 26 -24.10 -17.18 23.37
N LEU A 27 -22.89 -17.09 22.84
CA LEU A 27 -22.03 -18.24 22.88
C LEU A 27 -21.58 -18.57 24.27
N LEU A 28 -21.20 -17.59 25.07
CA LEU A 28 -20.72 -17.93 26.39
C LEU A 28 -21.79 -18.55 27.22
N LEU A 29 -23.00 -18.03 27.14
CA LEU A 29 -24.01 -18.58 27.98
C LEU A 29 -24.36 -19.95 27.52
N LYS A 30 -24.38 -20.19 26.21
CA LYS A 30 -24.73 -21.50 25.74
C LYS A 30 -23.70 -22.52 26.16
N MET A 31 -22.41 -22.17 26.13
CA MET A 31 -21.38 -23.11 26.56
C MET A 31 -21.56 -23.49 28.01
N LEU A 32 -21.84 -22.50 28.83
CA LEU A 32 -22.00 -22.77 30.23
C LEU A 32 -23.24 -23.60 30.48
N GLU A 33 -24.32 -23.35 29.75
CA GLU A 33 -25.49 -24.16 29.99
C GLU A 33 -25.25 -25.58 29.55
N ALA A 34 -24.58 -25.76 28.42
CA ALA A 34 -24.38 -27.10 27.90
C ALA A 34 -23.67 -27.97 28.87
N ASN A 35 -22.72 -27.40 29.59
CA ASN A 35 -21.95 -28.17 30.54
C ASN A 35 -22.43 -28.06 31.97
N GLY A 36 -23.57 -27.43 32.20
CA GLY A 36 -24.11 -27.35 33.55
C GLY A 36 -23.34 -26.44 34.48
N ILE A 37 -22.71 -25.40 33.96
CA ILE A 37 -21.93 -24.58 34.85
C ILE A 37 -22.76 -23.47 35.41
N GLN A 38 -22.97 -23.54 36.72
CA GLN A 38 -23.84 -22.58 37.41
C GLN A 38 -23.06 -21.47 38.07
N SER A 39 -21.75 -21.54 37.99
CA SER A 39 -20.90 -20.57 38.64
C SER A 39 -19.62 -20.36 37.90
N TYR A 40 -19.13 -19.16 37.94
CA TYR A 40 -17.94 -18.82 37.22
C TYR A 40 -16.71 -19.16 38.03
N GLU A 41 -16.93 -19.63 39.23
CA GLU A 41 -15.87 -20.00 40.14
C GLU A 41 -15.13 -21.21 39.64
N GLU A 42 -15.76 -21.96 38.75
CA GLU A 42 -15.13 -23.16 38.23
C GLU A 42 -14.25 -22.85 37.03
N LEU A 43 -14.24 -21.62 36.54
CA LEU A 43 -13.45 -21.35 35.36
C LEU A 43 -12.10 -20.78 35.72
N ALA A 44 -11.06 -21.47 35.26
CA ALA A 44 -9.72 -21.05 35.52
C ALA A 44 -9.40 -19.85 34.70
N ALA A 45 -9.86 -19.87 33.45
CA ALA A 45 -9.62 -18.79 32.50
C ALA A 45 -10.46 -18.93 31.26
N VAL A 46 -10.66 -17.83 30.55
CA VAL A 46 -11.28 -17.91 29.23
C VAL A 46 -10.45 -17.19 28.18
N ILE A 47 -10.18 -17.87 27.06
CA ILE A 47 -9.44 -17.27 25.98
C ILE A 47 -10.29 -17.08 24.74
N PHE A 48 -10.35 -15.87 24.25
CA PHE A 48 -11.16 -15.58 23.08
C PHE A 48 -10.30 -15.33 21.89
N THR A 49 -10.67 -15.84 20.73
CA THR A 49 -9.92 -15.44 19.57
C THR A 49 -10.86 -15.01 18.49
N VAL A 50 -10.41 -14.09 17.67
CA VAL A 50 -11.24 -13.71 16.55
C VAL A 50 -10.51 -13.66 15.25
N THR A 51 -11.28 -13.75 14.20
CA THR A 51 -10.74 -13.62 12.87
C THR A 51 -10.34 -12.19 12.59
N GLU A 52 -9.56 -12.03 11.55
CA GLU A 52 -8.97 -10.76 11.18
C GLU A 52 -9.93 -9.67 10.78
N ASP A 53 -11.15 -10.04 10.46
CA ASP A 53 -12.18 -9.13 10.03
C ASP A 53 -13.10 -8.62 11.12
N LEU A 54 -12.86 -8.95 12.38
CA LEU A 54 -13.67 -8.40 13.45
C LEU A 54 -12.83 -7.54 14.37
N THR A 55 -12.84 -6.24 14.16
CA THR A 55 -12.03 -5.37 14.96
C THR A 55 -12.79 -4.28 15.69
N SER A 56 -14.11 -4.24 15.61
CA SER A 56 -14.81 -3.14 16.27
C SER A 56 -15.03 -3.28 17.77
N ALA A 57 -14.81 -4.45 18.34
CA ALA A 57 -15.05 -4.65 19.76
C ALA A 57 -14.28 -5.83 20.29
N PHE A 58 -14.10 -5.88 21.59
CA PHE A 58 -13.45 -7.02 22.21
C PHE A 58 -14.47 -7.96 22.81
N PRO A 59 -14.58 -9.22 22.40
CA PRO A 59 -15.49 -10.19 22.95
C PRO A 59 -15.39 -10.30 24.47
N ALA A 60 -14.20 -10.09 24.99
CA ALA A 60 -13.99 -10.16 26.42
C ALA A 60 -14.87 -9.18 27.17
N GLU A 61 -15.25 -8.07 26.54
CA GLU A 61 -16.09 -7.11 27.23
C GLU A 61 -17.44 -7.71 27.52
N ALA A 62 -17.94 -8.55 26.61
CA ALA A 62 -19.24 -9.17 26.79
C ALA A 62 -19.25 -10.04 28.01
N ALA A 63 -18.14 -10.66 28.26
CA ALA A 63 -18.04 -11.54 29.40
C ALA A 63 -18.35 -10.81 30.70
N ARG A 64 -18.09 -9.50 30.77
CA ARG A 64 -18.35 -8.81 32.01
C ARG A 64 -19.78 -8.32 32.08
N LEU A 65 -20.54 -8.49 31.00
CA LEU A 65 -21.92 -8.07 30.99
C LEU A 65 -22.72 -9.19 31.60
N ILE A 66 -22.18 -10.40 31.53
CA ILE A 66 -22.87 -11.55 32.12
C ILE A 66 -22.28 -11.91 33.47
N GLY A 67 -21.47 -11.02 34.00
CA GLY A 67 -20.91 -11.14 35.34
C GLY A 67 -19.61 -11.89 35.54
N MET A 68 -18.84 -12.18 34.51
CA MET A 68 -17.60 -12.91 34.72
C MET A 68 -16.49 -11.95 35.10
N HIS A 69 -16.67 -11.27 36.20
CA HIS A 69 -15.76 -10.22 36.60
C HIS A 69 -14.47 -10.74 37.15
N ARG A 70 -14.51 -11.92 37.72
CA ARG A 70 -13.32 -12.46 38.31
C ARG A 70 -12.71 -13.54 37.47
N VAL A 71 -13.20 -13.76 36.27
CA VAL A 71 -12.64 -14.81 35.48
C VAL A 71 -11.57 -14.18 34.63
N PRO A 72 -10.33 -14.63 34.65
CA PRO A 72 -9.29 -14.09 33.83
C PRO A 72 -9.68 -14.17 32.38
N LEU A 73 -9.60 -13.06 31.65
CA LEU A 73 -9.98 -13.10 30.25
C LEU A 73 -8.85 -12.63 29.38
N LEU A 74 -8.47 -13.44 28.42
CA LEU A 74 -7.39 -13.10 27.51
C LEU A 74 -7.90 -13.18 26.09
N SER A 75 -7.40 -12.36 25.18
CA SER A 75 -7.84 -12.53 23.81
C SER A 75 -6.71 -12.42 22.81
N ALA A 76 -6.90 -12.99 21.64
CA ALA A 76 -5.88 -13.00 20.59
C ALA A 76 -6.47 -13.03 19.20
N ARG A 77 -5.67 -12.67 18.23
CA ARG A 77 -6.12 -12.66 16.86
C ARG A 77 -5.72 -13.96 16.16
N GLU A 78 -6.62 -14.49 15.34
CA GLU A 78 -6.45 -15.74 14.59
C GLU A 78 -5.67 -15.64 13.30
N VAL A 79 -5.17 -16.78 12.87
CA VAL A 79 -4.42 -16.91 11.64
C VAL A 79 -5.35 -16.83 10.43
N PRO A 80 -5.13 -15.91 9.48
CA PRO A 80 -5.95 -15.67 8.32
C PRO A 80 -5.76 -16.66 7.21
N VAL A 81 -6.14 -17.90 7.43
CA VAL A 81 -5.99 -18.89 6.39
C VAL A 81 -7.04 -18.66 5.32
N PRO A 82 -6.70 -18.50 4.04
CA PRO A 82 -7.63 -18.26 2.97
C PRO A 82 -8.63 -19.37 2.92
N GLY A 83 -9.88 -19.03 2.68
CA GLY A 83 -10.92 -20.03 2.59
C GLY A 83 -11.58 -20.34 3.93
N SER A 84 -11.06 -19.76 5.01
CA SER A 84 -11.64 -20.03 6.30
C SER A 84 -12.97 -19.33 6.43
N LEU A 85 -13.75 -19.76 7.40
CA LEU A 85 -15.03 -19.15 7.67
C LEU A 85 -14.77 -17.74 8.22
N PRO A 86 -15.32 -16.67 7.63
CA PRO A 86 -15.16 -15.28 8.02
C PRO A 86 -15.95 -14.93 9.25
N ARG A 87 -15.56 -13.85 9.91
CA ARG A 87 -16.28 -13.29 11.04
C ARG A 87 -16.59 -14.29 12.13
N VAL A 88 -15.58 -15.00 12.58
CA VAL A 88 -15.77 -16.04 13.59
C VAL A 88 -15.17 -15.65 14.92
N ILE A 89 -15.94 -15.87 15.97
CA ILE A 89 -15.50 -15.67 17.33
C ILE A 89 -15.36 -17.04 17.96
N ARG A 90 -14.19 -17.38 18.45
CA ARG A 90 -13.96 -18.69 19.05
C ARG A 90 -13.60 -18.54 20.50
N VAL A 91 -14.10 -19.44 21.31
CA VAL A 91 -13.79 -19.40 22.72
C VAL A 91 -13.30 -20.70 23.28
N LEU A 92 -12.21 -20.62 24.05
CA LEU A 92 -11.71 -21.76 24.81
C LEU A 92 -11.81 -21.47 26.28
N ALA A 93 -12.56 -22.24 27.01
CA ALA A 93 -12.63 -21.99 28.44
C ALA A 93 -11.94 -23.09 29.15
N LEU A 94 -11.24 -22.79 30.23
CA LEU A 94 -10.60 -23.82 31.01
C LEU A 94 -11.37 -24.01 32.28
N TRP A 95 -11.98 -25.19 32.37
CA TRP A 95 -12.90 -25.57 33.41
C TRP A 95 -12.35 -26.55 34.44
N ASN A 96 -12.36 -26.15 35.70
CA ASN A 96 -11.83 -26.98 36.76
C ASN A 96 -12.83 -27.99 37.25
N THR A 97 -12.99 -29.03 36.48
CA THR A 97 -13.95 -30.08 36.72
C THR A 97 -13.41 -31.46 36.84
N ASP A 98 -14.27 -32.40 37.19
CA ASP A 98 -13.94 -33.81 37.23
C ASP A 98 -14.65 -34.57 36.13
N THR A 99 -15.24 -33.82 35.22
CA THR A 99 -15.93 -34.34 34.07
C THR A 99 -14.90 -34.97 33.14
N PRO A 100 -15.13 -36.19 32.62
CA PRO A 100 -14.32 -36.89 31.66
C PRO A 100 -14.23 -36.09 30.39
N GLN A 101 -13.17 -36.27 29.63
CA GLN A 101 -13.01 -35.49 28.42
C GLN A 101 -14.15 -35.66 27.46
N ASP A 102 -14.71 -36.85 27.37
CA ASP A 102 -15.73 -37.10 26.41
C ASP A 102 -17.12 -36.77 26.88
N ARG A 103 -17.23 -36.15 28.02
CA ARG A 103 -18.50 -35.74 28.52
C ARG A 103 -18.59 -34.23 28.53
N VAL A 104 -17.60 -33.57 27.95
CA VAL A 104 -17.62 -32.13 27.89
C VAL A 104 -18.25 -31.76 26.57
N ARG A 105 -19.24 -30.90 26.61
CA ARG A 105 -19.93 -30.52 25.41
C ARG A 105 -19.36 -29.26 24.83
N HIS A 106 -19.34 -29.18 23.53
CA HIS A 106 -18.82 -28.03 22.83
C HIS A 106 -19.93 -27.39 22.06
N VAL A 107 -19.83 -26.09 21.85
CA VAL A 107 -20.91 -25.37 21.19
C VAL A 107 -20.58 -24.64 19.93
N TYR A 108 -21.27 -24.96 18.86
CA TYR A 108 -21.05 -24.28 17.60
C TYR A 108 -22.34 -23.68 17.13
N LEU A 109 -22.34 -22.39 16.92
CA LEU A 109 -23.53 -21.65 16.55
C LEU A 109 -23.44 -20.97 15.19
N ASN A 110 -24.59 -20.75 14.61
CA ASN A 110 -24.71 -20.07 13.34
C ASN A 110 -23.93 -20.77 12.26
N GLU A 111 -23.00 -20.11 11.60
CA GLU A 111 -22.33 -20.80 10.53
C GLU A 111 -21.16 -21.57 11.01
N ALA A 112 -20.88 -21.50 12.29
CA ALA A 112 -19.75 -22.18 12.87
C ALA A 112 -20.05 -23.63 12.99
N VAL A 113 -21.27 -24.02 12.74
CA VAL A 113 -21.56 -25.42 12.84
C VAL A 113 -20.80 -26.18 11.79
N ARG A 114 -20.44 -25.56 10.68
CA ARG A 114 -19.75 -26.29 9.65
C ARG A 114 -18.36 -26.69 10.05
N LEU A 115 -17.82 -26.08 11.07
CA LEU A 115 -16.48 -26.37 11.50
C LEU A 115 -16.44 -27.23 12.76
N ARG A 116 -17.60 -27.75 13.16
CA ARG A 116 -17.68 -28.59 14.32
C ARG A 116 -16.94 -29.90 14.03
N PRO A 117 -16.11 -30.41 14.94
CA PRO A 117 -15.35 -31.62 14.79
C PRO A 117 -16.17 -32.87 14.97
N ASP A 118 -17.03 -33.13 14.02
CA ASP A 118 -17.91 -34.28 14.09
C ASP A 118 -17.75 -35.11 12.83
N GLY B 1 -55.12 -5.12 22.97
CA GLY B 1 -54.38 -6.30 23.42
C GLY B 1 -53.35 -5.90 24.45
N GLY B 2 -52.88 -4.68 24.33
CA GLY B 2 -51.90 -4.14 25.24
C GLY B 2 -50.46 -4.33 24.80
N GLU B 3 -50.23 -4.78 23.58
CA GLU B 3 -48.87 -4.93 23.13
C GLU B 3 -48.30 -3.54 22.87
N GLU B 4 -47.03 -3.33 23.21
CA GLU B 4 -46.38 -2.02 23.00
C GLU B 4 -44.95 -2.07 22.50
N VAL B 5 -44.53 -1.00 21.84
CA VAL B 5 -43.15 -0.86 21.42
C VAL B 5 -42.50 0.22 22.25
N VAL B 6 -41.48 -0.12 22.98
CA VAL B 6 -40.83 0.83 23.84
C VAL B 6 -39.54 1.32 23.25
N LEU B 7 -39.38 2.61 23.24
CA LEU B 7 -38.18 3.20 22.73
C LEU B 7 -37.29 3.58 23.86
N ILE B 8 -36.10 3.00 23.90
CA ILE B 8 -35.15 3.32 24.95
C ILE B 8 -33.90 3.82 24.29
N THR B 9 -33.42 4.97 24.70
CA THR B 9 -32.22 5.50 24.08
C THR B 9 -31.01 5.25 24.95
N VAL B 10 -29.95 4.67 24.38
CA VAL B 10 -28.78 4.34 25.17
C VAL B 10 -27.50 4.93 24.60
N PRO B 11 -26.51 5.27 25.42
CA PRO B 11 -25.26 5.86 25.02
C PRO B 11 -24.21 5.00 24.32
N SER B 12 -24.26 3.69 24.45
CA SER B 12 -23.20 2.88 23.89
C SER B 12 -23.65 1.47 23.63
N ALA B 13 -22.86 0.74 22.83
CA ALA B 13 -23.19 -0.64 22.55
C ALA B 13 -23.19 -1.50 23.80
N LEU B 14 -22.30 -1.23 24.75
CA LEU B 14 -22.31 -2.06 25.93
C LEU B 14 -23.59 -1.90 26.67
N VAL B 15 -24.07 -0.68 26.78
CA VAL B 15 -25.32 -0.48 27.47
C VAL B 15 -26.43 -1.09 26.65
N ALA B 16 -26.42 -0.88 25.34
CA ALA B 16 -27.49 -1.40 24.53
C ALA B 16 -27.64 -2.88 24.65
N VAL B 17 -26.54 -3.59 24.66
CA VAL B 17 -26.59 -5.02 24.76
C VAL B 17 -26.93 -5.44 26.16
N LYS B 18 -26.36 -4.79 27.16
CA LYS B 18 -26.64 -5.17 28.52
C LYS B 18 -28.12 -5.06 28.82
N ILE B 19 -28.75 -3.96 28.41
CA ILE B 19 -30.15 -3.81 28.66
C ILE B 19 -30.95 -4.73 27.82
N ALA B 20 -30.67 -4.80 26.53
CA ALA B 20 -31.47 -5.64 25.69
C ALA B 20 -31.42 -7.07 26.13
N HIS B 21 -30.26 -7.52 26.57
CA HIS B 21 -30.17 -8.88 26.98
C HIS B 21 -30.93 -9.06 28.25
N ALA B 22 -30.79 -8.17 29.20
CA ALA B 22 -31.50 -8.35 30.44
C ALA B 22 -33.00 -8.36 30.25
N LEU B 23 -33.51 -7.51 29.39
CA LEU B 23 -34.95 -7.49 29.27
C LEU B 23 -35.46 -8.76 28.63
N VAL B 24 -34.76 -9.27 27.64
CA VAL B 24 -35.28 -10.48 27.04
C VAL B 24 -35.09 -11.65 27.98
N GLU B 25 -33.92 -11.76 28.59
CA GLU B 25 -33.63 -12.89 29.45
C GLU B 25 -34.59 -13.00 30.61
N GLU B 26 -35.00 -11.88 31.16
CA GLU B 26 -35.89 -11.80 32.29
C GLU B 26 -37.36 -11.80 31.92
N ARG B 27 -37.67 -11.95 30.64
CA ARG B 27 -39.02 -11.94 30.13
C ARG B 27 -39.76 -10.64 30.36
N LEU B 28 -39.07 -9.52 30.20
CA LEU B 28 -39.73 -8.24 30.25
C LEU B 28 -39.97 -7.79 28.83
N ALA B 29 -39.42 -8.54 27.90
CA ALA B 29 -39.51 -8.28 26.49
C ALA B 29 -39.41 -9.56 25.73
N ALA B 30 -40.06 -9.63 24.59
CA ALA B 30 -39.89 -10.80 23.79
C ALA B 30 -38.81 -10.58 22.76
N CYS B 31 -38.66 -9.34 22.35
CA CYS B 31 -37.71 -9.00 21.30
C CYS B 31 -37.18 -7.58 21.38
N VAL B 32 -35.87 -7.41 21.27
CA VAL B 32 -35.31 -6.07 21.26
C VAL B 32 -34.46 -5.80 20.03
N ASN B 33 -34.79 -4.75 19.32
CA ASN B 33 -34.00 -4.36 18.18
C ASN B 33 -33.08 -3.20 18.49
N ILE B 34 -31.84 -3.32 18.13
CA ILE B 34 -30.91 -2.25 18.39
C ILE B 34 -30.57 -1.54 17.11
N VAL B 35 -30.82 -0.24 17.07
CA VAL B 35 -30.53 0.58 15.91
C VAL B 35 -29.34 1.47 16.23
N PRO B 36 -28.17 1.21 15.68
CA PRO B 36 -26.93 1.90 15.94
C PRO B 36 -26.80 3.19 15.20
N GLY B 37 -25.83 4.00 15.57
CA GLY B 37 -25.42 5.14 14.77
C GLY B 37 -26.28 6.38 14.81
N LEU B 38 -26.96 6.64 15.89
CA LEU B 38 -27.79 7.81 15.93
C LEU B 38 -27.00 9.04 16.25
N THR B 39 -27.54 10.17 15.84
CA THR B 39 -26.99 11.45 16.27
C THR B 39 -28.08 12.11 17.06
N SER B 40 -27.77 12.53 18.25
CA SER B 40 -28.78 13.09 19.12
C SER B 40 -28.61 14.52 19.48
N ILE B 41 -29.60 15.34 19.14
CA ILE B 41 -29.55 16.76 19.46
C ILE B 41 -30.61 17.04 20.49
N TYR B 42 -30.23 17.56 21.63
CA TYR B 42 -31.23 17.75 22.64
C TYR B 42 -30.93 18.89 23.56
N ARG B 43 -31.95 19.33 24.25
CA ARG B 43 -31.68 20.42 25.16
C ARG B 43 -31.14 19.88 26.45
N GLU B 44 -30.08 20.48 26.93
CA GLU B 44 -29.48 20.07 28.17
C GLU B 44 -29.18 21.30 28.97
N GLU B 45 -29.59 21.31 30.23
CA GLU B 45 -29.40 22.50 31.04
C GLU B 45 -29.93 23.70 30.27
N GLY B 46 -29.07 24.66 29.96
CA GLY B 46 -29.49 25.86 29.27
C GLY B 46 -29.20 25.91 27.78
N SER B 47 -28.71 24.82 27.19
CA SER B 47 -28.35 24.89 25.79
C SER B 47 -28.61 23.66 24.98
N VAL B 48 -28.24 23.72 23.73
CA VAL B 48 -28.47 22.60 22.85
C VAL B 48 -27.19 21.90 22.58
N VAL B 49 -27.16 20.62 22.88
CA VAL B 49 -25.94 19.86 22.75
C VAL B 49 -26.15 18.62 21.95
N SER B 50 -25.08 18.01 21.48
CA SER B 50 -25.24 16.75 20.80
C SER B 50 -24.56 15.60 21.49
N ASP B 51 -25.00 14.39 21.16
CA ASP B 51 -24.45 13.14 21.64
C ASP B 51 -24.53 12.08 20.56
N HIS B 52 -24.06 10.88 20.84
CA HIS B 52 -24.13 9.81 19.85
C HIS B 52 -25.41 9.02 19.96
N GLU B 53 -25.44 8.05 20.87
CA GLU B 53 -26.58 7.19 21.15
C GLU B 53 -26.93 6.09 20.12
N LEU B 54 -27.61 5.08 20.65
CA LEU B 54 -28.22 3.97 19.93
C LEU B 54 -29.66 3.88 20.38
N LEU B 55 -30.52 3.35 19.54
CA LEU B 55 -31.91 3.20 19.93
C LEU B 55 -32.37 1.77 20.09
N LEU B 56 -33.01 1.47 21.21
CA LEU B 56 -33.55 0.14 21.39
C LEU B 56 -35.04 0.15 21.14
N LEU B 57 -35.53 -0.78 20.37
CA LEU B 57 -36.96 -0.93 20.16
C LEU B 57 -37.37 -2.18 20.86
N VAL B 58 -38.12 -2.05 21.92
CA VAL B 58 -38.46 -3.20 22.71
C VAL B 58 -39.88 -3.62 22.52
N LYS B 59 -40.07 -4.85 22.13
CA LYS B 59 -41.39 -5.38 21.91
C LYS B 59 -41.77 -6.13 23.15
N THR B 60 -42.69 -5.50 23.87
CA THR B 60 -43.17 -5.87 25.18
C THR B 60 -44.66 -5.63 25.28
N THR B 61 -45.18 -5.69 26.48
CA THR B 61 -46.59 -5.49 26.74
C THR B 61 -46.76 -4.44 27.81
N THR B 62 -47.94 -3.86 27.90
CA THR B 62 -48.17 -2.85 28.92
C THR B 62 -48.09 -3.37 30.33
N ASP B 63 -48.49 -4.60 30.59
CA ASP B 63 -48.48 -5.04 31.96
C ASP B 63 -47.09 -5.25 32.52
N ALA B 64 -46.11 -5.48 31.66
CA ALA B 64 -44.76 -5.65 32.10
C ALA B 64 -44.03 -4.35 32.11
N PHE B 65 -44.66 -3.28 31.67
CA PHE B 65 -43.97 -2.05 31.53
C PHE B 65 -43.46 -1.55 32.87
N PRO B 66 -44.23 -1.50 33.95
CA PRO B 66 -43.74 -1.04 35.22
C PRO B 66 -42.46 -1.73 35.66
N LYS B 67 -42.33 -3.03 35.35
CA LYS B 67 -41.13 -3.76 35.72
C LYS B 67 -39.99 -3.35 34.85
N LEU B 68 -40.28 -3.15 33.57
CA LEU B 68 -39.29 -2.73 32.63
C LEU B 68 -38.75 -1.40 33.06
N LYS B 69 -39.61 -0.47 33.42
CA LYS B 69 -39.08 0.81 33.80
C LYS B 69 -38.13 0.68 34.95
N GLU B 70 -38.45 -0.15 35.93
CA GLU B 70 -37.52 -0.23 37.04
C GLU B 70 -36.23 -0.89 36.65
N ARG B 71 -36.30 -1.93 35.84
CA ARG B 71 -35.08 -2.63 35.50
C ARG B 71 -34.18 -1.76 34.64
N VAL B 72 -34.77 -0.99 33.75
CA VAL B 72 -33.96 -0.15 32.91
C VAL B 72 -33.34 0.93 33.76
N LYS B 73 -34.09 1.53 34.68
CA LYS B 73 -33.47 2.55 35.50
C LYS B 73 -32.26 2.01 36.25
N GLU B 74 -32.33 0.77 36.72
CA GLU B 74 -31.20 0.17 37.42
C GLU B 74 -29.97 -0.02 36.53
N LEU B 75 -30.17 -0.36 35.27
CA LEU B 75 -29.05 -0.62 34.38
C LEU B 75 -28.52 0.58 33.61
N HIS B 76 -29.43 1.49 33.28
CA HIS B 76 -29.12 2.65 32.39
C HIS B 76 -28.38 3.72 33.18
N PRO B 77 -27.20 4.24 32.70
CA PRO B 77 -26.39 5.23 33.40
C PRO B 77 -26.85 6.67 33.29
N TYR B 78 -28.10 6.94 33.60
CA TYR B 78 -28.66 8.29 33.59
C TYR B 78 -29.60 8.54 34.71
N GLU B 79 -29.69 9.78 35.11
CA GLU B 79 -30.68 10.17 36.10
C GLU B 79 -32.07 10.02 35.54
N VAL B 80 -32.21 10.37 34.27
CA VAL B 80 -33.48 10.30 33.60
C VAL B 80 -33.36 9.56 32.29
N PRO B 81 -33.56 8.26 32.27
CA PRO B 81 -33.56 7.44 31.11
C PRO B 81 -34.68 7.88 30.23
N GLU B 82 -34.51 7.75 28.94
CA GLU B 82 -35.54 8.06 27.99
C GLU B 82 -36.29 6.82 27.62
N ILE B 83 -37.41 6.56 28.29
CA ILE B 83 -38.17 5.35 28.05
C ILE B 83 -39.60 5.70 27.68
N VAL B 84 -39.98 5.51 26.43
CA VAL B 84 -41.37 5.81 26.09
C VAL B 84 -42.03 4.68 25.34
N ALA B 85 -43.28 4.43 25.63
CA ALA B 85 -44.02 3.38 24.96
C ALA B 85 -45.00 3.89 23.95
N LEU B 86 -44.93 3.32 22.76
CA LEU B 86 -45.87 3.63 21.69
C LEU B 86 -46.80 2.42 21.60
N PRO B 87 -48.10 2.58 21.47
CA PRO B 87 -49.06 1.50 21.41
C PRO B 87 -49.05 0.78 20.09
N ILE B 88 -49.42 -0.49 20.08
CA ILE B 88 -49.64 -1.20 18.84
C ILE B 88 -51.13 -1.26 18.57
N ALA B 89 -51.52 -0.75 17.41
CA ALA B 89 -52.92 -0.71 17.04
C ALA B 89 -53.41 -2.07 16.58
N GLU B 90 -52.60 -2.72 15.79
CA GLU B 90 -52.95 -4.03 15.26
C GLU B 90 -51.74 -4.75 14.74
N GLY B 91 -51.85 -6.03 14.44
CA GLY B 91 -50.69 -6.72 13.88
C GLY B 91 -50.93 -8.17 13.55
N ASN B 92 -49.87 -8.84 13.17
CA ASN B 92 -49.91 -10.23 12.82
C ASN B 92 -50.36 -10.96 14.04
N ARG B 93 -51.41 -11.75 13.92
CA ARG B 93 -51.94 -12.37 15.10
C ARG B 93 -51.01 -13.34 15.75
N GLU B 94 -50.32 -14.14 14.97
CA GLU B 94 -49.42 -15.10 15.55
C GLU B 94 -48.31 -14.39 16.26
N TYR B 95 -47.83 -13.31 15.69
CA TYR B 95 -46.78 -12.56 16.32
C TYR B 95 -47.22 -11.99 17.64
N LEU B 96 -48.39 -11.40 17.68
CA LEU B 96 -48.83 -10.81 18.92
C LEU B 96 -49.05 -11.89 19.96
N ASP B 97 -49.54 -13.07 19.55
CA ASP B 97 -49.73 -14.12 20.53
C ASP B 97 -48.39 -14.52 21.07
N TRP B 98 -47.39 -14.57 20.20
CA TRP B 98 -46.03 -14.91 20.55
C TRP B 98 -45.47 -13.93 21.56
N LEU B 99 -45.68 -12.64 21.36
CA LEU B 99 -45.14 -11.70 22.32
C LEU B 99 -45.72 -11.94 23.67
N ARG B 100 -47.00 -12.23 23.73
CA ARG B 100 -47.57 -12.44 25.03
C ARG B 100 -47.03 -13.72 25.65
N GLU B 101 -46.86 -14.77 24.87
CA GLU B 101 -46.36 -16.02 25.42
C GLU B 101 -44.98 -15.87 26.00
N ASN B 102 -44.16 -15.04 25.39
CA ASN B 102 -42.80 -14.83 25.82
C ASN B 102 -42.58 -13.66 26.75
N THR B 103 -43.63 -13.01 27.20
CA THR B 103 -43.44 -11.87 28.07
C THR B 103 -44.17 -12.12 29.38
N GLY B 104 -43.49 -11.96 30.50
CA GLY B 104 -44.14 -12.18 31.79
C GLY B 104 -43.81 -13.53 32.43
N GLY C 1 48.71 -7.67 -21.31
CA GLY C 1 47.27 -7.90 -21.40
C GLY C 1 46.49 -6.66 -21.00
N SER C 2 45.21 -6.69 -21.25
CA SER C 2 44.32 -5.62 -20.93
C SER C 2 43.03 -6.18 -20.40
N VAL C 3 42.00 -5.37 -20.31
CA VAL C 3 40.74 -5.89 -19.81
C VAL C 3 39.61 -5.65 -20.76
N ARG C 4 38.88 -6.71 -21.02
CA ARG C 4 37.72 -6.58 -21.87
C ARG C 4 36.52 -7.11 -21.17
N GLY C 5 35.42 -6.39 -21.21
CA GLY C 5 34.25 -6.95 -20.62
C GLY C 5 33.59 -7.91 -21.58
N ILE C 6 32.89 -8.90 -21.05
CA ILE C 6 32.13 -9.84 -21.83
C ILE C 6 30.71 -9.73 -21.38
N ARG C 7 29.76 -9.58 -22.26
CA ARG C 7 28.39 -9.49 -21.82
C ARG C 7 27.51 -10.56 -22.34
N GLY C 8 26.51 -10.86 -21.55
CA GLY C 8 25.49 -11.72 -22.05
C GLY C 8 24.24 -11.66 -21.23
N ALA C 9 23.20 -12.27 -21.73
CA ALA C 9 21.93 -12.26 -21.04
C ALA C 9 21.09 -13.44 -21.39
N ILE C 10 20.26 -13.84 -20.45
CA ILE C 10 19.33 -14.94 -20.63
C ILE C 10 18.03 -14.66 -19.94
N THR C 11 16.95 -15.16 -20.47
CA THR C 11 15.69 -14.99 -19.80
C THR C 11 15.17 -16.28 -19.23
N VAL C 12 14.31 -16.17 -18.24
CA VAL C 12 13.68 -17.35 -17.68
C VAL C 12 12.19 -17.16 -17.71
N GLU C 13 11.42 -18.24 -17.60
CA GLU C 13 9.98 -18.09 -17.63
C GLU C 13 9.35 -17.86 -16.27
N GLU C 14 10.02 -18.26 -15.21
CA GLU C 14 9.43 -18.06 -13.90
C GLU C 14 10.48 -17.87 -12.83
N ASP C 15 10.09 -17.25 -11.72
CA ASP C 15 11.01 -17.03 -10.62
C ASP C 15 11.08 -18.23 -9.69
N THR C 16 11.69 -19.27 -10.19
CA THR C 16 11.90 -20.52 -9.48
C THR C 16 13.38 -20.70 -9.33
N PRO C 17 13.93 -20.94 -8.13
CA PRO C 17 15.34 -21.08 -7.91
C PRO C 17 16.01 -22.03 -8.86
N ALA C 18 15.35 -23.12 -9.20
CA ALA C 18 15.98 -24.04 -10.11
C ALA C 18 16.15 -23.43 -11.48
N ALA C 19 15.19 -22.61 -11.90
CA ALA C 19 15.24 -22.04 -13.22
C ALA C 19 16.31 -21.00 -13.29
N ILE C 20 16.45 -20.26 -12.21
CA ILE C 20 17.43 -19.22 -12.16
C ILE C 20 18.79 -19.80 -12.20
N LEU C 21 19.02 -20.82 -11.40
CA LEU C 21 20.32 -21.41 -11.36
C LEU C 21 20.63 -22.10 -12.66
N ALA C 22 19.66 -22.80 -13.24
CA ALA C 22 19.95 -23.48 -14.47
C ALA C 22 20.25 -22.51 -15.58
N ALA C 23 19.49 -21.42 -15.64
CA ALA C 23 19.71 -20.44 -16.67
C ALA C 23 21.03 -19.75 -16.49
N THR C 24 21.41 -19.50 -15.26
CA THR C 24 22.65 -18.84 -15.03
C THR C 24 23.77 -19.71 -15.49
N ILE C 25 23.70 -21.01 -15.22
CA ILE C 25 24.77 -21.87 -15.67
C ILE C 25 24.83 -21.88 -17.15
N GLU C 26 23.71 -22.01 -17.83
CA GLU C 26 23.76 -22.03 -19.27
C GLU C 26 24.42 -20.81 -19.82
N LEU C 27 24.07 -19.64 -19.28
CA LEU C 27 24.66 -18.45 -19.81
C LEU C 27 26.13 -18.35 -19.50
N LEU C 28 26.55 -18.66 -18.29
CA LEU C 28 27.96 -18.50 -18.00
C LEU C 28 28.79 -19.43 -18.81
N LEU C 29 28.35 -20.65 -18.98
CA LEU C 29 29.18 -21.55 -19.72
C LEU C 29 29.22 -21.15 -21.15
N LYS C 30 28.12 -20.68 -21.70
CA LYS C 30 28.12 -20.31 -23.08
C LYS C 30 29.04 -19.13 -23.33
N MET C 31 29.06 -18.15 -22.42
CA MET C 31 29.95 -17.01 -22.59
C MET C 31 31.39 -17.45 -22.60
N LEU C 32 31.73 -18.34 -21.70
CA LEU C 32 33.09 -18.78 -21.63
C LEU C 32 33.46 -19.59 -22.86
N GLU C 33 32.54 -20.41 -23.36
CA GLU C 33 32.90 -21.15 -24.55
C GLU C 33 33.06 -20.24 -25.73
N ALA C 34 32.20 -19.24 -25.86
CA ALA C 34 32.24 -18.38 -27.01
C ALA C 34 33.56 -17.70 -27.14
N ASN C 35 34.14 -17.33 -26.01
CA ASN C 35 35.40 -16.64 -26.03
C ASN C 35 36.61 -17.53 -25.79
N GLY C 36 36.43 -18.83 -25.76
CA GLY C 36 37.55 -19.73 -25.59
C GLY C 36 38.17 -19.71 -24.21
N ILE C 37 37.41 -19.45 -23.18
CA ILE C 37 38.02 -19.36 -21.88
C ILE C 37 38.01 -20.71 -21.21
N GLN C 38 39.19 -21.26 -21.03
CA GLN C 38 39.34 -22.60 -20.46
C GLN C 38 39.65 -22.58 -18.98
N SER C 39 39.78 -21.41 -18.43
CA SER C 39 40.14 -21.25 -17.04
C SER C 39 39.56 -20.01 -16.44
N TYR C 40 39.22 -20.09 -15.19
CA TYR C 40 38.61 -18.98 -14.52
C TYR C 40 39.64 -18.03 -13.99
N GLU C 41 40.90 -18.39 -14.17
CA GLU C 41 42.02 -17.60 -13.73
C GLU C 41 42.11 -16.31 -14.51
N GLU C 42 41.49 -16.28 -15.67
CA GLU C 42 41.55 -15.11 -16.50
C GLU C 42 40.47 -14.10 -16.14
N LEU C 43 39.55 -14.45 -15.24
CA LEU C 43 38.48 -13.53 -14.94
C LEU C 43 38.78 -12.70 -13.72
N ALA C 44 38.77 -11.39 -13.91
CA ALA C 44 39.04 -10.48 -12.83
C ALA C 44 37.89 -10.45 -11.89
N ALA C 45 36.70 -10.45 -12.48
CA ALA C 45 35.45 -10.40 -11.71
C ALA C 45 34.24 -10.70 -12.55
N VAL C 46 33.15 -11.10 -11.93
CA VAL C 46 31.88 -11.21 -12.63
C VAL C 46 30.77 -10.47 -11.91
N ILE C 47 30.04 -9.64 -12.66
CA ILE C 47 28.93 -8.91 -12.08
C ILE C 47 27.61 -9.35 -12.67
N PHE C 48 26.69 -9.74 -11.82
CA PHE C 48 25.40 -10.22 -12.28
C PHE C 48 24.33 -9.21 -11.97
N THR C 49 23.41 -8.98 -12.87
CA THR C 49 22.30 -8.15 -12.49
C THR C 49 21.02 -8.81 -12.87
N VAL C 50 19.99 -8.54 -12.10
CA VAL C 50 18.70 -9.08 -12.48
C VAL C 50 17.60 -8.09 -12.43
N THR C 51 16.55 -8.40 -13.16
CA THR C 51 15.37 -7.59 -13.14
C THR C 51 14.63 -7.74 -11.84
N GLU C 52 13.73 -6.82 -11.59
CA GLU C 52 12.99 -6.72 -10.34
C GLU C 52 12.08 -7.88 -10.00
N ASP C 53 11.75 -8.67 -10.99
CA ASP C 53 10.88 -9.80 -10.86
C ASP C 53 11.56 -11.14 -10.59
N LEU C 54 12.87 -11.17 -10.41
CA LEU C 54 13.53 -12.42 -10.06
C LEU C 54 14.16 -12.31 -8.71
N THR C 55 13.48 -12.79 -7.68
CA THR C 55 14.00 -12.67 -6.33
C THR C 55 14.15 -14.00 -5.61
N SER C 56 13.89 -15.14 -6.24
CA SER C 56 13.98 -16.39 -5.49
C SER C 56 15.37 -16.97 -5.31
N ALA C 57 16.36 -16.48 -6.03
CA ALA C 57 17.71 -17.02 -5.95
C ALA C 57 18.75 -16.03 -6.40
N PHE C 58 19.99 -16.25 -6.00
CA PHE C 58 21.07 -15.41 -6.48
C PHE C 58 21.83 -16.09 -7.61
N PRO C 59 21.91 -15.55 -8.81
CA PRO C 59 22.64 -16.12 -9.92
C PRO C 59 24.10 -16.43 -9.56
N ALA C 60 24.66 -15.64 -8.67
CA ALA C 60 26.03 -15.87 -8.25
C ALA C 60 26.21 -17.25 -7.66
N GLU C 61 25.18 -17.84 -7.08
CA GLU C 61 25.33 -19.15 -6.51
C GLU C 61 25.62 -20.16 -7.59
N ALA C 62 25.04 -19.98 -8.78
CA ALA C 62 25.24 -20.91 -9.87
C ALA C 62 26.69 -20.93 -10.28
N ALA C 63 27.31 -19.78 -10.18
CA ALA C 63 28.70 -19.69 -10.56
C ALA C 63 29.56 -20.64 -9.76
N ARG C 64 29.19 -20.97 -8.54
CA ARG C 64 30.01 -21.85 -7.75
C ARG C 64 29.69 -23.31 -8.02
N LEU C 65 28.67 -23.57 -8.83
CA LEU C 65 28.31 -24.93 -9.14
C LEU C 65 29.17 -25.35 -10.31
N ILE C 66 29.63 -24.36 -11.07
CA ILE C 66 30.51 -24.67 -12.20
C ILE C 66 31.96 -24.41 -11.86
N GLY C 67 32.23 -24.24 -10.58
CA GLY C 67 33.59 -24.12 -10.06
C GLY C 67 34.23 -22.74 -10.00
N MET C 68 33.51 -21.64 -10.15
CA MET C 68 34.15 -20.35 -10.09
C MET C 68 34.29 -19.90 -8.66
N HIS C 69 35.03 -20.66 -7.88
CA HIS C 69 35.13 -20.41 -6.46
C HIS C 69 36.01 -19.26 -6.12
N ARG C 70 36.97 -18.98 -6.97
CA ARG C 70 37.87 -17.91 -6.69
C ARG C 70 37.60 -16.70 -7.52
N VAL C 71 36.51 -16.68 -8.25
CA VAL C 71 36.25 -15.53 -9.07
C VAL C 71 35.40 -14.61 -8.25
N PRO C 72 35.76 -13.35 -8.01
CA PRO C 72 34.95 -12.43 -7.27
C PRO C 72 33.60 -12.30 -7.91
N LEU C 73 32.53 -12.47 -7.15
CA LEU C 73 31.20 -12.35 -7.74
C LEU C 73 30.40 -11.32 -7.02
N LEU C 74 29.87 -10.37 -7.77
CA LEU C 74 29.07 -9.30 -7.21
C LEU C 74 27.72 -9.28 -7.89
N SER C 75 26.65 -8.92 -7.21
CA SER C 75 25.39 -8.81 -7.93
C SER C 75 24.60 -7.58 -7.54
N ALA C 76 23.71 -7.16 -8.43
CA ALA C 76 22.90 -5.96 -8.21
C ALA C 76 21.55 -6.03 -8.90
N ARG C 77 20.64 -5.20 -8.47
CA ARG C 77 19.31 -5.19 -9.05
C ARG C 77 19.21 -4.10 -10.12
N GLU C 78 18.54 -4.43 -11.22
CA GLU C 78 18.34 -3.53 -12.37
C GLU C 78 17.24 -2.53 -12.25
N VAL C 79 17.34 -1.50 -13.06
CA VAL C 79 16.37 -0.43 -13.15
C VAL C 79 15.09 -0.91 -13.84
N PRO C 80 13.91 -0.79 -13.22
CA PRO C 80 12.64 -1.26 -13.73
C PRO C 80 12.01 -0.35 -14.76
N VAL C 81 12.63 -0.24 -15.91
CA VAL C 81 12.07 0.61 -16.95
C VAL C 81 10.85 -0.08 -17.55
N PRO C 82 9.67 0.53 -17.59
CA PRO C 82 8.47 -0.04 -18.13
C PRO C 82 8.69 -0.44 -19.55
N GLY C 83 8.18 -1.58 -19.93
CA GLY C 83 8.32 -2.05 -21.30
C GLY C 83 9.57 -2.89 -21.52
N SER C 84 10.42 -3.01 -20.51
CA SER C 84 11.61 -3.78 -20.65
C SER C 84 11.28 -5.26 -20.69
N LEU C 85 12.22 -6.04 -21.17
CA LEU C 85 12.05 -7.47 -21.21
C LEU C 85 12.07 -7.99 -19.76
N PRO C 86 11.05 -8.73 -19.29
CA PRO C 86 10.91 -9.26 -17.95
C PRO C 86 11.80 -10.46 -17.72
N ARG C 87 12.05 -10.76 -16.45
CA ARG C 87 12.78 -11.95 -16.05
C ARG C 87 14.11 -12.14 -16.73
N VAL C 88 14.93 -11.11 -16.72
CA VAL C 88 16.21 -11.17 -17.40
C VAL C 88 17.37 -11.20 -16.44
N ILE C 89 18.31 -12.09 -16.72
CA ILE C 89 19.54 -12.19 -15.97
C ILE C 89 20.64 -11.71 -16.89
N ARG C 90 21.40 -10.70 -16.46
CA ARG C 90 22.47 -10.16 -17.29
C ARG C 90 23.79 -10.34 -16.61
N VAL C 91 24.81 -10.65 -17.39
CA VAL C 91 26.12 -10.82 -16.83
C VAL C 91 27.19 -10.04 -17.52
N LEU C 92 28.02 -9.36 -16.74
CA LEU C 92 29.21 -8.69 -17.23
C LEU C 92 30.45 -9.34 -16.64
N ALA C 93 31.30 -9.88 -17.46
CA ALA C 93 32.50 -10.49 -16.91
C ALA C 93 33.66 -9.65 -17.30
N LEU C 94 34.62 -9.50 -16.43
CA LEU C 94 35.82 -8.76 -16.77
C LEU C 94 36.95 -9.73 -16.97
N TRP C 95 37.38 -9.79 -18.21
CA TRP C 95 38.36 -10.74 -18.71
C TRP C 95 39.75 -10.18 -18.98
N ASN C 96 40.74 -10.74 -18.33
CA ASN C 96 42.10 -10.25 -18.48
C ASN C 96 42.79 -10.86 -19.68
N THR C 97 42.44 -10.33 -20.82
CA THR C 97 42.92 -10.82 -22.10
C THR C 97 43.63 -9.82 -22.95
N ASP C 98 44.18 -10.28 -24.06
CA ASP C 98 44.79 -9.44 -25.06
C ASP C 98 43.96 -9.41 -26.33
N THR C 99 42.76 -9.95 -26.24
CA THR C 99 41.80 -9.99 -27.30
C THR C 99 41.34 -8.57 -27.59
N PRO C 100 41.28 -8.12 -28.84
CA PRO C 100 40.77 -6.84 -29.28
C PRO C 100 39.33 -6.71 -28.91
N GLN C 101 38.85 -5.49 -28.75
CA GLN C 101 37.47 -5.31 -28.35
C GLN C 101 36.49 -5.93 -29.31
N ASP C 102 36.79 -5.91 -30.58
CA ASP C 102 35.84 -6.40 -31.55
C ASP C 102 35.95 -7.87 -31.82
N ARG C 103 36.76 -8.56 -31.05
CA ARG C 103 36.89 -9.97 -31.19
C ARG C 103 36.31 -10.66 -29.98
N VAL C 104 35.68 -9.90 -29.09
CA VAL C 104 35.07 -10.49 -27.93
C VAL C 104 33.64 -10.79 -28.27
N ARG C 105 33.21 -12.01 -28.02
CA ARG C 105 31.88 -12.40 -28.36
C ARG C 105 30.95 -12.25 -27.18
N HIS C 106 29.73 -11.88 -27.46
CA HIS C 106 28.73 -11.68 -26.43
C HIS C 106 27.63 -12.67 -26.64
N VAL C 107 26.97 -13.05 -25.57
CA VAL C 107 25.95 -14.08 -25.67
C VAL C 107 24.55 -13.70 -25.23
N TYR C 108 23.60 -13.85 -26.11
CA TYR C 108 22.22 -13.56 -25.77
C TYR C 108 21.38 -14.78 -26.02
N LEU C 109 20.71 -15.25 -25.00
CA LEU C 109 19.92 -16.45 -25.06
C LEU C 109 18.45 -16.25 -24.81
N ASN C 110 17.66 -17.16 -25.35
CA ASN C 110 16.22 -17.15 -25.18
C ASN C 110 15.61 -15.86 -25.67
N GLU C 111 14.88 -15.14 -24.83
CA GLU C 111 14.25 -13.96 -25.37
C GLU C 111 15.15 -12.78 -25.32
N ALA C 112 16.34 -12.95 -24.78
CA ALA C 112 17.29 -11.88 -24.65
C ALA C 112 17.89 -11.58 -25.97
N VAL C 113 17.63 -12.40 -26.95
CA VAL C 113 18.21 -12.11 -28.24
C VAL C 113 17.65 -10.83 -28.77
N ARG C 114 16.44 -10.44 -28.38
CA ARG C 114 15.87 -9.23 -28.93
C ARG C 114 16.59 -7.99 -28.48
N LEU C 115 17.38 -8.09 -27.43
CA LEU C 115 18.07 -6.94 -26.91
C LEU C 115 19.54 -6.93 -27.28
N ARG C 116 19.94 -7.84 -28.16
CA ARG C 116 21.31 -7.91 -28.60
C ARG C 116 21.64 -6.65 -29.41
N PRO C 117 22.79 -6.01 -29.19
CA PRO C 117 23.20 -4.81 -29.87
C PRO C 117 23.72 -5.07 -31.26
N ASP C 118 22.82 -5.42 -32.15
CA ASP C 118 23.19 -5.72 -33.52
C ASP C 118 22.37 -4.87 -34.46
N GLY D 1 15.13 -52.37 -24.92
CA GLY D 1 16.08 -51.38 -25.42
C GLY D 1 17.03 -50.97 -24.32
N GLY D 2 16.53 -51.02 -23.11
CA GLY D 2 17.30 -50.67 -21.93
C GLY D 2 17.17 -49.22 -21.51
N GLU D 3 16.27 -48.47 -22.11
CA GLU D 3 16.10 -47.10 -21.69
C GLU D 3 15.42 -47.10 -20.32
N GLU D 4 15.83 -46.19 -19.44
CA GLU D 4 15.26 -46.09 -18.09
C GLU D 4 15.00 -44.68 -17.57
N VAL D 5 14.05 -44.57 -16.64
CA VAL D 5 13.83 -43.30 -15.97
C VAL D 5 14.27 -43.44 -14.54
N VAL D 6 15.21 -42.63 -14.14
CA VAL D 6 15.74 -42.72 -12.80
C VAL D 6 15.20 -41.63 -11.91
N LEU D 7 14.71 -42.02 -10.76
CA LEU D 7 14.21 -41.06 -9.83
C LEU D 7 15.24 -40.79 -8.78
N ILE D 8 15.65 -39.54 -8.67
CA ILE D 8 16.63 -39.16 -7.67
C ILE D 8 16.01 -38.10 -6.81
N THR D 9 16.03 -38.28 -5.53
CA THR D 9 15.43 -37.27 -4.67
C THR D 9 16.49 -36.38 -4.06
N VAL D 10 16.34 -35.07 -4.17
CA VAL D 10 17.35 -34.15 -3.67
C VAL D 10 16.79 -33.12 -2.71
N PRO D 11 17.55 -32.65 -1.73
CA PRO D 11 17.14 -31.68 -0.73
C PRO D 11 16.97 -30.23 -1.13
N SER D 12 17.58 -29.78 -2.20
CA SER D 12 17.52 -28.36 -2.53
C SER D 12 17.74 -28.09 -3.98
N ALA D 13 17.40 -26.89 -4.42
CA ALA D 13 17.61 -26.51 -5.81
C ALA D 13 19.07 -26.54 -6.18
N LEU D 14 19.97 -26.17 -5.28
CA LEU D 14 21.37 -26.19 -5.67
C LEU D 14 21.80 -27.58 -5.96
N VAL D 15 21.36 -28.53 -5.15
CA VAL D 15 21.76 -29.89 -5.40
C VAL D 15 21.08 -30.36 -6.66
N ALA D 16 19.81 -30.04 -6.84
CA ALA D 16 19.10 -30.51 -8.00
C ALA D 16 19.74 -30.08 -9.27
N VAL D 17 20.17 -28.83 -9.33
CA VAL D 17 20.79 -28.33 -10.52
C VAL D 17 22.17 -28.88 -10.67
N LYS D 18 22.93 -28.94 -9.59
CA LYS D 18 24.28 -29.44 -9.66
C LYS D 18 24.31 -30.85 -10.21
N ILE D 19 23.43 -31.71 -9.72
CA ILE D 19 23.41 -33.07 -10.20
C ILE D 19 22.87 -33.13 -11.58
N ALA D 20 21.75 -32.47 -11.84
CA ALA D 20 21.18 -32.56 -13.15
C ALA D 20 22.13 -32.08 -14.21
N HIS D 21 22.87 -31.03 -13.90
CA HIS D 21 23.77 -30.50 -14.88
C HIS D 21 24.88 -31.48 -15.07
N ALA D 22 25.45 -32.00 -14.00
CA ALA D 22 26.55 -32.91 -14.17
C ALA D 22 26.16 -34.15 -14.95
N LEU D 23 24.98 -34.69 -14.73
CA LEU D 23 24.66 -35.89 -15.44
C LEU D 23 24.48 -35.62 -16.91
N VAL D 24 23.86 -34.51 -17.26
CA VAL D 24 23.69 -34.29 -18.67
C VAL D 24 25.01 -33.92 -19.32
N GLU D 25 25.78 -33.06 -18.68
CA GLU D 25 27.04 -32.61 -19.25
C GLU D 25 28.00 -33.74 -19.50
N GLU D 26 28.02 -34.71 -18.62
CA GLU D 26 28.91 -35.85 -18.69
C GLU D 26 28.36 -37.01 -19.49
N ARG D 27 27.21 -36.83 -20.11
CA ARG D 27 26.54 -37.84 -20.89
C ARG D 27 26.15 -39.08 -20.11
N LEU D 28 25.69 -38.90 -18.88
CA LEU D 28 25.16 -40.01 -18.11
C LEU D 28 23.66 -39.97 -18.23
N ALA D 29 23.16 -38.91 -18.84
CA ALA D 29 21.77 -38.67 -19.04
C ALA D 29 21.55 -37.83 -20.26
N ALA D 30 20.45 -38.02 -20.93
CA ALA D 30 20.17 -37.15 -22.06
C ALA D 30 19.31 -36.01 -21.61
N CYS D 31 18.48 -36.26 -20.61
CA CYS D 31 17.53 -35.26 -20.14
C CYS D 31 17.15 -35.42 -18.69
N VAL D 32 17.17 -34.32 -17.94
CA VAL D 32 16.74 -34.37 -16.56
C VAL D 32 15.63 -33.39 -16.24
N ASN D 33 14.54 -33.88 -15.70
CA ASN D 33 13.46 -33.02 -15.31
C ASN D 33 13.44 -32.80 -13.82
N ILE D 34 13.33 -31.55 -13.40
CA ILE D 34 13.30 -31.26 -11.99
C ILE D 34 11.91 -30.89 -11.57
N VAL D 35 11.35 -31.62 -10.63
CA VAL D 35 10.03 -31.36 -10.12
C VAL D 35 10.15 -30.79 -8.71
N PRO D 36 9.92 -29.50 -8.49
CA PRO D 36 10.08 -28.80 -7.25
C PRO D 36 8.92 -28.99 -6.31
N GLY D 37 9.11 -28.58 -5.06
CA GLY D 37 8.00 -28.45 -4.13
C GLY D 37 7.45 -29.71 -3.50
N LEU D 38 8.25 -30.73 -3.32
CA LEU D 38 7.73 -31.94 -2.75
C LEU D 38 7.67 -31.85 -1.25
N THR D 39 6.79 -32.65 -0.68
CA THR D 39 6.79 -32.83 0.76
C THR D 39 7.11 -34.28 0.99
N SER D 40 8.09 -34.54 1.81
CA SER D 40 8.54 -35.90 2.01
C SER D 40 8.36 -36.44 3.39
N ILE D 41 7.60 -37.53 3.51
CA ILE D 41 7.37 -38.16 4.79
C ILE D 41 8.06 -39.50 4.79
N TYR D 42 8.96 -39.72 5.71
CA TYR D 42 9.68 -40.96 5.65
C TYR D 42 10.12 -41.44 6.97
N ARG D 43 10.46 -42.72 7.04
CA ARG D 43 10.91 -43.19 8.32
C ARG D 43 12.38 -42.89 8.47
N GLU D 44 12.74 -42.37 9.61
CA GLU D 44 14.12 -42.05 9.90
C GLU D 44 14.44 -42.54 11.28
N GLU D 45 15.52 -43.27 11.41
CA GLU D 45 15.85 -43.82 12.71
C GLU D 45 14.62 -44.55 13.26
N GLY D 46 14.11 -44.11 14.40
CA GLY D 46 12.96 -44.77 15.01
C GLY D 46 11.62 -44.07 14.80
N SER D 47 11.56 -43.03 13.97
CA SER D 47 10.29 -42.33 13.83
C SER D 47 9.98 -41.82 12.46
N VAL D 48 8.87 -41.14 12.36
CA VAL D 48 8.44 -40.63 11.08
C VAL D 48 8.63 -39.15 11.06
N VAL D 49 9.39 -38.69 10.08
CA VAL D 49 9.74 -37.30 9.99
C VAL D 49 9.43 -36.74 8.65
N SER D 50 9.38 -35.41 8.55
CA SER D 50 9.20 -34.84 7.23
C SER D 50 10.37 -33.99 6.78
N ASP D 51 10.45 -33.78 5.48
CA ASP D 51 11.44 -32.94 4.84
C ASP D 51 10.83 -32.25 3.62
N HIS D 52 11.60 -31.44 2.92
CA HIS D 52 11.10 -30.77 1.74
C HIS D 52 11.32 -31.58 0.48
N GLU D 53 12.50 -31.48 -0.09
CA GLU D 53 12.91 -32.21 -1.30
C GLU D 53 12.33 -31.76 -2.65
N LEU D 54 13.10 -32.08 -3.68
CA LEU D 54 12.78 -31.95 -5.10
C LEU D 54 13.01 -33.29 -5.76
N LEU D 55 12.31 -33.56 -6.83
CA LEU D 55 12.53 -34.81 -7.53
C LEU D 55 13.15 -34.68 -8.90
N LEU D 56 14.20 -35.45 -9.16
CA LEU D 56 14.79 -35.43 -10.48
C LEU D 56 14.34 -36.64 -11.26
N LEU D 57 13.91 -36.44 -12.49
CA LEU D 57 13.57 -37.55 -13.35
C LEU D 57 14.61 -37.61 -14.42
N VAL D 58 15.43 -38.63 -14.39
CA VAL D 58 16.54 -38.70 -15.29
C VAL D 58 16.32 -39.69 -16.40
N LYS D 59 16.40 -39.23 -17.62
CA LYS D 59 16.20 -40.10 -18.75
C LYS D 59 17.57 -40.50 -19.23
N THR D 60 17.86 -41.76 -18.97
CA THR D 60 19.15 -42.42 -19.16
C THR D 60 18.92 -43.82 -19.66
N THR D 61 19.98 -44.61 -19.64
CA THR D 61 19.93 -45.99 -20.09
C THR D 61 20.49 -46.89 -19.01
N THR D 62 20.20 -48.17 -19.08
CA THR D 62 20.73 -49.08 -18.08
C THR D 62 22.23 -49.22 -18.10
N ASP D 63 22.87 -49.14 -19.26
CA ASP D 63 24.29 -49.37 -19.25
C ASP D 63 25.06 -48.25 -18.60
N ALA D 64 24.50 -47.06 -18.55
CA ALA D 64 25.17 -45.95 -17.91
C ALA D 64 24.80 -45.84 -16.47
N PHE D 65 23.90 -46.70 -16.01
CA PHE D 65 23.42 -46.56 -14.68
C PHE D 65 24.52 -46.72 -13.66
N PRO D 66 25.39 -47.74 -13.71
CA PRO D 66 26.45 -47.89 -12.74
C PRO D 66 27.29 -46.62 -12.59
N LYS D 67 27.50 -45.89 -13.69
CA LYS D 67 28.30 -44.68 -13.62
C LYS D 67 27.50 -43.60 -12.95
N LEU D 68 26.22 -43.55 -13.27
CA LEU D 68 25.34 -42.58 -12.68
C LEU D 68 25.32 -42.79 -11.20
N LYS D 69 25.17 -44.01 -10.75
CA LYS D 69 25.11 -44.19 -9.33
C LYS D 69 26.36 -43.67 -8.67
N GLU D 70 27.53 -43.89 -9.25
CA GLU D 70 28.70 -43.39 -8.58
C GLU D 70 28.77 -41.90 -8.60
N ARG D 71 28.41 -41.28 -9.72
CA ARG D 71 28.53 -39.84 -9.80
C ARG D 71 27.55 -39.17 -8.87
N VAL D 72 26.36 -39.72 -8.74
CA VAL D 72 25.40 -39.11 -7.88
C VAL D 72 25.86 -39.28 -6.45
N LYS D 73 26.36 -40.44 -6.06
CA LYS D 73 26.83 -40.57 -4.69
C LYS D 73 27.89 -39.53 -4.37
N GLU D 74 28.77 -39.22 -5.31
CA GLU D 74 29.80 -38.22 -5.08
C GLU D 74 29.23 -36.82 -4.87
N LEU D 75 28.17 -36.46 -5.58
CA LEU D 75 27.61 -35.12 -5.50
C LEU D 75 26.54 -34.92 -4.44
N HIS D 76 25.75 -35.99 -4.21
CA HIS D 76 24.55 -35.92 -3.33
C HIS D 76 24.98 -35.96 -1.87
N PRO D 77 24.52 -35.00 -0.99
CA PRO D 77 24.90 -34.91 0.40
C PRO D 77 24.19 -35.86 1.37
N TYR D 78 24.21 -37.14 1.05
CA TYR D 78 23.60 -38.18 1.91
C TYR D 78 24.42 -39.43 1.96
N GLU D 79 24.29 -40.14 3.06
CA GLU D 79 24.93 -41.44 3.16
C GLU D 79 24.26 -42.41 2.22
N VAL D 80 22.95 -42.30 2.10
CA VAL D 80 22.18 -43.16 1.25
C VAL D 80 21.27 -42.36 0.34
N PRO D 81 21.72 -42.00 -0.84
CA PRO D 81 20.95 -41.31 -1.84
C PRO D 81 19.82 -42.20 -2.24
N GLU D 82 18.72 -41.61 -2.61
CA GLU D 82 17.58 -42.34 -3.11
C GLU D 82 17.60 -42.36 -4.61
N ILE D 83 18.15 -43.44 -5.19
CA ILE D 83 18.28 -43.54 -6.63
C ILE D 83 17.61 -44.78 -7.12
N VAL D 84 16.49 -44.67 -7.80
CA VAL D 84 15.85 -45.89 -8.30
C VAL D 84 15.50 -45.77 -9.76
N ALA D 85 15.68 -46.84 -10.51
CA ALA D 85 15.35 -46.84 -11.93
C ALA D 85 14.09 -47.58 -12.24
N LEU D 86 13.22 -46.95 -13.00
CA LEU D 86 12.00 -47.56 -13.48
C LEU D 86 12.24 -47.85 -14.96
N PRO D 87 11.87 -49.00 -15.49
CA PRO D 87 12.09 -49.36 -16.87
C PRO D 87 11.14 -48.67 -17.81
N ILE D 88 11.56 -48.46 -19.06
CA ILE D 88 10.66 -48.00 -20.09
C ILE D 88 10.22 -49.16 -20.94
N ALA D 89 8.92 -49.37 -21.01
CA ALA D 89 8.36 -50.49 -21.75
C ALA D 89 8.38 -50.22 -23.22
N GLU D 90 8.01 -49.01 -23.59
CA GLU D 90 7.97 -48.62 -25.00
C GLU D 90 7.92 -47.13 -25.15
N GLY D 91 8.12 -46.62 -26.35
CA GLY D 91 8.02 -45.18 -26.50
C GLY D 91 8.23 -44.69 -27.91
N ASN D 92 8.28 -43.38 -28.06
CA ASN D 92 8.48 -42.74 -29.33
C ASN D 92 9.81 -43.20 -29.83
N ARG D 93 9.85 -43.75 -31.04
CA ARG D 93 11.09 -44.32 -31.50
C ARG D 93 12.17 -43.30 -31.68
N GLU D 94 11.85 -42.15 -32.22
CA GLU D 94 12.87 -41.16 -32.43
C GLU D 94 13.42 -40.71 -31.11
N TYR D 95 12.56 -40.56 -30.13
CA TYR D 95 13.00 -40.14 -28.83
C TYR D 95 13.94 -41.15 -28.22
N LEU D 96 13.59 -42.42 -28.29
CA LEU D 96 14.43 -43.41 -27.68
C LEU D 96 15.76 -43.47 -28.42
N ASP D 97 15.76 -43.29 -29.74
CA ASP D 97 17.03 -43.32 -30.45
C ASP D 97 17.87 -42.16 -29.99
N TRP D 98 17.23 -41.02 -29.78
CA TRP D 98 17.86 -39.81 -29.31
C TRP D 98 18.51 -40.03 -27.96
N LEU D 99 17.81 -40.68 -27.03
CA LEU D 99 18.42 -40.88 -25.73
C LEU D 99 19.66 -41.69 -25.85
N ARG D 100 19.64 -42.70 -26.70
CA ARG D 100 20.83 -43.50 -26.81
C ARG D 100 21.95 -42.69 -27.44
N GLU D 101 21.65 -41.88 -28.44
CA GLU D 101 22.69 -41.10 -29.10
C GLU D 101 23.37 -40.15 -28.15
N ASN D 102 22.61 -39.59 -27.23
CA ASN D 102 23.13 -38.63 -26.28
C ASN D 102 23.57 -39.20 -24.95
N THR D 103 23.59 -40.51 -24.80
CA THR D 103 23.99 -41.07 -23.53
C THR D 103 25.18 -41.99 -23.74
N GLY D 104 26.25 -41.80 -22.98
CA GLY D 104 27.42 -42.66 -23.13
C GLY D 104 28.55 -42.02 -23.93
N GLY E 1 -9.74 51.55 11.59
CA GLY E 1 -9.95 50.43 10.69
C GLY E 1 -10.15 49.12 11.45
N SER E 2 -10.55 48.10 10.73
CA SER E 2 -10.78 46.80 11.29
C SER E 2 -10.28 45.76 10.32
N VAL E 3 -10.65 44.52 10.52
CA VAL E 3 -10.17 43.49 9.62
C VAL E 3 -11.28 42.70 9.00
N ARG E 4 -11.23 42.57 7.70
CA ARG E 4 -12.23 41.78 7.02
C ARG E 4 -11.55 40.76 6.18
N GLY E 5 -12.02 39.53 6.24
CA GLY E 5 -11.43 38.56 5.36
C GLY E 5 -12.06 38.67 3.98
N ILE E 6 -11.29 38.32 2.97
CA ILE E 6 -11.77 38.28 1.60
C ILE E 6 -11.59 36.87 1.12
N ARG E 7 -12.60 36.26 0.55
CA ARG E 7 -12.42 34.91 0.09
C ARG E 7 -12.61 34.74 -1.37
N GLY E 8 -11.93 33.76 -1.90
CA GLY E 8 -12.20 33.37 -3.25
C GLY E 8 -11.65 32.03 -3.58
N ALA E 9 -12.03 31.53 -4.73
CA ALA E 9 -11.59 30.22 -5.15
C ALA E 9 -11.58 30.08 -6.65
N ILE E 10 -10.69 29.25 -7.12
CA ILE E 10 -10.58 28.95 -8.53
C ILE E 10 -10.24 27.51 -8.75
N THR E 11 -10.69 26.93 -9.83
CA THR E 11 -10.31 25.58 -10.12
C THR E 11 -9.38 25.49 -11.30
N VAL E 12 -8.63 24.41 -11.37
CA VAL E 12 -7.77 24.17 -12.51
C VAL E 12 -8.08 22.82 -13.09
N GLU E 13 -7.69 22.56 -14.32
CA GLU E 13 -7.98 21.26 -14.90
C GLU E 13 -6.91 20.21 -14.66
N GLU E 14 -5.68 20.63 -14.39
CA GLU E 14 -4.64 19.66 -14.15
C GLU E 14 -3.59 20.16 -13.20
N ASP E 15 -2.86 19.24 -12.59
CA ASP E 15 -1.80 19.61 -11.67
C ASP E 15 -0.49 19.89 -12.39
N THR E 16 -0.48 20.98 -13.09
CA THR E 16 0.66 21.47 -13.84
C THR E 16 1.09 22.77 -13.23
N PRO E 17 2.35 22.99 -12.85
CA PRO E 17 2.81 24.19 -12.22
C PRO E 17 2.39 25.43 -12.93
N ALA E 18 2.39 25.42 -14.25
CA ALA E 18 2.00 26.61 -14.95
C ALA E 18 0.53 26.91 -14.73
N ALA E 19 -0.30 25.88 -14.63
CA ALA E 19 -1.71 26.09 -14.47
C ALA E 19 -2.01 26.60 -13.10
N ILE E 20 -1.28 26.11 -12.13
CA ILE E 20 -1.49 26.51 -10.78
C ILE E 20 -1.11 27.94 -10.61
N LEU E 21 0.04 28.30 -11.14
CA LEU E 21 0.48 29.65 -10.99
C LEU E 21 -0.42 30.58 -11.76
N ALA E 22 -0.81 30.21 -12.96
CA ALA E 22 -1.64 31.11 -13.71
C ALA E 22 -2.98 31.30 -13.06
N ALA E 23 -3.55 30.23 -12.53
CA ALA E 23 -4.83 30.32 -11.88
C ALA E 23 -4.74 31.13 -10.63
N THR E 24 -3.65 30.99 -9.90
CA THR E 24 -3.51 31.72 -8.68
C THR E 24 -3.44 33.19 -8.99
N ILE E 25 -2.72 33.57 -10.04
CA ILE E 25 -2.66 34.97 -10.35
C ILE E 25 -4.01 35.48 -10.72
N GLU E 26 -4.75 34.76 -11.56
CA GLU E 26 -6.04 35.25 -11.94
C GLU E 26 -6.91 35.48 -10.74
N LEU E 27 -6.91 34.55 -9.80
CA LEU E 27 -7.76 34.73 -8.65
C LEU E 27 -7.30 35.86 -7.78
N LEU E 28 -6.01 35.99 -7.51
CA LEU E 28 -5.60 37.05 -6.61
C LEU E 28 -5.88 38.39 -7.20
N LEU E 29 -5.64 38.55 -8.48
CA LEU E 29 -5.86 39.86 -9.01
C LEU E 29 -7.32 40.17 -9.06
N LYS E 30 -8.16 39.18 -9.34
CA LYS E 30 -9.57 39.45 -9.40
C LYS E 30 -10.10 39.83 -8.04
N MET E 31 -9.64 39.18 -6.96
CA MET E 31 -10.09 39.54 -5.62
C MET E 31 -9.73 40.97 -5.30
N LEU E 32 -8.52 41.36 -5.63
CA LEU E 32 -8.09 42.69 -5.32
C LEU E 32 -8.87 43.70 -6.15
N GLU E 33 -9.16 43.39 -7.41
CA GLU E 33 -9.92 44.36 -8.17
C GLU E 33 -11.31 44.48 -7.64
N ALA E 34 -11.93 43.37 -7.27
CA ALA E 34 -13.29 43.40 -6.83
C ALA E 34 -13.49 44.30 -5.65
N ASN E 35 -12.51 44.31 -4.76
CA ASN E 35 -12.60 45.12 -3.58
C ASN E 35 -11.88 46.46 -3.67
N GLY E 36 -11.39 46.82 -4.84
CA GLY E 36 -10.74 48.10 -5.00
C GLY E 36 -9.39 48.22 -4.32
N ILE E 37 -8.66 47.15 -4.20
CA ILE E 37 -7.41 47.25 -3.49
C ILE E 37 -6.30 47.58 -4.44
N GLN E 38 -5.75 48.77 -4.27
CA GLN E 38 -4.71 49.28 -5.16
C GLN E 38 -3.32 49.10 -4.61
N SER E 39 -3.24 48.56 -3.42
CA SER E 39 -1.96 48.39 -2.75
C SER E 39 -1.96 47.20 -1.84
N TYR E 40 -0.83 46.58 -1.74
CA TYR E 40 -0.72 45.39 -0.93
C TYR E 40 -0.45 45.74 0.50
N GLU E 41 -0.30 47.01 0.76
CA GLU E 41 -0.03 47.54 2.09
C GLU E 41 -1.22 47.33 2.99
N GLU E 42 -2.38 47.12 2.41
CA GLU E 42 -3.57 46.95 3.20
C GLU E 42 -3.77 45.50 3.60
N LEU E 43 -2.94 44.58 3.12
CA LEU E 43 -3.17 43.18 3.44
C LEU E 43 -2.31 42.75 4.60
N ALA E 44 -2.98 42.26 5.64
CA ALA E 44 -2.30 41.80 6.81
C ALA E 44 -1.61 40.51 6.52
N ALA E 45 -2.31 39.65 5.79
CA ALA E 45 -1.80 38.33 5.44
C ALA E 45 -2.64 37.67 4.38
N VAL E 46 -2.07 36.70 3.68
CA VAL E 46 -2.86 35.86 2.77
C VAL E 46 -2.64 34.38 3.04
N ILE E 47 -3.73 33.64 3.19
CA ILE E 47 -3.63 32.21 3.42
C ILE E 47 -4.20 31.42 2.25
N PHE E 48 -3.39 30.54 1.70
CA PHE E 48 -3.83 29.75 0.56
C PHE E 48 -4.07 28.34 0.96
N THR E 49 -5.12 27.72 0.47
CA THR E 49 -5.23 26.30 0.73
C THR E 49 -5.52 25.58 -0.55
N VAL E 50 -5.06 24.35 -0.62
CA VAL E 50 -5.38 23.58 -1.80
C VAL E 50 -5.87 22.21 -1.50
N THR E 51 -6.57 21.65 -2.45
CA THR E 51 -7.03 20.29 -2.35
C THR E 51 -5.88 19.33 -2.49
N GLU E 52 -6.13 18.09 -2.10
CA GLU E 52 -5.12 17.05 -2.03
C GLU E 52 -4.52 16.63 -3.35
N ASP E 53 -5.17 16.97 -4.44
CA ASP E 53 -4.74 16.63 -5.76
C ASP E 53 -3.89 17.68 -6.48
N LEU E 54 -3.53 18.78 -5.82
CA LEU E 54 -2.65 19.74 -6.44
C LEU E 54 -1.36 19.84 -5.69
N THR E 55 -0.33 19.14 -6.15
CA THR E 55 0.93 19.14 -5.44
C THR E 55 2.10 19.60 -6.28
N SER E 56 1.92 20.02 -7.53
CA SER E 56 3.08 20.38 -8.32
C SER E 56 3.66 21.77 -8.09
N ALA E 57 2.96 22.63 -7.39
CA ALA E 57 3.43 23.99 -7.16
C ALA E 57 2.79 24.62 -5.96
N PHE E 58 3.41 25.66 -5.43
CA PHE E 58 2.82 26.40 -4.34
C PHE E 58 2.15 27.66 -4.82
N PRO E 59 0.85 27.88 -4.66
CA PRO E 59 0.15 29.07 -5.07
C PRO E 59 0.80 30.35 -4.54
N ALA E 60 1.42 30.25 -3.37
CA ALA E 60 2.07 31.38 -2.78
C ALA E 60 3.15 31.93 -3.68
N GLU E 61 3.76 31.11 -4.52
CA GLU E 61 4.80 31.61 -5.39
C GLU E 61 4.22 32.59 -6.38
N ALA E 62 2.99 32.37 -6.83
CA ALA E 62 2.36 33.25 -7.79
C ALA E 62 2.20 34.63 -7.21
N ALA E 63 1.95 34.67 -5.93
CA ALA E 63 1.75 35.94 -5.28
C ALA E 63 2.98 36.84 -5.44
N ARG E 64 4.16 36.28 -5.58
CA ARG E 64 5.33 37.12 -5.70
C ARG E 64 5.58 37.51 -7.14
N LEU E 65 4.80 36.97 -8.07
CA LEU E 65 4.97 37.31 -9.46
C LEU E 65 4.18 38.58 -9.69
N ILE E 66 3.18 38.81 -8.85
CA ILE E 66 2.39 40.02 -8.99
C ILE E 66 2.80 41.07 -7.98
N GLY E 67 3.95 40.85 -7.36
CA GLY E 67 4.57 41.81 -6.46
C GLY E 67 4.21 41.79 -4.99
N MET E 68 3.56 40.76 -4.47
CA MET E 68 3.22 40.77 -3.06
C MET E 68 4.38 40.28 -2.23
N HIS E 69 5.49 40.99 -2.31
CA HIS E 69 6.71 40.55 -1.68
C HIS E 69 6.71 40.75 -0.21
N ARG E 70 5.96 41.71 0.27
CA ARG E 70 5.95 41.98 1.67
C ARG E 70 4.69 41.49 2.34
N VAL E 71 3.86 40.76 1.64
CA VAL E 71 2.64 40.32 2.25
C VAL E 71 2.93 38.96 2.82
N PRO E 72 2.73 38.69 4.11
CA PRO E 72 2.95 37.40 4.68
C PRO E 72 2.12 36.37 3.96
N LEU E 73 2.73 35.28 3.50
CA LEU E 73 1.96 34.28 2.79
C LEU E 73 2.11 32.93 3.46
N LEU E 74 1.01 32.32 3.79
CA LEU E 74 1.00 31.03 4.44
C LEU E 74 0.17 30.06 3.62
N SER E 75 0.50 28.78 3.59
CA SER E 75 -0.36 27.87 2.87
C SER E 75 -0.59 26.57 3.62
N ALA E 76 -1.69 25.90 3.31
CA ALA E 76 -2.05 24.64 3.97
C ALA E 76 -2.84 23.72 3.07
N ARG E 77 -2.89 22.46 3.44
CA ARG E 77 -3.61 21.50 2.66
C ARG E 77 -5.02 21.28 3.22
N GLU E 78 -5.99 21.16 2.34
CA GLU E 78 -7.41 20.98 2.67
C GLU E 78 -7.84 19.57 3.01
N VAL E 79 -8.96 19.49 3.71
CA VAL E 79 -9.56 18.24 4.10
C VAL E 79 -10.21 17.54 2.90
N PRO E 80 -9.85 16.30 2.59
CA PRO E 80 -10.31 15.53 1.44
C PRO E 80 -11.69 14.93 1.63
N VAL E 81 -12.70 15.77 1.72
CA VAL E 81 -14.05 15.25 1.87
C VAL E 81 -14.52 14.65 0.55
N PRO E 82 -14.95 13.40 0.47
CA PRO E 82 -15.40 12.77 -0.73
C PRO E 82 -16.52 13.55 -1.32
N GLY E 83 -16.51 13.68 -2.63
CA GLY E 83 -17.58 14.40 -3.31
C GLY E 83 -17.28 15.88 -3.47
N SER E 84 -16.19 16.36 -2.88
CA SER E 84 -15.86 17.75 -2.99
C SER E 84 -15.40 18.09 -4.38
N LEU E 85 -15.41 19.36 -4.71
CA LEU E 85 -14.94 19.80 -6.00
C LEU E 85 -13.41 19.59 -6.04
N PRO E 86 -12.85 18.87 -7.02
CA PRO E 86 -11.44 18.58 -7.19
C PRO E 86 -10.65 19.75 -7.69
N ARG E 87 -9.35 19.71 -7.48
CA ARG E 87 -8.42 20.70 -8.00
C ARG E 87 -8.80 22.14 -7.70
N VAL E 88 -9.05 22.43 -6.44
CA VAL E 88 -9.47 23.76 -6.05
C VAL E 88 -8.42 24.48 -5.25
N ILE E 89 -8.20 25.73 -5.62
CA ILE E 89 -7.30 26.62 -4.91
C ILE E 89 -8.17 27.65 -4.21
N ARG E 90 -8.05 27.76 -2.90
CA ARG E 90 -8.85 28.70 -2.15
C ARG E 90 -7.98 29.72 -1.48
N VAL E 91 -8.44 30.95 -1.44
CA VAL E 91 -7.66 31.99 -0.80
C VAL E 91 -8.45 32.80 0.19
N LEU E 92 -7.86 33.01 1.36
CA LEU E 92 -8.39 33.91 2.37
C LEU E 92 -7.44 35.06 2.58
N ALA E 93 -7.86 36.26 2.32
CA ALA E 93 -6.96 37.37 2.55
C ALA E 93 -7.47 38.17 3.70
N LEU E 94 -6.58 38.67 4.54
CA LEU E 94 -7.01 39.50 5.64
C LEU E 94 -6.66 40.92 5.33
N TRP E 95 -7.71 41.71 5.15
CA TRP E 95 -7.68 43.08 4.70
C TRP E 95 -7.95 44.12 5.77
N ASN E 96 -6.99 45.02 5.97
CA ASN E 96 -7.12 46.04 6.99
C ASN E 96 -7.89 47.24 6.51
N THR E 97 -9.19 47.07 6.47
CA THR E 97 -10.11 48.06 5.96
C THR E 97 -11.17 48.52 6.90
N ASP E 98 -11.93 49.52 6.49
CA ASP E 98 -13.07 50.00 7.23
C ASP E 98 -14.37 49.65 6.51
N THR E 99 -14.25 48.82 5.51
CA THR E 99 -15.35 48.32 4.72
C THR E 99 -16.20 47.42 5.61
N PRO E 100 -17.54 47.58 5.62
CA PRO E 100 -18.49 46.74 6.32
C PRO E 100 -18.40 45.33 5.84
N GLN E 101 -18.78 44.38 6.65
CA GLN E 101 -18.68 42.99 6.25
C GLN E 101 -19.45 42.69 5.00
N ASP E 102 -20.60 43.32 4.82
CA ASP E 102 -21.43 42.99 3.70
C ASP E 102 -21.11 43.77 2.46
N ARG E 103 -20.03 44.51 2.48
CA ARG E 103 -19.62 45.24 1.32
C ARG E 103 -18.33 44.67 0.79
N VAL E 104 -17.90 43.55 1.36
CA VAL E 104 -16.70 42.91 0.87
C VAL E 104 -17.10 41.90 -0.16
N ARG E 105 -16.47 41.95 -1.31
CA ARG E 105 -16.82 41.06 -2.38
C ARG E 105 -15.93 39.85 -2.39
N HIS E 106 -16.51 38.72 -2.75
CA HIS E 106 -15.78 37.47 -2.79
C HIS E 106 -15.76 36.98 -4.21
N VAL E 107 -14.72 36.25 -4.56
CA VAL E 107 -14.57 35.81 -5.94
C VAL E 107 -14.51 34.33 -6.18
N TYR E 108 -15.40 33.83 -7.01
CA TYR E 108 -15.39 32.42 -7.34
C TYR E 108 -15.29 32.27 -8.84
N LEU E 109 -14.27 31.57 -9.28
CA LEU E 109 -13.99 31.40 -10.68
C LEU E 109 -14.05 29.97 -11.16
N ASN E 110 -14.30 29.82 -12.45
CA ASN E 110 -14.36 28.53 -13.10
C ASN E 110 -15.37 27.62 -12.45
N GLU E 111 -14.98 26.46 -11.98
CA GLU E 111 -16.00 25.59 -11.44
C GLU E 111 -16.27 25.87 -10.00
N ALA E 112 -15.54 26.80 -9.43
CA ALA E 112 -15.69 27.14 -8.04
C ALA E 112 -16.93 27.94 -7.85
N VAL E 113 -17.56 28.35 -8.91
CA VAL E 113 -18.76 29.11 -8.74
C VAL E 113 -19.82 28.26 -8.09
N ARG E 114 -19.77 26.95 -8.24
CA ARG E 114 -20.81 26.13 -7.66
C ARG E 114 -20.76 26.10 -6.15
N LEU E 115 -19.65 26.52 -5.57
CA LEU E 115 -19.51 26.49 -4.13
C LEU E 115 -19.63 27.86 -3.52
N ARG E 116 -20.05 28.84 -4.31
CA ARG E 116 -20.23 30.19 -3.83
C ARG E 116 -21.39 30.20 -2.84
N PRO E 117 -21.27 30.85 -1.68
CA PRO E 117 -22.28 30.93 -0.66
C PRO E 117 -23.39 31.90 -1.00
N ASP E 118 -24.20 31.54 -1.96
CA ASP E 118 -25.28 32.40 -2.39
C ASP E 118 -26.59 31.62 -2.34
N GLY F 1 -1.10 41.85 -42.90
CA GLY F 1 -1.80 42.42 -41.75
C GLY F 1 -0.81 42.74 -40.65
N GLY F 2 0.25 41.96 -40.62
CA GLY F 2 1.31 42.14 -39.64
C GLY F 2 1.14 41.30 -38.38
N GLU F 3 0.18 40.40 -38.35
CA GLU F 3 0.03 39.56 -37.18
C GLU F 3 1.18 38.57 -37.15
N GLU F 4 1.71 38.29 -35.96
CA GLU F 4 2.83 37.35 -35.80
C GLU F 4 2.74 36.41 -34.62
N VAL F 5 3.41 35.26 -34.73
CA VAL F 5 3.53 34.35 -33.61
C VAL F 5 4.95 34.36 -33.12
N VAL F 6 5.15 34.71 -31.89
CA VAL F 6 6.49 34.80 -31.35
C VAL F 6 6.81 33.63 -30.47
N LEU F 7 7.94 33.03 -30.72
CA LEU F 7 8.36 31.91 -29.92
C LEU F 7 9.38 32.38 -28.92
N ILE F 8 9.06 32.20 -27.65
CA ILE F 8 9.98 32.59 -26.59
C ILE F 8 10.28 31.37 -25.79
N THR F 9 11.53 31.07 -25.58
CA THR F 9 11.85 29.88 -24.80
C THR F 9 12.24 30.26 -23.38
N VAL F 10 11.61 29.62 -22.39
CA VAL F 10 11.87 29.97 -21.01
C VAL F 10 12.28 28.78 -20.17
N PRO F 11 13.12 28.95 -19.15
CA PRO F 11 13.61 27.90 -18.28
C PRO F 11 12.68 27.29 -17.25
N SER F 12 11.61 27.95 -16.86
CA SER F 12 10.77 27.42 -15.80
C SER F 12 9.38 27.94 -15.85
N ALA F 13 8.48 27.28 -15.13
CA ALA F 13 7.10 27.73 -15.09
C ALA F 13 6.97 29.12 -14.50
N LEU F 14 7.79 29.46 -13.52
CA LEU F 14 7.63 30.79 -12.96
C LEU F 14 7.95 31.83 -13.99
N VAL F 15 8.99 31.59 -14.77
CA VAL F 15 9.32 32.55 -15.78
C VAL F 15 8.25 32.55 -16.84
N ALA F 16 7.78 31.36 -17.24
CA ALA F 16 6.79 31.30 -18.27
C ALA F 16 5.56 32.05 -17.94
N VAL F 17 5.09 31.94 -16.71
CA VAL F 17 3.91 32.62 -16.31
C VAL F 17 4.18 34.09 -16.13
N LYS F 18 5.30 34.45 -15.53
CA LYS F 18 5.61 35.83 -15.31
C LYS F 18 5.63 36.59 -16.62
N ILE F 19 6.28 36.04 -17.64
CA ILE F 19 6.35 36.71 -18.90
C ILE F 19 5.02 36.69 -19.58
N ALA F 20 4.38 35.53 -19.64
CA ALA F 20 3.13 35.48 -20.34
C ALA F 20 2.12 36.41 -19.75
N HIS F 21 2.11 36.53 -18.44
CA HIS F 21 1.15 37.38 -17.84
C HIS F 21 1.49 38.80 -18.15
N ALA F 22 2.76 39.18 -18.03
CA ALA F 22 3.09 40.55 -18.30
C ALA F 22 2.79 40.95 -19.72
N LEU F 23 3.02 40.08 -20.68
CA LEU F 23 2.77 40.52 -22.03
C LEU F 23 1.30 40.70 -22.28
N VAL F 24 0.48 39.81 -21.75
CA VAL F 24 -0.93 39.99 -22.03
C VAL F 24 -1.45 41.18 -21.25
N GLU F 25 -1.10 41.30 -19.98
CA GLU F 25 -1.60 42.37 -19.15
C GLU F 25 -1.28 43.74 -19.70
N GLU F 26 -0.10 43.89 -20.27
CA GLU F 26 0.39 45.14 -20.80
C GLU F 26 0.00 45.38 -22.25
N ARG F 27 -0.79 44.49 -22.82
CA ARG F 27 -1.22 44.56 -24.19
C ARG F 27 -0.09 44.50 -25.20
N LEU F 28 0.89 43.66 -24.96
CA LEU F 28 1.93 43.42 -25.93
C LEU F 28 1.60 42.15 -26.66
N ALA F 29 0.58 41.48 -26.18
CA ALA F 29 0.11 40.23 -26.70
C ALA F 29 -1.36 40.07 -26.44
N ALA F 30 -2.05 39.39 -27.31
CA ALA F 30 -3.45 39.14 -27.02
C ALA F 30 -3.60 37.80 -26.36
N CYS F 31 -2.71 36.88 -26.70
CA CYS F 31 -2.78 35.51 -26.22
C CYS F 31 -1.44 34.81 -26.14
N VAL F 32 -1.17 34.16 -25.03
CA VAL F 32 0.06 33.39 -24.91
C VAL F 32 -0.18 31.95 -24.54
N ASN F 33 0.35 31.05 -25.34
CA ASN F 33 0.23 29.64 -25.04
C ASN F 33 1.51 29.09 -24.47
N ILE F 34 1.41 28.37 -23.38
CA ILE F 34 2.60 27.79 -22.77
C ILE F 34 2.64 26.32 -23.03
N VAL F 35 3.70 25.85 -23.65
CA VAL F 35 3.87 24.44 -23.94
C VAL F 35 4.98 23.90 -23.03
N PRO F 36 4.65 23.11 -22.03
CA PRO F 36 5.55 22.59 -21.03
C PRO F 36 6.32 21.39 -21.50
N GLY F 37 7.34 21.01 -20.74
CA GLY F 37 7.99 19.72 -20.93
C GLY F 37 8.96 19.58 -22.07
N LEU F 38 9.61 20.62 -22.48
CA LEU F 38 10.52 20.49 -23.59
C LEU F 38 11.85 19.96 -23.16
N THR F 39 12.56 19.37 -24.09
CA THR F 39 13.94 18.99 -23.85
C THR F 39 14.73 19.80 -24.85
N SER F 40 15.72 20.50 -24.37
CA SER F 40 16.48 21.38 -25.24
C SER F 40 17.92 21.02 -25.42
N ILE F 41 18.32 20.78 -26.65
CA ILE F 41 19.71 20.45 -26.96
C ILE F 41 20.30 21.59 -27.73
N TYR F 42 21.35 22.18 -27.24
CA TYR F 42 21.87 23.33 -27.94
C TYR F 42 23.32 23.51 -27.77
N ARG F 43 23.91 24.29 -28.65
CA ARG F 43 25.33 24.50 -28.49
C ARG F 43 25.57 25.60 -27.50
N GLU F 44 26.46 25.36 -26.58
CA GLU F 44 26.81 26.33 -25.57
C GLU F 44 28.29 26.39 -25.45
N GLU F 45 28.85 27.58 -25.51
CA GLU F 45 30.29 27.70 -25.47
C GLU F 45 30.89 26.77 -26.52
N GLY F 46 31.70 25.80 -26.10
CA GLY F 46 32.33 24.90 -27.04
C GLY F 46 31.69 23.52 -27.16
N SER F 47 30.54 23.29 -26.55
CA SER F 47 29.97 21.96 -26.62
C SER F 47 28.47 21.89 -26.71
N VAL F 48 27.97 20.68 -26.70
CA VAL F 48 26.55 20.50 -26.83
C VAL F 48 26.00 20.07 -25.51
N VAL F 49 25.04 20.82 -25.01
CA VAL F 49 24.49 20.59 -23.70
C VAL F 49 23.00 20.49 -23.74
N SER F 50 22.40 19.94 -22.70
CA SER F 50 20.96 19.96 -22.65
C SER F 50 20.40 20.74 -21.49
N ASP F 51 19.13 21.12 -21.63
CA ASP F 51 18.36 21.83 -20.62
C ASP F 51 16.92 21.38 -20.66
N HIS F 52 16.08 21.93 -19.79
CA HIS F 52 14.67 21.57 -19.79
C HIS F 52 13.86 22.48 -20.71
N GLU F 53 13.47 23.62 -20.20
CA GLU F 53 12.69 24.64 -20.92
C GLU F 53 11.19 24.36 -21.19
N LEU F 54 10.49 25.47 -21.36
CA LEU F 54 9.10 25.56 -21.78
C LEU F 54 9.02 26.50 -22.96
N LEU F 55 8.04 26.33 -23.81
CA LEU F 55 7.89 27.24 -24.93
C LEU F 55 6.68 28.13 -24.88
N LEU F 56 6.87 29.42 -25.08
CA LEU F 56 5.74 30.32 -25.13
C LEU F 56 5.42 30.66 -26.56
N LEU F 57 4.15 30.58 -26.92
CA LEU F 57 3.74 30.99 -28.26
C LEU F 57 2.93 32.25 -28.07
N VAL F 58 3.46 33.36 -28.51
CA VAL F 58 2.80 34.61 -28.26
C VAL F 58 2.14 35.15 -29.49
N LYS F 59 0.85 35.41 -29.40
CA LYS F 59 0.11 35.92 -30.52
C LYS F 59 0.02 37.40 -30.32
N THR F 60 0.77 38.10 -31.15
CA THR F 60 1.02 39.53 -31.13
C THR F 60 1.06 40.06 -32.54
N THR F 61 1.53 41.29 -32.68
CA THR F 61 1.62 41.94 -33.97
C THR F 61 3.01 42.48 -34.16
N THR F 62 3.40 42.76 -35.39
CA THR F 62 4.74 43.28 -35.63
C THR F 62 4.98 44.65 -35.03
N ASP F 63 3.98 45.50 -34.95
CA ASP F 63 4.28 46.83 -34.45
C ASP F 63 4.56 46.85 -32.97
N ALA F 64 4.09 45.85 -32.24
CA ALA F 64 4.35 45.79 -30.82
C ALA F 64 5.58 45.00 -30.53
N PHE F 65 6.19 44.44 -31.56
CA PHE F 65 7.29 43.56 -31.33
C PHE F 65 8.44 44.28 -30.66
N PRO F 66 8.90 45.45 -31.09
CA PRO F 66 9.99 46.14 -30.44
C PRO F 66 9.78 46.31 -28.94
N LYS F 67 8.53 46.51 -28.52
CA LYS F 67 8.25 46.69 -27.11
C LYS F 67 8.34 45.37 -26.41
N LEU F 68 7.85 44.32 -27.08
CA LEU F 68 7.90 43.00 -26.54
C LEU F 68 9.33 42.62 -26.34
N LYS F 69 10.18 42.86 -27.32
CA LYS F 69 11.55 42.46 -27.11
C LYS F 69 12.13 43.11 -25.90
N GLU F 70 11.85 44.39 -25.68
CA GLU F 70 12.45 44.99 -24.51
C GLU F 70 11.87 44.46 -23.22
N ARG F 71 10.57 44.23 -23.19
CA ARG F 71 9.97 43.77 -21.96
C ARG F 71 10.44 42.37 -21.62
N VAL F 72 10.59 41.53 -22.63
CA VAL F 72 11.02 40.19 -22.36
C VAL F 72 12.45 40.24 -21.89
N LYS F 73 13.31 41.02 -22.51
CA LYS F 73 14.68 41.06 -22.03
C LYS F 73 14.74 41.46 -20.56
N GLU F 74 13.88 42.38 -20.14
CA GLU F 74 13.87 42.78 -18.73
C GLU F 74 13.46 41.66 -17.78
N LEU F 75 12.53 40.82 -18.20
CA LEU F 75 12.01 39.77 -17.34
C LEU F 75 12.75 38.44 -17.40
N HIS F 76 13.25 38.13 -18.60
CA HIS F 76 13.86 36.80 -18.91
C HIS F 76 15.29 36.76 -18.34
N PRO F 77 15.66 35.70 -17.54
CA PRO F 77 16.96 35.57 -16.90
C PRO F 77 18.10 35.06 -17.79
N TYR F 78 18.30 35.68 -18.93
CA TYR F 78 19.38 35.33 -19.86
C TYR F 78 20.02 36.53 -20.49
N GLU F 79 21.27 36.39 -20.85
CA GLU F 79 21.93 37.42 -21.59
C GLU F 79 21.34 37.53 -22.98
N VAL F 80 21.02 36.38 -23.55
CA VAL F 80 20.44 36.33 -24.87
C VAL F 80 19.18 35.49 -24.88
N PRO F 81 18.01 36.08 -24.69
CA PRO F 81 16.75 35.44 -24.75
C PRO F 81 16.54 34.95 -26.14
N GLU F 82 15.84 33.86 -26.28
CA GLU F 82 15.48 33.34 -27.58
C GLU F 82 14.12 33.82 -27.98
N ILE F 83 14.08 34.90 -28.76
CA ILE F 83 12.81 35.49 -29.16
C ILE F 83 12.73 35.56 -30.67
N VAL F 84 11.90 34.74 -31.29
CA VAL F 84 11.80 34.84 -32.75
C VAL F 84 10.37 34.93 -33.21
N ALA F 85 10.12 35.74 -34.20
CA ALA F 85 8.77 35.89 -34.75
C ALA F 85 8.59 35.20 -36.06
N LEU F 86 7.53 34.42 -36.15
CA LEU F 86 7.14 33.76 -37.39
C LEU F 86 5.92 34.51 -37.90
N PRO F 87 5.82 34.83 -39.17
CA PRO F 87 4.71 35.58 -39.74
C PRO F 87 3.46 34.77 -39.86
N ILE F 88 2.30 35.42 -39.82
CA ILE F 88 1.05 34.76 -40.14
C ILE F 88 0.66 35.11 -41.56
N ALA F 89 0.48 34.09 -42.39
CA ALA F 89 0.13 34.29 -43.77
C ALA F 89 -1.32 34.64 -43.94
N GLU F 90 -2.16 33.94 -43.21
CA GLU F 90 -3.59 34.17 -43.27
C GLU F 90 -4.29 33.56 -42.09
N GLY F 91 -5.56 33.88 -41.89
CA GLY F 91 -6.26 33.27 -40.77
C GLY F 91 -7.71 33.66 -40.65
N ASN F 92 -8.32 33.22 -39.56
CA ASN F 92 -9.70 33.51 -39.27
C ASN F 92 -9.79 35.00 -39.14
N ARG F 93 -10.68 35.62 -39.90
CA ARG F 93 -10.73 37.05 -39.90
C ARG F 93 -11.11 37.63 -38.57
N GLU F 94 -12.08 37.05 -37.91
CA GLU F 94 -12.50 37.59 -36.65
C GLU F 94 -11.38 37.49 -35.65
N TYR F 95 -10.66 36.39 -35.68
CA TYR F 95 -9.55 36.20 -34.78
C TYR F 95 -8.50 37.25 -35.00
N LEU F 96 -8.13 37.48 -36.25
CA LEU F 96 -7.09 38.43 -36.50
C LEU F 96 -7.54 39.82 -36.10
N ASP F 97 -8.82 40.14 -36.30
CA ASP F 97 -9.28 41.46 -35.90
C ASP F 97 -9.18 41.57 -34.40
N TRP F 98 -9.50 40.50 -33.71
CA TRP F 98 -9.43 40.41 -32.28
C TRP F 98 -8.02 40.64 -31.78
N LEU F 99 -7.02 40.03 -32.42
CA LEU F 99 -5.68 40.25 -31.95
C LEU F 99 -5.31 41.69 -32.05
N ARG F 100 -5.71 42.34 -33.12
CA ARG F 100 -5.34 43.72 -33.24
C ARG F 100 -6.06 44.56 -32.20
N GLU F 101 -7.33 44.26 -31.93
CA GLU F 101 -8.08 45.04 -30.95
C GLU F 101 -7.47 44.95 -29.57
N ASN F 102 -6.93 43.79 -29.23
CA ASN F 102 -6.35 43.57 -27.93
C ASN F 102 -4.86 43.78 -27.84
N THR F 103 -4.22 44.28 -28.88
CA THR F 103 -2.78 44.47 -28.82
C THR F 103 -2.48 45.94 -29.06
N GLY F 104 -1.69 46.55 -28.19
CA GLY F 104 -1.35 47.96 -28.37
C GLY F 104 -2.16 48.91 -27.50
N GLY G 1 -4.73 51.16 15.70
CA GLY G 1 -3.85 50.07 15.30
C GLY G 1 -4.46 49.26 14.16
N SER G 2 -3.65 48.40 13.58
CA SER G 2 -4.06 47.54 12.51
C SER G 2 -3.47 46.19 12.70
N VAL G 3 -3.49 45.36 11.68
CA VAL G 3 -2.94 44.03 11.84
C VAL G 3 -1.90 43.71 10.82
N ARG G 4 -0.77 43.25 11.28
CA ARG G 4 0.28 42.86 10.38
C ARG G 4 0.68 41.46 10.65
N GLY G 5 0.83 40.65 9.62
CA GLY G 5 1.32 39.33 9.88
C GLY G 5 2.83 39.35 10.00
N ILE G 6 3.37 38.43 10.77
CA ILE G 6 4.80 38.25 10.92
C ILE G 6 5.11 36.86 10.49
N ARG G 7 6.06 36.66 9.62
CA ARG G 7 6.37 35.31 9.21
C ARG G 7 7.75 34.88 9.53
N GLY G 8 7.88 33.60 9.73
CA GLY G 8 9.19 33.04 9.83
C GLY G 8 9.20 31.56 9.65
N ALA G 9 10.39 31.02 9.55
CA ALA G 9 10.53 29.60 9.35
C ALA G 9 11.85 29.08 9.85
N ILE G 10 11.84 27.83 10.26
CA ILE G 10 13.04 27.16 10.72
C ILE G 10 13.04 25.72 10.29
N THR G 11 14.20 25.17 10.06
CA THR G 11 14.25 23.76 9.73
C THR G 11 14.87 22.95 10.84
N VAL G 12 14.56 21.67 10.85
CA VAL G 12 15.17 20.76 11.81
C VAL G 12 15.79 19.62 11.07
N GLU G 13 16.70 18.90 11.71
CA GLU G 13 17.32 17.78 11.02
C GLU G 13 16.59 16.46 11.18
N GLU G 14 15.79 16.32 12.21
CA GLU G 14 15.09 15.07 12.39
C GLU G 14 13.76 15.26 13.10
N ASP G 15 12.86 14.30 12.92
CA ASP G 15 11.56 14.36 13.56
C ASP G 15 11.60 13.80 14.96
N THR G 16 12.23 14.54 15.84
CA THR G 16 12.38 14.21 17.24
C THR G 16 11.67 15.29 18.03
N PRO G 17 10.75 14.98 18.95
CA PRO G 17 10.01 15.94 19.70
C PRO G 17 10.86 17.00 20.32
N ALA G 18 12.02 16.64 20.81
CA ALA G 18 12.86 17.66 21.42
C ALA G 18 13.33 18.65 20.39
N ALA G 19 13.61 18.19 19.17
CA ALA G 19 14.14 19.07 18.16
C ALA G 19 13.07 19.99 17.67
N ILE G 20 11.86 19.48 17.60
CA ILE G 20 10.76 20.29 17.13
C ILE G 20 10.47 21.36 18.12
N LEU G 21 10.42 21.00 19.39
CA LEU G 21 10.11 21.98 20.38
C LEU G 21 11.22 22.97 20.49
N ALA G 22 12.46 22.53 20.45
CA ALA G 22 13.53 23.48 20.60
C ALA G 22 13.57 24.44 19.44
N ALA G 23 13.35 23.93 18.23
CA ALA G 23 13.37 24.77 17.07
C ALA G 23 12.23 25.75 17.09
N THR G 24 11.09 25.30 17.55
CA THR G 24 9.96 26.18 17.58
C THR G 24 10.22 27.31 18.54
N ILE G 25 10.83 27.02 19.68
CA ILE G 25 11.11 28.09 20.60
C ILE G 25 12.07 29.06 19.99
N GLU G 26 13.13 28.56 19.38
CA GLU G 26 14.08 29.48 18.81
C GLU G 26 13.42 30.40 17.82
N LEU G 27 12.58 29.86 16.96
CA LEU G 27 11.96 30.70 15.98
C LEU G 27 10.99 31.69 16.59
N LEU G 28 10.16 31.26 17.53
CA LEU G 28 9.20 32.20 18.05
C LEU G 28 9.88 33.30 18.78
N LEU G 29 10.90 33.00 19.55
CA LEU G 29 11.50 34.07 20.27
C LEU G 29 12.22 35.00 19.36
N LYS G 30 12.84 34.48 18.31
CA LYS G 30 13.55 35.34 17.42
C LYS G 30 12.59 36.27 16.70
N MET G 31 11.42 35.79 16.29
CA MET G 31 10.44 36.65 15.62
C MET G 31 10.02 37.77 16.53
N LEU G 32 9.76 37.46 17.78
CA LEU G 32 9.33 38.46 18.69
C LEU G 32 10.43 39.47 18.96
N GLU G 33 11.67 39.01 19.07
CA GLU G 33 12.72 39.98 19.30
C GLU G 33 12.90 40.87 18.10
N ALA G 34 12.83 40.31 16.91
CA ALA G 34 13.08 41.09 15.72
C ALA G 34 12.14 42.25 15.61
N ASN G 35 10.90 42.04 16.01
CA ASN G 35 9.91 43.08 15.92
C ASN G 35 9.69 43.85 17.21
N GLY G 36 10.51 43.62 18.23
CA GLY G 36 10.37 44.36 19.46
C GLY G 36 9.14 44.01 20.28
N ILE G 37 8.67 42.79 20.22
CA ILE G 37 7.47 42.49 20.94
C ILE G 37 7.80 42.00 22.32
N GLN G 38 7.42 42.80 23.31
CA GLN G 38 7.75 42.51 24.70
C GLN G 38 6.61 41.84 25.44
N SER G 39 5.50 41.67 24.76
CA SER G 39 4.31 41.11 25.38
C SER G 39 3.48 40.35 24.40
N TYR G 40 2.85 39.32 24.87
CA TYR G 40 2.07 38.48 24.02
C TYR G 40 0.67 39.03 23.86
N GLU G 41 0.40 40.10 24.55
CA GLU G 41 -0.88 40.76 24.53
C GLU G 41 -1.14 41.38 23.18
N GLU G 42 -0.08 41.58 22.41
CA GLU G 42 -0.24 42.20 21.12
C GLU G 42 -0.54 41.18 20.04
N LEU G 43 -0.50 39.89 20.35
CA LEU G 43 -0.72 38.90 19.32
C LEU G 43 -2.15 38.44 19.28
N ALA G 44 -2.77 38.60 18.13
CA ALA G 44 -4.13 38.21 17.95
C ALA G 44 -4.22 36.72 17.89
N ALA G 45 -3.27 36.13 17.19
CA ALA G 45 -3.22 34.68 17.00
C ALA G 45 -1.90 34.23 16.43
N VAL G 46 -1.57 32.96 16.60
CA VAL G 46 -0.42 32.38 15.91
C VAL G 46 -0.79 31.10 15.18
N ILE G 47 -0.44 31.01 13.91
CA ILE G 47 -0.70 29.83 13.13
C ILE G 47 0.57 29.12 12.73
N PHE G 48 0.68 27.85 13.07
CA PHE G 48 1.87 27.09 12.76
C PHE G 48 1.60 26.10 11.68
N THR G 49 2.51 25.94 10.74
CA THR G 49 2.31 24.86 9.80
C THR G 49 3.56 24.06 9.69
N VAL G 50 3.39 22.78 9.41
CA VAL G 50 4.56 21.97 9.20
C VAL G 50 4.49 21.11 7.98
N THR G 51 5.65 20.71 7.53
CA THR G 51 5.74 19.81 6.42
C THR G 51 5.32 18.42 6.82
N GLU G 52 5.06 17.60 5.83
CA GLU G 52 4.52 16.27 6.01
C GLU G 52 5.39 15.29 6.75
N ASP G 53 6.66 15.59 6.85
CA ASP G 53 7.63 14.76 7.50
C ASP G 53 7.90 15.05 8.96
N LEU G 54 7.17 15.99 9.57
CA LEU G 54 7.33 16.23 10.99
C LEU G 54 6.07 15.92 11.73
N THR G 55 5.98 14.72 12.30
CA THR G 55 4.78 14.33 12.99
C THR G 55 4.99 13.95 14.45
N SER G 56 6.18 14.06 15.00
CA SER G 56 6.35 13.62 16.38
C SER G 56 5.89 14.59 17.47
N ALA G 57 5.63 15.83 17.13
CA ALA G 57 5.23 16.82 18.13
C ALA G 57 4.48 17.96 17.53
N PHE G 58 3.74 18.69 18.33
CA PHE G 58 3.07 19.88 17.85
C PHE G 58 3.83 21.13 18.22
N PRO G 59 4.30 21.96 17.29
CA PRO G 59 5.00 23.19 17.56
C PRO G 59 4.25 24.10 18.52
N ALA G 60 2.94 24.04 18.48
CA ALA G 60 2.13 24.85 19.36
C ALA G 60 2.43 24.58 20.81
N GLU G 61 2.88 23.38 21.15
CA GLU G 61 3.19 23.08 22.53
C GLU G 61 4.35 23.92 23.00
N ALA G 62 5.31 24.20 22.13
CA ALA G 62 6.47 24.98 22.49
C ALA G 62 6.07 26.37 22.88
N ALA G 63 5.05 26.86 22.23
CA ALA G 63 4.59 28.20 22.51
C ALA G 63 4.18 28.35 23.97
N ARG G 64 3.74 27.28 24.62
CA ARG G 64 3.33 27.42 25.99
C ARG G 64 4.49 27.26 26.95
N LEU G 65 5.66 26.92 26.42
CA LEU G 65 6.82 26.77 27.26
C LEU G 65 7.43 28.13 27.44
N ILE G 66 7.15 29.02 26.47
CA ILE G 66 7.66 30.38 26.58
C ILE G 66 6.59 31.34 27.07
N GLY G 67 5.50 30.78 27.58
CA GLY G 67 4.45 31.54 28.22
C GLY G 67 3.31 32.08 27.37
N MET G 68 3.13 31.65 26.13
CA MET G 68 2.04 32.19 25.34
C MET G 68 0.75 31.45 25.64
N HIS G 69 0.33 31.52 26.88
CA HIS G 69 -0.81 30.74 27.33
C HIS G 69 -2.12 31.29 26.87
N ARG G 70 -2.16 32.57 26.64
CA ARG G 70 -3.40 33.17 26.23
C ARG G 70 -3.42 33.53 24.78
N VAL G 71 -2.42 33.10 24.03
CA VAL G 71 -2.41 33.46 22.63
C VAL G 71 -3.08 32.32 21.91
N PRO G 72 -4.13 32.53 21.13
CA PRO G 72 -4.77 31.48 20.38
C PRO G 72 -3.76 30.81 19.48
N LEU G 73 -3.66 29.49 19.53
CA LEU G 73 -2.70 28.81 18.69
C LEU G 73 -3.39 27.78 17.83
N LEU G 74 -3.18 27.87 16.54
CA LEU G 74 -3.77 26.94 15.60
C LEU G 74 -2.69 26.29 14.78
N SER G 75 -2.84 25.05 14.36
CA SER G 75 -1.82 24.49 13.49
C SER G 75 -2.41 23.69 12.34
N ALA G 76 -1.63 23.55 11.28
CA ALA G 76 -2.07 22.84 10.08
C ALA G 76 -0.94 22.19 9.33
N ARG G 77 -1.26 21.24 8.48
CA ARG G 77 -0.24 20.55 7.73
C ARG G 77 -0.11 21.17 6.33
N GLU G 78 1.13 21.29 5.86
CA GLU G 78 1.48 21.89 4.58
C GLU G 78 1.35 20.99 3.37
N VAL G 79 1.26 21.62 2.22
CA VAL G 79 1.16 20.95 0.94
C VAL G 79 2.51 20.34 0.53
N PRO G 80 2.60 19.04 0.27
CA PRO G 80 3.81 18.31 -0.05
C PRO G 80 4.27 18.49 -1.48
N VAL G 81 4.68 19.68 -1.83
CA VAL G 81 5.15 19.91 -3.18
C VAL G 81 6.53 19.29 -3.34
N PRO G 82 6.78 18.40 -4.31
CA PRO G 82 8.04 17.76 -4.53
C PRO G 82 9.11 18.79 -4.73
N GLY G 83 10.26 18.56 -4.17
CA GLY G 83 11.36 19.48 -4.32
C GLY G 83 11.39 20.56 -3.24
N SER G 84 10.38 20.60 -2.40
CA SER G 84 10.35 21.61 -1.36
C SER G 84 11.38 21.30 -0.29
N LEU G 85 11.70 22.30 0.50
CA LEU G 85 12.64 22.12 1.59
C LEU G 85 11.96 21.22 2.63
N PRO G 86 12.55 20.09 3.05
CA PRO G 86 12.04 19.14 4.02
C PRO G 86 12.14 19.64 5.43
N ARG G 87 11.34 19.06 6.32
CA ARG G 87 11.41 19.32 7.75
C ARG G 87 11.34 20.79 8.12
N VAL G 88 10.35 21.48 7.60
CA VAL G 88 10.22 22.91 7.83
C VAL G 88 9.05 23.24 8.71
N ILE G 89 9.30 24.09 9.68
CA ILE G 89 8.27 24.61 10.56
C ILE G 89 8.07 26.08 10.19
N ARG G 90 6.86 26.46 9.84
CA ARG G 90 6.58 27.83 9.45
C ARG G 90 5.60 28.46 10.39
N VAL G 91 5.81 29.71 10.70
CA VAL G 91 4.90 30.40 11.58
C VAL G 91 4.40 31.71 11.04
N LEU G 92 3.09 31.93 11.14
CA LEU G 92 2.46 33.20 10.84
C LEU G 92 1.86 33.78 12.10
N ALA G 93 2.31 34.94 12.52
CA ALA G 93 1.72 35.51 13.71
C ALA G 93 0.94 36.72 13.30
N LEU G 94 -0.20 36.95 13.92
CA LEU G 94 -0.95 38.14 13.62
C LEU G 94 -0.82 39.11 14.75
N TRP G 95 -0.15 40.20 14.45
CA TRP G 95 0.25 41.23 15.38
C TRP G 95 -0.55 42.52 15.33
N ASN G 96 -1.15 42.88 16.45
CA ASN G 96 -1.97 44.08 16.51
C ASN G 96 -1.15 45.33 16.74
N THR G 97 -0.53 45.78 15.70
CA THR G 97 0.37 46.91 15.72
C THR G 97 0.03 48.03 14.81
N ASP G 98 0.77 49.12 14.93
CA ASP G 98 0.66 50.26 14.03
C ASP G 98 1.88 50.39 13.15
N THR G 99 2.71 49.35 13.17
CA THR G 99 3.90 49.23 12.38
C THR G 99 3.49 49.11 10.92
N PRO G 100 4.09 49.86 9.99
CA PRO G 100 3.90 49.78 8.55
C PRO G 100 4.27 48.42 8.06
N GLN G 101 3.69 48.01 6.95
CA GLN G 101 3.97 46.68 6.44
C GLN G 101 5.44 46.45 6.17
N ASP G 102 6.14 47.47 5.72
CA ASP G 102 7.51 47.29 5.34
C ASP G 102 8.48 47.47 6.46
N ARG G 103 7.98 47.60 7.68
CA ARG G 103 8.82 47.73 8.82
C ARG G 103 8.69 46.50 9.68
N VAL G 104 7.96 45.50 9.20
CA VAL G 104 7.82 44.28 9.95
C VAL G 104 8.89 43.33 9.50
N ARG G 105 9.64 42.79 10.44
CA ARG G 105 10.73 41.91 10.11
C ARG G 105 10.30 40.48 10.14
N HIS G 106 10.86 39.69 9.25
CA HIS G 106 10.53 38.30 9.15
C HIS G 106 11.77 37.50 9.44
N VAL G 107 11.59 36.29 9.97
CA VAL G 107 12.74 35.50 10.38
C VAL G 107 12.89 34.15 9.73
N TYR G 108 14.02 33.92 9.11
CA TYR G 108 14.30 32.64 8.49
C TYR G 108 15.56 32.08 9.05
N LEU G 109 15.46 30.90 9.62
CA LEU G 109 16.58 30.26 10.28
C LEU G 109 17.00 28.95 9.65
N ASN G 110 18.25 28.60 9.87
CA ASN G 110 18.83 27.37 9.39
C ASN G 110 18.70 27.23 7.89
N GLU G 111 18.08 26.19 7.39
CA GLU G 111 18.06 26.08 5.95
C GLU G 111 16.91 26.82 5.33
N ALA G 112 16.09 27.42 6.17
CA ALA G 112 14.93 28.14 5.71
C ALA G 112 15.35 29.44 5.13
N VAL G 113 16.60 29.79 5.28
CA VAL G 113 17.01 31.04 4.72
C VAL G 113 16.91 31.00 3.20
N ARG G 114 17.00 29.82 2.61
CA ARG G 114 16.95 29.75 1.17
C ARG G 114 15.59 30.11 0.62
N LEU G 115 14.57 30.09 1.45
CA LEU G 115 13.24 30.38 0.99
C LEU G 115 12.77 31.77 1.40
N ARG G 116 13.69 32.57 1.90
CA ARG G 116 13.37 33.93 2.30
C ARG G 116 13.03 34.73 1.06
N PRO G 117 11.97 35.54 1.05
CA PRO G 117 11.53 36.35 -0.06
C PRO G 117 12.36 37.58 -0.26
N ASP G 118 13.58 37.41 -0.69
CA ASP G 118 14.48 38.52 -0.88
C ASP G 118 15.02 38.48 -2.31
N GLY H 1 39.35 24.65 37.89
CA GLY H 1 38.67 25.76 37.24
C GLY H 1 37.24 25.86 37.73
N GLY H 2 36.71 24.72 38.11
CA GLY H 2 35.35 24.63 38.63
C GLY H 2 34.30 24.34 37.56
N GLU H 3 34.70 24.01 36.35
CA GLU H 3 33.72 23.69 35.34
C GLU H 3 33.13 22.32 35.67
N GLU H 4 31.83 22.15 35.46
CA GLU H 4 31.16 20.89 35.75
C GLU H 4 30.13 20.43 34.72
N VAL H 5 29.89 19.13 34.67
CA VAL H 5 28.83 18.59 33.83
C VAL H 5 27.74 18.06 34.73
N VAL H 6 26.55 18.60 34.60
CA VAL H 6 25.47 18.19 35.44
C VAL H 6 24.51 17.29 34.73
N LEU H 7 24.20 16.19 35.35
CA LEU H 7 23.27 15.25 34.79
C LEU H 7 21.93 15.44 35.41
N ILE H 8 20.94 15.77 34.58
CA ILE H 8 19.59 15.94 35.08
C ILE H 8 18.71 14.99 34.34
N THR H 9 17.95 14.21 35.06
CA THR H 9 17.08 13.26 34.37
C THR H 9 15.66 13.77 34.31
N VAL H 10 15.06 13.78 33.12
CA VAL H 10 13.71 14.33 32.98
C VAL H 10 12.75 13.34 32.33
N PRO H 11 11.46 13.37 32.66
CA PRO H 11 10.45 12.48 32.14
C PRO H 11 9.95 12.66 30.72
N SER H 12 10.12 13.82 30.11
CA SER H 12 9.55 14.03 28.80
C SER H 12 10.26 15.10 28.04
N ALA H 13 10.03 15.16 26.72
CA ALA H 13 10.63 16.19 25.91
C ALA H 13 10.19 17.58 26.32
N LEU H 14 8.96 17.75 26.76
CA LEU H 14 8.56 19.10 27.14
C LEU H 14 9.34 19.55 28.32
N VAL H 15 9.55 18.67 29.28
CA VAL H 15 10.31 19.06 30.43
C VAL H 15 11.75 19.27 30.02
N ALA H 16 12.30 18.40 29.19
CA ALA H 16 13.67 18.52 28.80
C ALA H 16 13.97 19.83 28.15
N VAL H 17 13.08 20.26 27.27
CA VAL H 17 13.28 21.50 26.58
C VAL H 17 13.04 22.66 27.50
N LYS H 18 12.00 22.59 28.31
CA LYS H 18 11.69 23.68 29.19
C LYS H 18 12.85 23.97 30.12
N ILE H 19 13.43 22.93 30.70
CA ILE H 19 14.53 23.15 31.60
C ILE H 19 15.75 23.56 30.84
N ALA H 20 16.08 22.87 29.77
CA ALA H 20 17.28 23.21 29.07
C ALA H 20 17.25 24.63 28.57
N HIS H 21 16.09 25.07 28.12
CA HIS H 21 16.01 26.40 27.62
C HIS H 21 16.16 27.37 28.76
N ALA H 22 15.48 27.13 29.87
CA ALA H 22 15.59 28.06 30.96
C ALA H 22 17.01 28.17 31.48
N LEU H 23 17.72 27.07 31.57
CA LEU H 23 19.05 27.19 32.13
C LEU H 23 19.96 27.96 31.21
N VAL H 24 19.85 27.74 29.91
CA VAL H 24 20.74 28.48 29.05
C VAL H 24 20.33 29.93 28.99
N GLU H 25 19.04 30.19 28.84
CA GLU H 25 18.56 31.56 28.71
C GLU H 25 18.92 32.42 29.90
N GLU H 26 18.88 31.85 31.09
CA GLU H 26 19.15 32.54 32.32
C GLU H 26 20.61 32.54 32.71
N ARG H 27 21.48 32.02 31.85
CA ARG H 27 22.90 31.91 32.10
C ARG H 27 23.26 31.07 33.30
N LEU H 28 22.57 29.96 33.50
CA LEU H 28 22.94 29.03 34.53
C LEU H 28 23.72 27.91 33.88
N ALA H 29 23.75 27.94 32.57
CA ALA H 29 24.42 26.97 31.75
C ALA H 29 24.85 27.59 30.46
N ALA H 30 25.93 27.11 29.91
CA ALA H 30 26.32 27.62 28.61
C ALA H 30 25.77 26.72 27.53
N CYS H 31 25.65 25.45 27.84
CA CYS H 31 25.22 24.45 26.87
C CYS H 31 24.53 23.26 27.47
N VAL H 32 23.39 22.87 26.90
CA VAL H 32 22.71 21.68 27.38
C VAL H 32 22.46 20.67 26.29
N ASN H 33 22.91 19.45 26.51
CA ASN H 33 22.66 18.39 25.55
C ASN H 33 21.56 17.49 26.01
N ILE H 34 20.62 17.21 25.14
CA ILE H 34 19.53 16.33 25.49
C ILE H 34 19.71 14.99 24.83
N VAL H 35 19.75 13.93 25.62
CA VAL H 35 19.91 12.59 25.12
C VAL H 35 18.58 11.86 25.31
N PRO H 36 17.82 11.61 24.26
CA PRO H 36 16.50 11.00 24.28
C PRO H 36 16.55 9.51 24.40
N GLY H 37 15.39 8.92 24.68
CA GLY H 37 15.23 7.48 24.55
C GLY H 37 15.79 6.60 25.64
N LEU H 38 15.88 7.08 26.86
CA LEU H 38 16.44 6.25 27.89
C LEU H 38 15.42 5.30 28.45
N THR H 39 15.91 4.22 29.01
CA THR H 39 15.06 3.33 29.77
C THR H 39 15.58 3.38 31.18
N SER H 40 14.72 3.63 32.12
CA SER H 40 15.16 3.80 33.49
C SER H 40 14.63 2.78 34.45
N ILE H 41 15.53 2.07 35.10
CA ILE H 41 15.16 1.07 36.09
C ILE H 41 15.60 1.55 37.44
N TYR H 42 14.67 1.69 38.36
CA TYR H 42 15.08 2.24 39.63
C TYR H 42 14.27 1.76 40.76
N ARG H 43 14.79 1.91 41.97
CA ARG H 43 13.99 1.48 43.07
C ARG H 43 13.02 2.55 43.46
N GLU H 44 11.79 2.18 43.66
CA GLU H 44 10.76 3.10 44.04
C GLU H 44 9.97 2.49 45.16
N GLU H 45 9.78 3.23 46.24
CA GLU H 45 9.08 2.68 47.37
C GLU H 45 9.72 1.33 47.72
N GLY H 46 8.95 0.25 47.65
CA GLY H 46 9.46 -1.06 48.02
C GLY H 46 9.85 -1.96 46.84
N SER H 47 9.84 -1.45 45.62
CA SER H 47 10.13 -2.34 44.50
C SER H 47 10.90 -1.72 43.38
N VAL H 48 11.11 -2.50 42.35
CA VAL H 48 11.87 -2.04 41.22
C VAL H 48 10.95 -1.80 40.08
N VAL H 49 10.97 -0.58 39.57
CA VAL H 49 10.06 -0.19 38.53
C VAL H 49 10.78 0.41 37.37
N SER H 50 10.12 0.50 36.22
CA SER H 50 10.75 1.19 35.12
C SER H 50 10.00 2.44 34.67
N ASP H 51 10.72 3.30 33.98
CA ASP H 51 10.18 4.52 33.39
C ASP H 51 10.88 4.80 32.08
N HIS H 52 10.52 5.88 31.41
CA HIS H 52 11.16 6.23 30.15
C HIS H 52 12.37 7.13 30.36
N GLU H 53 12.13 8.43 30.48
CA GLU H 53 13.14 9.45 30.72
C GLU H 53 14.07 9.84 29.54
N LEU H 54 14.58 11.06 29.66
CA LEU H 54 15.59 11.67 28.81
C LEU H 54 16.68 12.19 29.72
N LEU H 55 17.88 12.29 29.21
CA LEU H 55 18.97 12.83 30.02
C LEU H 55 19.51 14.16 29.56
N LEU H 56 19.62 15.11 30.46
CA LEU H 56 20.20 16.39 30.11
C LEU H 56 21.63 16.44 30.60
N LEU H 57 22.54 16.87 29.75
CA LEU H 57 23.91 17.06 30.16
C LEU H 57 24.16 18.55 30.15
N VAL H 58 24.33 19.13 31.30
CA VAL H 58 24.44 20.56 31.39
C VAL H 58 25.85 21.00 31.64
N LYS H 59 26.35 21.83 30.77
CA LYS H 59 27.70 22.33 30.91
C LYS H 59 27.60 23.68 31.56
N THR H 60 28.00 23.69 32.82
CA THR H 60 27.90 24.78 33.76
C THR H 60 29.14 24.86 34.61
N THR H 61 29.07 25.64 35.67
CA THR H 61 30.19 25.81 36.58
C THR H 61 29.71 25.56 38.00
N THR H 62 30.64 25.30 38.90
CA THR H 62 30.24 25.05 40.28
C THR H 62 29.61 26.25 40.97
N ASP H 63 30.03 27.47 40.64
CA ASP H 63 29.48 28.58 41.38
C ASP H 63 28.03 28.85 41.04
N ALA H 64 27.59 28.42 39.87
CA ALA H 64 26.22 28.63 39.49
C ALA H 64 25.37 27.46 39.89
N PHE H 65 25.99 26.43 40.44
CA PHE H 65 25.25 25.24 40.71
C PHE H 65 24.13 25.48 41.70
N PRO H 66 24.33 26.15 42.85
CA PRO H 66 23.26 26.40 43.78
C PRO H 66 22.04 27.02 43.14
N LYS H 67 22.25 27.90 42.15
CA LYS H 67 21.12 28.54 41.50
C LYS H 67 20.44 27.56 40.59
N LEU H 68 21.23 26.73 39.92
CA LEU H 68 20.71 25.73 39.04
C LEU H 68 19.87 24.80 39.84
N LYS H 69 20.34 24.35 40.98
CA LYS H 69 19.51 23.43 41.72
C LYS H 69 18.18 24.03 42.04
N GLU H 70 18.15 25.30 42.44
CA GLU H 70 16.85 25.84 42.77
C GLU H 70 15.97 25.99 41.55
N ARG H 71 16.54 26.41 40.43
CA ARG H 71 15.71 26.63 39.26
C ARG H 71 15.17 25.31 38.74
N VAL H 72 15.98 24.27 38.79
CA VAL H 72 15.51 23.01 38.30
C VAL H 72 14.43 22.50 39.23
N LYS H 73 14.60 22.61 40.53
CA LYS H 73 13.54 22.13 41.40
C LYS H 73 12.22 22.81 41.10
N GLU H 74 12.24 24.10 40.78
CA GLU H 74 11.03 24.82 40.44
C GLU H 74 10.36 24.31 39.18
N LEU H 75 11.14 23.93 38.18
CA LEU H 75 10.58 23.50 36.90
C LEU H 75 10.28 22.02 36.79
N HIS H 76 11.11 21.21 37.44
CA HIS H 76 11.06 19.73 37.32
C HIS H 76 9.90 19.17 38.14
N PRO H 77 8.99 18.32 37.56
CA PRO H 77 7.83 17.77 38.24
C PRO H 77 8.07 16.58 39.15
N TYR H 78 9.00 16.71 40.08
CA TYR H 78 9.31 15.67 41.06
C TYR H 78 9.61 16.21 42.41
N GLU H 79 9.35 15.42 43.42
CA GLU H 79 9.71 15.79 44.76
C GLU H 79 11.22 15.80 44.91
N VAL H 80 11.86 14.83 44.26
CA VAL H 80 13.29 14.70 44.31
C VAL H 80 13.87 14.58 42.92
N PRO H 81 14.24 15.67 42.28
CA PRO H 81 14.88 15.71 41.00
C PRO H 81 16.19 15.01 41.13
N GLU H 82 16.62 14.39 40.06
CA GLU H 82 17.92 13.77 40.01
C GLU H 82 18.92 14.70 39.40
N ILE H 83 19.66 15.44 40.23
CA ILE H 83 20.61 16.41 39.73
C ILE H 83 21.98 16.12 40.29
N VAL H 84 22.91 15.65 39.47
CA VAL H 84 24.24 15.39 40.01
C VAL H 84 25.31 16.01 39.15
N ALA H 85 26.33 16.56 39.77
CA ALA H 85 27.43 17.16 39.05
C ALA H 85 28.67 16.32 39.04
N LEU H 86 29.23 16.13 37.86
CA LEU H 86 30.49 15.43 37.69
C LEU H 86 31.52 16.50 37.38
N PRO H 87 32.70 16.49 37.95
CA PRO H 87 33.73 17.48 37.73
C PRO H 87 34.41 17.34 36.40
N ILE H 88 34.93 18.44 35.86
CA ILE H 88 35.77 18.38 34.68
C ILE H 88 37.22 18.49 35.11
N ALA H 89 38.01 17.49 34.75
CA ALA H 89 39.40 17.45 35.14
C ALA H 89 40.22 18.39 34.28
N GLU H 90 39.96 18.36 33.00
CA GLU H 90 40.69 19.21 32.06
C GLU H 90 39.95 19.34 30.76
N GLY H 91 40.37 20.25 29.89
CA GLY H 91 39.68 20.35 28.61
C GLY H 91 40.25 21.39 27.69
N ASN H 92 39.57 21.58 26.57
CA ASN H 92 39.96 22.55 25.58
C ASN H 92 39.91 23.88 26.25
N ARG H 93 41.01 24.62 26.20
CA ARG H 93 41.05 25.86 26.93
C ARG H 93 40.07 26.87 26.44
N GLU H 94 39.93 27.01 25.14
CA GLU H 94 39.01 27.99 24.64
C GLU H 94 37.60 27.65 25.04
N TYR H 95 37.28 26.37 25.01
CA TYR H 95 35.97 25.94 25.40
C TYR H 95 35.69 26.27 26.84
N LEU H 96 36.63 25.96 27.71
CA LEU H 96 36.38 26.22 29.11
C LEU H 96 36.27 27.71 29.36
N ASP H 97 37.05 28.52 28.64
CA ASP H 97 36.94 29.95 28.83
C ASP H 97 35.56 30.40 28.40
N TRP H 98 35.08 29.82 27.32
CA TRP H 98 33.77 30.10 26.77
C TRP H 98 32.69 29.77 27.78
N LEU H 99 32.78 28.62 28.45
CA LEU H 99 31.74 28.30 29.40
C LEU H 99 31.69 29.31 30.49
N ARG H 100 32.84 29.77 30.94
CA ARG H 100 32.80 30.74 32.00
C ARG H 100 32.22 32.06 31.50
N GLU H 101 32.57 32.46 30.29
CA GLU H 101 32.07 33.73 29.76
C GLU H 101 30.56 33.73 29.65
N ASN H 102 29.99 32.59 29.30
CA ASN H 102 28.56 32.47 29.13
C ASN H 102 27.79 31.97 30.33
N THR H 103 28.43 31.84 31.48
CA THR H 103 27.71 31.35 32.63
C THR H 103 27.81 32.39 33.75
N GLY H 104 26.69 32.76 34.34
CA GLY H 104 26.72 33.75 35.41
C GLY H 104 26.34 35.16 34.97
N GLY I 1 49.84 -1.46 -19.96
CA GLY I 1 48.70 -0.65 -19.54
C GLY I 1 48.07 -1.22 -18.28
N SER I 2 47.17 -0.45 -17.70
CA SER I 2 46.46 -0.83 -16.51
C SER I 2 45.03 -0.39 -16.63
N VAL I 3 44.31 -0.39 -15.53
CA VAL I 3 42.91 0.02 -15.62
C VAL I 3 42.60 1.13 -14.66
N ARG I 4 41.97 2.15 -15.17
CA ARG I 4 41.57 3.24 -14.33
C ARG I 4 40.11 3.50 -14.51
N GLY I 5 39.38 3.65 -13.42
CA GLY I 5 38.01 3.99 -13.60
C GLY I 5 37.86 5.49 -13.84
N ILE I 6 36.83 5.86 -14.57
CA ILE I 6 36.50 7.24 -14.82
C ILE I 6 35.12 7.47 -14.29
N ARG I 7 34.90 8.47 -13.49
CA ARG I 7 33.57 8.69 -12.99
C ARG I 7 32.97 9.99 -13.38
N GLY I 8 31.67 9.98 -13.48
CA GLY I 8 30.99 11.22 -13.63
C GLY I 8 29.53 11.11 -13.31
N ALA I 9 28.88 12.25 -13.25
CA ALA I 9 27.47 12.28 -12.94
C ALA I 9 26.78 13.49 -13.50
N ILE I 10 25.51 13.33 -13.79
CA ILE I 10 24.70 14.41 -14.29
C ILE I 10 23.30 14.31 -13.73
N THR I 11 22.65 15.44 -13.55
CA THR I 11 21.28 15.39 -13.09
C THR I 11 20.33 15.82 -14.17
N VAL I 12 19.08 15.39 -14.03
CA VAL I 12 18.04 15.82 -14.95
C VAL I 12 16.91 16.41 -14.16
N GLU I 13 16.04 17.18 -14.81
CA GLU I 13 14.93 17.75 -14.07
C GLU I 13 13.69 16.89 -14.04
N GLU I 14 13.54 15.99 -14.99
CA GLU I 14 12.35 15.16 -14.99
C GLU I 14 12.61 13.80 -15.59
N ASP I 15 11.77 12.84 -15.25
CA ASP I 15 11.91 11.49 -15.78
C ASP I 15 11.23 11.35 -17.13
N THR I 16 11.82 11.96 -18.12
CA THR I 16 11.37 11.95 -19.49
C THR I 16 12.43 11.26 -20.31
N PRO I 17 12.14 10.24 -21.11
CA PRO I 17 13.11 9.52 -21.89
C PRO I 17 14.03 10.40 -22.67
N ALA I 18 13.50 11.48 -23.23
CA ALA I 18 14.37 12.35 -23.99
C ALA I 18 15.40 13.01 -23.11
N ALA I 19 15.02 13.35 -21.88
CA ALA I 19 15.93 14.05 -21.00
C ALA I 19 17.00 13.13 -20.52
N ILE I 20 16.61 11.89 -20.30
CA ILE I 20 17.56 10.92 -19.81
C ILE I 20 18.57 10.63 -20.87
N LEU I 21 18.11 10.42 -22.08
CA LEU I 21 19.02 10.12 -23.14
C LEU I 21 19.89 11.30 -23.44
N ALA I 22 19.33 12.49 -23.46
CA ALA I 22 20.14 13.63 -23.79
C ALA I 22 21.19 13.87 -22.73
N ALA I 23 20.82 13.71 -21.46
CA ALA I 23 21.75 13.91 -20.39
C ALA I 23 22.83 12.88 -20.40
N THR I 24 22.47 11.65 -20.72
CA THR I 24 23.45 10.62 -20.75
C THR I 24 24.45 10.90 -21.82
N ILE I 25 24.01 11.35 -22.98
CA ILE I 25 24.96 11.65 -24.01
C ILE I 25 25.87 12.75 -23.58
N GLU I 26 25.33 13.82 -23.02
CA GLU I 26 26.20 14.90 -22.62
C GLU I 26 27.26 14.42 -21.66
N LEU I 27 26.88 13.61 -20.70
CA LEU I 27 27.86 13.17 -19.75
C LEU I 27 28.88 12.24 -20.36
N LEU I 28 28.47 11.29 -21.18
CA LEU I 28 29.45 10.38 -21.71
C LEU I 28 30.41 11.08 -22.60
N LEU I 29 29.94 12.00 -23.41
CA LEU I 29 30.88 12.62 -24.29
C LEU I 29 31.81 13.51 -23.53
N LYS I 30 31.31 14.17 -22.49
CA LYS I 30 32.18 15.04 -21.74
C LYS I 30 33.26 14.25 -21.02
N MET I 31 32.93 13.07 -20.48
CA MET I 31 33.94 12.25 -19.83
C MET I 31 35.02 11.85 -20.78
N LEU I 32 34.62 11.45 -21.97
CA LEU I 32 35.59 11.02 -22.94
C LEU I 32 36.44 12.18 -23.39
N GLU I 33 35.87 13.36 -23.57
CA GLU I 33 36.69 14.47 -23.97
C GLU I 33 37.67 14.85 -22.89
N ALA I 34 37.22 14.84 -21.64
CA ALA I 34 38.07 15.26 -20.56
C ALA I 34 39.32 14.45 -20.48
N ASN I 35 39.20 13.16 -20.74
CA ASN I 35 40.34 12.30 -20.68
C ASN I 35 41.02 12.01 -22.01
N GLY I 36 40.62 12.71 -23.06
CA GLY I 36 41.27 12.53 -24.35
C GLY I 36 40.98 11.20 -25.02
N ILE I 37 39.82 10.63 -24.80
CA ILE I 37 39.57 9.34 -25.39
C ILE I 37 38.94 9.50 -26.74
N GLN I 38 39.69 9.11 -27.76
CA GLN I 38 39.25 9.27 -29.14
C GLN I 38 38.64 8.01 -29.71
N SER I 39 38.64 6.95 -28.94
CA SER I 39 38.15 5.67 -29.39
C SER I 39 37.57 4.87 -28.27
N TYR I 40 36.56 4.11 -28.60
CA TYR I 40 35.88 3.33 -27.61
C TYR I 40 36.57 2.01 -27.38
N GLU I 41 37.61 1.77 -28.15
CA GLU I 41 38.39 0.56 -28.07
C GLU I 41 39.15 0.50 -26.77
N GLU I 42 39.31 1.63 -26.12
CA GLU I 42 40.04 1.66 -24.88
C GLU I 42 39.15 1.37 -23.68
N LEU I 43 37.84 1.25 -23.88
CA LEU I 43 36.97 1.05 -22.75
C LEU I 43 36.67 -0.41 -22.55
N ALA I 44 36.99 -0.90 -21.36
CA ALA I 44 36.75 -2.27 -21.03
C ALA I 44 35.29 -2.50 -20.82
N ALA I 45 34.67 -1.53 -20.16
CA ALA I 45 33.24 -1.60 -19.84
C ALA I 45 32.72 -0.28 -19.33
N VAL I 46 31.41 -0.08 -19.42
CA VAL I 46 30.78 1.06 -18.77
C VAL I 46 29.61 0.64 -17.91
N ILE I 47 29.59 1.11 -16.67
CA ILE I 47 28.51 0.81 -15.75
C ILE I 47 27.71 2.05 -15.41
N PHE I 48 26.42 2.00 -15.64
CA PHE I 48 25.56 3.14 -15.36
C PHE I 48 24.71 2.88 -14.17
N THR I 49 24.53 3.86 -13.30
CA THR I 49 23.57 3.64 -12.24
C THR I 49 22.65 4.81 -12.17
N VAL I 50 21.43 4.55 -11.76
CA VAL I 50 20.52 5.66 -11.58
C VAL I 50 19.79 5.63 -10.28
N THR I 51 19.31 6.79 -9.89
CA THR I 51 18.51 6.89 -8.71
C THR I 51 17.13 6.31 -8.95
N GLU I 52 16.43 6.07 -7.86
CA GLU I 52 15.15 5.39 -7.86
C GLU I 52 14.03 6.10 -8.58
N ASP I 53 14.19 7.38 -8.82
CA ASP I 53 13.21 8.20 -9.47
C ASP I 53 13.36 8.35 -10.97
N LEU I 54 14.31 7.66 -11.60
CA LEU I 54 14.41 7.72 -13.05
C LEU I 54 14.15 6.36 -13.64
N THR I 55 12.94 6.12 -14.09
CA THR I 55 12.61 4.82 -14.64
C THR I 55 12.08 4.85 -16.05
N SER I 56 12.03 6.00 -16.73
CA SER I 56 11.45 6.00 -18.07
C SER I 56 12.37 5.53 -19.20
N ALA I 57 13.66 5.41 -18.95
CA ALA I 57 14.58 5.01 -20.01
C ALA I 57 15.85 4.44 -19.44
N PHE I 58 16.58 3.70 -20.26
CA PHE I 58 17.86 3.18 -19.84
C PHE I 58 19.00 4.02 -20.38
N PRO I 59 19.85 4.64 -19.57
CA PRO I 59 20.98 5.43 -20.01
C PRO I 59 21.87 4.67 -20.99
N ALA I 60 21.95 3.37 -20.84
CA ALA I 60 22.76 2.57 -21.71
C ALA I 60 22.34 2.71 -23.16
N GLU I 61 21.07 3.01 -23.42
CA GLU I 61 20.63 3.15 -24.79
C GLU I 61 21.32 4.34 -25.43
N ALA I 62 21.56 5.40 -24.67
CA ALA I 62 22.19 6.59 -25.20
C ALA I 62 23.58 6.28 -25.69
N ALA I 63 24.22 5.38 -24.99
CA ALA I 63 25.57 5.01 -25.36
C ALA I 63 25.63 4.49 -26.79
N ARG I 64 24.56 3.90 -27.30
CA ARG I 64 24.63 3.37 -28.63
C ARG I 64 24.27 4.41 -29.66
N LEU I 65 23.86 5.60 -29.22
CA LEU I 65 23.52 6.65 -30.13
C LEU I 65 24.80 7.36 -30.48
N ILE I 66 25.79 7.27 -29.59
CA ILE I 66 27.07 7.88 -29.86
C ILE I 66 28.09 6.86 -30.35
N GLY I 67 27.60 5.70 -30.71
CA GLY I 67 28.40 4.66 -31.32
C GLY I 67 29.12 3.65 -30.43
N MET I 68 28.82 3.54 -29.15
CA MET I 68 29.53 2.59 -28.32
C MET I 68 28.90 1.23 -28.45
N HIS I 69 28.91 0.69 -29.65
CA HIS I 69 28.21 -0.55 -29.92
C HIS I 69 28.93 -1.75 -29.41
N ARG I 70 30.23 -1.66 -29.29
CA ARG I 70 30.98 -2.79 -28.84
C ARG I 70 31.46 -2.64 -27.42
N VAL I 71 31.01 -1.62 -26.73
CA VAL I 71 31.47 -1.44 -25.38
C VAL I 71 30.48 -2.14 -24.50
N PRO I 72 30.85 -3.09 -23.65
CA PRO I 72 29.94 -3.74 -22.76
C PRO I 72 29.24 -2.73 -21.89
N LEU I 73 27.93 -2.76 -21.83
CA LEU I 73 27.22 -1.79 -21.01
C LEU I 73 26.35 -2.49 -20.00
N LEU I 74 26.52 -2.15 -18.75
CA LEU I 74 25.74 -2.74 -17.67
C LEU I 74 25.07 -1.64 -16.89
N SER I 75 23.88 -1.87 -16.34
CA SER I 75 23.30 -0.83 -15.52
C SER I 75 22.67 -1.38 -14.25
N ALA I 76 22.55 -0.52 -13.25
CA ALA I 76 21.97 -0.91 -11.96
C ALA I 76 21.28 0.23 -11.25
N ARG I 77 20.45 -0.11 -10.31
CA ARG I 77 19.73 0.91 -9.56
C ARG I 77 20.44 1.23 -8.26
N GLU I 78 20.48 2.52 -7.90
CA GLU I 78 21.15 3.04 -6.70
C GLU I 78 20.37 2.93 -5.43
N VAL I 79 21.10 3.01 -4.33
CA VAL I 79 20.54 2.97 -3.00
C VAL I 79 19.86 4.29 -2.65
N PRO I 80 18.57 4.29 -2.27
CA PRO I 80 17.76 5.45 -1.99
C PRO I 80 18.01 6.06 -0.63
N VAL I 81 19.19 6.61 -0.43
CA VAL I 81 19.48 7.23 0.86
C VAL I 81 18.72 8.55 0.95
N PRO I 82 17.92 8.80 1.98
CA PRO I 82 17.17 10.01 2.15
C PRO I 82 18.09 11.18 2.16
N GLY I 83 17.70 12.25 1.51
CA GLY I 83 18.52 13.44 1.49
C GLY I 83 19.49 13.48 0.32
N SER I 84 19.57 12.39 -0.44
CA SER I 84 20.48 12.36 -1.55
C SER I 84 19.98 13.25 -2.67
N LEU I 85 20.87 13.58 -3.58
CA LEU I 85 20.51 14.39 -4.72
C LEU I 85 19.59 13.54 -5.62
N PRO I 86 18.38 13.99 -5.98
CA PRO I 86 17.41 13.30 -6.81
C PRO I 86 17.77 13.31 -8.27
N ARG I 87 17.19 12.40 -9.03
CA ARG I 87 17.33 12.34 -10.47
C ARG I 87 18.76 12.38 -10.96
N VAL I 88 19.59 11.51 -10.43
CA VAL I 88 21.00 11.50 -10.79
C VAL I 88 21.38 10.28 -11.59
N ILE I 89 22.12 10.51 -12.65
CA ILE I 89 22.66 9.45 -13.49
C ILE I 89 24.15 9.43 -13.24
N ARG I 90 24.69 8.30 -12.82
CA ARG I 90 26.11 8.19 -12.54
C ARG I 90 26.75 7.18 -13.45
N VAL I 91 27.96 7.47 -13.89
CA VAL I 91 28.65 6.55 -14.75
C VAL I 91 30.04 6.24 -14.31
N LEU I 92 30.37 4.94 -14.32
CA LEU I 92 31.73 4.47 -14.08
C LEU I 92 32.26 3.81 -15.32
N ALA I 93 33.32 4.32 -15.89
CA ALA I 93 33.85 3.67 -17.06
C ALA I 93 35.15 3.05 -16.71
N LEU I 94 35.45 1.89 -17.25
CA LEU I 94 36.74 1.28 -17.00
C LEU I 94 37.57 1.40 -18.23
N TRP I 95 38.63 2.18 -18.08
CA TRP I 95 39.53 2.60 -19.13
C TRP I 95 40.89 1.92 -19.14
N ASN I 96 41.22 1.26 -20.23
CA ASN I 96 42.48 0.54 -20.34
C ASN I 96 43.61 1.44 -20.76
N THR I 97 44.08 2.21 -19.81
CA THR I 97 45.11 3.20 -20.02
C THR I 97 46.34 3.06 -19.19
N ASP I 98 47.34 3.88 -19.46
CA ASP I 98 48.55 3.95 -18.68
C ASP I 98 48.62 5.27 -17.92
N THR I 99 47.52 5.98 -17.92
CA THR I 99 47.35 7.23 -17.23
C THR I 99 47.39 6.95 -15.72
N PRO I 100 48.15 7.71 -14.93
CA PRO I 100 48.22 7.64 -13.48
C PRO I 100 46.87 7.92 -12.89
N GLN I 101 46.61 7.43 -11.70
CA GLN I 101 45.31 7.63 -11.10
C GLN I 101 44.96 9.08 -10.93
N ASP I 102 45.93 9.91 -10.64
CA ASP I 102 45.65 11.29 -10.37
C ASP I 102 45.64 12.17 -11.59
N ARG I 103 45.72 11.56 -12.75
CA ARG I 103 45.65 12.30 -13.97
C ARG I 103 44.38 11.98 -14.71
N VAL I 104 43.50 11.22 -14.07
CA VAL I 104 42.24 10.88 -14.69
C VAL I 104 41.24 11.91 -14.24
N ARG I 105 40.54 12.50 -15.18
CA ARG I 105 39.60 13.53 -14.86
C ARG I 105 38.22 12.98 -14.73
N HIS I 106 37.46 13.54 -13.81
CA HIS I 106 36.11 13.10 -13.55
C HIS I 106 35.17 14.22 -13.89
N VAL I 107 33.96 13.89 -14.27
CA VAL I 107 33.02 14.90 -14.70
C VAL I 107 31.72 14.99 -13.95
N TYR I 108 31.43 16.16 -13.40
CA TYR I 108 30.19 16.36 -12.69
C TYR I 108 29.45 17.51 -13.31
N LEU I 109 28.25 17.25 -13.76
CA LEU I 109 27.44 18.23 -14.44
C LEU I 109 26.16 18.59 -13.73
N ASN I 110 25.67 19.78 -14.02
CA ASN I 110 24.43 20.29 -13.49
C ASN I 110 24.44 20.29 -11.97
N GLU I 111 23.50 19.63 -11.32
CA GLU I 111 23.52 19.73 -9.87
C GLU I 111 24.42 18.73 -9.25
N ALA I 112 25.03 17.88 -10.06
CA ALA I 112 25.90 16.84 -9.57
C ALA I 112 27.19 17.44 -9.16
N VAL I 113 27.40 18.69 -9.43
CA VAL I 113 28.65 19.28 -9.04
C VAL I 113 28.74 19.31 -7.53
N ARG I 114 27.61 19.34 -6.83
CA ARG I 114 27.68 19.42 -5.39
C ARG I 114 28.22 18.16 -4.76
N LEU I 115 28.23 17.07 -5.50
CA LEU I 115 28.69 15.81 -4.95
C LEU I 115 30.08 15.44 -5.44
N ARG I 116 30.74 16.38 -6.10
CA ARG I 116 32.08 16.15 -6.59
C ARG I 116 33.02 16.00 -5.40
N PRO I 117 33.92 15.03 -5.39
CA PRO I 117 34.86 14.77 -4.33
C PRO I 117 36.03 15.73 -4.32
N ASP I 118 35.76 16.96 -3.98
CA ASP I 118 36.79 17.97 -3.97
C ASP I 118 36.82 18.64 -2.59
N GLY J 1 17.25 37.71 -43.25
CA GLY J 1 18.48 37.20 -42.64
C GLY J 1 18.67 35.74 -43.02
N GLY J 2 17.55 35.07 -43.25
CA GLY J 2 17.57 33.67 -43.63
C GLY J 2 17.47 32.70 -42.46
N GLU J 3 17.21 33.18 -41.27
CA GLU J 3 17.08 32.28 -40.15
C GLU J 3 15.76 31.54 -40.30
N GLU J 4 15.73 30.25 -39.96
CA GLU J 4 14.52 29.43 -40.06
C GLU J 4 14.26 28.47 -38.92
N VAL J 5 13.00 28.13 -38.73
CA VAL J 5 12.64 27.10 -37.77
C VAL J 5 12.15 25.89 -38.51
N VAL J 6 12.82 24.77 -38.32
CA VAL J 6 12.45 23.58 -39.04
C VAL J 6 11.71 22.61 -38.17
N LEU J 7 10.59 22.15 -38.65
CA LEU J 7 9.81 21.19 -37.91
C LEU J 7 10.08 19.82 -38.44
N ILE J 8 10.57 18.94 -37.58
CA ILE J 8 10.84 17.58 -37.96
C ILE J 8 10.04 16.68 -37.06
N THR J 9 9.28 15.79 -37.63
CA THR J 9 8.49 14.91 -36.79
C THR J 9 9.15 13.55 -36.66
N VAL J 10 9.32 13.07 -35.43
CA VAL J 10 10.01 11.79 -35.23
C VAL J 10 9.19 10.81 -34.40
N PRO J 11 9.31 9.51 -34.63
CA PRO J 11 8.58 8.47 -33.94
C PRO J 11 8.92 8.13 -32.50
N SER J 12 10.11 8.46 -32.03
CA SER J 12 10.49 8.03 -30.70
C SER J 12 11.54 8.91 -30.10
N ALA J 13 11.73 8.81 -28.79
CA ALA J 13 12.77 9.58 -28.13
C ALA J 13 14.15 9.24 -28.63
N LEU J 14 14.41 7.99 -28.97
CA LEU J 14 15.74 7.68 -29.44
C LEU J 14 16.02 8.39 -30.72
N VAL J 15 15.04 8.42 -31.60
CA VAL J 15 15.26 9.11 -32.85
C VAL J 15 15.36 10.58 -32.59
N ALA J 16 14.50 11.12 -31.73
CA ALA J 16 14.52 12.54 -31.47
C ALA J 16 15.84 13.01 -30.97
N VAL J 17 16.44 12.25 -30.06
CA VAL J 17 17.70 12.64 -29.52
C VAL J 17 18.79 12.41 -30.51
N LYS J 18 18.77 11.30 -31.21
CA LYS J 18 19.81 11.01 -32.17
C LYS J 18 19.90 12.10 -33.22
N ILE J 19 18.76 12.53 -33.75
CA ILE J 19 18.79 13.56 -34.75
C ILE J 19 19.13 14.87 -34.14
N ALA J 20 18.50 15.24 -33.05
CA ALA J 20 18.78 16.52 -32.47
C ALA J 20 20.24 16.66 -32.12
N HIS J 21 20.83 15.61 -31.61
CA HIS J 21 22.20 15.70 -31.23
C HIS J 21 23.05 15.83 -32.47
N ALA J 22 22.78 15.02 -33.49
CA ALA J 22 23.60 15.12 -34.66
C ALA J 22 23.53 16.48 -35.32
N LEU J 23 22.36 17.08 -35.37
CA LEU J 23 22.30 18.35 -36.04
C LEU J 23 23.05 19.41 -35.27
N VAL J 24 22.95 19.40 -33.96
CA VAL J 24 23.66 20.45 -33.26
C VAL J 24 25.16 20.17 -33.30
N GLU J 25 25.55 18.94 -33.06
CA GLU J 25 26.96 18.59 -33.02
C GLU J 25 27.69 18.92 -34.31
N GLU J 26 27.01 18.72 -35.43
CA GLU J 26 27.57 18.93 -36.75
C GLU J 26 27.40 20.35 -37.25
N ARG J 27 26.86 21.23 -36.43
CA ARG J 27 26.59 22.60 -36.78
C ARG J 27 25.61 22.79 -37.93
N LEU J 28 24.57 21.98 -37.96
CA LEU J 28 23.52 22.16 -38.93
C LEU J 28 22.39 22.89 -38.25
N ALA J 29 22.53 23.05 -36.95
CA ALA J 29 21.56 23.69 -36.10
C ALA J 29 22.25 24.31 -34.92
N ALA J 30 21.71 25.38 -34.41
CA ALA J 30 22.29 25.93 -33.20
C ALA J 30 21.55 25.41 -32.00
N CYS J 31 20.27 25.15 -32.19
CA CYS J 31 19.40 24.72 -31.09
C CYS J 31 18.24 23.86 -31.53
N VAL J 32 18.02 22.76 -30.83
CA VAL J 32 16.87 21.92 -31.12
C VAL J 32 15.98 21.68 -29.93
N ASN J 33 14.72 22.00 -30.07
CA ASN J 33 13.77 21.74 -29.00
C ASN J 33 12.94 20.52 -29.28
N ILE J 34 12.83 19.65 -28.30
CA ILE J 34 12.04 18.46 -28.48
C ILE J 34 10.76 18.57 -27.71
N VAL J 35 9.64 18.44 -28.41
CA VAL J 35 8.33 18.52 -27.79
C VAL J 35 7.73 17.11 -27.80
N PRO J 36 7.64 16.44 -26.67
CA PRO J 36 7.17 15.08 -26.52
C PRO J 36 5.68 14.96 -26.51
N GLY J 37 5.18 13.74 -26.62
CA GLY J 37 3.78 13.46 -26.35
C GLY J 37 2.76 13.83 -27.39
N LEU J 38 3.12 13.85 -28.65
CA LEU J 38 2.16 14.23 -29.65
C LEU J 38 1.28 13.09 -30.03
N THR J 39 0.10 13.41 -30.54
CA THR J 39 -0.76 12.42 -31.12
C THR J 39 -0.88 12.81 -32.58
N SER J 40 -0.62 11.88 -33.46
CA SER J 40 -0.62 12.20 -34.87
C SER J 40 -1.65 11.50 -35.69
N ILE J 41 -2.51 12.27 -36.34
CA ILE J 41 -3.55 11.71 -37.18
C ILE J 41 -3.23 12.06 -38.61
N TYR J 42 -3.07 11.08 -39.46
CA TYR J 42 -2.68 11.42 -40.80
C TYR J 42 -3.16 10.46 -41.82
N ARG J 43 -3.17 10.87 -43.06
CA ARG J 43 -3.61 9.95 -44.06
C ARG J 43 -2.49 9.04 -44.45
N GLU J 44 -2.75 7.77 -44.51
CA GLU J 44 -1.76 6.80 -44.90
C GLU J 44 -2.38 5.85 -45.87
N GLU J 45 -1.72 5.63 -46.99
CA GLU J 45 -2.31 4.78 -48.01
C GLU J 45 -3.73 5.25 -48.29
N GLY J 46 -4.71 4.40 -48.06
CA GLY J 46 -6.10 4.76 -48.34
C GLY J 46 -6.93 5.16 -47.13
N SER J 47 -6.32 5.31 -45.96
CA SER J 47 -7.14 5.62 -44.79
C SER J 47 -6.51 6.55 -43.80
N VAL J 48 -7.21 6.78 -42.71
CA VAL J 48 -6.73 7.69 -41.71
C VAL J 48 -6.31 6.90 -40.52
N VAL J 49 -5.06 7.08 -40.13
CA VAL J 49 -4.49 6.32 -39.06
C VAL J 49 -3.86 7.20 -38.02
N SER J 50 -3.62 6.65 -36.84
CA SER J 50 -2.90 7.45 -35.87
C SER J 50 -1.55 6.86 -35.47
N ASP J 51 -0.71 7.72 -34.93
CA ASP J 51 0.60 7.36 -34.41
C ASP J 51 0.93 8.20 -33.20
N HIS J 52 2.08 8.00 -32.60
CA HIS J 52 2.48 8.79 -31.44
C HIS J 52 3.23 10.04 -31.84
N GLU J 53 4.53 9.92 -32.06
CA GLU J 53 5.43 10.99 -32.48
C GLU J 53 5.82 12.06 -31.42
N LEU J 54 6.97 12.65 -31.70
CA LEU J 54 7.54 13.80 -31.00
C LEU J 54 7.87 14.86 -32.05
N LEU J 55 7.89 16.11 -31.66
CA LEU J 55 8.24 17.15 -32.59
C LEU J 55 9.56 17.85 -32.31
N LEU J 56 10.41 17.96 -33.31
CA LEU J 56 11.63 18.69 -33.13
C LEU J 56 11.51 20.07 -33.73
N LEU J 57 11.91 21.09 -33.01
CA LEU J 57 11.94 22.43 -33.55
C LEU J 57 13.38 22.81 -33.70
N VAL J 58 13.84 22.92 -34.92
CA VAL J 58 15.24 23.15 -35.14
C VAL J 58 15.51 24.57 -35.56
N LYS J 59 16.37 25.23 -34.82
CA LYS J 59 16.70 26.60 -35.12
C LYS J 59 18.00 26.56 -35.88
N THR J 60 17.86 26.85 -37.15
CA THR J 60 18.88 26.75 -38.18
C THR J 60 18.75 27.91 -39.15
N THR J 61 19.45 27.81 -40.26
CA THR J 61 19.43 28.85 -41.28
C THR J 61 19.10 28.23 -42.61
N THR J 62 18.68 29.03 -43.57
CA THR J 62 18.36 28.49 -44.88
C THR J 62 19.55 27.92 -45.62
N ASP J 63 20.74 28.47 -45.45
CA ASP J 63 21.83 27.96 -46.24
C ASP J 63 22.28 26.58 -45.80
N ALA J 64 22.01 26.21 -44.57
CA ALA J 64 22.38 24.90 -44.10
C ALA J 64 21.26 23.92 -44.30
N PHE J 65 20.14 24.38 -44.80
CA PHE J 65 19.01 23.51 -44.90
C PHE J 65 19.28 22.35 -45.82
N PRO J 66 19.82 22.49 -47.03
CA PRO J 66 20.09 21.37 -47.88
C PRO J 66 20.90 20.27 -47.20
N LYS J 67 21.83 20.65 -46.32
CA LYS J 67 22.63 19.66 -45.63
C LYS J 67 21.81 18.97 -44.59
N LEU J 68 20.97 19.75 -43.92
CA LEU J 68 20.09 19.23 -42.91
C LEU J 68 19.19 18.22 -43.54
N LYS J 69 18.60 18.55 -44.68
CA LYS J 69 17.71 17.57 -45.25
C LYS J 69 18.41 16.27 -45.51
N GLU J 70 19.63 16.31 -46.01
CA GLU J 70 20.28 15.05 -46.28
C GLU J 70 20.61 14.31 -45.01
N ARG J 71 21.06 15.02 -43.99
CA ARG J 71 21.46 14.33 -42.78
C ARG J 71 20.26 13.72 -42.09
N VAL J 72 19.14 14.41 -42.11
CA VAL J 72 17.98 13.88 -41.47
C VAL J 72 17.50 12.68 -42.24
N LYS J 73 17.48 12.74 -43.57
CA LYS J 73 17.05 11.56 -44.29
C LYS J 73 17.88 10.34 -43.95
N GLU J 74 19.18 10.52 -43.75
CA GLU J 74 20.04 9.41 -43.38
C GLU J 74 19.72 8.81 -42.03
N LEU J 75 19.34 9.64 -41.06
CA LEU J 75 19.08 9.18 -39.70
C LEU J 75 17.65 8.74 -39.42
N HIS J 76 16.70 9.43 -40.08
CA HIS J 76 15.26 9.27 -39.81
C HIS J 76 14.75 7.98 -40.48
N PRO J 77 14.05 7.05 -39.75
CA PRO J 77 13.56 5.78 -40.26
C PRO J 77 12.27 5.83 -41.09
N TYR J 78 12.24 6.69 -42.09
CA TYR J 78 11.10 6.81 -42.99
C TYR J 78 11.49 7.02 -44.42
N GLU J 79 10.64 6.59 -45.31
CA GLU J 79 10.85 6.86 -46.72
C GLU J 79 10.70 8.34 -46.98
N VAL J 80 9.74 8.95 -46.31
CA VAL J 80 9.46 10.36 -46.46
C VAL J 80 9.39 11.04 -45.12
N PRO J 81 10.49 11.58 -44.62
CA PRO J 81 10.57 12.32 -43.41
C PRO J 81 9.75 13.56 -43.58
N GLU J 82 9.18 14.02 -42.50
CA GLU J 82 8.43 15.26 -42.50
C GLU J 82 9.31 16.39 -42.07
N ILE J 83 9.89 17.12 -43.02
CA ILE J 83 10.80 18.20 -42.71
C ILE J 83 10.33 19.47 -43.35
N VAL J 84 9.84 20.42 -42.58
CA VAL J 84 9.41 21.67 -43.19
C VAL J 84 9.98 22.88 -42.50
N ALA J 85 10.38 23.88 -43.25
CA ALA J 85 10.92 25.09 -42.68
C ALA J 85 9.97 26.24 -42.70
N LEU J 86 9.82 26.88 -41.55
CA LEU J 86 9.01 28.09 -41.43
C LEU J 86 10.00 29.24 -41.31
N PRO J 87 9.81 30.35 -41.98
CA PRO J 87 10.72 31.48 -41.94
C PRO J 87 10.63 32.27 -40.66
N ILE J 88 11.71 32.93 -40.27
CA ILE J 88 11.66 33.89 -39.17
C ILE J 88 11.59 35.28 -39.73
N ALA J 89 10.55 36.00 -39.35
CA ALA J 89 10.34 37.36 -39.84
C ALA J 89 11.26 38.33 -39.17
N GLU J 90 11.38 38.19 -37.86
CA GLU J 90 12.22 39.08 -37.07
C GLU J 90 12.53 38.48 -35.73
N GLY J 91 13.47 39.06 -35.00
CA GLY J 91 13.73 38.51 -33.67
C GLY J 91 14.79 39.25 -32.90
N ASN J 92 15.14 38.70 -31.76
CA ASN J 92 16.15 39.27 -30.89
C ASN J 92 17.42 39.29 -31.68
N ARG J 93 18.05 40.45 -31.79
CA ARG J 93 19.21 40.53 -32.63
C ARG J 93 20.35 39.70 -32.16
N GLU J 94 20.61 39.69 -30.87
CA GLU J 94 21.72 38.92 -30.39
C GLU J 94 21.49 37.46 -30.63
N TYR J 95 20.25 37.03 -30.45
CA TYR J 95 19.92 35.65 -30.70
C TYR J 95 20.15 35.27 -32.13
N LEU J 96 19.69 36.09 -33.05
CA LEU J 96 19.84 35.73 -34.43
C LEU J 96 21.32 35.74 -34.81
N ASP J 97 22.10 36.66 -34.23
CA ASP J 97 23.52 36.65 -34.57
C ASP J 97 24.14 35.37 -34.06
N TRP J 98 23.70 34.94 -32.89
CA TRP J 98 24.15 33.72 -32.26
C TRP J 98 23.85 32.52 -33.12
N LEU J 99 22.65 32.44 -33.69
CA LEU J 99 22.35 31.30 -34.52
C LEU J 99 23.27 31.24 -35.69
N ARG J 100 23.57 32.38 -36.28
CA ARG J 100 24.44 32.32 -37.42
C ARG J 100 25.84 31.93 -37.00
N GLU J 101 26.32 32.42 -35.86
CA GLU J 101 27.66 32.09 -35.42
C GLU J 101 27.84 30.60 -35.17
N ASN J 102 26.80 29.97 -34.67
CA ASN J 102 26.83 28.55 -34.37
C ASN J 102 26.31 27.63 -35.45
N THR J 103 26.02 28.14 -36.63
CA THR J 103 25.51 27.28 -37.67
C THR J 103 26.42 27.37 -38.87
N GLY J 104 26.87 26.24 -39.41
CA GLY J 104 27.74 26.25 -40.57
C GLY J 104 29.22 26.06 -40.23
N GLY K 1 51.09 -6.00 -15.52
CA GLY K 1 50.09 -6.21 -14.50
C GLY K 1 48.75 -6.61 -15.11
N SER K 2 47.84 -7.03 -14.27
CA SER K 2 46.51 -7.43 -14.68
C SER K 2 45.52 -6.94 -13.67
N VAL K 3 44.32 -7.44 -13.71
CA VAL K 3 43.32 -6.97 -12.76
C VAL K 3 42.70 -8.09 -11.99
N ARG K 4 42.68 -7.93 -10.69
CA ARG K 4 42.06 -8.92 -9.86
C ARG K 4 41.04 -8.28 -8.98
N GLY K 5 39.87 -8.86 -8.89
CA GLY K 5 38.93 -8.28 -7.97
C GLY K 5 39.21 -8.75 -6.56
N ILE K 6 38.87 -7.94 -5.59
CA ILE K 6 39.00 -8.29 -4.18
C ILE K 6 37.63 -8.19 -3.59
N ARG K 7 37.17 -9.19 -2.89
CA ARG K 7 35.85 -9.09 -2.31
C ARG K 7 35.83 -9.17 -0.83
N GLY K 8 34.84 -8.52 -0.28
CA GLY K 8 34.60 -8.72 1.12
C GLY K 8 33.23 -8.26 1.53
N ALA K 9 32.88 -8.57 2.75
CA ALA K 9 31.57 -8.21 3.25
C ALA K 9 31.56 -8.08 4.74
N ILE K 10 30.69 -7.23 5.23
CA ILE K 10 30.49 -7.01 6.65
C ILE K 10 29.05 -6.78 6.97
N THR K 11 28.62 -7.19 8.13
CA THR K 11 27.25 -6.91 8.52
C THR K 11 27.19 -5.89 9.62
N VAL K 12 26.04 -5.23 9.72
CA VAL K 12 25.82 -4.30 10.80
C VAL K 12 24.56 -4.68 11.52
N GLU K 13 24.37 -4.19 12.74
CA GLU K 13 23.16 -4.54 13.46
C GLU K 13 22.00 -3.60 13.23
N GLU K 14 22.26 -2.38 12.82
CA GLU K 14 21.18 -1.46 12.59
C GLU K 14 21.48 -0.45 11.51
N ASP K 15 20.45 0.13 10.93
CA ASP K 15 20.63 1.12 9.88
C ASP K 15 20.84 2.51 10.46
N THR K 16 21.98 2.70 11.05
CA THR K 16 22.41 3.94 11.66
C THR K 16 23.61 4.42 10.89
N PRO K 17 23.66 5.66 10.38
CA PRO K 17 24.75 6.17 9.61
C PRO K 17 26.09 5.93 10.24
N ALA K 18 26.18 6.07 11.55
CA ALA K 18 27.47 5.83 12.16
C ALA K 18 27.90 4.40 12.03
N ALA K 19 26.95 3.46 12.10
CA ALA K 19 27.29 2.07 12.05
C ALA K 19 27.70 1.69 10.67
N ILE K 20 27.05 2.29 9.69
CA ILE K 20 27.36 1.98 8.33
C ILE K 20 28.73 2.48 7.99
N LEU K 21 29.02 3.70 8.39
CA LEU K 21 30.30 4.24 8.08
C LEU K 21 31.38 3.52 8.82
N ALA K 22 31.15 3.20 10.08
CA ALA K 22 32.19 2.53 10.82
C ALA K 22 32.46 1.16 10.26
N ALA K 23 31.41 0.44 9.89
CA ALA K 23 31.57 -0.88 9.35
C ALA K 23 32.25 -0.83 8.02
N THR K 24 31.95 0.17 7.22
CA THR K 24 32.55 0.26 5.93
C THR K 24 34.03 0.49 6.09
N ILE K 25 34.42 1.34 7.03
CA ILE K 25 35.83 1.56 7.21
C ILE K 25 36.50 0.30 7.64
N GLU K 26 35.93 -0.40 8.60
CA GLU K 26 36.58 -1.62 9.04
C GLU K 26 36.79 -2.56 7.90
N LEU K 27 35.79 -2.74 7.06
CA LEU K 27 35.95 -3.67 5.98
C LEU K 27 36.96 -3.20 4.96
N LEU K 28 36.93 -1.94 4.58
CA LEU K 28 37.86 -1.52 3.55
C LEU K 28 39.27 -1.61 4.03
N LEU K 29 39.52 -1.23 5.27
CA LEU K 29 40.88 -1.29 5.70
C LEU K 29 41.34 -2.71 5.83
N LYS K 30 40.46 -3.59 6.27
CA LYS K 30 40.88 -4.96 6.43
C LYS K 30 41.20 -5.58 5.08
N MET K 31 40.42 -5.28 4.04
CA MET K 31 40.69 -5.82 2.72
C MET K 31 42.04 -5.37 2.23
N LEU K 32 42.34 -4.10 2.42
CA LEU K 32 43.59 -3.59 1.96
C LEU K 32 44.74 -4.19 2.74
N GLU K 33 44.58 -4.38 4.04
CA GLU K 33 45.68 -4.97 4.77
C GLU K 33 45.90 -6.40 4.37
N ALA K 34 44.81 -7.14 4.14
CA ALA K 34 44.94 -8.53 3.82
C ALA K 34 45.76 -8.75 2.59
N ASN K 35 45.60 -7.87 1.62
CA ASN K 35 46.31 -7.99 0.38
C ASN K 35 47.56 -7.15 0.28
N GLY K 36 47.97 -6.52 1.37
CA GLY K 36 49.20 -5.74 1.35
C GLY K 36 49.12 -4.46 0.54
N ILE K 37 47.97 -3.84 0.46
CA ILE K 37 47.89 -2.65 -0.35
C ILE K 37 48.19 -1.43 0.46
N GLN K 38 49.30 -0.80 0.14
CA GLN K 38 49.77 0.36 0.89
C GLN K 38 49.40 1.68 0.24
N SER K 39 48.77 1.59 -0.90
CA SER K 39 48.41 2.77 -1.66
C SER K 39 47.16 2.58 -2.45
N TYR K 40 46.41 3.63 -2.59
CA TYR K 40 45.16 3.56 -3.29
C TYR K 40 45.36 3.73 -4.77
N GLU K 41 46.58 3.97 -5.16
CA GLU K 41 46.95 4.16 -6.54
C GLU K 41 46.80 2.88 -7.31
N GLU K 42 46.75 1.76 -6.62
CA GLU K 42 46.63 0.49 -7.29
C GLU K 42 45.18 0.12 -7.54
N LEU K 43 44.23 0.90 -7.04
CA LEU K 43 42.85 0.52 -7.21
C LEU K 43 42.23 1.22 -8.39
N ALA K 44 41.72 0.41 -9.31
CA ALA K 44 41.10 0.94 -10.49
C ALA K 44 39.77 1.53 -10.15
N ALA K 45 39.06 0.83 -9.27
CA ALA K 45 37.73 1.24 -8.84
C ALA K 45 37.24 0.44 -7.66
N VAL K 46 36.29 0.99 -6.91
CA VAL K 46 35.61 0.22 -5.89
C VAL K 46 34.11 0.27 -6.03
N ILE K 47 33.46 -0.88 -6.01
CA ILE K 47 32.01 -0.95 -6.11
C ILE K 47 31.39 -1.47 -4.82
N PHE K 48 30.48 -0.70 -4.26
CA PHE K 48 29.84 -1.10 -3.02
C PHE K 48 28.43 -1.51 -3.26
N THR K 49 27.97 -2.55 -2.63
CA THR K 49 26.55 -2.83 -2.74
C THR K 49 25.97 -3.05 -1.38
N VAL K 50 24.72 -2.71 -1.24
CA VAL K 50 24.08 -2.99 0.03
C VAL K 50 22.74 -3.63 -0.10
N THR K 51 22.34 -4.28 0.96
CA THR K 51 21.04 -4.87 1.02
C THR K 51 19.96 -3.81 1.16
N GLU K 52 18.74 -4.21 0.91
CA GLU K 52 17.60 -3.32 0.86
C GLU K 52 17.24 -2.63 2.15
N ASP K 53 17.73 -3.13 3.25
CA ASP K 53 17.47 -2.62 4.56
C ASP K 53 18.48 -1.63 5.10
N LEU K 54 19.47 -1.22 4.31
CA LEU K 54 20.40 -0.20 4.77
C LEU K 54 20.30 1.02 3.90
N THR K 55 19.54 2.02 4.33
CA THR K 55 19.36 3.19 3.52
C THR K 55 19.77 4.49 4.21
N SER K 56 20.31 4.45 5.43
CA SER K 56 20.62 5.71 6.08
C SER K 56 21.91 6.41 5.66
N ALA K 57 22.79 5.72 4.94
CA ALA K 57 24.06 6.29 4.56
C ALA K 57 24.65 5.60 3.36
N PHE K 58 25.58 6.25 2.69
CA PHE K 58 26.26 5.63 1.58
C PHE K 58 27.64 5.14 2.00
N PRO K 59 27.96 3.85 1.93
CA PRO K 59 29.25 3.31 2.28
C PRO K 59 30.40 4.02 1.57
N ALA K 60 30.14 4.51 0.38
CA ALA K 60 31.16 5.21 -0.38
C ALA K 60 31.66 6.41 0.38
N GLU K 61 30.86 7.02 1.24
CA GLU K 61 31.32 8.18 1.97
C GLU K 61 32.44 7.79 2.90
N ALA K 62 32.39 6.58 3.47
CA ALA K 62 33.40 6.14 4.40
C ALA K 62 34.73 6.05 3.71
N ALA K 63 34.70 5.68 2.46
CA ALA K 63 35.92 5.55 1.71
C ALA K 63 36.70 6.85 1.68
N ARG K 64 36.03 8.00 1.76
CA ARG K 64 36.76 9.24 1.71
C ARG K 64 37.25 9.67 3.08
N LEU K 65 36.88 8.92 4.11
CA LEU K 65 37.31 9.25 5.45
C LEU K 65 38.66 8.62 5.64
N ILE K 66 38.92 7.56 4.86
CA ILE K 66 40.22 6.90 4.95
C ILE K 66 41.12 7.32 3.81
N GLY K 67 40.74 8.38 3.13
CA GLY K 67 41.55 8.99 2.09
C GLY K 67 41.44 8.50 0.65
N MET K 68 40.44 7.70 0.29
CA MET K 68 40.37 7.23 -1.07
C MET K 68 39.69 8.27 -1.95
N HIS K 69 40.30 9.43 -2.04
CA HIS K 69 39.68 10.54 -2.72
C HIS K 69 39.75 10.43 -4.20
N ARG K 70 40.74 9.73 -4.70
CA ARG K 70 40.88 9.61 -6.12
C ARG K 70 40.48 8.26 -6.62
N VAL K 71 39.89 7.43 -5.79
CA VAL K 71 39.52 6.13 -6.24
C VAL K 71 38.10 6.23 -6.71
N PRO K 72 37.74 5.88 -7.94
CA PRO K 72 36.39 5.94 -8.40
C PRO K 72 35.51 5.09 -7.53
N LEU K 73 34.42 5.63 -7.02
CA LEU K 73 33.55 4.84 -6.17
C LEU K 73 32.16 4.81 -6.71
N LEU K 74 31.63 3.62 -6.89
CA LEU K 74 30.28 3.43 -7.40
C LEU K 74 29.49 2.61 -6.43
N SER K 75 28.18 2.82 -6.31
CA SER K 75 27.43 1.94 -5.44
C SER K 75 26.10 1.53 -6.04
N ALA K 76 25.58 0.40 -5.57
CA ALA K 76 24.31 -0.14 -6.08
C ALA K 76 23.55 -0.92 -5.03
N ARG K 77 22.27 -1.11 -5.27
CA ARG K 77 21.45 -1.85 -4.34
C ARG K 77 21.34 -3.30 -4.77
N GLU K 78 21.39 -4.21 -3.80
CA GLU K 78 21.32 -5.67 -3.99
C GLU K 78 19.94 -6.25 -4.16
N VAL K 79 19.91 -7.43 -4.74
CA VAL K 79 18.70 -8.18 -4.97
C VAL K 79 18.17 -8.77 -3.65
N PRO K 80 16.94 -8.50 -3.25
CA PRO K 80 16.32 -8.93 -2.01
C PRO K 80 15.85 -10.37 -2.02
N VAL K 81 16.77 -11.29 -2.09
CA VAL K 81 16.38 -12.69 -2.09
C VAL K 81 15.96 -13.08 -0.68
N PRO K 82 14.76 -13.63 -0.45
CA PRO K 82 14.27 -14.02 0.85
C PRO K 82 15.21 -15.00 1.46
N GLY K 83 15.45 -14.86 2.74
CA GLY K 83 16.33 -15.78 3.43
C GLY K 83 17.78 -15.34 3.42
N SER K 84 18.10 -14.27 2.70
CA SER K 84 19.46 -13.81 2.65
C SER K 84 19.85 -13.18 3.96
N LEU K 85 21.14 -13.04 4.17
CA LEU K 85 21.65 -12.41 5.36
C LEU K 85 21.29 -10.92 5.29
N PRO K 86 20.61 -10.34 6.29
CA PRO K 86 20.19 -8.95 6.36
C PRO K 86 21.32 -8.01 6.68
N ARG K 87 21.13 -6.74 6.37
CA ARG K 87 22.07 -5.68 6.71
C ARG K 87 23.49 -5.95 6.31
N VAL K 88 23.70 -6.29 5.05
CA VAL K 88 25.03 -6.63 4.58
C VAL K 88 25.58 -5.59 3.63
N ILE K 89 26.83 -5.23 3.86
CA ILE K 89 27.55 -4.32 3.00
C ILE K 89 28.59 -5.16 2.27
N ARG K 90 28.58 -5.15 0.96
CA ARG K 90 29.54 -5.93 0.19
C ARG K 90 30.39 -5.03 -0.65
N VAL K 91 31.66 -5.36 -0.76
CA VAL K 91 32.56 -4.57 -1.56
C VAL K 91 33.36 -5.36 -2.55
N LEU K 92 33.40 -4.87 -3.78
CA LEU K 92 34.27 -5.41 -4.82
C LEU K 92 35.29 -4.38 -5.22
N ALA K 93 36.55 -4.67 -5.04
CA ALA K 93 37.54 -3.69 -5.45
C ALA K 93 38.27 -4.23 -6.63
N LEU K 94 38.61 -3.38 -7.57
CA LEU K 94 39.39 -3.83 -8.71
C LEU K 94 40.79 -3.34 -8.58
N TRP K 95 41.68 -4.29 -8.38
CA TRP K 95 43.08 -4.09 -8.06
C TRP K 95 44.06 -4.34 -9.20
N ASN K 96 44.83 -3.34 -9.56
CA ASN K 96 45.77 -3.46 -10.65
C ASN K 96 47.07 -4.08 -10.22
N THR K 97 47.05 -5.38 -10.06
CA THR K 97 48.16 -6.15 -9.56
C THR K 97 48.64 -7.24 -10.46
N ASP K 98 49.74 -7.87 -10.08
CA ASP K 98 50.27 -9.02 -10.75
C ASP K 98 50.12 -10.28 -9.91
N THR K 99 49.36 -10.14 -8.83
CA THR K 99 49.05 -11.20 -7.92
C THR K 99 48.17 -12.22 -8.64
N PRO K 100 48.45 -13.52 -8.56
CA PRO K 100 47.66 -14.61 -9.10
C PRO K 100 46.30 -14.61 -8.48
N GLN K 101 45.32 -15.15 -9.17
CA GLN K 101 43.97 -15.14 -8.66
C GLN K 101 43.86 -15.82 -7.31
N ASP K 102 44.60 -16.87 -7.10
CA ASP K 102 44.47 -17.62 -5.89
C ASP K 102 45.31 -17.13 -4.75
N ARG K 103 45.93 -15.99 -4.94
CA ARG K 103 46.71 -15.40 -3.90
C ARG K 103 46.06 -14.12 -3.42
N VAL K 104 44.85 -13.84 -3.91
CA VAL K 104 44.15 -12.67 -3.48
C VAL K 104 43.28 -13.07 -2.33
N ARG K 105 43.35 -12.33 -1.24
CA ARG K 105 42.59 -12.66 -0.07
C ARG K 105 41.32 -11.90 -0.02
N HIS K 106 40.28 -12.53 0.49
CA HIS K 106 38.98 -11.92 0.59
C HIS K 106 38.61 -11.81 2.04
N VAL K 107 37.81 -10.82 2.37
CA VAL K 107 37.48 -10.59 3.77
C VAL K 107 36.03 -10.63 4.15
N TYR K 108 35.69 -11.48 5.09
CA TYR K 108 34.32 -11.58 5.55
C TYR K 108 34.29 -11.35 7.04
N LEU K 109 33.54 -10.36 7.44
CA LEU K 109 33.45 -9.97 8.84
C LEU K 109 32.09 -10.11 9.45
N ASN K 110 32.07 -10.26 10.75
CA ASN K 110 30.86 -10.37 11.54
C ASN K 110 30.00 -11.52 11.06
N GLU K 111 28.76 -11.28 10.67
CA GLU K 111 27.96 -12.43 10.31
C GLU K 111 28.14 -12.81 8.88
N ALA K 112 28.95 -12.05 8.16
CA ALA K 112 29.18 -12.30 6.76
C ALA K 112 30.08 -13.47 6.60
N VAL K 113 30.64 -13.95 7.68
CA VAL K 113 31.50 -15.09 7.53
C VAL K 113 30.71 -16.28 7.06
N ARG K 114 29.41 -16.34 7.33
CA ARG K 114 28.66 -17.50 6.92
C ARG K 114 28.50 -17.59 5.42
N LEU K 115 28.75 -16.51 4.71
CA LEU K 115 28.58 -16.51 3.28
C LEU K 115 29.90 -16.56 2.55
N ARG K 116 30.98 -16.80 3.28
CA ARG K 116 32.29 -16.91 2.69
C ARG K 116 32.33 -18.15 1.80
N PRO K 117 32.88 -18.08 0.59
CA PRO K 117 32.97 -19.16 -0.35
C PRO K 117 34.06 -20.15 -0.02
N ASP K 118 33.87 -20.90 1.04
CA ASP K 118 34.87 -21.85 1.49
C ASP K 118 34.22 -23.22 1.62
N GLY L 1 45.28 6.80 38.71
CA GLY L 1 45.82 6.06 37.58
C GLY L 1 45.94 6.96 36.37
N GLY L 2 45.06 7.94 36.32
CA GLY L 2 45.04 8.91 35.24
C GLY L 2 44.13 8.54 34.09
N GLU L 3 43.31 7.52 34.23
CA GLU L 3 42.41 7.17 33.16
C GLU L 3 41.30 8.22 33.13
N GLU L 4 40.87 8.60 31.92
CA GLU L 4 39.81 9.61 31.76
C GLU L 4 38.79 9.33 30.67
N VAL L 5 37.60 9.90 30.84
CA VAL L 5 36.58 9.82 29.81
C VAL L 5 36.40 11.19 29.21
N VAL L 6 36.63 11.30 27.93
CA VAL L 6 36.54 12.59 27.28
C VAL L 6 35.28 12.72 26.49
N LEU L 7 34.58 13.80 26.69
CA LEU L 7 33.37 14.05 25.97
C LEU L 7 33.64 15.00 24.85
N ILE L 8 33.39 14.55 23.62
CA ILE L 8 33.59 15.41 22.47
C ILE L 8 32.27 15.50 21.75
N THR L 9 31.84 16.70 21.47
CA THR L 9 30.57 16.84 20.78
C THR L 9 30.77 17.11 19.31
N VAL L 10 30.13 16.34 18.44
CA VAL L 10 30.33 16.50 17.01
C VAL L 10 29.03 16.72 16.25
N PRO L 11 29.03 17.48 15.15
CA PRO L 11 27.88 17.78 14.35
C PRO L 11 27.26 16.71 13.47
N SER L 12 28.00 15.67 13.11
CA SER L 12 27.46 14.70 12.18
C SER L 12 28.12 13.37 12.30
N ALA L 13 27.50 12.34 11.72
CA ALA L 13 28.08 11.01 11.76
C ALA L 13 29.41 10.95 11.05
N LEU L 14 29.60 11.71 9.98
CA LEU L 14 30.88 11.62 9.31
C LEU L 14 31.96 12.14 10.20
N VAL L 15 31.69 13.21 10.91
CA VAL L 15 32.69 13.73 11.80
C VAL L 15 32.88 12.76 12.95
N ALA L 16 31.80 12.23 13.49
CA ALA L 16 31.92 11.33 14.61
C ALA L 16 32.77 10.15 14.31
N VAL L 17 32.60 9.58 13.14
CA VAL L 17 33.35 8.42 12.77
C VAL L 17 34.76 8.81 12.44
N LYS L 18 34.95 9.89 11.71
CA LYS L 18 36.28 10.30 11.34
C LYS L 18 37.14 10.52 12.56
N ILE L 19 36.61 11.21 13.57
CA ILE L 19 37.39 11.45 14.75
C ILE L 19 37.55 10.21 15.55
N ALA L 20 36.48 9.47 15.77
CA ALA L 20 36.61 8.29 16.57
C ALA L 20 37.58 7.32 15.99
N HIS L 21 37.59 7.19 14.67
CA HIS L 21 38.48 6.27 14.08
C HIS L 21 39.87 6.77 14.22
N ALA L 22 40.12 8.04 13.96
CA ALA L 22 41.47 8.53 14.07
C ALA L 22 42.02 8.39 15.48
N LEU L 23 41.21 8.64 16.49
CA LEU L 23 41.78 8.55 17.80
C LEU L 23 42.12 7.14 18.16
N VAL L 24 41.29 6.19 17.79
CA VAL L 24 41.63 4.84 18.16
C VAL L 24 42.80 4.35 17.33
N GLU L 25 42.77 4.60 16.04
CA GLU L 25 43.82 4.12 15.15
C GLU L 25 45.19 4.63 15.53
N GLU L 26 45.26 5.86 15.98
CA GLU L 26 46.50 6.51 16.35
C GLU L 26 46.90 6.28 17.80
N ARG L 27 46.15 5.46 18.51
CA ARG L 27 46.38 5.18 19.91
C ARG L 27 46.30 6.38 20.82
N LEU L 28 45.34 7.26 20.57
CA LEU L 28 45.09 8.36 21.46
C LEU L 28 43.91 7.98 22.35
N ALA L 29 43.31 6.86 22.02
CA ALA L 29 42.15 6.33 22.70
C ALA L 29 42.14 4.84 22.57
N ALA L 30 41.60 4.17 23.56
CA ALA L 30 41.47 2.74 23.41
C ALA L 30 40.09 2.39 22.90
N CYS L 31 39.13 3.23 23.25
CA CYS L 31 37.74 2.99 22.91
C CYS L 31 36.90 4.23 22.77
N VAL L 32 36.13 4.35 21.71
CA VAL L 32 35.24 5.48 21.56
C VAL L 32 33.80 5.08 21.35
N ASN L 33 32.92 5.59 22.19
CA ASN L 33 31.51 5.32 22.02
C ASN L 33 30.79 6.48 21.41
N ILE L 34 29.99 6.22 20.40
CA ILE L 34 29.26 7.27 19.75
C ILE L 34 27.80 7.20 20.14
N VAL L 35 27.29 8.27 20.72
CA VAL L 35 25.90 8.35 21.13
C VAL L 35 25.18 9.30 20.18
N PRO L 36 24.34 8.82 19.28
CA PRO L 36 23.64 9.57 18.26
C PRO L 36 22.43 10.26 18.77
N GLY L 37 21.88 11.17 17.97
CA GLY L 37 20.55 11.71 18.22
C GLY L 37 20.40 12.76 19.28
N LEU L 38 21.42 13.55 19.55
CA LEU L 38 21.28 14.54 20.58
C LEU L 38 20.59 15.76 20.08
N THR L 39 20.01 16.50 21.01
CA THR L 39 19.48 17.81 20.69
C THR L 39 20.28 18.77 21.54
N SER L 40 20.83 19.77 20.91
CA SER L 40 21.71 20.68 21.63
C SER L 40 21.23 22.09 21.71
N ILE L 41 21.05 22.59 22.93
CA ILE L 41 20.61 23.96 23.14
C ILE L 41 21.75 24.72 23.75
N TYR L 42 22.18 25.77 23.11
CA TYR L 42 23.33 26.46 23.67
C TYR L 42 23.36 27.91 23.35
N ARG L 43 24.15 28.64 24.10
CA ARG L 43 24.19 30.04 23.81
C ARG L 43 25.17 30.29 22.69
N GLU L 44 24.77 31.07 21.72
CA GLU L 44 25.61 31.39 20.60
C GLU L 44 25.51 32.88 20.36
N GLU L 45 26.65 33.54 20.25
CA GLU L 45 26.61 34.98 20.08
C GLU L 45 25.72 35.57 21.15
N GLY L 46 24.65 36.24 20.76
CA GLY L 46 23.76 36.88 21.72
C GLY L 46 22.48 36.14 22.04
N SER L 47 22.31 34.91 21.55
CA SER L 47 21.06 34.24 21.78
C SER L 47 21.15 32.75 22.01
N VAL L 48 19.99 32.14 22.16
CA VAL L 48 19.97 30.73 22.42
C VAL L 48 19.48 30.02 21.20
N VAL L 49 20.28 29.10 20.72
CA VAL L 49 19.99 28.40 19.49
C VAL L 49 20.05 26.93 19.67
N SER L 50 19.48 26.19 18.73
CA SER L 50 19.63 24.75 18.81
C SER L 50 20.37 24.16 17.63
N ASP L 51 20.88 22.95 17.84
CA ASP L 51 21.57 22.16 16.83
C ASP L 51 21.28 20.69 17.05
N HIS L 52 21.83 19.83 16.20
CA HIS L 52 21.61 18.40 16.36
C HIS L 52 22.67 17.75 17.24
N GLU L 53 23.81 17.42 16.67
CA GLU L 53 24.95 16.82 17.35
C GLU L 53 24.85 15.35 17.77
N LEU L 54 26.03 14.75 17.90
CA LEU L 54 26.29 13.41 18.42
C LEU L 54 27.33 13.55 19.51
N LEU L 55 27.35 12.64 20.46
CA LEU L 55 28.35 12.68 21.49
C LEU L 55 29.36 11.56 21.46
N LEU L 56 30.63 11.88 21.53
CA LEU L 56 31.64 10.86 21.58
C LEU L 56 32.14 10.70 23.00
N LEU L 57 32.21 9.48 23.48
CA LEU L 57 32.78 9.21 24.79
C LEU L 57 34.09 8.52 24.57
N VAL L 58 35.17 9.18 24.86
CA VAL L 58 36.45 8.63 24.55
C VAL L 58 37.16 8.14 25.77
N LYS L 59 37.54 6.88 25.76
CA LYS L 59 38.22 6.29 26.88
C LYS L 59 39.69 6.32 26.55
N THR L 60 40.37 7.21 27.25
CA THR L 60 41.75 7.58 27.08
C THR L 60 42.40 7.81 28.42
N THR L 61 43.58 8.39 28.41
CA THR L 61 44.33 8.67 29.62
C THR L 61 44.73 10.12 29.63
N THR L 62 45.09 10.64 30.79
CA THR L 62 45.48 12.04 30.87
C THR L 62 46.76 12.35 30.12
N ASP L 63 47.71 11.43 30.06
CA ASP L 63 48.94 11.80 29.40
C ASP L 63 48.81 11.94 27.91
N ALA L 64 47.82 11.31 27.32
CA ALA L 64 47.61 11.43 25.90
C ALA L 64 46.67 12.55 25.57
N PHE L 65 46.14 13.19 26.59
CA PHE L 65 45.14 14.18 26.35
C PHE L 65 45.67 15.33 25.52
N PRO L 66 46.83 15.94 25.81
CA PRO L 66 47.34 17.01 25.01
C PRO L 66 47.41 16.69 23.52
N LYS L 67 47.71 15.43 23.18
CA LYS L 67 47.78 15.04 21.79
C LYS L 67 46.40 14.94 21.22
N LEU L 68 45.48 14.42 22.02
CA LEU L 68 44.12 14.30 21.61
C LEU L 68 43.58 15.65 21.32
N LYS L 69 43.81 16.61 22.20
CA LYS L 69 43.26 17.91 21.91
C LYS L 69 43.74 18.43 20.59
N GLU L 70 45.02 18.26 20.28
CA GLU L 70 45.46 18.79 19.01
C GLU L 70 44.88 18.05 17.85
N ARG L 71 44.78 16.74 17.95
CA ARG L 71 44.27 15.99 16.81
C ARG L 71 42.81 16.29 16.57
N VAL L 72 42.05 16.45 17.63
CA VAL L 72 40.66 16.74 17.46
C VAL L 72 40.52 18.11 16.87
N LYS L 73 41.26 19.09 17.34
CA LYS L 73 41.13 20.41 16.74
C LYS L 73 41.39 20.37 15.24
N GLU L 74 42.35 19.57 14.80
CA GLU L 74 42.63 19.46 13.37
C GLU L 74 41.49 18.86 12.57
N LEU L 75 40.78 17.89 13.15
CA LEU L 75 39.71 17.21 12.42
C LEU L 75 38.32 17.83 12.57
N HIS L 76 38.06 18.40 13.74
CA HIS L 76 36.73 18.92 14.11
C HIS L 76 36.49 20.27 13.43
N PRO L 77 35.33 20.47 12.70
CA PRO L 77 35.01 21.69 11.98
C PRO L 77 34.47 22.85 12.80
N TYR L 78 35.17 23.21 13.86
CA TYR L 78 34.80 24.33 14.72
C TYR L 78 35.97 25.13 15.19
N GLU L 79 35.73 26.40 15.44
CA GLU L 79 36.75 27.23 16.04
C GLU L 79 37.04 26.78 17.44
N VAL L 80 35.99 26.39 18.15
CA VAL L 80 36.10 25.95 19.51
C VAL L 80 35.40 24.63 19.71
N PRO L 81 36.08 23.51 19.56
CA PRO L 81 35.59 22.20 19.79
C PRO L 81 35.24 22.08 21.24
N GLU L 82 34.25 21.29 21.54
CA GLU L 82 33.87 21.02 22.90
C GLU L 82 34.51 19.75 23.37
N ILE L 83 35.65 19.87 24.04
CA ILE L 83 36.39 18.70 24.50
C ILE L 83 36.60 18.78 25.99
N VAL L 84 35.93 17.94 26.75
CA VAL L 84 36.16 18.00 28.20
C VAL L 84 36.44 16.62 28.77
N ALA L 85 37.35 16.54 29.70
CA ALA L 85 37.69 15.28 30.34
C ALA L 85 37.13 15.15 31.73
N LEU L 86 36.46 14.03 31.98
CA LEU L 86 35.96 13.70 33.29
C LEU L 86 36.87 12.62 33.84
N PRO L 87 37.31 12.66 35.09
CA PRO L 87 38.21 11.69 35.66
C PRO L 87 37.54 10.38 35.98
N ILE L 88 38.30 9.29 35.98
CA ILE L 88 37.79 8.02 36.47
C ILE L 88 38.31 7.79 37.86
N ALA L 89 37.38 7.60 38.79
CA ALA L 89 37.73 7.41 40.18
C ALA L 89 38.24 6.02 40.44
N GLU L 90 37.56 5.06 39.85
CA GLU L 90 37.94 3.66 40.02
C GLU L 90 37.32 2.80 38.96
N GLY L 91 37.74 1.56 38.84
CA GLY L 91 37.10 0.70 37.84
C GLY L 91 37.64 -0.71 37.81
N ASN L 92 37.15 -1.46 36.83
CA ASN L 92 37.56 -2.83 36.64
C ASN L 92 39.04 -2.80 36.37
N ARG L 93 39.80 -3.55 37.15
CA ARG L 93 41.23 -3.46 37.00
C ARG L 93 41.73 -3.91 35.67
N GLU L 94 41.19 -5.00 35.16
CA GLU L 94 41.67 -5.48 33.88
C GLU L 94 41.36 -4.48 32.81
N TYR L 95 40.20 -3.86 32.89
CA TYR L 95 39.84 -2.87 31.91
C TYR L 95 40.78 -1.70 31.95
N LEU L 96 41.07 -1.19 33.12
CA LEU L 96 41.94 -0.04 33.20
C LEU L 96 43.33 -0.41 32.70
N ASP L 97 43.79 -1.63 32.99
CA ASP L 97 45.11 -2.00 32.51
C ASP L 97 45.09 -2.03 30.99
N TRP L 98 43.99 -2.51 30.45
CA TRP L 98 43.78 -2.59 29.02
C TRP L 98 43.83 -1.22 28.38
N LEU L 99 43.17 -0.22 28.99
CA LEU L 99 43.21 1.09 28.39
C LEU L 99 44.61 1.60 28.32
N ARG L 100 45.38 1.36 29.36
CA ARG L 100 46.73 1.87 29.32
C ARG L 100 47.54 1.12 28.26
N GLU L 101 47.35 -0.18 28.13
CA GLU L 101 48.11 -0.94 27.15
C GLU L 101 47.85 -0.47 25.74
N ASN L 102 46.62 -0.09 25.46
CA ASN L 102 46.22 0.35 24.15
C ASN L 102 46.27 1.84 23.91
N THR L 103 46.80 2.62 24.84
CA THR L 103 46.84 4.05 24.64
C THR L 103 48.28 4.51 24.71
N GLY L 104 48.74 5.26 23.72
CA GLY L 104 50.12 5.75 23.75
C GLY L 104 51.07 4.96 22.86
N GLY M 1 -32.58 -12.29 -40.88
CA GLY M 1 -31.24 -11.95 -40.43
C GLY M 1 -30.91 -12.64 -39.12
N SER M 2 -29.65 -12.57 -38.75
CA SER M 2 -29.17 -13.15 -37.53
C SER M 2 -28.17 -12.21 -36.90
N VAL M 3 -27.41 -12.70 -35.94
CA VAL M 3 -26.45 -11.81 -35.30
C VAL M 3 -25.06 -12.36 -35.35
N ARG M 4 -24.14 -11.53 -35.78
CA ARG M 4 -22.76 -11.94 -35.81
C ARG M 4 -21.94 -10.94 -35.07
N GLY M 5 -21.05 -11.41 -34.23
CA GLY M 5 -20.18 -10.45 -33.58
C GLY M 5 -19.04 -10.10 -34.51
N ILE M 6 -18.52 -8.89 -34.36
CA ILE M 6 -17.37 -8.43 -35.10
C ILE M 6 -16.33 -8.07 -34.08
N ARG M 7 -15.11 -8.55 -34.21
CA ARG M 7 -14.11 -8.19 -33.24
C ARG M 7 -12.96 -7.46 -33.81
N GLY M 8 -12.38 -6.64 -32.97
CA GLY M 8 -11.12 -6.06 -33.34
C GLY M 8 -10.39 -5.48 -32.17
N ALA M 9 -9.16 -5.11 -32.40
CA ALA M 9 -8.35 -4.56 -31.35
C ALA M 9 -7.27 -3.65 -31.87
N ILE M 10 -6.90 -2.70 -31.06
CA ILE M 10 -5.84 -1.77 -31.38
C ILE M 10 -5.04 -1.43 -30.16
N THR M 11 -3.77 -1.15 -30.33
CA THR M 11 -2.98 -0.74 -29.19
C THR M 11 -2.59 0.70 -29.28
N VAL M 12 -2.28 1.28 -28.14
CA VAL M 12 -1.79 2.65 -28.10
C VAL M 12 -0.50 2.69 -27.36
N GLU M 13 0.28 3.75 -27.53
CA GLU M 13 1.56 3.81 -26.83
C GLU M 13 1.48 4.46 -25.46
N GLU M 14 0.48 5.27 -25.22
CA GLU M 14 0.39 5.91 -23.93
C GLU M 14 -1.05 6.20 -23.53
N ASP M 15 -1.28 6.36 -22.24
CA ASP M 15 -2.60 6.64 -21.74
C ASP M 15 -2.90 8.13 -21.77
N THR M 16 -3.08 8.62 -22.96
CA THR M 16 -3.40 10.01 -23.24
C THR M 16 -4.76 10.03 -23.89
N PRO M 17 -5.74 10.81 -23.42
CA PRO M 17 -7.07 10.86 -23.95
C PRO M 17 -7.10 11.01 -25.44
N ALA M 18 -6.22 11.82 -25.99
CA ALA M 18 -6.24 11.98 -27.42
C ALA M 18 -5.87 10.71 -28.13
N ALA M 19 -4.95 9.94 -27.57
CA ALA M 19 -4.49 8.73 -28.22
C ALA M 19 -5.55 7.69 -28.15
N ILE M 20 -6.26 7.66 -27.04
CA ILE M 20 -7.30 6.67 -26.88
C ILE M 20 -8.41 6.95 -27.83
N LEU M 21 -8.82 8.20 -27.92
CA LEU M 21 -9.90 8.52 -28.79
C LEU M 21 -9.50 8.32 -30.22
N ALA M 22 -8.29 8.73 -30.59
CA ALA M 22 -7.91 8.57 -31.96
C ALA M 22 -7.82 7.12 -32.34
N ALA M 23 -7.28 6.29 -31.47
CA ALA M 23 -7.16 4.89 -31.74
C ALA M 23 -8.49 4.23 -31.83
N THR M 24 -9.41 4.65 -30.99
CA THR M 24 -10.71 4.05 -31.01
C THR M 24 -11.37 4.36 -32.31
N ILE M 25 -11.25 5.59 -32.80
CA ILE M 25 -11.87 5.90 -34.06
C ILE M 25 -11.27 5.09 -35.15
N GLU M 26 -9.95 4.98 -35.20
CA GLU M 26 -9.36 4.21 -36.26
C GLU M 26 -9.88 2.80 -36.26
N LEU M 27 -9.97 2.19 -35.10
CA LEU M 27 -10.43 0.83 -35.08
C LEU M 27 -11.87 0.69 -35.45
N LEU M 28 -12.74 1.57 -34.95
CA LEU M 28 -14.13 1.40 -35.28
C LEU M 28 -14.38 1.59 -36.73
N LEU M 29 -13.75 2.58 -37.32
CA LEU M 29 -14.02 2.79 -38.70
C LEU M 29 -13.48 1.67 -39.53
N LYS M 30 -12.33 1.14 -39.17
CA LYS M 30 -11.78 0.08 -39.95
C LYS M 30 -12.64 -1.17 -39.89
N MET M 31 -13.21 -1.48 -38.70
CA MET M 31 -14.08 -2.63 -38.60
C MET M 31 -15.28 -2.49 -39.49
N LEU M 32 -15.87 -1.31 -39.49
CA LEU M 32 -17.04 -1.09 -40.28
C LEU M 32 -16.70 -1.16 -41.75
N GLU M 33 -15.56 -0.63 -42.16
CA GLU M 33 -15.23 -0.72 -43.56
C GLU M 33 -14.98 -2.14 -43.98
N ALA M 34 -14.30 -2.91 -43.14
CA ALA M 34 -13.96 -4.26 -43.50
C ALA M 34 -15.17 -5.08 -43.80
N ASN M 35 -16.24 -4.85 -43.06
CA ASN M 35 -17.44 -5.60 -43.25
C ASN M 35 -18.48 -4.91 -44.10
N GLY M 36 -18.15 -3.79 -44.72
CA GLY M 36 -19.09 -3.12 -45.59
C GLY M 36 -20.26 -2.47 -44.87
N ILE M 37 -20.08 -2.01 -43.66
CA ILE M 37 -21.20 -1.46 -42.96
C ILE M 37 -21.29 0.02 -43.22
N GLN M 38 -22.35 0.42 -43.92
CA GLN M 38 -22.55 1.80 -44.31
C GLN M 38 -23.47 2.56 -43.40
N SER M 39 -24.00 1.87 -42.42
CA SER M 39 -24.96 2.45 -41.50
C SER M 39 -24.89 1.84 -40.14
N TYR M 40 -25.13 2.65 -39.15
CA TYR M 40 -25.04 2.19 -37.79
C TYR M 40 -26.33 1.54 -37.36
N GLU M 41 -27.30 1.56 -38.22
CA GLU M 41 -28.61 0.99 -37.98
C GLU M 41 -28.52 -0.50 -37.88
N GLU M 42 -27.46 -1.08 -38.40
CA GLU M 42 -27.31 -2.51 -38.37
C GLU M 42 -26.66 -2.98 -37.09
N LEU M 43 -26.20 -2.08 -36.24
CA LEU M 43 -25.52 -2.51 -35.04
C LEU M 43 -26.45 -2.58 -33.86
N ALA M 44 -26.54 -3.75 -33.26
CA ALA M 44 -27.38 -3.96 -32.13
C ALA M 44 -26.78 -3.30 -30.93
N ALA M 45 -25.46 -3.44 -30.82
CA ALA M 45 -24.72 -2.88 -29.69
C ALA M 45 -23.23 -2.94 -29.92
N VAL M 46 -22.47 -2.10 -29.22
CA VAL M 46 -21.02 -2.23 -29.21
C VAL M 46 -20.46 -2.28 -27.81
N ILE M 47 -19.61 -3.27 -27.55
CA ILE M 47 -18.99 -3.40 -26.25
C ILE M 47 -17.49 -3.17 -26.33
N PHE M 48 -17.00 -2.24 -25.53
CA PHE M 48 -15.58 -1.93 -25.55
C PHE M 48 -14.92 -2.43 -24.30
N THR M 49 -13.74 -2.98 -24.41
CA THR M 49 -13.04 -3.31 -23.19
C THR M 49 -11.64 -2.79 -23.25
N VAL M 50 -11.11 -2.44 -22.11
CA VAL M 50 -9.73 -2.02 -22.11
C VAL M 50 -8.92 -2.66 -21.03
N THR M 51 -7.62 -2.65 -21.26
CA THR M 51 -6.70 -3.14 -20.28
C THR M 51 -6.60 -2.19 -19.11
N GLU M 52 -6.04 -2.69 -18.03
CA GLU M 52 -5.96 -1.99 -16.77
C GLU M 52 -5.13 -0.73 -16.76
N ASP M 53 -4.30 -0.56 -17.75
CA ASP M 53 -3.42 0.58 -17.88
C ASP M 53 -3.94 1.73 -18.73
N LEU M 54 -5.19 1.66 -19.20
CA LEU M 54 -5.74 2.79 -19.92
C LEU M 54 -6.92 3.36 -19.18
N THR M 55 -6.71 4.41 -18.41
CA THR M 55 -7.78 4.98 -17.63
C THR M 55 -8.04 6.45 -17.92
N SER M 56 -7.37 7.08 -18.87
CA SER M 56 -7.60 8.50 -19.06
C SER M 56 -8.84 8.89 -19.87
N ALA M 57 -9.46 7.94 -20.56
CA ALA M 57 -10.62 8.25 -21.38
C ALA M 57 -11.47 7.03 -21.63
N PHE M 58 -12.72 7.25 -22.01
CA PHE M 58 -13.58 6.15 -22.36
C PHE M 58 -13.66 5.98 -23.87
N PRO M 59 -13.27 4.86 -24.46
CA PRO M 59 -13.35 4.61 -25.89
C PRO M 59 -14.74 4.86 -26.45
N ALA M 60 -15.76 4.63 -25.64
CA ALA M 60 -17.12 4.84 -26.06
C ALA M 60 -17.35 6.29 -26.49
N GLU M 61 -16.60 7.23 -25.94
CA GLU M 61 -16.81 8.61 -26.33
C GLU M 61 -16.44 8.80 -27.78
N ALA M 62 -15.43 8.10 -28.27
CA ALA M 62 -14.99 8.23 -29.64
C ALA M 62 -16.09 7.81 -30.58
N ALA M 63 -16.84 6.84 -30.16
CA ALA M 63 -17.91 6.34 -30.99
C ALA M 63 -18.90 7.45 -31.33
N ARG M 64 -19.06 8.45 -30.47
CA ARG M 64 -20.02 9.48 -30.77
C ARG M 64 -19.42 10.58 -31.61
N LEU M 65 -18.11 10.50 -31.87
CA LEU M 65 -17.45 11.50 -32.68
C LEU M 65 -17.65 11.08 -34.11
N ILE M 66 -17.86 9.79 -34.33
CA ILE M 66 -18.08 9.30 -35.68
C ILE M 66 -19.57 9.07 -35.94
N GLY M 67 -20.39 9.59 -35.06
CA GLY M 67 -21.83 9.58 -35.22
C GLY M 67 -22.63 8.39 -34.71
N MET M 68 -22.07 7.51 -33.89
CA MET M 68 -22.86 6.38 -33.43
C MET M 68 -23.69 6.77 -32.22
N HIS M 69 -24.57 7.73 -32.42
CA HIS M 69 -25.31 8.29 -31.32
C HIS M 69 -26.41 7.40 -30.85
N ARG M 70 -26.92 6.57 -31.72
CA ARG M 70 -28.01 5.71 -31.33
C ARG M 70 -27.58 4.29 -31.12
N VAL M 71 -26.29 4.02 -31.15
CA VAL M 71 -25.86 2.66 -30.99
C VAL M 71 -25.60 2.47 -29.52
N PRO M 72 -26.20 1.52 -28.83
CA PRO M 72 -25.95 1.29 -27.45
C PRO M 72 -24.48 1.02 -27.23
N LEU M 73 -23.84 1.72 -26.30
CA LEU M 73 -22.42 1.50 -26.07
C LEU M 73 -22.19 1.15 -24.63
N LEU M 74 -21.52 0.04 -24.41
CA LEU M 74 -21.20 -0.42 -23.07
C LEU M 74 -19.71 -0.62 -22.96
N SER M 75 -19.12 -0.40 -21.79
CA SER M 75 -17.70 -0.70 -21.69
C SER M 75 -17.35 -1.39 -20.38
N ALA M 76 -16.23 -2.10 -20.39
CA ALA M 76 -15.77 -2.85 -19.22
C ALA M 76 -14.27 -2.97 -19.16
N ARG M 77 -13.77 -3.29 -17.98
CA ARG M 77 -12.35 -3.43 -17.81
C ARG M 77 -11.94 -4.90 -17.92
N GLU M 78 -10.80 -5.15 -18.57
CA GLU M 78 -10.25 -6.48 -18.83
C GLU M 78 -9.47 -7.09 -17.69
N VAL M 79 -9.33 -8.40 -17.75
CA VAL M 79 -8.59 -9.18 -16.79
C VAL M 79 -7.09 -9.00 -16.98
N PRO M 80 -6.34 -8.58 -15.97
CA PRO M 80 -4.92 -8.29 -16.01
C PRO M 80 -4.04 -9.51 -15.96
N VAL M 81 -4.09 -10.32 -16.99
CA VAL M 81 -3.25 -11.51 -17.02
C VAL M 81 -1.81 -11.09 -17.29
N PRO M 82 -0.83 -11.46 -16.44
CA PRO M 82 0.55 -11.11 -16.62
C PRO M 82 1.04 -11.59 -17.94
N GLY M 83 1.82 -10.80 -18.61
CA GLY M 83 2.36 -11.18 -19.90
C GLY M 83 1.48 -10.78 -21.07
N SER M 84 0.30 -10.25 -20.78
CA SER M 84 -0.59 -9.87 -21.86
C SER M 84 -0.07 -8.62 -22.53
N LEU M 85 -0.57 -8.37 -23.73
CA LEU M 85 -0.20 -7.20 -24.47
C LEU M 85 -0.79 -5.98 -23.73
N PRO M 86 0.02 -4.96 -23.35
CA PRO M 86 -0.38 -3.77 -22.63
C PRO M 86 -1.10 -2.78 -23.52
N ARG M 87 -1.84 -1.87 -22.90
CA ARG M 87 -2.49 -0.78 -23.58
C ARG M 87 -3.34 -1.18 -24.76
N VAL M 88 -4.23 -2.15 -24.55
CA VAL M 88 -5.04 -2.65 -25.64
C VAL M 88 -6.50 -2.27 -25.48
N ILE M 89 -7.07 -1.81 -26.59
CA ILE M 89 -8.48 -1.49 -26.66
C ILE M 89 -9.12 -2.55 -27.53
N ARG M 90 -10.11 -3.26 -27.01
CA ARG M 90 -10.78 -4.31 -27.77
C ARG M 90 -12.22 -3.98 -27.98
N VAL M 91 -12.74 -4.29 -29.15
CA VAL M 91 -14.13 -4.03 -29.42
C VAL M 91 -14.88 -5.21 -29.96
N LEU M 92 -16.05 -5.45 -29.40
CA LEU M 92 -16.99 -6.45 -29.91
C LEU M 92 -18.24 -5.76 -30.40
N ALA M 93 -18.56 -5.88 -31.66
CA ALA M 93 -19.78 -5.25 -32.12
C ALA M 93 -20.75 -6.32 -32.46
N LEU M 94 -22.02 -6.11 -32.18
CA LEU M 94 -23.02 -7.07 -32.55
C LEU M 94 -23.80 -6.55 -33.71
N TRP M 95 -23.63 -7.23 -34.83
CA TRP M 95 -24.13 -6.87 -36.13
C TRP M 95 -25.33 -7.68 -36.63
N ASN M 96 -26.41 -6.99 -36.91
CA ASN M 96 -27.63 -7.67 -37.36
C ASN M 96 -27.62 -7.94 -38.85
N THR M 97 -26.88 -8.93 -39.22
CA THR M 97 -26.66 -9.31 -40.60
C THR M 97 -27.05 -10.71 -40.97
N ASP M 98 -26.98 -11.00 -42.26
CA ASP M 98 -27.20 -12.33 -42.77
C ASP M 98 -25.90 -12.94 -43.28
N THR M 99 -24.81 -12.28 -42.99
CA THR M 99 -23.48 -12.69 -43.35
C THR M 99 -23.15 -13.95 -42.56
N PRO M 100 -22.61 -15.00 -43.18
CA PRO M 100 -22.14 -16.23 -42.57
C PRO M 100 -21.05 -15.92 -41.59
N GLN M 101 -20.87 -16.77 -40.59
CA GLN M 101 -19.85 -16.51 -39.60
C GLN M 101 -18.48 -16.37 -40.18
N ASP M 102 -18.17 -17.13 -41.20
CA ASP M 102 -16.84 -17.13 -41.75
C ASP M 102 -16.60 -16.09 -42.79
N ARG M 103 -17.57 -15.21 -42.98
CA ARG M 103 -17.42 -14.14 -43.91
C ARG M 103 -17.35 -12.83 -43.18
N VAL M 104 -17.28 -12.88 -41.86
CA VAL M 104 -17.18 -11.65 -41.08
C VAL M 104 -15.72 -11.40 -40.85
N ARG M 105 -15.28 -10.21 -41.16
CA ARG M 105 -13.88 -9.87 -41.01
C ARG M 105 -13.61 -9.22 -39.70
N HIS M 106 -12.46 -9.51 -39.14
CA HIS M 106 -12.06 -8.96 -37.86
C HIS M 106 -10.85 -8.11 -38.06
N VAL M 107 -10.68 -7.10 -37.22
CA VAL M 107 -9.58 -6.17 -37.40
C VAL M 107 -8.61 -6.04 -36.26
N TYR M 108 -7.34 -6.27 -36.55
CA TYR M 108 -6.32 -6.13 -35.55
C TYR M 108 -5.29 -5.14 -36.02
N LEU M 109 -5.09 -4.10 -35.25
CA LEU M 109 -4.18 -3.03 -35.61
C LEU M 109 -3.02 -2.85 -34.67
N ASN M 110 -1.96 -2.28 -35.19
CA ASN M 110 -0.76 -1.98 -34.45
C ASN M 110 -0.19 -3.22 -33.80
N GLU M 111 -0.01 -3.26 -32.49
CA GLU M 111 0.62 -4.44 -31.95
C GLU M 111 -0.37 -5.52 -31.66
N ALA M 112 -1.65 -5.24 -31.90
CA ALA M 112 -2.69 -6.19 -31.64
C ALA M 112 -2.68 -7.26 -32.68
N VAL M 113 -1.90 -7.08 -33.71
CA VAL M 113 -1.88 -8.09 -34.72
C VAL M 113 -1.33 -9.38 -34.15
N ARG M 114 -0.49 -9.30 -33.12
CA ARG M 114 0.09 -10.52 -32.60
C ARG M 114 -0.92 -11.40 -31.91
N LEU M 115 -2.08 -10.86 -31.57
CA LEU M 115 -3.09 -11.62 -30.88
C LEU M 115 -4.22 -12.04 -31.79
N ARG M 116 -4.05 -11.83 -33.09
CA ARG M 116 -5.06 -12.21 -34.05
C ARG M 116 -5.17 -13.72 -34.08
N PRO M 117 -6.38 -14.31 -34.07
CA PRO M 117 -6.62 -15.72 -34.07
C PRO M 117 -6.42 -16.35 -35.44
N ASP M 118 -5.18 -16.42 -35.86
CA ASP M 118 -4.87 -16.97 -37.16
C ASP M 118 -3.84 -18.08 -37.00
N GLY N 1 5.09 27.32 -53.09
CA GLY N 1 4.33 26.10 -53.33
C GLY N 1 2.95 26.23 -52.74
N GLY N 2 2.86 27.01 -51.69
CA GLY N 2 1.61 27.25 -51.00
C GLY N 2 1.34 26.31 -49.85
N GLU N 3 2.30 25.50 -49.45
CA GLU N 3 2.07 24.62 -48.34
C GLU N 3 2.06 25.46 -47.07
N GLU N 4 1.18 25.14 -46.12
CA GLU N 4 1.07 25.88 -44.86
C GLU N 4 0.87 25.04 -43.61
N VAL N 5 1.28 25.59 -42.47
CA VAL N 5 1.00 24.96 -41.19
C VAL N 5 0.00 25.79 -40.45
N VAL N 6 -1.13 25.20 -40.14
CA VAL N 6 -2.18 25.94 -39.47
C VAL N 6 -2.25 25.61 -38.01
N LEU N 7 -2.28 26.61 -37.19
CA LEU N 7 -2.37 26.42 -35.77
C LEU N 7 -3.80 26.62 -35.34
N ILE N 8 -4.38 25.59 -34.76
CA ILE N 8 -5.74 25.70 -34.27
C ILE N 8 -5.73 25.37 -32.81
N THR N 9 -6.29 26.23 -32.01
CA THR N 9 -6.28 25.96 -30.58
C THR N 9 -7.62 25.41 -30.13
N VAL N 10 -7.62 24.27 -29.42
CA VAL N 10 -8.87 23.65 -29.02
C VAL N 10 -8.94 23.41 -27.51
N PRO N 11 -10.12 23.46 -26.90
CA PRO N 11 -10.33 23.27 -25.48
C PRO N 11 -10.22 21.88 -24.88
N SER N 12 -10.35 20.83 -25.68
CA SER N 12 -10.35 19.49 -25.10
C SER N 12 -9.94 18.44 -26.08
N ALA N 13 -9.61 17.26 -25.57
CA ALA N 13 -9.24 16.16 -26.45
C ALA N 13 -10.36 15.76 -27.38
N LEU N 14 -11.61 15.83 -26.93
CA LEU N 14 -12.66 15.43 -27.84
C LEU N 14 -12.73 16.36 -29.00
N VAL N 15 -12.57 17.64 -28.75
CA VAL N 15 -12.60 18.57 -29.84
C VAL N 15 -11.38 18.37 -30.71
N ALA N 16 -10.22 18.19 -30.08
CA ALA N 16 -9.01 18.04 -30.86
C ALA N 16 -9.08 16.89 -31.81
N VAL N 17 -9.62 15.77 -31.35
CA VAL N 17 -9.71 14.62 -32.20
C VAL N 17 -10.79 14.79 -33.21
N LYS N 18 -11.93 15.32 -32.82
CA LYS N 18 -13.02 15.50 -33.74
C LYS N 18 -12.60 16.36 -34.92
N ILE N 19 -11.92 17.46 -34.65
CA ILE N 19 -11.50 18.32 -35.74
C ILE N 19 -10.39 17.69 -36.50
N ALA N 20 -9.39 17.17 -35.83
CA ALA N 20 -8.28 16.60 -36.56
C ALA N 20 -8.73 15.49 -37.46
N HIS N 21 -9.66 14.68 -36.99
CA HIS N 21 -10.10 13.59 -37.80
C HIS N 21 -10.86 14.12 -38.96
N ALA N 22 -11.77 15.07 -38.74
CA ALA N 22 -12.54 15.57 -39.85
C ALA N 22 -11.67 16.22 -40.91
N LEU N 23 -10.65 16.94 -40.52
CA LEU N 23 -9.88 17.59 -41.54
C LEU N 23 -9.11 16.59 -42.36
N VAL N 24 -8.56 15.58 -41.73
CA VAL N 24 -7.81 14.64 -42.53
C VAL N 24 -8.76 13.80 -43.38
N GLU N 25 -9.83 13.32 -42.79
CA GLU N 25 -10.77 12.47 -43.50
C GLU N 25 -11.34 13.13 -44.73
N GLU N 26 -11.62 14.41 -44.64
CA GLU N 26 -12.21 15.18 -45.71
C GLU N 26 -11.20 15.76 -46.68
N ARG N 27 -9.93 15.44 -46.50
CA ARG N 27 -8.85 15.94 -47.32
C ARG N 27 -8.68 17.45 -47.26
N LEU N 28 -8.84 18.04 -46.09
CA LEU N 28 -8.55 19.44 -45.93
C LEU N 28 -7.18 19.57 -45.32
N ALA N 29 -6.62 18.43 -44.96
CA ALA N 29 -5.33 18.32 -44.34
C ALA N 29 -4.72 16.99 -44.66
N ALA N 30 -3.42 16.94 -44.74
CA ALA N 30 -2.80 15.64 -44.94
C ALA N 30 -2.39 15.06 -43.62
N CYS N 31 -2.07 15.93 -42.68
CA CYS N 31 -1.57 15.52 -41.38
C CYS N 31 -1.86 16.49 -40.26
N VAL N 32 -2.36 15.99 -39.14
CA VAL N 32 -2.59 16.86 -38.00
C VAL N 32 -1.89 16.37 -36.75
N ASN N 33 -1.09 17.23 -36.15
CA ASN N 33 -0.42 16.89 -34.91
C ASN N 33 -1.11 17.53 -33.74
N ILE N 34 -1.37 16.75 -32.71
CA ILE N 34 -2.01 17.29 -31.53
C ILE N 34 -1.01 17.40 -30.41
N VAL N 35 -0.84 18.61 -29.89
CA VAL N 35 0.08 18.86 -28.80
C VAL N 35 -0.74 19.14 -27.55
N PRO N 36 -0.81 18.24 -26.59
CA PRO N 36 -1.60 18.31 -25.39
C PRO N 36 -0.97 19.15 -24.32
N GLY N 37 -1.74 19.48 -23.29
CA GLY N 37 -1.19 20.04 -22.07
C GLY N 37 -0.81 21.50 -22.07
N LEU N 38 -1.45 22.32 -22.86
CA LEU N 38 -1.08 23.71 -22.88
C LEU N 38 -1.69 24.46 -21.75
N THR N 39 -1.06 25.57 -21.40
CA THR N 39 -1.67 26.50 -20.46
C THR N 39 -1.84 27.77 -21.24
N SER N 40 -3.04 28.30 -21.23
CA SER N 40 -3.33 29.47 -22.04
C SER N 40 -3.70 30.70 -21.28
N ILE N 41 -2.93 31.76 -21.45
CA ILE N 41 -3.20 33.03 -20.79
C ILE N 41 -3.62 34.02 -21.83
N TYR N 42 -4.80 34.58 -21.69
CA TYR N 42 -5.23 35.47 -22.74
C TYR N 42 -6.15 36.53 -22.27
N ARG N 43 -6.29 37.57 -23.06
CA ARG N 43 -7.19 38.60 -22.62
C ARG N 43 -8.60 38.24 -23.00
N GLU N 44 -9.50 38.37 -22.07
CA GLU N 44 -10.89 38.07 -22.30
C GLU N 44 -11.71 39.18 -21.72
N GLU N 45 -12.62 39.72 -22.51
CA GLU N 45 -13.41 40.83 -22.04
C GLU N 45 -12.46 41.90 -21.50
N GLY N 46 -12.57 42.23 -20.22
CA GLY N 46 -11.74 43.27 -19.64
C GLY N 46 -10.56 42.78 -18.81
N SER N 47 -10.28 41.48 -18.81
CA SER N 47 -9.20 41.00 -17.96
C SER N 47 -8.40 39.87 -18.51
N VAL N 48 -7.46 39.41 -17.72
CA VAL N 48 -6.59 38.35 -18.16
C VAL N 48 -6.96 37.09 -17.45
N VAL N 49 -7.26 36.08 -18.22
CA VAL N 49 -7.73 34.82 -17.68
C VAL N 49 -6.94 33.67 -18.18
N SER N 50 -7.04 32.53 -17.51
CA SER N 50 -6.39 31.37 -18.05
C SER N 50 -7.34 30.25 -18.42
N ASP N 51 -6.85 29.36 -19.27
CA ASP N 51 -7.57 28.16 -19.70
C ASP N 51 -6.60 27.02 -19.91
N HIS N 52 -7.08 25.86 -20.30
CA HIS N 52 -6.20 24.73 -20.54
C HIS N 52 -5.72 24.68 -21.98
N GLU N 53 -6.53 24.11 -22.86
CA GLU N 53 -6.27 24.00 -24.30
C GLU N 53 -5.21 22.97 -24.75
N LEU N 54 -5.39 22.55 -26.00
CA LEU N 54 -4.49 21.72 -26.78
C LEU N 54 -4.22 22.42 -28.09
N LEU N 55 -3.09 22.16 -28.70
CA LEU N 55 -2.79 22.77 -29.98
C LEU N 55 -2.75 21.83 -31.15
N LEU N 56 -3.45 22.16 -32.21
CA LEU N 56 -3.40 21.34 -33.41
C LEU N 56 -2.49 21.98 -34.42
N LEU N 57 -1.59 21.20 -35.00
CA LEU N 57 -0.75 21.69 -36.07
C LEU N 57 -1.19 21.00 -37.33
N VAL N 58 -1.79 21.74 -38.21
CA VAL N 58 -2.35 21.14 -39.39
C VAL N 58 -1.53 21.39 -40.61
N LYS N 59 -1.13 20.33 -41.27
CA LYS N 59 -0.33 20.44 -42.46
C LYS N 59 -1.27 20.32 -43.62
N THR N 60 -1.47 21.46 -44.26
CA THR N 60 -2.42 21.71 -45.33
C THR N 60 -1.81 22.62 -46.35
N THR N 61 -2.64 23.14 -47.24
CA THR N 61 -2.20 24.03 -48.29
C THR N 61 -3.05 25.28 -48.28
N THR N 62 -2.57 26.34 -48.89
CA THR N 62 -3.35 27.57 -48.91
C THR N 62 -4.66 27.46 -49.67
N ASP N 63 -4.72 26.67 -50.73
CA ASP N 63 -5.95 26.67 -51.48
C ASP N 63 -7.08 25.98 -50.75
N ALA N 64 -6.78 25.11 -49.81
CA ALA N 64 -7.81 24.45 -49.05
C ALA N 64 -8.13 25.22 -47.80
N PHE N 65 -7.42 26.29 -47.55
CA PHE N 65 -7.60 26.98 -46.31
C PHE N 65 -9.00 27.52 -46.17
N PRO N 66 -9.61 28.20 -47.14
CA PRO N 66 -10.95 28.70 -47.01
C PRO N 66 -11.95 27.63 -46.58
N LYS N 67 -11.76 26.38 -47.05
CA LYS N 67 -12.66 25.32 -46.68
C LYS N 67 -12.40 24.90 -45.27
N LEU N 68 -11.13 24.88 -44.90
CA LEU N 68 -10.76 24.52 -43.56
C LEU N 68 -11.36 25.50 -42.62
N LYS N 69 -11.25 26.79 -42.91
CA LYS N 69 -11.80 27.72 -41.97
C LYS N 69 -13.27 27.47 -41.76
N GLU N 70 -14.02 27.18 -42.82
CA GLU N 70 -15.42 26.97 -42.58
C GLU N 70 -15.69 25.71 -41.81
N ARG N 71 -14.96 24.64 -42.11
CA ARG N 71 -15.24 23.39 -41.43
C ARG N 71 -14.88 23.49 -39.96
N VAL N 72 -13.81 24.18 -39.66
CA VAL N 72 -13.42 24.30 -38.27
C VAL N 72 -14.44 25.15 -37.56
N LYS N 73 -14.89 26.24 -38.15
CA LYS N 73 -15.88 27.04 -37.45
C LYS N 73 -17.12 26.20 -37.11
N GLU N 74 -17.53 25.31 -38.01
CA GLU N 74 -18.68 24.47 -37.75
C GLU N 74 -18.48 23.51 -36.58
N LEU N 75 -17.27 22.98 -36.43
CA LEU N 75 -17.00 21.99 -35.38
C LEU N 75 -16.54 22.56 -34.05
N HIS N 76 -15.80 23.67 -34.12
CA HIS N 76 -15.14 24.27 -32.94
C HIS N 76 -16.17 25.05 -32.11
N PRO N 77 -16.28 24.80 -30.76
CA PRO N 77 -17.24 25.45 -29.88
C PRO N 77 -16.91 26.86 -29.41
N TYR N 78 -16.60 27.74 -30.33
CA TYR N 78 -16.30 29.15 -30.04
C TYR N 78 -16.86 30.09 -31.04
N GLU N 79 -17.14 31.30 -30.60
CA GLU N 79 -17.56 32.34 -31.51
C GLU N 79 -16.41 32.70 -32.42
N VAL N 80 -15.22 32.75 -31.86
CA VAL N 80 -14.04 33.09 -32.61
C VAL N 80 -12.95 32.06 -32.41
N PRO N 81 -12.86 31.05 -33.24
CA PRO N 81 -11.85 30.06 -33.24
C PRO N 81 -10.54 30.72 -33.50
N GLU N 82 -9.49 30.19 -32.95
CA GLU N 82 -8.15 30.68 -33.21
C GLU N 82 -7.51 29.88 -34.30
N ILE N 83 -7.59 30.36 -35.53
CA ILE N 83 -7.05 29.63 -36.67
C ILE N 83 -6.06 30.49 -37.40
N VAL N 84 -4.77 30.18 -37.33
CA VAL N 84 -3.82 31.00 -38.06
C VAL N 84 -2.87 30.15 -38.89
N ALA N 85 -2.56 30.60 -40.07
CA ALA N 85 -1.64 29.87 -40.94
C ALA N 85 -0.28 30.49 -41.01
N LEU N 86 0.74 29.67 -40.81
CA LEU N 86 2.11 30.09 -40.96
C LEU N 86 2.61 29.47 -42.26
N PRO N 87 3.33 30.18 -43.11
CA PRO N 87 3.80 29.69 -44.38
C PRO N 87 4.96 28.74 -44.25
N ILE N 88 5.11 27.83 -45.21
CA ILE N 88 6.30 27.00 -45.29
C ILE N 88 7.23 27.56 -46.33
N ALA N 89 8.44 27.88 -45.92
CA ALA N 89 9.42 28.47 -46.81
C ALA N 89 10.02 27.43 -47.72
N GLU N 90 10.34 26.30 -47.16
CA GLU N 90 10.94 25.21 -47.92
C GLU N 90 10.83 23.91 -47.19
N GLY N 91 11.12 22.80 -47.84
CA GLY N 91 11.06 21.54 -47.13
C GLY N 91 11.44 20.33 -47.95
N ASN N 92 11.28 19.16 -47.35
CA ASN N 92 11.58 17.91 -48.00
C ASN N 92 10.67 17.83 -49.20
N ARG N 93 11.25 17.61 -50.36
CA ARG N 93 10.44 17.65 -51.55
C ARG N 93 9.42 16.57 -51.61
N GLU N 94 9.78 15.37 -51.22
CA GLU N 94 8.83 14.28 -51.28
C GLU N 94 7.69 14.56 -50.33
N TYR N 95 8.00 15.09 -49.17
CA TYR N 95 6.97 15.41 -48.21
C TYR N 95 6.03 16.44 -48.75
N LEU N 96 6.54 17.50 -49.34
CA LEU N 96 5.66 18.52 -49.83
C LEU N 96 4.82 17.98 -50.97
N ASP N 97 5.38 17.11 -51.81
CA ASP N 97 4.58 16.56 -52.89
C ASP N 97 3.47 15.74 -52.30
N TRP N 98 3.78 15.01 -51.24
CA TRP N 98 2.84 14.19 -50.53
C TRP N 98 1.69 15.01 -49.97
N LEU N 99 2.00 16.15 -49.36
CA LEU N 99 0.92 16.94 -48.82
C LEU N 99 -0.01 17.37 -49.90
N ARG N 100 0.53 17.73 -51.05
CA ARG N 100 -0.37 18.17 -52.09
C ARG N 100 -1.20 17.00 -52.60
N GLU N 101 -0.60 15.82 -52.73
CA GLU N 101 -1.34 14.66 -53.23
C GLU N 101 -2.50 14.30 -52.33
N ASN N 102 -2.32 14.47 -51.03
CA ASN N 102 -3.33 14.13 -50.06
C ASN N 102 -4.23 15.26 -49.63
N THR N 103 -4.13 16.42 -50.24
CA THR N 103 -4.97 17.53 -49.82
C THR N 103 -5.81 17.99 -51.01
N GLY N 104 -7.11 18.10 -50.84
CA GLY N 104 -7.96 18.56 -51.94
C GLY N 104 -8.69 17.42 -52.66
N GLY O 1 -5.44 -29.61 44.49
CA GLY O 1 -5.28 -28.28 43.91
C GLY O 1 -6.11 -28.13 42.64
N SER O 2 -6.19 -26.91 42.16
CA SER O 2 -6.93 -26.61 40.96
C SER O 2 -6.15 -25.60 40.16
N VAL O 3 -6.78 -24.98 39.20
CA VAL O 3 -6.05 -24.01 38.39
C VAL O 3 -6.73 -22.67 38.37
N ARG O 4 -5.96 -21.64 38.65
CA ARG O 4 -6.51 -20.31 38.60
C ARG O 4 -5.67 -19.47 37.70
N GLY O 5 -6.29 -18.72 36.82
CA GLY O 5 -5.49 -17.83 36.03
C GLY O 5 -5.17 -16.57 36.81
N ILE O 6 -4.04 -15.96 36.51
CA ILE O 6 -3.64 -14.70 37.11
C ILE O 6 -3.47 -13.73 35.98
N ARG O 7 -4.05 -12.57 36.04
CA ARG O 7 -3.88 -11.63 34.96
C ARG O 7 -3.23 -10.36 35.35
N GLY O 8 -2.55 -9.79 34.40
CA GLY O 8 -2.07 -8.46 34.60
C GLY O 8 -1.67 -7.79 33.32
N ALA O 9 -1.39 -6.52 33.41
CA ALA O 9 -1.03 -5.75 32.24
C ALA O 9 -0.19 -4.56 32.58
N ILE O 10 0.65 -4.18 31.65
CA ILE O 10 1.50 -3.01 31.80
C ILE O 10 1.65 -2.30 30.48
N THR O 11 1.81 -1.00 30.53
CA THR O 11 2.05 -0.28 29.29
C THR O 11 3.44 0.24 29.21
N VAL O 12 3.89 0.49 28.00
CA VAL O 12 5.19 1.10 27.79
C VAL O 12 5.03 2.32 26.95
N GLU O 13 6.01 3.21 26.95
CA GLU O 13 5.90 4.41 26.14
C GLU O 13 6.43 4.26 24.73
N GLU O 14 7.32 3.32 24.50
CA GLU O 14 7.85 3.17 23.16
C GLU O 14 8.24 1.73 22.86
N ASP O 15 8.30 1.40 21.58
CA ASP O 15 8.68 0.07 21.18
C ASP O 15 10.20 -0.10 21.09
N THR O 16 10.81 -0.12 22.25
CA THR O 16 12.23 -0.27 22.42
C THR O 16 12.45 -1.56 23.17
N PRO O 17 13.28 -2.50 22.72
CA PRO O 17 13.49 -3.77 23.36
C PRO O 17 13.79 -3.65 24.83
N ALA O 18 14.54 -2.64 25.23
CA ALA O 18 14.83 -2.51 26.62
C ALA O 18 13.59 -2.20 27.42
N ALA O 19 12.69 -1.40 26.85
CA ALA O 19 11.50 -1.01 27.56
C ALA O 19 10.56 -2.17 27.69
N ILE O 20 10.51 -2.97 26.65
CA ILE O 20 9.63 -4.10 26.68
C ILE O 20 10.08 -5.09 27.68
N LEU O 21 11.38 -5.38 27.69
CA LEU O 21 11.88 -6.33 28.63
C LEU O 21 11.76 -5.82 30.02
N ALA O 22 12.07 -4.55 30.25
CA ALA O 22 12.00 -4.05 31.59
C ALA O 22 10.59 -4.06 32.10
N ALA O 23 9.64 -3.68 31.26
CA ALA O 23 8.25 -3.67 31.65
C ALA O 23 7.75 -5.05 31.92
N THR O 24 8.19 -6.00 31.12
CA THR O 24 7.72 -7.34 31.31
C THR O 24 8.21 -7.85 32.62
N ILE O 25 9.45 -7.56 32.98
CA ILE O 25 9.93 -8.03 34.26
C ILE O 25 9.15 -7.40 35.37
N GLU O 26 8.92 -6.10 35.31
CA GLU O 26 8.19 -5.49 36.39
C GLU O 26 6.85 -6.14 36.57
N LEU O 27 6.15 -6.38 35.47
CA LEU O 27 4.84 -6.97 35.62
C LEU O 27 4.89 -8.39 36.13
N LEU O 28 5.80 -9.21 35.63
CA LEU O 28 5.79 -10.58 36.08
C LEU O 28 6.14 -10.67 37.53
N LEU O 29 7.10 -9.89 37.97
CA LEU O 29 7.46 -10.03 39.34
C LEU O 29 6.37 -9.50 40.23
N LYS O 30 5.69 -8.45 39.81
CA LYS O 30 4.65 -7.92 40.64
C LYS O 30 3.50 -8.90 40.76
N MET O 31 3.14 -9.60 39.68
CA MET O 31 2.07 -10.59 39.75
C MET O 31 2.42 -11.69 40.72
N LEU O 32 3.64 -12.15 40.66
CA LEU O 32 4.05 -13.22 41.53
C LEU O 32 4.07 -12.75 42.97
N GLU O 33 4.52 -11.53 43.22
CA GLU O 33 4.52 -11.08 44.60
C GLU O 33 3.12 -10.93 45.11
N ALA O 34 2.22 -10.41 44.30
CA ALA O 34 0.88 -10.15 44.75
C ALA O 34 0.20 -11.40 45.23
N ASN O 35 0.47 -12.50 44.57
CA ASN O 35 -0.13 -13.75 44.93
C ASN O 35 0.72 -14.64 45.80
N GLY O 36 1.86 -14.15 46.28
CA GLY O 36 2.69 -14.94 47.16
C GLY O 36 3.39 -16.11 46.49
N ILE O 37 3.73 -16.00 45.22
CA ILE O 37 4.33 -17.13 44.58
C ILE O 37 5.83 -17.05 44.71
N GLN O 38 6.38 -18.00 45.44
CA GLN O 38 7.81 -18.03 45.72
C GLN O 38 8.57 -18.96 44.82
N SER O 39 7.86 -19.64 43.96
CA SER O 39 8.46 -20.62 43.07
C SER O 39 7.73 -20.73 41.78
N TYR O 40 8.47 -21.00 40.74
CA TYR O 40 7.89 -21.08 39.43
C TYR O 40 7.34 -22.46 39.17
N GLU O 41 7.54 -23.34 40.12
CA GLU O 41 7.08 -24.71 40.03
C GLU O 41 5.58 -24.77 40.07
N GLU O 42 4.95 -23.71 40.55
CA GLU O 42 3.51 -23.71 40.65
C GLU O 42 2.86 -23.23 39.35
N LEU O 43 3.64 -22.77 38.39
CA LEU O 43 3.04 -22.24 37.18
C LEU O 43 2.98 -23.28 36.10
N ALA O 44 1.77 -23.54 35.63
CA ALA O 44 1.55 -24.50 34.58
C ALA O 44 2.04 -23.95 33.29
N ALA O 45 1.76 -22.68 33.07
CA ALA O 45 2.14 -21.99 31.84
C ALA O 45 1.95 -20.49 31.96
N VAL O 46 2.64 -19.74 31.11
CA VAL O 46 2.39 -18.31 31.00
C VAL O 46 2.15 -17.89 29.56
N ILE O 47 1.06 -17.16 29.32
CA ILE O 47 0.76 -16.68 27.99
C ILE O 47 0.84 -15.16 27.91
N PHE O 48 1.65 -14.67 27.00
CA PHE O 48 1.81 -13.23 26.87
C PHE O 48 1.15 -12.74 25.62
N THR O 49 0.49 -11.61 25.67
CA THR O 49 -0.01 -11.07 24.44
C THR O 49 0.37 -9.63 24.34
N VAL O 50 0.56 -9.17 23.12
CA VAL O 50 0.85 -7.76 22.96
C VAL O 50 0.04 -7.11 21.89
N THR O 51 -0.06 -5.81 22.00
CA THR O 51 -0.72 -5.03 20.99
C THR O 51 0.11 -4.95 19.73
N GLU O 52 -0.54 -4.54 18.67
CA GLU O 52 0.04 -4.52 17.34
C GLU O 52 1.22 -3.59 17.14
N ASP O 53 1.38 -2.65 18.04
CA ASP O 53 2.43 -1.67 17.99
C ASP O 53 3.69 -2.00 18.76
N LEU O 54 3.79 -3.20 19.34
CA LEU O 54 5.03 -3.57 20.00
C LEU O 54 5.65 -4.76 19.32
N THR O 55 6.61 -4.52 18.44
CA THR O 55 7.21 -5.60 17.70
C THR O 55 8.71 -5.70 17.87
N SER O 56 9.35 -4.88 18.70
CA SER O 56 10.80 -4.98 18.77
C SER O 56 11.38 -6.09 19.65
N ALA O 57 10.57 -6.72 20.46
CA ALA O 57 11.05 -7.77 21.36
C ALA O 57 9.96 -8.70 21.79
N PHE O 58 10.33 -9.88 22.26
CA PHE O 58 9.35 -10.80 22.79
C PHE O 58 9.32 -10.76 24.30
N PRO O 59 8.22 -10.42 24.96
CA PRO O 59 8.10 -10.38 26.40
C PRO O 59 8.54 -11.70 27.06
N ALA O 60 8.35 -12.79 26.36
CA ALA O 60 8.74 -14.09 26.87
C ALA O 60 10.21 -14.14 27.19
N GLU O 61 11.03 -13.36 26.49
CA GLU O 61 12.45 -13.40 26.76
C GLU O 61 12.74 -12.89 28.15
N ALA O 62 11.96 -11.90 28.61
CA ALA O 62 12.17 -11.32 29.92
C ALA O 62 11.95 -12.36 30.98
N ALA O 63 11.02 -13.24 30.73
CA ALA O 63 10.71 -14.27 31.69
C ALA O 63 11.94 -15.12 32.00
N ARG O 64 12.88 -15.27 31.07
CA ARG O 64 14.02 -16.08 31.36
C ARG O 64 15.12 -15.30 32.04
N LEU O 65 14.94 -13.99 32.19
CA LEU O 65 15.93 -13.18 32.85
C LEU O 65 15.66 -13.27 34.32
N ILE O 66 14.41 -13.58 34.67
CA ILE O 66 14.06 -13.72 36.07
C ILE O 66 14.00 -15.19 36.48
N GLY O 67 14.53 -16.04 35.64
CA GLY O 67 14.67 -17.46 35.91
C GLY O 67 13.53 -18.41 35.59
N MET O 68 12.53 -18.02 34.81
CA MET O 68 11.46 -18.94 34.53
C MET O 68 11.82 -19.83 33.37
N HIS O 69 12.87 -20.61 33.54
CA HIS O 69 13.42 -21.40 32.46
C HIS O 69 12.61 -22.62 32.17
N ARG O 70 11.90 -23.12 33.16
CA ARG O 70 11.13 -24.30 32.95
C ARG O 70 9.66 -24.03 32.84
N VAL O 71 9.27 -22.76 32.78
CA VAL O 71 7.87 -22.48 32.71
C VAL O 71 7.53 -22.38 31.26
N PRO O 72 6.58 -23.13 30.70
CA PRO O 72 6.21 -23.03 29.33
C PRO O 72 5.78 -21.62 29.01
N LEU O 73 6.34 -21.02 27.97
CA LEU O 73 5.94 -19.65 27.65
C LEU O 73 5.45 -19.58 26.24
N LEU O 74 4.26 -19.04 26.06
CA LEU O 74 3.67 -18.90 24.75
C LEU O 74 3.31 -17.45 24.53
N SER O 75 3.37 -16.95 23.30
CA SER O 75 2.93 -15.58 23.09
C SER O 75 2.09 -15.42 21.85
N ALA O 76 1.27 -14.37 21.82
CA ALA O 76 0.38 -14.10 20.70
C ALA O 76 0.10 -12.63 20.51
N ARG O 77 -0.36 -12.28 19.33
CA ARG O 77 -0.65 -10.89 19.05
C ARG O 77 -2.14 -10.61 19.27
N GLU O 78 -2.44 -9.44 19.84
CA GLU O 78 -3.80 -9.00 20.17
C GLU O 78 -4.58 -8.38 19.03
N VAL O 79 -5.89 -8.37 19.21
CA VAL O 79 -6.82 -7.80 18.27
C VAL O 79 -6.77 -6.27 18.31
N PRO O 80 -6.52 -5.59 17.20
CA PRO O 80 -6.37 -4.15 17.09
C PRO O 80 -7.68 -3.40 17.09
N VAL O 81 -8.39 -3.42 18.19
CA VAL O 81 -9.65 -2.70 18.25
C VAL O 81 -9.36 -1.20 18.35
N PRO O 82 -9.89 -0.35 17.48
CA PRO O 82 -9.66 1.07 17.49
C PRO O 82 -10.08 1.63 18.81
N GLY O 83 -9.31 2.55 19.34
CA GLY O 83 -9.64 3.18 20.59
C GLY O 83 -9.06 2.44 21.79
N SER O 84 -8.43 1.29 21.57
CA SER O 84 -7.87 0.55 22.66
C SER O 84 -6.63 1.24 23.19
N LEU O 85 -6.23 0.87 24.38
CA LEU O 85 -5.04 1.43 24.98
C LEU O 85 -3.84 0.90 24.18
N PRO O 86 -2.95 1.74 23.64
CA PRO O 86 -1.78 1.39 22.85
C PRO O 86 -0.65 0.85 23.70
N ARG O 87 0.26 0.15 23.06
CA ARG O 87 1.48 -0.35 23.69
C ARG O 87 1.26 -1.11 24.98
N VAL O 88 0.39 -2.09 24.93
CA VAL O 88 0.05 -2.85 26.12
C VAL O 88 0.57 -4.26 26.06
N ILE O 89 1.17 -4.69 27.16
CA ILE O 89 1.64 -6.05 27.33
C ILE O 89 0.72 -6.70 28.34
N ARG O 90 0.08 -7.80 27.98
CA ARG O 90 -0.83 -8.48 28.89
C ARG O 90 -0.35 -9.86 29.18
N VAL O 91 -0.51 -10.30 30.41
CA VAL O 91 -0.08 -11.62 30.78
C VAL O 91 -1.12 -12.42 31.49
N LEU O 92 -1.30 -13.66 31.06
CA LEU O 92 -2.14 -14.63 31.73
C LEU O 92 -1.31 -15.77 32.26
N ALA O 93 -1.28 -15.98 33.55
CA ALA O 93 -0.50 -17.08 34.05
C ALA O 93 -1.44 -18.12 34.57
N LEU O 94 -1.11 -19.38 34.38
CA LEU O 94 -1.94 -20.43 34.93
C LEU O 94 -1.24 -21.04 36.10
N TRP O 95 -1.84 -20.82 37.25
CA TRP O 95 -1.31 -21.18 38.56
C TRP O 95 -1.95 -22.37 39.22
N ASN O 96 -1.15 -23.38 39.54
CA ASN O 96 -1.66 -24.59 40.15
C ASN O 96 -1.79 -24.46 41.64
N THR O 97 -2.84 -23.78 42.05
CA THR O 97 -3.10 -23.48 43.43
C THR O 97 -4.42 -23.96 43.97
N ASP O 98 -4.62 -23.80 45.26
CA ASP O 98 -5.87 -24.09 45.91
C ASP O 98 -6.56 -22.82 46.38
N THR O 99 -6.03 -21.70 45.93
CA THR O 99 -6.54 -20.39 46.19
C THR O 99 -7.89 -20.25 45.51
N PRO O 100 -8.94 -19.75 46.17
CA PRO O 100 -10.25 -19.46 45.64
C PRO O 100 -10.14 -18.44 44.55
N GLN O 101 -11.09 -18.43 43.63
CA GLN O 101 -11.02 -17.49 42.53
C GLN O 101 -10.97 -16.06 42.99
N ASP O 102 -11.67 -15.73 44.04
CA ASP O 102 -11.74 -14.37 44.46
C ASP O 102 -10.65 -13.94 45.38
N ARG O 103 -9.67 -14.79 45.56
CA ARG O 103 -8.55 -14.46 46.38
C ARG O 103 -7.31 -14.33 45.53
N VAL O 104 -7.48 -14.40 44.21
CA VAL O 104 -6.35 -14.25 43.32
C VAL O 104 -6.26 -12.80 42.95
N ARG O 105 -5.09 -12.24 43.09
CA ARG O 105 -4.91 -10.83 42.80
C ARG O 105 -4.40 -10.62 41.41
N HIS O 106 -4.85 -9.56 40.79
CA HIS O 106 -4.47 -9.24 39.44
C HIS O 106 -3.71 -7.93 39.46
N VAL O 107 -2.82 -7.76 38.51
CA VAL O 107 -1.98 -6.57 38.51
C VAL O 107 -2.04 -5.70 37.29
N TYR O 108 -2.37 -4.44 37.49
CA TYR O 108 -2.42 -3.50 36.39
C TYR O 108 -1.51 -2.35 36.68
N LEU O 109 -0.56 -2.12 35.80
CA LEU O 109 0.44 -1.10 35.97
C LEU O 109 0.41 -0.01 34.93
N ASN O 110 0.92 1.15 35.30
CA ASN O 110 1.03 2.29 34.43
C ASN O 110 -0.32 2.68 33.86
N GLU O 111 -0.48 2.72 32.55
CA GLU O 111 -1.76 3.19 32.07
C GLU O 111 -2.75 2.08 31.97
N ALA O 112 -2.34 0.87 32.29
CA ALA O 112 -3.18 -0.28 32.21
C ALA O 112 -4.15 -0.27 33.34
N VAL O 113 -3.97 0.62 34.28
CA VAL O 113 -4.89 0.64 35.37
C VAL O 113 -6.27 1.02 34.88
N ARG O 114 -6.36 1.75 33.78
CA ARG O 114 -7.68 2.17 33.33
C ARG O 114 -8.50 1.02 32.81
N LEU O 115 -7.88 -0.11 32.53
CA LEU O 115 -8.60 -1.24 31.99
C LEU O 115 -8.81 -2.32 33.03
N ARG O 116 -8.52 -2.01 34.29
CA ARG O 116 -8.71 -2.96 35.36
C ARG O 116 -10.19 -3.21 35.54
N PRO O 117 -10.65 -4.45 35.70
CA PRO O 117 -12.03 -4.83 35.86
C PRO O 117 -12.56 -4.55 37.24
N ASP O 118 -12.71 -3.30 37.57
CA ASP O 118 -13.18 -2.91 38.88
C ASP O 118 -14.39 -2.00 38.74
N GLY P 1 31.08 12.56 49.69
CA GLY P 1 29.96 11.71 50.10
C GLY P 1 30.18 10.29 49.62
N GLY P 2 30.88 10.18 48.50
CA GLY P 2 31.19 8.90 47.92
C GLY P 2 30.17 8.42 46.89
N GLU P 3 29.24 9.26 46.49
CA GLU P 3 28.30 8.85 45.47
C GLU P 3 29.03 8.81 44.13
N GLU P 4 28.72 7.80 43.31
CA GLU P 4 29.35 7.66 42.00
C GLU P 4 28.44 7.26 40.86
N VAL P 5 28.85 7.61 39.64
CA VAL P 5 28.13 7.15 38.46
C VAL P 5 28.99 6.16 37.72
N VAL P 6 28.51 4.97 37.56
CA VAL P 6 29.29 3.94 36.92
C VAL P 6 28.83 3.69 35.51
N LEU P 7 29.77 3.69 34.60
CA LEU P 7 29.45 3.45 33.23
C LEU P 7 29.77 2.02 32.89
N ILE P 8 28.76 1.28 32.48
CA ILE P 8 28.95 -0.11 32.09
C ILE P 8 28.51 -0.26 30.67
N THR P 9 29.34 -0.82 29.84
CA THR P 9 28.94 -0.96 28.45
C THR P 9 28.50 -2.39 28.17
N VAL P 10 27.32 -2.56 27.58
CA VAL P 10 26.80 -3.89 27.33
C VAL P 10 26.44 -4.12 25.88
N PRO P 11 26.55 -5.35 25.36
CA PRO P 11 26.27 -5.71 24.00
C PRO P 11 24.82 -5.78 23.52
N SER P 12 23.86 -5.93 24.41
CA SER P 12 22.48 -6.11 23.96
C SER P 12 21.49 -5.71 25.00
N ALA P 13 20.24 -5.54 24.59
CA ALA P 13 19.19 -5.19 25.53
C ALA P 13 18.98 -6.26 26.57
N LEU P 14 19.14 -7.52 26.24
CA LEU P 14 18.94 -8.53 27.26
C LEU P 14 19.95 -8.39 28.34
N VAL P 15 21.19 -8.14 27.95
CA VAL P 15 22.20 -7.98 28.95
C VAL P 15 21.95 -6.71 29.72
N ALA P 16 21.61 -5.64 29.03
CA ALA P 16 21.40 -4.38 29.70
C ALA P 16 20.35 -4.46 30.76
N VAL P 17 19.25 -5.14 30.46
CA VAL P 17 18.20 -5.26 31.41
C VAL P 17 18.56 -6.22 32.50
N LYS P 18 19.18 -7.34 32.16
CA LYS P 18 19.54 -8.31 33.14
C LYS P 18 20.44 -7.71 34.19
N ILE P 19 21.45 -6.95 33.76
CA ILE P 19 22.34 -6.35 34.72
C ILE P 19 21.68 -5.25 35.45
N ALA P 20 21.00 -4.37 34.75
CA ALA P 20 20.39 -3.25 35.43
C ALA P 20 19.41 -3.71 36.47
N HIS P 21 18.66 -4.76 36.16
CA HIS P 21 17.69 -5.21 37.09
C HIS P 21 18.39 -5.81 38.27
N ALA P 22 19.41 -6.64 38.03
CA ALA P 22 20.07 -7.25 39.16
C ALA P 22 20.71 -6.23 40.07
N LEU P 23 21.30 -5.19 39.53
CA LEU P 23 21.95 -4.27 40.42
C LEU P 23 20.96 -3.53 41.26
N VAL P 24 19.83 -3.14 40.68
CA VAL P 24 18.91 -2.40 41.50
C VAL P 24 18.24 -3.34 42.49
N GLU P 25 17.82 -4.51 42.05
CA GLU P 25 17.13 -5.45 42.91
C GLU P 25 17.94 -5.84 44.12
N GLU P 26 19.23 -5.99 43.94
CA GLU P 26 20.16 -6.41 44.98
C GLU P 26 20.71 -5.27 45.79
N ARG P 27 20.25 -4.06 45.54
CA ARG P 27 20.71 -2.87 46.21
C ARG P 27 22.19 -2.56 46.01
N LEU P 28 22.68 -2.77 44.80
CA LEU P 28 24.03 -2.38 44.48
C LEU P 28 23.97 -1.06 43.75
N ALA P 29 22.75 -0.65 43.45
CA ALA P 29 22.46 0.57 42.73
C ALA P 29 21.11 1.08 43.12
N ALA P 30 20.93 2.38 43.10
CA ALA P 30 19.60 2.89 43.37
C ALA P 30 18.87 3.11 42.07
N CYS P 31 19.63 3.43 41.03
CA CYS P 31 19.05 3.75 39.74
C CYS P 31 19.94 3.45 38.57
N VAL P 32 19.41 2.81 37.53
CA VAL P 32 20.19 2.56 36.35
C VAL P 32 19.54 3.08 35.09
N ASN P 33 20.26 3.90 34.35
CA ASN P 33 19.74 4.40 33.10
C ASN P 33 20.34 3.69 31.93
N ILE P 34 19.52 3.25 31.00
CA ILE P 34 20.01 2.57 29.85
C ILE P 34 19.93 3.45 28.64
N VAL P 35 21.06 3.69 28.00
CA VAL P 35 21.13 4.51 26.81
C VAL P 35 21.39 3.61 25.61
N PRO P 36 20.42 3.37 24.75
CA PRO P 36 20.47 2.48 23.61
C PRO P 36 21.14 3.08 22.42
N GLY P 37 21.46 2.24 21.44
CA GLY P 37 21.85 2.74 20.13
C GLY P 37 23.26 3.25 19.96
N LEU P 38 24.20 2.76 20.72
CA LEU P 38 25.54 3.27 20.58
C LEU P 38 26.27 2.61 19.45
N THR P 39 27.27 3.30 18.93
CA THR P 39 28.16 2.71 17.97
C THR P 39 29.52 2.72 18.64
N SER P 40 30.16 1.58 18.69
CA SER P 40 31.42 1.48 19.40
C SER P 40 32.60 1.16 18.56
N ILE P 41 33.59 2.04 18.56
CA ILE P 41 34.82 1.82 17.81
C ILE P 41 35.94 1.59 18.78
N TYR P 42 36.60 0.47 18.70
CA TYR P 42 37.61 0.22 19.69
C TYR P 42 38.72 -0.64 19.20
N ARG P 43 39.83 -0.61 19.90
CA ARG P 43 40.90 -1.44 19.45
C ARG P 43 40.71 -2.84 19.98
N GLU P 44 40.85 -3.81 19.12
CA GLU P 44 40.72 -5.19 19.50
C GLU P 44 41.86 -5.96 18.88
N GLU P 45 42.54 -6.74 19.70
CA GLU P 45 43.69 -7.46 19.20
C GLU P 45 44.60 -6.47 18.48
N GLY P 46 44.84 -6.67 17.20
CA GLY P 46 45.73 -5.81 16.44
C GLY P 46 45.06 -4.76 15.57
N SER P 47 43.75 -4.60 15.66
CA SER P 47 43.09 -3.65 14.77
C SER P 47 41.94 -2.91 15.35
N VAL P 48 41.31 -2.10 14.53
CA VAL P 48 40.22 -1.29 14.99
C VAL P 48 38.95 -1.84 14.44
N VAL P 49 38.03 -2.16 15.33
CA VAL P 49 36.79 -2.80 14.94
C VAL P 49 35.61 -2.07 15.48
N SER P 50 34.44 -2.34 14.93
CA SER P 50 33.25 -1.74 15.52
C SER P 50 32.28 -2.76 16.07
N ASP P 51 31.41 -2.28 16.96
CA ASP P 51 30.35 -3.06 17.57
C ASP P 51 29.14 -2.18 17.79
N HIS P 52 28.06 -2.74 18.34
CA HIS P 52 26.87 -1.95 18.61
C HIS P 52 26.90 -1.34 19.99
N GLU P 53 26.49 -2.11 20.99
CA GLU P 53 26.47 -1.72 22.40
C GLU P 53 25.38 -0.73 22.86
N LEU P 54 25.10 -0.83 24.16
CA LEU P 54 24.25 0.06 24.94
C LEU P 54 25.03 0.52 26.14
N LEU P 55 24.71 1.67 26.67
CA LEU P 55 25.39 2.14 27.86
C LEU P 55 24.55 2.20 29.11
N LEU P 56 25.04 1.64 30.19
CA LEU P 56 24.32 1.73 31.44
C LEU P 56 24.94 2.79 32.31
N LEU P 57 24.14 3.66 32.88
CA LEU P 57 24.64 4.65 33.82
C LEU P 57 24.11 4.26 35.17
N VAL P 58 24.97 3.82 36.04
CA VAL P 58 24.53 3.30 37.31
C VAL P 58 24.79 4.26 38.43
N LYS P 59 23.76 4.62 39.14
CA LYS P 59 23.90 5.55 40.23
C LYS P 59 23.97 4.71 41.50
N THR P 60 25.17 4.68 42.03
CA THR P 60 25.61 3.86 43.14
C THR P 60 26.54 4.64 44.03
N THR P 61 27.21 3.95 44.92
CA THR P 61 28.14 4.57 45.85
C THR P 61 29.46 3.84 45.79
N THR P 62 30.53 4.46 46.27
CA THR P 62 31.82 3.81 46.24
C THR P 62 31.91 2.58 47.11
N ASP P 63 31.22 2.54 48.24
CA ASP P 63 31.40 1.39 49.09
C ASP P 63 30.78 0.13 48.53
N ALA P 64 29.80 0.28 47.64
CA ALA P 64 29.18 -0.88 47.04
C ALA P 64 29.87 -1.25 45.76
N PHE P 65 30.84 -0.47 45.35
CA PHE P 65 31.44 -0.70 44.07
C PHE P 65 32.10 -2.06 44.00
N PRO P 66 32.92 -2.50 44.96
CA PRO P 66 33.53 -3.80 44.89
C PRO P 66 32.54 -4.92 44.65
N LYS P 67 31.33 -4.81 45.22
CA LYS P 67 30.33 -5.83 45.03
C LYS P 67 29.77 -5.75 43.65
N LEU P 68 29.59 -4.53 43.18
CA LEU P 68 29.08 -4.30 41.84
C LEU P 68 30.04 -4.91 40.87
N LYS P 69 31.32 -4.66 41.03
CA LYS P 69 32.23 -5.22 40.06
C LYS P 69 32.11 -6.70 40.00
N GLU P 70 31.99 -7.37 41.14
CA GLU P 70 31.90 -8.81 41.04
C GLU P 70 30.61 -9.27 40.42
N ARG P 71 29.51 -8.61 40.75
CA ARG P 71 28.24 -9.06 40.21
C ARG P 71 28.17 -8.83 38.73
N VAL P 72 28.72 -7.73 38.26
CA VAL P 72 28.68 -7.48 36.85
C VAL P 72 29.56 -8.48 36.15
N LYS P 73 30.74 -8.75 36.67
CA LYS P 73 31.57 -9.75 35.99
C LYS P 73 30.84 -11.07 35.84
N GLU P 74 30.08 -11.47 36.84
CA GLU P 74 29.33 -12.72 36.76
C GLU P 74 28.26 -12.72 35.67
N LEU P 75 27.60 -11.58 35.47
CA LEU P 75 26.52 -11.50 34.50
C LEU P 75 26.92 -11.12 33.08
N HIS P 76 27.94 -10.28 32.99
CA HIS P 76 28.37 -9.68 31.70
C HIS P 76 29.18 -10.70 30.90
N PRO P 77 28.84 -10.97 29.58
CA PRO P 77 29.49 -11.95 28.73
C PRO P 77 30.82 -11.53 28.12
N TYR P 78 31.75 -11.05 28.92
CA TYR P 78 33.08 -10.65 28.46
C TYR P 78 34.15 -11.03 29.42
N GLU P 79 35.34 -11.24 28.90
CA GLU P 79 36.49 -11.47 29.74
C GLU P 79 36.82 -10.22 30.51
N VAL P 80 36.69 -9.08 29.85
CA VAL P 80 36.97 -7.80 30.45
C VAL P 80 35.83 -6.84 30.25
N PRO P 81 34.90 -6.77 31.18
CA PRO P 81 33.80 -5.86 31.18
C PRO P 81 34.36 -4.47 31.27
N GLU P 82 33.68 -3.53 30.68
CA GLU P 82 34.05 -2.14 30.78
C GLU P 82 33.28 -1.48 31.87
N ILE P 83 33.87 -1.39 33.06
CA ILE P 83 33.18 -0.81 34.21
C ILE P 83 34.00 0.32 34.78
N VAL P 84 33.56 1.55 34.62
CA VAL P 84 34.34 2.65 35.20
C VAL P 84 33.47 3.58 36.01
N ALA P 85 33.98 4.05 37.12
CA ALA P 85 33.25 4.97 37.96
C ALA P 85 33.73 6.38 37.87
N LEU P 86 32.80 7.30 37.66
CA LEU P 86 33.08 8.71 37.64
C LEU P 86 32.54 9.26 38.95
N PRO P 87 33.25 10.13 39.67
CA PRO P 87 32.81 10.67 40.93
C PRO P 87 31.74 11.71 40.80
N ILE P 88 30.91 11.88 41.82
CA ILE P 88 29.98 12.99 41.87
C ILE P 88 30.53 14.05 42.77
N ALA P 89 30.69 15.25 42.24
CA ALA P 89 31.25 16.36 42.98
C ALA P 89 30.24 16.94 43.93
N GLU P 90 29.03 17.10 43.45
CA GLU P 90 27.96 17.67 44.25
C GLU P 90 26.61 17.37 43.66
N GLY P 91 25.54 17.62 44.39
CA GLY P 91 24.23 17.37 43.79
C GLY P 91 23.07 17.72 44.70
N ASN P 92 21.89 17.39 44.23
CA ASN P 92 20.66 17.63 44.96
C ASN P 92 20.78 16.84 46.23
N ARG P 93 20.60 17.51 47.36
CA ARG P 93 20.82 16.82 48.61
C ARG P 93 19.86 15.71 48.85
N GLU P 94 18.59 15.92 48.54
CA GLU P 94 17.63 14.88 48.79
C GLU P 94 17.93 13.69 47.92
N TYR P 95 18.33 13.94 46.69
CA TYR P 95 18.66 12.85 45.80
C TYR P 95 19.83 12.06 46.32
N LEU P 96 20.87 12.72 46.76
CA LEU P 96 22.02 11.99 47.22
C LEU P 96 21.66 11.22 48.47
N ASP P 97 20.81 11.77 49.34
CA ASP P 97 20.45 11.03 50.53
C ASP P 97 19.69 9.79 50.12
N TRP P 98 18.85 9.93 49.12
CA TRP P 98 18.06 8.86 48.56
C TRP P 98 18.95 7.75 48.04
N LEU P 99 20.00 8.10 47.29
CA LEU P 99 20.85 7.06 46.77
C LEU P 99 21.46 6.26 47.89
N ARG P 100 21.87 6.94 48.94
CA ARG P 100 22.47 6.19 50.01
C ARG P 100 21.44 5.32 50.70
N GLU P 101 20.22 5.81 50.89
CA GLU P 101 19.20 5.01 51.55
C GLU P 101 18.87 3.75 50.79
N ASN P 102 18.90 3.82 49.48
CA ASN P 102 18.58 2.69 48.64
C ASN P 102 19.76 1.87 48.17
N THR P 103 20.96 2.13 48.67
CA THR P 103 22.10 1.37 48.22
C THR P 103 22.75 0.69 49.42
N GLY P 104 22.98 -0.61 49.36
CA GLY P 104 23.61 -1.30 50.47
C GLY P 104 22.62 -2.07 51.36
N GLY Q 1 -35.10 -16.83 -37.02
CA GLY Q 1 -34.40 -17.11 -35.77
C GLY Q 1 -34.31 -15.87 -34.91
N SER Q 2 -33.88 -16.05 -33.68
CA SER Q 2 -33.73 -14.98 -32.74
C SER Q 2 -32.48 -15.21 -31.94
N VAL Q 3 -32.31 -14.50 -30.85
CA VAL Q 3 -31.10 -14.69 -30.07
C VAL Q 3 -31.40 -15.02 -28.63
N ARG Q 4 -30.77 -16.07 -28.16
CA ARG Q 4 -30.94 -16.43 -26.78
C ARG Q 4 -29.60 -16.54 -26.13
N GLY Q 5 -29.46 -15.97 -24.95
CA GLY Q 5 -28.21 -16.15 -24.28
C GLY Q 5 -28.19 -17.50 -23.58
N ILE Q 6 -27.01 -18.05 -23.43
CA ILE Q 6 -26.80 -19.29 -22.70
C ILE Q 6 -25.85 -18.98 -21.59
N ARG Q 7 -26.15 -19.34 -20.37
CA ARG Q 7 -25.23 -19.06 -19.31
C ARG Q 7 -24.71 -20.26 -18.61
N GLY Q 8 -23.51 -20.12 -18.10
CA GLY Q 8 -23.02 -21.13 -17.23
C GLY Q 8 -21.84 -20.66 -16.42
N ALA Q 9 -21.46 -21.46 -15.46
CA ALA Q 9 -20.36 -21.12 -14.60
C ALA Q 9 -19.68 -22.32 -14.02
N ILE Q 10 -18.40 -22.18 -13.76
CA ILE Q 10 -17.60 -23.22 -13.15
C ILE Q 10 -16.61 -22.64 -12.20
N THR Q 11 -16.27 -23.37 -11.17
CA THR Q 11 -15.25 -22.88 -10.27
C THR Q 11 -13.99 -23.70 -10.37
N VAL Q 12 -12.89 -23.10 -9.95
CA VAL Q 12 -11.63 -23.80 -9.91
C VAL Q 12 -11.05 -23.69 -8.53
N GLU Q 13 -10.11 -24.56 -8.18
CA GLU Q 13 -9.53 -24.47 -6.85
C GLU Q 13 -8.32 -23.57 -6.75
N GLU Q 14 -7.64 -23.33 -7.85
CA GLU Q 14 -6.48 -22.47 -7.79
C GLU Q 14 -6.25 -21.72 -9.08
N ASP Q 15 -5.52 -20.62 -8.98
CA ASP Q 15 -5.21 -19.82 -10.16
C ASP Q 15 -3.99 -20.35 -10.89
N THR Q 16 -4.17 -21.48 -11.51
CA THR Q 16 -3.15 -22.15 -12.30
C THR Q 16 -3.64 -22.20 -13.72
N PRO Q 17 -2.88 -21.74 -14.73
CA PRO Q 17 -3.29 -21.71 -16.10
C PRO Q 17 -3.88 -23.01 -16.58
N ALA Q 18 -3.33 -24.13 -16.15
CA ALA Q 18 -3.88 -25.37 -16.60
C ALA Q 18 -5.28 -25.59 -16.07
N ALA Q 19 -5.54 -25.15 -14.84
CA ALA Q 19 -6.82 -25.36 -14.23
C ALA Q 19 -7.85 -24.49 -14.87
N ILE Q 20 -7.43 -23.29 -15.23
CA ILE Q 20 -8.34 -22.37 -15.83
C ILE Q 20 -8.74 -22.85 -17.18
N LEU Q 21 -7.75 -23.28 -17.96
CA LEU Q 21 -8.06 -23.74 -19.27
C LEU Q 21 -8.87 -24.99 -19.23
N ALA Q 22 -8.53 -25.92 -18.34
CA ALA Q 22 -9.26 -27.14 -18.31
C ALA Q 22 -10.69 -26.91 -17.89
N ALA Q 23 -10.90 -26.03 -16.91
CA ALA Q 23 -12.23 -25.74 -16.45
C ALA Q 23 -13.03 -25.05 -17.51
N THR Q 24 -12.39 -24.17 -18.25
CA THR Q 24 -13.11 -23.47 -19.26
C THR Q 24 -13.57 -24.42 -20.32
N ILE Q 25 -12.72 -25.38 -20.69
CA ILE Q 25 -13.15 -26.32 -21.69
C ILE Q 25 -14.31 -27.12 -21.18
N GLU Q 26 -14.23 -27.61 -19.95
CA GLU Q 26 -15.32 -28.40 -19.47
C GLU Q 26 -16.61 -27.65 -19.52
N LEU Q 27 -16.59 -26.39 -19.11
CA LEU Q 27 -17.82 -25.64 -19.11
C LEU Q 27 -18.32 -25.36 -20.50
N LEU Q 28 -17.45 -24.97 -21.43
CA LEU Q 28 -17.96 -24.66 -22.74
C LEU Q 28 -18.53 -25.86 -23.41
N LEU Q 29 -17.87 -26.98 -23.27
CA LEU Q 29 -18.40 -28.12 -23.97
C LEU Q 29 -19.69 -28.55 -23.35
N LYS Q 30 -19.81 -28.46 -22.04
CA LYS Q 30 -21.02 -28.90 -21.41
C LYS Q 30 -22.19 -28.01 -21.82
N MET Q 31 -21.96 -26.69 -21.93
CA MET Q 31 -23.03 -25.79 -22.36
C MET Q 31 -23.51 -26.15 -23.75
N LEU Q 32 -22.57 -26.41 -24.62
CA LEU Q 32 -22.95 -26.73 -25.98
C LEU Q 32 -23.67 -28.05 -26.03
N GLU Q 33 -23.24 -29.03 -25.26
CA GLU Q 33 -23.96 -30.28 -25.30
C GLU Q 33 -25.34 -30.15 -24.76
N ALA Q 34 -25.51 -29.38 -23.69
CA ALA Q 34 -26.79 -29.27 -23.06
C ALA Q 34 -27.82 -28.72 -24.00
N ASN Q 35 -27.42 -27.80 -24.84
CA ASN Q 35 -28.33 -27.21 -25.78
C ASN Q 35 -28.29 -27.80 -27.17
N GLY Q 36 -27.58 -28.90 -27.36
CA GLY Q 36 -27.56 -29.54 -28.65
C GLY Q 36 -26.81 -28.78 -29.73
N ILE Q 37 -25.80 -28.03 -29.38
CA ILE Q 37 -25.15 -27.25 -30.40
C ILE Q 37 -24.01 -28.03 -30.99
N GLN Q 38 -24.17 -28.37 -32.26
CA GLN Q 38 -23.19 -29.20 -32.96
C GLN Q 38 -22.21 -28.40 -33.79
N SER Q 39 -22.41 -27.10 -33.81
CA SER Q 39 -21.59 -26.22 -34.62
C SER Q 39 -21.45 -24.86 -34.01
N TYR Q 40 -20.31 -24.27 -34.21
CA TYR Q 40 -20.03 -22.98 -33.63
C TYR Q 40 -20.57 -21.88 -34.51
N GLU Q 41 -21.11 -22.25 -35.64
CA GLU Q 41 -21.67 -21.32 -36.59
C GLU Q 41 -22.90 -20.66 -36.04
N GLU Q 42 -23.50 -21.26 -35.03
CA GLU Q 42 -24.70 -20.71 -34.46
C GLU Q 42 -24.39 -19.68 -33.38
N LEU Q 43 -23.13 -19.51 -33.01
CA LEU Q 43 -22.83 -18.60 -31.94
C LEU Q 43 -22.44 -17.24 -32.45
N ALA Q 44 -23.18 -16.23 -32.01
CA ALA Q 44 -22.93 -14.89 -32.43
C ALA Q 44 -21.68 -14.38 -31.76
N ALA Q 45 -21.57 -14.73 -30.48
CA ALA Q 45 -20.44 -14.29 -29.67
C ALA Q 45 -20.38 -15.03 -28.35
N VAL Q 46 -19.22 -15.05 -27.72
CA VAL Q 46 -19.11 -15.55 -26.36
C VAL Q 46 -18.39 -14.57 -25.46
N ILE Q 47 -19.00 -14.26 -24.31
CA ILE Q 47 -18.40 -13.37 -23.35
C ILE Q 47 -18.02 -14.07 -22.06
N PHE Q 48 -16.77 -13.98 -21.69
CA PHE Q 48 -16.30 -14.65 -20.49
C PHE Q 48 -16.03 -13.66 -19.41
N THR Q 49 -16.40 -13.96 -18.18
CA THR Q 49 -15.99 -13.07 -17.12
C THR Q 49 -15.36 -13.86 -16.02
N VAL Q 50 -14.44 -13.25 -15.33
CA VAL Q 50 -13.87 -13.94 -14.18
C VAL Q 50 -13.78 -13.09 -12.96
N THR Q 51 -13.71 -13.76 -11.84
CA THR Q 51 -13.52 -13.09 -10.58
C THR Q 51 -12.13 -12.54 -10.47
N GLU Q 52 -11.95 -11.65 -9.53
CA GLU Q 52 -10.72 -10.91 -9.33
C GLU Q 52 -9.50 -11.73 -8.94
N ASP Q 53 -9.72 -12.93 -8.49
CA ASP Q 53 -8.70 -13.84 -8.07
C ASP Q 53 -8.18 -14.81 -9.12
N LEU Q 54 -8.64 -14.71 -10.36
CA LEU Q 54 -8.10 -15.56 -11.40
C LEU Q 54 -7.42 -14.74 -12.45
N THR Q 55 -6.11 -14.61 -12.37
CA THR Q 55 -5.39 -13.79 -13.32
C THR Q 55 -4.30 -14.52 -14.08
N SER Q 56 -4.12 -15.82 -13.89
CA SER Q 56 -3.02 -16.48 -14.59
C SER Q 56 -3.26 -16.85 -16.05
N ALA Q 57 -4.49 -16.80 -16.52
CA ALA Q 57 -4.80 -17.19 -17.90
C ALA Q 57 -6.08 -16.57 -18.37
N PHE Q 58 -6.26 -16.52 -19.68
CA PHE Q 58 -7.51 -16.04 -20.23
C PHE Q 58 -8.39 -17.20 -20.66
N PRO Q 59 -9.59 -17.38 -20.13
CA PRO Q 59 -10.51 -18.44 -20.50
C PRO Q 59 -10.76 -18.48 -22.01
N ALA Q 60 -10.72 -17.33 -22.64
CA ALA Q 60 -10.93 -17.26 -24.07
C ALA Q 60 -9.93 -18.12 -24.82
N GLU Q 61 -8.74 -18.33 -24.29
CA GLU Q 61 -7.77 -19.13 -24.98
C GLU Q 61 -8.24 -20.56 -25.09
N ALA Q 62 -8.95 -21.05 -24.07
CA ALA Q 62 -9.44 -22.41 -24.08
C ALA Q 62 -10.41 -22.62 -25.20
N ALA Q 63 -11.17 -21.59 -25.50
CA ALA Q 63 -12.14 -21.69 -26.55
C ALA Q 63 -11.49 -22.04 -27.87
N ARG Q 64 -10.24 -21.68 -28.10
CA ARG Q 64 -9.63 -21.98 -29.36
C ARG Q 64 -9.00 -23.37 -29.36
N LEU Q 65 -9.01 -24.03 -28.21
CA LEU Q 65 -8.45 -25.36 -28.12
C LEU Q 65 -9.53 -26.31 -28.55
N ILE Q 66 -10.78 -25.89 -28.42
CA ILE Q 66 -11.89 -26.73 -28.83
C ILE Q 66 -12.43 -26.30 -30.18
N GLY Q 67 -11.67 -25.47 -30.87
CA GLY Q 67 -11.96 -25.05 -32.23
C GLY Q 67 -12.85 -23.85 -32.47
N MET Q 68 -13.14 -23.02 -31.48
CA MET Q 68 -13.99 -21.88 -31.74
C MET Q 68 -13.19 -20.73 -32.30
N HIS Q 69 -12.60 -20.95 -33.44
CA HIS Q 69 -11.67 -19.98 -34.01
C HIS Q 69 -12.37 -18.81 -34.62
N ARG Q 70 -13.58 -19.01 -35.07
CA ARG Q 70 -14.28 -17.93 -35.69
C ARG Q 70 -15.35 -17.35 -34.83
N VAL Q 71 -15.41 -17.75 -33.57
CA VAL Q 71 -16.44 -17.21 -32.72
C VAL Q 71 -15.85 -16.01 -32.04
N PRO Q 72 -16.42 -14.82 -32.13
CA PRO Q 72 -15.92 -13.66 -31.45
C PRO Q 72 -15.84 -13.92 -29.97
N LEU Q 73 -14.69 -13.68 -29.36
CA LEU Q 73 -14.57 -13.92 -27.93
C LEU Q 73 -14.14 -12.67 -27.22
N LEU Q 74 -14.89 -12.29 -26.22
CA LEU Q 74 -14.59 -11.10 -25.44
C LEU Q 74 -14.50 -11.47 -23.97
N SER Q 75 -13.66 -10.82 -23.20
CA SER Q 75 -13.66 -11.14 -21.78
C SER Q 75 -13.58 -9.90 -20.90
N ALA Q 76 -14.04 -10.05 -19.66
CA ALA Q 76 -14.05 -8.93 -18.70
C ALA Q 76 -13.91 -9.39 -17.28
N ARG Q 77 -13.55 -8.47 -16.42
CA ARG Q 77 -13.37 -8.80 -15.02
C ARG Q 77 -14.64 -8.45 -14.23
N GLU Q 78 -15.01 -9.32 -13.30
CA GLU Q 78 -16.20 -9.19 -12.45
C GLU Q 78 -16.07 -8.29 -11.25
N VAL Q 79 -17.21 -7.85 -10.76
CA VAL Q 79 -17.31 -7.01 -9.59
C VAL Q 79 -17.03 -7.81 -8.32
N PRO Q 80 -16.07 -7.42 -7.49
CA PRO Q 80 -15.64 -8.10 -6.28
C PRO Q 80 -16.55 -7.89 -5.09
N VAL Q 81 -17.76 -8.40 -5.17
CA VAL Q 81 -18.68 -8.25 -4.06
C VAL Q 81 -18.25 -9.18 -2.92
N PRO Q 82 -18.01 -8.70 -1.70
CA PRO Q 82 -17.59 -9.51 -0.59
C PRO Q 82 -18.59 -10.60 -0.34
N GLY Q 83 -18.10 -11.77 -0.04
CA GLY Q 83 -18.99 -12.89 0.23
C GLY Q 83 -19.34 -13.69 -1.01
N SER Q 84 -18.91 -13.23 -2.17
CA SER Q 84 -19.22 -13.95 -3.39
C SER Q 84 -18.41 -15.22 -3.47
N LEU Q 85 -18.84 -16.12 -4.32
CA LEU Q 85 -18.13 -17.36 -4.53
C LEU Q 85 -16.81 -17.02 -5.23
N PRO Q 86 -15.63 -17.42 -4.70
CA PRO Q 86 -14.31 -17.16 -5.25
C PRO Q 86 -13.99 -18.03 -6.43
N ARG Q 87 -13.01 -17.61 -7.21
CA ARG Q 87 -12.49 -18.38 -8.33
C ARG Q 87 -13.54 -18.88 -9.29
N VAL Q 88 -14.39 -17.98 -9.75
CA VAL Q 88 -15.47 -18.37 -10.64
C VAL Q 88 -15.27 -17.87 -12.04
N ILE Q 89 -15.50 -18.75 -13.00
CA ILE Q 89 -15.46 -18.41 -14.42
C ILE Q 89 -16.88 -18.47 -14.91
N ARG Q 90 -17.38 -17.38 -15.47
CA ARG Q 90 -18.74 -17.34 -15.96
C ARG Q 90 -18.78 -17.10 -17.44
N VAL Q 91 -19.69 -17.75 -18.12
CA VAL Q 91 -19.78 -17.56 -19.55
C VAL Q 91 -21.17 -17.25 -20.02
N LEU Q 92 -21.28 -16.24 -20.89
CA LEU Q 92 -22.51 -15.92 -21.58
C LEU Q 92 -22.33 -16.13 -23.05
N ALA Q 93 -23.10 -17.02 -23.65
CA ALA Q 93 -22.95 -17.20 -25.07
C ALA Q 93 -24.18 -16.68 -25.74
N LEU Q 94 -24.04 -16.06 -26.89
CA LEU Q 94 -25.19 -15.60 -27.62
C LEU Q 94 -25.42 -16.50 -28.80
N TRP Q 95 -26.53 -17.21 -28.72
CA TRP Q 95 -26.91 -18.26 -29.64
C TRP Q 95 -28.02 -17.90 -30.62
N ASN Q 96 -27.73 -17.99 -31.91
CA ASN Q 96 -28.70 -17.64 -32.92
C ASN Q 96 -29.65 -18.78 -33.23
N THR Q 97 -30.59 -18.96 -32.35
CA THR Q 97 -31.55 -20.03 -32.41
C THR Q 97 -32.99 -19.63 -32.44
N ASP Q 98 -33.86 -20.60 -32.63
CA ASP Q 98 -35.29 -20.41 -32.58
C ASP Q 98 -35.88 -21.08 -31.34
N THR Q 99 -35.01 -21.51 -30.47
CA THR Q 99 -35.34 -22.13 -29.22
C THR Q 99 -36.00 -21.09 -28.32
N PRO Q 100 -37.14 -21.37 -27.67
CA PRO Q 100 -37.83 -20.54 -26.72
C PRO Q 100 -36.94 -20.27 -25.55
N GLN Q 101 -37.16 -19.16 -24.86
CA GLN Q 101 -36.30 -18.81 -23.75
C GLN Q 101 -36.27 -19.87 -22.68
N ASP Q 102 -37.38 -20.53 -22.45
CA ASP Q 102 -37.45 -21.48 -21.37
C ASP Q 102 -37.03 -22.87 -21.75
N ARG Q 103 -36.50 -23.01 -22.94
CA ARG Q 103 -36.01 -24.29 -23.36
C ARG Q 103 -34.51 -24.24 -23.51
N VAL Q 104 -33.90 -23.14 -23.08
CA VAL Q 104 -32.46 -23.04 -23.15
C VAL Q 104 -31.93 -23.49 -21.83
N ARG Q 105 -30.97 -24.39 -21.85
CA ARG Q 105 -30.42 -24.93 -20.65
C ARG Q 105 -29.18 -24.20 -20.24
N HIS Q 106 -29.00 -24.05 -18.95
CA HIS Q 106 -27.85 -23.36 -18.41
C HIS Q 106 -27.03 -24.33 -17.61
N VAL Q 107 -25.74 -24.10 -17.54
CA VAL Q 107 -24.86 -25.04 -16.86
C VAL Q 107 -24.06 -24.51 -15.70
N TYR Q 108 -24.22 -25.13 -14.56
CA TYR Q 108 -23.46 -24.74 -13.39
C TYR Q 108 -22.69 -25.92 -12.87
N LEU Q 109 -21.39 -25.78 -12.79
CA LEU Q 109 -20.51 -26.85 -12.39
C LEU Q 109 -19.74 -26.58 -11.12
N ASN Q 110 -19.35 -27.63 -10.45
CA ASN Q 110 -18.56 -27.58 -9.25
C ASN Q 110 -19.24 -26.76 -8.18
N GLU Q 111 -18.61 -25.72 -7.66
CA GLU Q 111 -19.27 -25.02 -6.59
C GLU Q 111 -20.21 -23.97 -7.09
N ALA Q 112 -20.27 -23.81 -8.41
CA ALA Q 112 -21.10 -22.81 -9.01
C ALA Q 112 -22.52 -23.25 -8.96
N VAL Q 113 -22.77 -24.47 -8.57
CA VAL Q 113 -24.12 -24.91 -8.51
C VAL Q 113 -24.87 -24.12 -7.47
N ARG Q 114 -24.19 -23.60 -6.45
CA ARG Q 114 -24.90 -22.89 -5.42
C ARG Q 114 -25.47 -21.58 -5.89
N LEU Q 115 -25.00 -21.08 -7.03
CA LEU Q 115 -25.47 -19.82 -7.54
C LEU Q 115 -26.44 -19.98 -8.70
N ARG Q 116 -26.86 -21.21 -8.95
CA ARG Q 116 -27.79 -21.48 -10.02
C ARG Q 116 -29.13 -20.84 -9.67
N PRO Q 117 -29.80 -20.16 -10.60
CA PRO Q 117 -31.07 -19.50 -10.39
C PRO Q 117 -32.24 -20.45 -10.39
N ASP Q 118 -32.33 -21.23 -9.34
CA ASP Q 118 -33.39 -22.21 -9.23
C ASP Q 118 -34.12 -22.02 -7.91
N GLY R 1 -1.51 -57.25 -17.62
CA GLY R 1 -2.79 -56.67 -18.01
C GLY R 1 -2.59 -55.71 -19.16
N GLY R 2 -1.41 -55.12 -19.19
CA GLY R 2 -1.05 -54.18 -20.24
C GLY R 2 -1.34 -52.73 -19.90
N GLU R 3 -1.71 -52.43 -18.67
CA GLU R 3 -1.96 -51.05 -18.33
C GLU R 3 -0.62 -50.33 -18.25
N GLU R 4 -0.56 -49.08 -18.72
CA GLU R 4 0.67 -48.30 -18.69
C GLU R 4 0.53 -46.84 -18.30
N VAL R 5 1.62 -46.27 -17.78
CA VAL R 5 1.64 -44.84 -17.50
C VAL R 5 2.58 -44.18 -18.48
N VAL R 6 2.08 -43.27 -19.26
CA VAL R 6 2.89 -42.62 -20.26
C VAL R 6 3.29 -41.24 -19.84
N LEU R 7 4.56 -40.95 -19.94
CA LEU R 7 5.06 -39.66 -19.60
C LEU R 7 5.24 -38.85 -20.85
N ILE R 8 4.56 -37.73 -20.93
CA ILE R 8 4.69 -36.85 -22.08
C ILE R 8 5.13 -35.51 -21.57
N THR R 9 6.17 -34.98 -22.13
CA THR R 9 6.63 -33.68 -21.67
C THR R 9 6.18 -32.57 -22.62
N VAL R 10 5.55 -31.53 -22.08
CA VAL R 10 5.04 -30.47 -22.93
C VAL R 10 5.55 -29.10 -22.53
N PRO R 11 5.72 -28.17 -23.46
CA PRO R 11 6.21 -26.83 -23.22
C PRO R 11 5.31 -25.81 -22.55
N SER R 12 4.01 -25.98 -22.55
CA SER R 12 3.13 -24.96 -22.00
C SER R 12 1.81 -25.50 -21.57
N ALA R 13 1.08 -24.72 -20.78
CA ALA R 13 -0.23 -25.15 -20.34
C ALA R 13 -1.19 -25.33 -21.50
N LEU R 14 -1.09 -24.53 -22.55
CA LEU R 14 -2.02 -24.72 -23.63
C LEU R 14 -1.79 -26.05 -24.28
N VAL R 15 -0.55 -26.42 -24.45
CA VAL R 15 -0.29 -27.69 -25.05
C VAL R 15 -0.70 -28.79 -24.10
N ALA R 16 -0.39 -28.64 -22.82
CA ALA R 16 -0.73 -29.66 -21.87
C ALA R 16 -2.19 -29.97 -21.83
N VAL R 17 -3.01 -28.94 -21.87
CA VAL R 17 -4.42 -29.13 -21.83
C VAL R 17 -4.92 -29.65 -23.15
N LYS R 18 -4.43 -29.11 -24.25
CA LYS R 18 -4.89 -29.54 -25.54
C LYS R 18 -4.66 -31.02 -25.73
N ILE R 19 -3.47 -31.51 -25.36
CA ILE R 19 -3.20 -32.91 -25.52
C ILE R 19 -3.96 -33.71 -24.52
N ALA R 20 -3.94 -33.32 -23.27
CA ALA R 20 -4.63 -34.10 -22.28
C ALA R 20 -6.09 -34.24 -22.59
N HIS R 21 -6.69 -33.17 -23.08
CA HIS R 21 -8.08 -33.23 -23.37
C HIS R 21 -8.30 -34.13 -24.54
N ALA R 22 -7.50 -33.99 -25.59
CA ALA R 22 -7.72 -34.84 -26.74
C ALA R 22 -7.56 -36.31 -26.42
N LEU R 23 -6.60 -36.66 -25.60
CA LEU R 23 -6.42 -38.07 -25.35
C LEU R 23 -7.58 -38.63 -24.56
N VAL R 24 -8.07 -37.89 -23.60
CA VAL R 24 -9.16 -38.46 -22.84
C VAL R 24 -10.42 -38.46 -23.68
N GLU R 25 -10.70 -37.38 -24.37
CA GLU R 25 -11.92 -37.27 -25.15
C GLU R 25 -12.03 -38.35 -26.20
N GLU R 26 -10.92 -38.70 -26.81
CA GLU R 26 -10.86 -39.68 -27.87
C GLU R 26 -10.67 -41.10 -27.38
N ARG R 27 -10.70 -41.30 -26.07
CA ARG R 27 -10.50 -42.59 -25.44
C ARG R 27 -9.15 -43.22 -25.74
N LEU R 28 -8.09 -42.42 -25.74
CA LEU R 28 -6.77 -42.97 -25.86
C LEU R 28 -6.18 -43.03 -24.48
N ALA R 29 -6.89 -42.47 -23.53
CA ALA R 29 -6.50 -42.39 -22.14
C ALA R 29 -7.72 -42.34 -21.27
N ALA R 30 -7.62 -42.88 -20.09
CA ALA R 30 -8.74 -42.76 -19.18
C ALA R 30 -8.55 -41.56 -18.29
N CYS R 31 -7.29 -41.25 -18.00
CA CYS R 31 -6.95 -40.19 -17.08
C CYS R 31 -5.61 -39.55 -17.34
N VAL R 32 -5.57 -38.23 -17.35
CA VAL R 32 -4.30 -37.54 -17.51
C VAL R 32 -4.01 -36.56 -16.40
N ASN R 33 -2.86 -36.72 -15.77
CA ASN R 33 -2.46 -35.79 -14.74
C ASN R 33 -1.44 -34.81 -15.23
N ILE R 34 -1.65 -33.55 -14.97
CA ILE R 34 -0.70 -32.54 -15.41
C ILE R 34 0.08 -32.03 -14.23
N VAL R 35 1.39 -32.15 -14.29
CA VAL R 35 2.27 -31.70 -13.24
C VAL R 35 3.02 -30.46 -13.75
N PRO R 36 2.69 -29.26 -13.28
CA PRO R 36 3.22 -28.00 -13.71
C PRO R 36 4.56 -27.69 -13.10
N GLY R 37 5.22 -26.67 -13.64
CA GLY R 37 6.38 -26.09 -12.97
C GLY R 37 7.69 -26.82 -13.06
N LEU R 38 7.93 -27.58 -14.11
CA LEU R 38 9.17 -28.31 -14.18
C LEU R 38 10.29 -27.44 -14.68
N THR R 39 11.49 -27.82 -14.34
CA THR R 39 12.67 -27.21 -14.93
C THR R 39 13.36 -28.30 -15.69
N SER R 40 13.65 -28.06 -16.93
CA SER R 40 14.23 -29.11 -17.75
C SER R 40 15.60 -28.83 -18.27
N ILE R 41 16.55 -29.70 -17.92
CA ILE R 41 17.92 -29.55 -18.38
C ILE R 41 18.21 -30.67 -19.34
N TYR R 42 18.59 -30.35 -20.54
CA TYR R 42 18.80 -31.42 -21.49
C TYR R 42 19.81 -31.12 -22.52
N ARG R 43 20.30 -32.15 -23.17
CA ARG R 43 21.27 -31.86 -24.19
C ARG R 43 20.57 -31.50 -25.46
N GLU R 44 21.01 -30.45 -26.09
CA GLU R 44 20.44 -29.99 -27.33
C GLU R 44 21.57 -29.66 -28.27
N GLU R 45 21.51 -30.19 -29.48
CA GLU R 45 22.59 -29.96 -30.41
C GLU R 45 23.90 -30.30 -29.71
N GLY R 46 24.80 -29.33 -29.57
CA GLY R 46 26.10 -29.58 -28.97
C GLY R 46 26.24 -29.13 -27.52
N SER R 47 25.16 -28.70 -26.87
CA SER R 47 25.32 -28.21 -25.52
C SER R 47 24.19 -28.50 -24.58
N VAL R 48 24.31 -28.00 -23.38
CA VAL R 48 23.31 -28.27 -22.38
C VAL R 48 22.52 -27.03 -22.16
N VAL R 49 21.21 -27.15 -22.32
CA VAL R 49 20.34 -26.01 -22.25
C VAL R 49 19.21 -26.25 -21.31
N SER R 50 18.54 -25.19 -20.88
CA SER R 50 17.36 -25.42 -20.07
C SER R 50 16.08 -24.90 -20.70
N ASP R 51 14.98 -25.42 -20.22
CA ASP R 51 13.63 -25.04 -20.63
C ASP R 51 12.69 -25.11 -19.45
N HIS R 52 11.42 -24.78 -19.65
CA HIS R 52 10.45 -24.85 -18.57
C HIS R 52 9.78 -26.21 -18.51
N GLU R 53 8.76 -26.41 -19.30
CA GLU R 53 7.99 -27.66 -19.40
C GLU R 53 7.03 -28.00 -18.25
N LEU R 54 6.04 -28.82 -18.61
CA LEU R 54 5.07 -29.46 -17.75
C LEU R 54 5.08 -30.94 -18.06
N LEU R 55 4.71 -31.77 -17.10
CA LEU R 55 4.67 -33.18 -17.35
C LEU R 55 3.29 -33.80 -17.35
N LEU R 56 2.96 -34.55 -18.37
CA LEU R 56 1.68 -35.24 -18.39
C LEU R 56 1.86 -36.68 -18.01
N LEU R 57 1.05 -37.18 -17.11
CA LEU R 57 1.07 -38.59 -16.77
C LEU R 57 -0.20 -39.19 -17.30
N VAL R 58 -0.08 -40.01 -18.32
CA VAL R 58 -1.25 -40.53 -18.96
C VAL R 58 -1.51 -41.95 -18.60
N LYS R 59 -2.69 -42.22 -18.09
CA LYS R 59 -3.04 -43.56 -17.70
C LYS R 59 -3.85 -44.12 -18.84
N THR R 60 -3.21 -45.04 -19.53
CA THR R 60 -3.64 -45.68 -20.75
C THR R 60 -3.27 -47.13 -20.75
N THR R 61 -3.38 -47.77 -21.90
CA THR R 61 -3.05 -49.18 -22.04
C THR R 61 -2.09 -49.36 -23.19
N THR R 62 -1.40 -50.48 -23.24
CA THR R 62 -0.46 -50.71 -24.32
C THR R 62 -1.11 -50.81 -25.69
N ASP R 63 -2.31 -51.35 -25.79
CA ASP R 63 -2.86 -51.50 -27.11
C ASP R 63 -3.26 -50.20 -27.76
N ALA R 64 -3.51 -49.18 -26.96
CA ALA R 64 -3.85 -47.89 -27.51
C ALA R 64 -2.64 -47.03 -27.70
N PHE R 65 -1.48 -47.53 -27.31
CA PHE R 65 -0.31 -46.72 -27.35
C PHE R 65 0.01 -46.29 -28.76
N PRO R 66 0.05 -47.15 -29.79
CA PRO R 66 0.35 -46.74 -31.13
C PRO R 66 -0.51 -45.57 -31.60
N LYS R 67 -1.78 -45.53 -31.18
CA LYS R 67 -2.65 -44.45 -31.59
C LYS R 67 -2.29 -43.20 -30.86
N LEU R 68 -1.95 -43.36 -29.58
CA LEU R 68 -1.55 -42.24 -28.77
C LEU R 68 -0.33 -41.64 -29.37
N LYS R 69 0.66 -42.44 -29.73
CA LYS R 69 1.83 -41.82 -30.28
C LYS R 69 1.51 -41.00 -31.49
N GLU R 70 0.64 -41.48 -32.36
CA GLU R 70 0.38 -40.67 -33.53
C GLU R 70 -0.38 -39.42 -33.20
N ARG R 71 -1.34 -39.50 -32.28
CA ARG R 71 -2.12 -38.33 -31.98
C ARG R 71 -1.27 -37.28 -31.29
N VAL R 72 -0.37 -37.71 -30.43
CA VAL R 72 0.45 -36.74 -29.76
C VAL R 72 1.38 -36.11 -30.75
N LYS R 73 1.98 -36.89 -31.65
CA LYS R 73 2.86 -36.26 -32.62
C LYS R 73 2.13 -35.17 -33.40
N GLU R 74 0.87 -35.41 -33.75
CA GLU R 74 0.10 -34.41 -34.48
C GLU R 74 -0.13 -33.12 -33.70
N LEU R 75 -0.33 -33.23 -32.40
CA LEU R 75 -0.65 -32.07 -31.57
C LEU R 75 0.56 -31.35 -30.97
N HIS R 76 1.59 -32.14 -30.64
CA HIS R 76 2.78 -31.65 -29.90
C HIS R 76 3.70 -30.89 -30.86
N PRO R 77 4.13 -29.61 -30.53
CA PRO R 77 4.97 -28.79 -31.38
C PRO R 77 6.46 -29.10 -31.37
N TYR R 78 6.83 -30.34 -31.60
CA TYR R 78 8.22 -30.78 -31.66
C TYR R 78 8.47 -31.79 -32.72
N GLU R 79 9.68 -31.81 -33.23
CA GLU R 79 10.07 -32.84 -34.16
C GLU R 79 10.12 -34.18 -33.48
N VAL R 80 10.59 -34.17 -32.25
CA VAL R 80 10.70 -35.37 -31.45
C VAL R 80 10.07 -35.19 -30.10
N PRO R 81 8.79 -35.53 -29.94
CA PRO R 81 8.08 -35.49 -28.71
C PRO R 81 8.71 -36.47 -27.78
N GLU R 82 8.68 -36.19 -26.51
CA GLU R 82 9.16 -37.10 -25.50
C GLU R 82 8.03 -37.92 -24.96
N ILE R 83 7.84 -39.12 -25.50
CA ILE R 83 6.73 -39.96 -25.08
C ILE R 83 7.26 -41.30 -24.63
N VAL R 84 7.22 -41.58 -23.34
CA VAL R 84 7.69 -42.89 -22.90
C VAL R 84 6.70 -43.59 -22.01
N ALA R 85 6.54 -44.88 -22.16
CA ALA R 85 5.63 -45.65 -21.34
C ALA R 85 6.32 -46.47 -20.30
N LEU R 86 5.86 -46.35 -19.06
CA LEU R 86 6.34 -47.15 -17.96
C LEU R 86 5.25 -48.17 -17.68
N PRO R 87 5.55 -49.44 -17.46
CA PRO R 87 4.58 -50.48 -17.20
C PRO R 87 3.99 -50.41 -15.83
N ILE R 88 2.76 -50.90 -15.67
CA ILE R 88 2.18 -51.07 -14.35
C ILE R 88 2.29 -52.52 -13.95
N ALA R 89 2.94 -52.76 -12.82
CA ALA R 89 3.15 -54.11 -12.34
C ALA R 89 1.90 -54.67 -11.72
N GLU R 90 1.24 -53.86 -10.93
CA GLU R 90 0.01 -54.27 -10.25
C GLU R 90 -0.78 -53.09 -9.77
N GLY R 91 -2.01 -53.29 -9.34
CA GLY R 91 -2.75 -52.16 -8.83
C GLY R 91 -4.14 -52.50 -8.34
N ASN R 92 -4.87 -51.46 -7.98
CA ASN R 92 -6.23 -51.60 -7.51
C ASN R 92 -7.00 -52.23 -8.62
N ARG R 93 -7.68 -53.33 -8.33
CA ARG R 93 -8.34 -54.03 -9.40
C ARG R 93 -9.45 -53.25 -10.03
N GLU R 94 -10.25 -52.57 -9.24
CA GLU R 94 -11.34 -51.82 -9.80
C GLU R 94 -10.80 -50.71 -10.67
N TYR R 95 -9.74 -50.09 -10.24
CA TYR R 95 -9.15 -49.04 -11.03
C TYR R 95 -8.66 -49.54 -12.36
N LEU R 96 -7.96 -50.66 -12.35
CA LEU R 96 -7.44 -51.15 -13.59
C LEU R 96 -8.57 -51.57 -14.51
N ASP R 97 -9.66 -52.13 -13.95
CA ASP R 97 -10.76 -52.50 -14.81
C ASP R 97 -11.35 -51.26 -15.42
N TRP R 98 -11.41 -50.20 -14.64
CA TRP R 98 -11.92 -48.92 -15.06
C TRP R 98 -11.09 -48.36 -16.21
N LEU R 99 -9.77 -48.43 -16.11
CA LEU R 99 -8.97 -47.90 -17.20
C LEU R 99 -9.27 -48.63 -18.47
N ARG R 100 -9.43 -49.93 -18.39
CA ARG R 100 -9.69 -50.64 -19.62
C ARG R 100 -11.07 -50.28 -20.16
N GLU R 101 -12.05 -50.12 -19.29
CA GLU R 101 -13.40 -49.80 -19.75
C GLU R 101 -13.44 -48.47 -20.47
N ASN R 102 -12.66 -47.52 -20.00
CA ASN R 102 -12.62 -46.20 -20.58
C ASN R 102 -11.55 -45.96 -21.63
N THR R 103 -10.85 -46.99 -22.05
CA THR R 103 -9.80 -46.77 -23.03
C THR R 103 -10.09 -47.64 -24.24
N GLY R 104 -10.09 -47.06 -25.44
CA GLY R 104 -10.36 -47.83 -26.64
C GLY R 104 -11.79 -47.70 -27.16
N GLY S 1 -3.82 -34.72 40.84
CA GLY S 1 -3.07 -34.28 39.67
C GLY S 1 -3.06 -32.76 39.59
N SER S 2 -2.23 -32.25 38.69
CA SER S 2 -2.09 -30.84 38.47
C SER S 2 -1.97 -30.59 37.00
N VAL S 3 -1.55 -29.40 36.62
CA VAL S 3 -1.42 -29.12 35.21
C VAL S 3 -0.06 -28.64 34.83
N ARG S 4 0.50 -29.26 33.82
CA ARG S 4 1.79 -28.85 33.35
C ARG S 4 1.72 -28.56 31.89
N GLY S 5 2.27 -27.44 31.46
CA GLY S 5 2.29 -27.21 30.05
C GLY S 5 3.43 -27.97 29.40
N ILE S 6 3.25 -28.34 28.15
CA ILE S 6 4.28 -28.99 27.37
C ILE S 6 4.54 -28.13 26.18
N ARG S 7 5.76 -27.78 25.89
CA ARG S 7 6.00 -26.95 24.74
C ARG S 7 6.84 -27.59 23.70
N GLY S 8 6.62 -27.17 22.48
CA GLY S 8 7.51 -27.56 21.44
C GLY S 8 7.35 -26.70 20.22
N ALA S 9 8.27 -26.87 19.30
CA ALA S 9 8.26 -26.09 18.08
C ALA S 9 8.93 -26.79 16.95
N ILE S 10 8.47 -26.50 15.75
CA ILE S 10 9.04 -27.04 14.54
C ILE S 10 9.04 -26.02 13.44
N THR S 11 10.00 -26.08 12.55
CA THR S 11 9.99 -25.17 11.44
C THR S 11 9.70 -25.88 10.15
N VAL S 12 9.22 -25.12 9.17
CA VAL S 12 9.00 -25.68 7.85
C VAL S 12 9.72 -24.84 6.84
N GLU S 13 9.95 -25.36 5.65
CA GLU S 13 10.65 -24.57 4.65
C GLU S 13 9.74 -23.73 3.77
N GLU S 14 8.48 -24.10 3.66
CA GLU S 14 7.59 -23.31 2.83
C GLU S 14 6.17 -23.36 3.31
N ASP S 15 5.39 -22.37 2.91
CA ASP S 15 3.99 -22.31 3.30
C ASP S 15 3.10 -23.12 2.37
N THR S 16 3.25 -24.41 2.47
CA THR S 16 2.50 -25.38 1.69
C THR S 16 1.67 -26.18 2.66
N PRO S 17 0.35 -26.32 2.48
CA PRO S 17 -0.50 -27.05 3.39
C PRO S 17 0.01 -28.40 3.74
N ALA S 18 0.59 -29.11 2.80
CA ALA S 18 1.09 -30.42 3.13
C ALA S 18 2.24 -30.34 4.11
N ALA S 19 3.08 -29.32 3.98
CA ALA S 19 4.24 -29.20 4.84
C ALA S 19 3.82 -28.83 6.21
N ILE S 20 2.80 -27.99 6.30
CA ILE S 20 2.34 -27.56 7.59
C ILE S 20 1.72 -28.69 8.32
N LEU S 21 0.88 -29.45 7.63
CA LEU S 21 0.24 -30.54 8.29
C LEU S 21 1.24 -31.60 8.65
N ALA S 22 2.18 -31.90 7.77
CA ALA S 22 3.11 -32.93 8.09
C ALA S 22 3.98 -32.54 9.26
N ALA S 23 4.41 -31.29 9.31
CA ALA S 23 5.25 -30.82 10.38
C ALA S 23 4.49 -30.81 11.67
N THR S 24 3.23 -30.45 11.62
CA THR S 24 2.47 -30.41 12.82
C THR S 24 2.33 -31.79 13.38
N ILE S 25 2.10 -32.78 12.53
CA ILE S 25 1.99 -34.12 13.04
C ILE S 25 3.27 -34.55 13.66
N GLU S 26 4.39 -34.32 12.99
CA GLU S 26 5.63 -34.74 13.57
C GLU S 26 5.84 -34.15 14.94
N LEU S 27 5.56 -32.87 15.09
CA LEU S 27 5.77 -32.27 16.37
C LEU S 27 4.83 -32.78 17.42
N LEU S 28 3.54 -32.93 17.11
CA LEU S 28 2.64 -33.37 18.14
C LEU S 28 2.95 -34.75 18.59
N LEU S 29 3.29 -35.63 17.66
CA LEU S 29 3.53 -36.96 18.09
C LEU S 29 4.80 -37.03 18.88
N LYS S 30 5.80 -36.25 18.51
CA LYS S 30 7.03 -36.31 19.24
C LYS S 30 6.85 -35.80 20.65
N MET S 31 6.05 -34.74 20.85
CA MET S 31 5.81 -34.24 22.20
C MET S 31 5.15 -35.28 23.05
N LEU S 32 4.17 -35.96 22.49
CA LEU S 32 3.47 -36.95 23.25
C LEU S 32 4.37 -38.11 23.57
N GLU S 33 5.23 -38.53 22.64
CA GLU S 33 6.10 -39.62 22.96
C GLU S 33 7.10 -39.24 24.02
N ALA S 34 7.62 -38.03 23.95
CA ALA S 34 8.64 -37.62 24.88
C ALA S 34 8.16 -37.69 26.30
N ASN S 35 6.90 -37.35 26.50
CA ASN S 35 6.34 -37.37 27.82
C ASN S 35 5.56 -38.61 28.17
N GLY S 36 5.59 -39.62 27.32
CA GLY S 36 4.90 -40.86 27.63
C GLY S 36 3.39 -40.77 27.58
N ILE S 37 2.83 -39.92 26.75
CA ILE S 37 1.40 -39.79 26.75
C ILE S 37 0.79 -40.76 25.77
N GLN S 38 0.05 -41.73 26.30
CA GLN S 38 -0.53 -42.77 25.49
C GLN S 38 -1.98 -42.51 25.15
N SER S 39 -2.51 -41.43 25.67
CA SER S 39 -3.91 -41.10 25.49
C SER S 39 -4.15 -39.63 25.49
N TYR S 40 -5.11 -39.21 24.71
CA TYR S 40 -5.39 -37.81 24.58
C TYR S 40 -6.32 -37.35 25.68
N GLU S 41 -6.75 -38.28 26.49
CA GLU S 41 -7.64 -38.02 27.60
C GLU S 41 -6.96 -37.19 28.65
N GLU S 42 -5.64 -37.16 28.64
CA GLU S 42 -4.91 -36.42 29.63
C GLU S 42 -4.72 -34.97 29.21
N LEU S 43 -5.10 -34.61 27.99
CA LEU S 43 -4.85 -33.25 27.56
C LEU S 43 -6.05 -32.38 27.77
N ALA S 44 -5.85 -31.32 28.52
CA ALA S 44 -6.91 -30.38 28.81
C ALA S 44 -7.21 -29.58 27.59
N ALA S 45 -6.14 -29.17 26.91
CA ALA S 45 -6.25 -28.35 25.70
C ALA S 45 -4.93 -28.27 24.96
N VAL S 46 -4.99 -27.93 23.68
CA VAL S 46 -3.79 -27.62 22.93
C VAL S 46 -3.88 -26.29 22.21
N ILE S 47 -2.88 -25.44 22.40
CA ILE S 47 -2.87 -24.16 21.73
C ILE S 47 -1.74 -24.07 20.72
N PHE S 48 -2.07 -23.76 19.49
CA PHE S 48 -1.08 -23.67 18.44
C PHE S 48 -0.84 -22.25 18.05
N THR S 49 0.39 -21.86 17.82
CA THR S 49 0.59 -20.54 17.28
C THR S 49 1.50 -20.61 16.11
N VAL S 50 1.31 -19.70 15.18
CA VAL S 50 2.23 -19.66 14.06
C VAL S 50 2.71 -18.29 13.75
N THR S 51 3.84 -18.26 13.07
CA THR S 51 4.38 -17.02 12.60
C THR S 51 3.57 -16.46 11.46
N GLU S 52 3.80 -15.20 11.18
CA GLU S 52 3.03 -14.44 10.20
C GLU S 52 3.13 -14.91 8.77
N ASP S 53 4.14 -15.70 8.48
CA ASP S 53 4.39 -16.21 7.16
C ASP S 53 3.82 -17.57 6.86
N LEU S 54 3.05 -18.16 7.77
CA LEU S 54 2.41 -19.43 7.46
C LEU S 54 0.92 -19.28 7.48
N THR S 55 0.31 -19.10 6.31
CA THR S 55 -1.12 -18.91 6.25
C THR S 55 -1.86 -19.90 5.39
N SER S 56 -1.19 -20.90 4.82
CA SER S 56 -1.93 -21.81 3.93
C SER S 56 -2.74 -22.90 4.61
N ALA S 57 -2.55 -23.14 5.90
CA ALA S 57 -3.27 -24.20 6.59
C ALA S 57 -3.32 -23.96 8.06
N PHE S 58 -4.25 -24.63 8.74
CA PHE S 58 -4.31 -24.53 10.18
C PHE S 58 -3.68 -25.76 10.83
N PRO S 59 -2.64 -25.65 11.64
CA PRO S 59 -2.01 -26.76 12.32
C PRO S 59 -3.01 -27.61 13.10
N ALA S 60 -4.04 -26.98 13.61
CA ALA S 60 -5.05 -27.68 14.36
C ALA S 60 -5.69 -28.78 13.54
N GLU S 61 -5.73 -28.66 12.22
CA GLU S 61 -6.33 -29.69 11.41
C GLU S 61 -5.53 -30.97 11.51
N ALA S 62 -4.21 -30.85 11.62
CA ALA S 62 -3.35 -32.01 11.70
C ALA S 62 -3.66 -32.81 12.94
N ALA S 63 -4.01 -32.11 13.98
CA ALA S 63 -4.30 -32.77 15.22
C ALA S 63 -5.44 -33.77 15.06
N ARG S 64 -6.36 -33.55 14.13
CA ARG S 64 -7.46 -34.47 13.99
C ARG S 64 -7.11 -35.63 13.07
N LEU S 65 -5.93 -35.58 12.46
CA LEU S 65 -5.50 -36.64 11.58
C LEU S 65 -4.87 -37.70 12.46
N ILE S 66 -4.40 -37.29 13.63
CA ILE S 66 -3.80 -38.25 14.55
C ILE S 66 -4.77 -38.62 15.66
N GLY S 67 -6.03 -38.26 15.46
CA GLY S 67 -7.11 -38.65 16.36
C GLY S 67 -7.44 -37.77 17.55
N MET S 68 -6.95 -36.55 17.64
CA MET S 68 -7.27 -35.74 18.80
C MET S 68 -8.60 -35.04 18.60
N HIS S 69 -9.65 -35.83 18.45
CA HIS S 69 -10.95 -35.30 18.11
C HIS S 69 -11.63 -34.64 19.26
N ARG S 70 -11.31 -35.07 20.47
CA ARG S 70 -11.96 -34.52 21.61
C ARG S 70 -11.08 -33.58 22.37
N VAL S 71 -9.92 -33.25 21.83
CA VAL S 71 -9.05 -32.37 22.57
C VAL S 71 -9.37 -30.97 22.11
N PRO S 72 -9.71 -30.03 22.95
CA PRO S 72 -9.99 -28.67 22.55
C PRO S 72 -8.78 -28.11 21.84
N LEU S 73 -8.96 -27.54 20.66
CA LEU S 73 -7.83 -26.99 19.94
C LEU S 73 -8.07 -25.55 19.62
N LEU S 74 -7.15 -24.70 20.00
CA LEU S 74 -7.25 -23.28 19.75
C LEU S 74 -6.02 -22.82 19.01
N SER S 75 -6.12 -21.82 18.13
CA SER S 75 -4.89 -21.33 17.51
C SER S 75 -4.85 -19.82 17.43
N ALA S 76 -3.64 -19.29 17.33
CA ALA S 76 -3.42 -17.85 17.27
C ALA S 76 -2.20 -17.47 16.48
N ARG S 77 -2.15 -16.22 16.07
CA ARG S 77 -1.02 -15.76 15.29
C ARG S 77 0.00 -15.07 16.21
N GLU S 78 1.28 -15.30 15.94
CA GLU S 78 2.41 -14.78 16.71
C GLU S 78 2.83 -13.36 16.37
N VAL S 79 3.54 -12.76 17.30
CA VAL S 79 4.08 -11.42 17.17
C VAL S 79 5.28 -11.42 16.23
N PRO S 80 5.27 -10.62 15.15
CA PRO S 80 6.30 -10.55 14.14
C PRO S 80 7.52 -9.76 14.55
N VAL S 81 8.26 -10.25 15.51
CA VAL S 81 9.45 -9.55 15.94
C VAL S 81 10.53 -9.72 14.88
N PRO S 82 11.13 -8.67 14.33
CA PRO S 82 12.16 -8.74 13.32
C PRO S 82 13.30 -9.55 13.83
N GLY S 83 13.86 -10.38 12.97
CA GLY S 83 14.99 -11.19 13.36
C GLY S 83 14.59 -12.54 13.93
N SER S 84 13.30 -12.77 14.12
CA SER S 84 12.86 -14.02 14.67
C SER S 84 13.02 -15.13 13.66
N LEU S 85 12.99 -16.36 14.12
CA LEU S 85 13.08 -17.50 13.25
C LEU S 85 11.78 -17.56 12.43
N PRO S 86 11.82 -17.58 11.08
CA PRO S 86 10.68 -17.63 10.19
C PRO S 86 10.04 -18.99 10.12
N ARG S 87 8.80 -19.02 9.67
CA ARG S 87 8.08 -20.27 9.43
C ARG S 87 8.07 -21.22 10.60
N VAL S 88 7.70 -20.73 11.76
CA VAL S 88 7.71 -21.55 12.96
C VAL S 88 6.31 -21.88 13.45
N ILE S 89 6.11 -23.13 13.78
CA ILE S 89 4.88 -23.60 14.37
C ILE S 89 5.18 -23.94 15.82
N ARG S 90 4.48 -23.33 16.76
CA ARG S 90 4.73 -23.58 18.17
C ARG S 90 3.51 -24.17 18.82
N VAL S 91 3.72 -25.11 19.72
CA VAL S 91 2.61 -25.71 20.40
C VAL S 91 2.74 -25.73 21.90
N LEU S 92 1.68 -25.33 22.58
CA LEU S 92 1.57 -25.46 24.02
C LEU S 92 0.48 -26.43 24.38
N ALA S 93 0.79 -27.50 25.05
CA ALA S 93 -0.27 -28.42 25.42
C ALA S 93 -0.44 -28.36 26.90
N LEU S 94 -1.66 -28.44 27.37
CA LEU S 94 -1.90 -28.47 28.80
C LEU S 94 -2.26 -29.86 29.21
N TRP S 95 -1.36 -30.45 29.97
CA TRP S 95 -1.39 -31.83 30.40
C TRP S 95 -1.78 -32.07 31.84
N ASN S 96 -2.83 -32.83 32.05
CA ASN S 96 -3.32 -33.10 33.39
C ASN S 96 -2.59 -34.24 34.05
N THR S 97 -1.41 -33.94 34.50
CA THR S 97 -0.50 -34.90 35.10
C THR S 97 -0.06 -34.61 36.49
N ASP S 98 0.67 -35.55 37.07
CA ASP S 98 1.29 -35.38 38.37
C ASP S 98 2.79 -35.30 38.25
N THR S 99 3.25 -35.18 37.02
CA THR S 99 4.65 -35.05 36.68
C THR S 99 5.14 -33.70 37.20
N PRO S 100 6.29 -33.62 37.88
CA PRO S 100 6.94 -32.43 38.34
C PRO S 100 7.28 -31.55 37.18
N GLN S 101 7.38 -30.25 37.41
CA GLN S 101 7.67 -29.35 36.31
C GLN S 101 8.96 -29.68 35.61
N ASP S 102 9.95 -30.13 36.32
CA ASP S 102 11.24 -30.36 35.72
C ASP S 102 11.40 -31.71 35.13
N ARG S 103 10.32 -32.47 35.08
CA ARG S 103 10.36 -33.77 34.47
C ARG S 103 9.54 -33.77 33.20
N VAL S 104 9.07 -32.60 32.80
CA VAL S 104 8.31 -32.51 31.58
C VAL S 104 9.27 -32.19 30.47
N ARG S 105 9.22 -32.95 29.41
CA ARG S 105 10.13 -32.75 28.31
C ARG S 105 9.51 -31.89 27.25
N HIS S 106 10.34 -31.07 26.63
CA HIS S 106 9.89 -30.17 25.59
C HIS S 106 10.57 -30.55 24.31
N VAL S 107 9.91 -30.29 23.19
CA VAL S 107 10.46 -30.70 21.91
C VAL S 107 10.72 -29.63 20.89
N TYR S 108 11.94 -29.54 20.43
CA TYR S 108 12.28 -28.56 19.41
C TYR S 108 12.88 -29.27 18.24
N LEU S 109 12.27 -29.08 17.09
CA LEU S 109 12.66 -29.75 15.87
C LEU S 109 13.14 -28.83 14.77
N ASN S 110 13.95 -29.37 13.90
CA ASN S 110 14.47 -28.66 12.75
C ASN S 110 15.21 -27.41 13.16
N GLU S 111 14.82 -26.24 12.68
CA GLU S 111 15.61 -25.10 13.04
C GLU S 111 15.18 -24.50 14.33
N ALA S 112 14.14 -25.06 14.93
CA ALA S 112 13.61 -24.55 16.17
C ALA S 112 14.50 -24.93 17.28
N VAL S 113 15.48 -25.76 17.02
CA VAL S 113 16.35 -26.12 18.10
C VAL S 113 17.12 -24.92 18.58
N ARG S 114 17.33 -23.92 17.72
CA ARG S 114 18.11 -22.79 18.14
C ARG S 114 17.41 -21.94 19.17
N LEU S 115 16.11 -22.12 19.32
CA LEU S 115 15.35 -21.33 20.26
C LEU S 115 14.99 -22.11 21.51
N ARG S 116 15.57 -23.30 21.66
CA ARG S 116 15.33 -24.11 22.82
C ARG S 116 15.91 -23.41 24.04
N PRO S 117 15.20 -23.34 25.18
CA PRO S 117 15.63 -22.70 26.39
C PRO S 117 16.63 -23.51 27.18
N ASP S 118 17.82 -23.63 26.65
CA ASP S 118 18.85 -24.42 27.29
C ASP S 118 20.10 -23.57 27.49
N GLY T 1 14.03 -57.86 -6.95
CA GLY T 1 14.06 -57.60 -5.51
C GLY T 1 12.65 -57.40 -5.00
N GLY T 2 11.80 -56.90 -5.87
CA GLY T 2 10.41 -56.66 -5.55
C GLY T 2 10.13 -55.25 -5.04
N GLU T 3 11.09 -54.36 -5.10
CA GLU T 3 10.82 -53.01 -4.65
C GLU T 3 9.93 -52.33 -5.69
N GLU T 4 8.97 -51.52 -5.23
CA GLU T 4 8.05 -50.82 -6.12
C GLU T 4 7.74 -49.39 -5.76
N VAL T 5 7.35 -48.60 -6.77
CA VAL T 5 6.90 -47.25 -6.53
C VAL T 5 5.41 -47.19 -6.82
N VAL T 6 4.64 -46.83 -5.82
CA VAL T 6 3.21 -46.81 -5.99
C VAL T 6 2.70 -45.41 -6.15
N LEU T 7 1.89 -45.21 -7.16
CA LEU T 7 1.32 -43.91 -7.40
C LEU T 7 -0.08 -43.88 -6.88
N ILE T 8 -0.35 -42.99 -5.93
CA ILE T 8 -1.69 -42.86 -5.38
C ILE T 8 -2.13 -41.45 -5.61
N THR T 9 -3.29 -41.28 -6.17
CA THR T 9 -3.75 -39.92 -6.42
C THR T 9 -4.76 -39.51 -5.38
N VAL T 10 -4.56 -38.35 -4.75
CA VAL T 10 -5.45 -37.92 -3.69
C VAL T 10 -6.02 -36.53 -3.93
N PRO T 11 -7.24 -36.23 -3.48
CA PRO T 11 -7.91 -34.97 -3.65
C PRO T 11 -7.45 -33.76 -2.85
N SER T 12 -6.77 -33.94 -1.75
CA SER T 12 -6.43 -32.80 -0.92
C SER T 12 -5.25 -33.06 -0.05
N ALA T 13 -4.67 -31.99 0.51
CA ALA T 13 -3.53 -32.14 1.39
C ALA T 13 -3.88 -32.93 2.63
N LEU T 14 -5.09 -32.81 3.15
CA LEU T 14 -5.38 -33.58 4.34
C LEU T 14 -5.36 -35.04 4.04
N VAL T 15 -5.90 -35.41 2.90
CA VAL T 15 -5.88 -36.81 2.56
C VAL T 15 -4.46 -37.24 2.28
N ALA T 16 -3.70 -36.41 1.56
CA ALA T 16 -2.36 -36.79 1.23
C ALA T 16 -1.51 -37.05 2.42
N VAL T 17 -1.64 -36.22 3.44
CA VAL T 17 -0.87 -36.39 4.63
C VAL T 17 -1.39 -37.54 5.43
N LYS T 18 -2.70 -37.66 5.57
CA LYS T 18 -3.26 -38.73 6.34
C LYS T 18 -2.82 -40.07 5.83
N ILE T 19 -2.86 -40.26 4.51
CA ILE T 19 -2.46 -41.53 3.96
C ILE T 19 -0.98 -41.70 4.05
N ALA T 20 -0.22 -40.68 3.65
CA ALA T 20 1.20 -40.84 3.68
C ALA T 20 1.71 -41.14 5.05
N HIS T 21 1.12 -40.51 6.05
CA HIS T 21 1.58 -40.75 7.38
C HIS T 21 1.21 -42.15 7.78
N ALA T 22 -0.02 -42.58 7.51
CA ALA T 22 -0.39 -43.90 7.92
C ALA T 22 0.46 -44.97 7.28
N LEU T 23 0.80 -44.82 6.01
CA LEU T 23 1.55 -45.87 5.40
C LEU T 23 2.95 -45.95 5.97
N VAL T 24 3.56 -44.82 6.23
CA VAL T 24 4.90 -44.91 6.76
C VAL T 24 4.86 -45.39 8.19
N GLU T 25 3.96 -44.84 9.00
CA GLU T 25 3.88 -45.20 10.40
C GLU T 25 3.65 -46.68 10.62
N GLU T 26 2.83 -47.27 9.77
CA GLU T 26 2.46 -48.67 9.86
C GLU T 26 3.41 -49.61 9.15
N ARG T 27 4.49 -49.07 8.61
CA ARG T 27 5.47 -49.83 7.86
C ARG T 27 4.93 -50.49 6.61
N LEU T 28 4.06 -49.79 5.89
CA LEU T 28 3.61 -50.28 4.61
C LEU T 28 4.41 -49.60 3.53
N ALA T 29 5.19 -48.63 3.96
CA ALA T 29 6.02 -47.82 3.10
C ALA T 29 7.23 -47.34 3.86
N ALA T 30 8.32 -47.15 3.18
CA ALA T 30 9.46 -46.59 3.86
C ALA T 30 9.50 -45.10 3.66
N CYS T 31 8.99 -44.67 2.51
CA CYS T 31 9.03 -43.26 2.14
C CYS T 31 7.92 -42.83 1.23
N VAL T 32 7.27 -41.71 1.53
CA VAL T 32 6.24 -41.20 0.66
C VAL T 32 6.49 -39.77 0.23
N ASN T 33 6.51 -39.54 -1.07
CA ASN T 33 6.67 -38.20 -1.57
C ASN T 33 5.37 -37.62 -2.04
N ILE T 34 5.08 -36.41 -1.62
CA ILE T 34 3.85 -35.78 -2.03
C ILE T 34 4.13 -34.70 -3.03
N VAL T 35 3.53 -34.81 -4.20
CA VAL T 35 3.70 -33.84 -5.26
C VAL T 35 2.41 -33.05 -5.40
N PRO T 36 2.35 -31.80 -4.98
CA PRO T 36 1.19 -30.95 -4.96
C PRO T 36 0.90 -30.33 -6.28
N GLY T 37 -0.29 -29.74 -6.41
CA GLY T 37 -0.60 -28.87 -7.53
C GLY T 37 -0.93 -29.51 -8.85
N LEU T 38 -1.47 -30.71 -8.87
CA LEU T 38 -1.77 -31.33 -10.13
C LEU T 38 -3.06 -30.84 -10.69
N THR T 39 -3.20 -30.97 -12.00
CA THR T 39 -4.46 -30.72 -12.65
C THR T 39 -4.85 -32.05 -13.26
N SER T 40 -6.04 -32.50 -12.98
CA SER T 40 -6.45 -33.82 -13.45
C SER T 40 -7.59 -33.82 -14.41
N ILE T 41 -7.36 -34.36 -15.59
CA ILE T 41 -8.41 -34.45 -16.60
C ILE T 41 -8.75 -35.89 -16.79
N TYR T 42 -9.99 -36.26 -16.58
CA TYR T 42 -10.30 -37.67 -16.68
C TYR T 42 -11.69 -37.93 -17.10
N ARG T 43 -11.93 -39.15 -17.55
CA ARG T 43 -13.27 -39.42 -17.95
C ARG T 43 -14.09 -39.82 -16.75
N GLU T 44 -15.25 -39.25 -16.63
CA GLU T 44 -16.14 -39.54 -15.52
C GLU T 44 -17.52 -39.74 -16.08
N GLU T 45 -18.16 -40.83 -15.71
CA GLU T 45 -19.46 -41.11 -16.25
C GLU T 45 -19.39 -41.01 -17.78
N GLY T 46 -20.15 -40.09 -18.36
CA GLY T 46 -20.18 -39.95 -19.81
C GLY T 46 -19.37 -38.80 -20.37
N SER T 47 -18.58 -38.12 -19.55
CA SER T 47 -17.86 -36.97 -20.07
C SER T 47 -16.49 -36.74 -19.51
N VAL T 48 -15.87 -35.67 -19.94
CA VAL T 48 -14.52 -35.38 -19.51
C VAL T 48 -14.56 -34.23 -18.57
N VAL T 49 -14.04 -34.45 -17.38
CA VAL T 49 -14.10 -33.46 -16.34
C VAL T 49 -12.76 -33.18 -15.76
N SER T 50 -12.61 -32.08 -15.06
CA SER T 50 -11.35 -31.85 -14.37
C SER T 50 -11.48 -31.79 -12.86
N ASP T 51 -10.35 -32.00 -12.20
CA ASP T 51 -10.23 -31.91 -10.75
C ASP T 51 -8.86 -31.37 -10.40
N HIS T 52 -8.58 -31.23 -9.10
CA HIS T 52 -7.28 -30.73 -8.67
C HIS T 52 -6.29 -31.85 -8.47
N GLU T 53 -6.33 -32.47 -7.30
CA GLU T 53 -5.46 -33.59 -6.91
C GLU T 53 -3.99 -33.29 -6.59
N LEU T 54 -3.43 -34.20 -5.79
CA LEU T 54 -2.03 -34.30 -5.43
C LEU T 54 -1.57 -35.71 -5.71
N LEU T 55 -0.31 -35.90 -5.97
CA LEU T 55 0.19 -37.25 -6.21
C LEU T 55 1.12 -37.79 -5.15
N LEU T 56 0.85 -38.98 -4.66
CA LEU T 56 1.74 -39.59 -3.71
C LEU T 56 2.61 -40.61 -4.39
N LEU T 57 3.90 -40.57 -4.13
CA LEU T 57 4.81 -41.58 -4.67
C LEU T 57 5.26 -42.40 -3.50
N VAL T 58 4.84 -43.63 -3.43
CA VAL T 58 5.13 -44.44 -2.28
C VAL T 58 6.18 -45.45 -2.55
N LYS T 59 7.24 -45.44 -1.78
CA LYS T 59 8.32 -46.36 -1.95
C LYS T 59 8.10 -47.46 -0.96
N THR T 60 7.71 -48.60 -1.51
CA THR T 60 7.27 -49.80 -0.83
C THR T 60 7.78 -51.02 -1.54
N THR T 61 7.27 -52.17 -1.18
CA THR T 61 7.66 -53.43 -1.77
C THR T 61 6.42 -54.17 -2.23
N THR T 62 6.59 -55.14 -3.13
CA THR T 62 5.45 -55.89 -3.60
C THR T 62 4.76 -56.72 -2.53
N ASP T 63 5.49 -57.24 -1.57
CA ASP T 63 4.82 -58.09 -0.62
C ASP T 63 3.91 -57.34 0.33
N ALA T 64 4.15 -56.06 0.52
CA ALA T 64 3.31 -55.27 1.37
C ALA T 64 2.19 -54.63 0.58
N PHE T 65 2.19 -54.81 -0.72
CA PHE T 65 1.24 -54.12 -1.52
C PHE T 65 -0.18 -54.51 -1.16
N PRO T 66 -0.57 -55.78 -1.02
CA PRO T 66 -1.91 -56.14 -0.68
C PRO T 66 -2.41 -55.43 0.57
N LYS T 67 -1.53 -55.19 1.54
CA LYS T 67 -1.93 -54.52 2.76
C LYS T 67 -2.13 -53.06 2.48
N LEU T 68 -1.25 -52.51 1.66
CA LEU T 68 -1.34 -51.12 1.29
C LEU T 68 -2.65 -50.90 0.60
N LYS T 69 -3.00 -51.75 -0.35
CA LYS T 69 -4.24 -51.50 -1.01
C LYS T 69 -5.40 -51.46 -0.06
N GLU T 70 -5.43 -52.35 0.92
CA GLU T 70 -6.56 -52.29 1.81
C GLU T 70 -6.53 -51.07 2.68
N ARG T 71 -5.36 -50.68 3.17
CA ARG T 71 -5.31 -49.53 4.06
C ARG T 71 -5.68 -48.26 3.32
N VAL T 72 -5.25 -48.15 2.08
CA VAL T 72 -5.55 -46.95 1.34
C VAL T 72 -7.04 -46.94 1.06
N LYS T 73 -7.64 -48.06 0.67
CA LYS T 73 -9.07 -48.02 0.43
C LYS T 73 -9.82 -47.54 1.66
N GLU T 74 -9.39 -47.95 2.85
CA GLU T 74 -10.05 -47.51 4.07
C GLU T 74 -9.95 -46.01 4.31
N LEU T 75 -8.82 -45.41 3.97
CA LEU T 75 -8.61 -43.99 4.23
C LEU T 75 -9.04 -43.04 3.12
N HIS T 76 -8.90 -43.51 1.88
CA HIS T 76 -9.12 -42.67 0.67
C HIS T 76 -10.63 -42.53 0.42
N PRO T 77 -11.17 -41.27 0.25
CA PRO T 77 -12.58 -41.00 0.04
C PRO T 77 -13.12 -41.23 -1.37
N TYR T 78 -12.88 -42.39 -1.93
CA TYR T 78 -13.37 -42.76 -3.25
C TYR T 78 -13.82 -44.19 -3.33
N GLU T 79 -14.75 -44.45 -4.22
CA GLU T 79 -15.17 -45.80 -4.47
C GLU T 79 -14.04 -46.57 -5.13
N VAL T 80 -13.34 -45.90 -6.02
CA VAL T 80 -12.23 -46.49 -6.73
C VAL T 80 -11.00 -45.63 -6.64
N PRO T 81 -10.14 -45.85 -5.67
CA PRO T 81 -8.90 -45.17 -5.49
C PRO T 81 -8.03 -45.50 -6.66
N GLU T 82 -7.18 -44.58 -7.05
CA GLU T 82 -6.22 -44.81 -8.10
C GLU T 82 -4.91 -45.23 -7.52
N ILE T 83 -4.68 -46.54 -7.46
CA ILE T 83 -3.45 -47.06 -6.86
C ILE T 83 -2.73 -47.94 -7.85
N VAL T 84 -1.60 -47.49 -8.38
CA VAL T 84 -0.90 -48.36 -9.31
C VAL T 84 0.57 -48.48 -8.96
N ALA T 85 1.12 -49.66 -9.10
CA ALA T 85 2.52 -49.89 -8.81
C ALA T 85 3.38 -50.02 -10.04
N LEU T 86 4.47 -49.26 -10.06
CA LEU T 86 5.45 -49.35 -11.12
C LEU T 86 6.64 -50.08 -10.53
N PRO T 87 7.25 -51.03 -11.22
CA PRO T 87 8.37 -51.79 -10.73
C PRO T 87 9.66 -51.01 -10.71
N ILE T 88 10.57 -51.37 -9.81
CA ILE T 88 11.92 -50.83 -9.85
C ILE T 88 12.84 -51.83 -10.47
N ALA T 89 13.50 -51.42 -11.54
CA ALA T 89 14.40 -52.29 -12.27
C ALA T 89 15.71 -52.47 -11.55
N GLU T 90 16.23 -51.37 -11.05
CA GLU T 90 17.50 -51.39 -10.33
C GLU T 90 17.68 -50.15 -9.51
N GLY T 91 18.66 -50.11 -8.63
CA GLY T 91 18.87 -48.89 -7.87
C GLY T 91 20.04 -48.96 -6.92
N ASN T 92 20.17 -47.91 -6.13
CA ASN T 92 21.23 -47.80 -5.15
C ASN T 92 21.03 -48.93 -4.20
N ARG T 93 22.07 -49.73 -4.00
CA ARG T 93 21.90 -50.91 -3.19
C ARG T 93 21.58 -50.61 -1.77
N GLU T 94 22.23 -49.61 -1.18
CA GLU T 94 21.96 -49.31 0.19
C GLU T 94 20.55 -48.83 0.35
N TYR T 95 20.08 -48.05 -0.61
CA TYR T 95 18.73 -47.56 -0.55
C TYR T 95 17.74 -48.69 -0.61
N LEU T 96 17.93 -49.62 -1.51
CA LEU T 96 16.98 -50.69 -1.64
C LEU T 96 17.01 -51.56 -0.39
N ASP T 97 18.19 -51.75 0.20
CA ASP T 97 18.23 -52.55 1.42
C ASP T 97 17.46 -51.83 2.50
N TRP T 98 17.59 -50.51 2.54
CA TRP T 98 16.91 -49.67 3.48
C TRP T 98 15.40 -49.79 3.34
N LEU T 99 14.90 -49.78 2.10
CA LEU T 99 13.46 -49.89 1.96
C LEU T 99 12.98 -51.18 2.51
N ARG T 100 13.72 -52.26 2.29
CA ARG T 100 13.24 -53.51 2.80
C ARG T 100 13.30 -53.52 4.32
N GLU T 101 14.35 -52.95 4.91
CA GLU T 101 14.46 -52.95 6.36
C GLU T 101 13.33 -52.21 7.01
N ASN T 102 12.88 -51.14 6.39
CA ASN T 102 11.81 -50.32 6.93
C ASN T 102 10.41 -50.66 6.45
N THR T 103 10.24 -51.75 5.71
CA THR T 103 8.92 -52.06 5.22
C THR T 103 8.54 -53.45 5.71
N GLY T 104 7.37 -53.59 6.33
CA GLY T 104 6.95 -54.90 6.81
C GLY T 104 7.15 -55.09 8.31
N GLY U 1 -37.52 -10.85 -36.93
CA GLY U 1 -37.05 -9.97 -35.87
C GLY U 1 -35.55 -9.79 -35.94
N SER U 2 -35.05 -8.85 -35.17
CA SER U 2 -33.64 -8.56 -35.09
C SER U 2 -33.28 -8.28 -33.67
N VAL U 3 -32.12 -7.71 -33.44
CA VAL U 3 -31.72 -7.43 -32.07
C VAL U 3 -31.36 -5.99 -31.86
N ARG U 4 -31.94 -5.41 -30.85
CA ARG U 4 -31.61 -4.05 -30.53
C ARG U 4 -31.20 -3.96 -29.09
N GLY U 5 -30.11 -3.26 -28.83
CA GLY U 5 -29.76 -3.09 -27.45
C GLY U 5 -30.58 -1.98 -26.83
N ILE U 6 -30.82 -2.06 -25.55
CA ILE U 6 -31.51 -1.03 -24.80
C ILE U 6 -30.57 -0.58 -23.72
N ARG U 7 -30.33 0.70 -23.56
CA ARG U 7 -29.44 1.12 -22.53
C ARG U 7 -30.06 1.99 -21.50
N GLY U 8 -29.52 1.91 -20.32
CA GLY U 8 -29.90 2.87 -19.32
C GLY U 8 -28.94 2.91 -18.17
N ALA U 9 -29.12 3.88 -17.33
CA ALA U 9 -28.24 4.05 -16.20
C ALA U 9 -28.90 4.76 -15.06
N ILE U 10 -28.47 4.45 -13.86
CA ILE U 10 -28.97 5.08 -12.66
C ILE U 10 -27.86 5.27 -11.67
N THR U 11 -27.94 6.30 -10.86
CA THR U 11 -26.94 6.48 -9.84
C THR U 11 -27.50 6.25 -8.47
N VAL U 12 -26.63 5.95 -7.53
CA VAL U 12 -27.04 5.79 -6.15
C VAL U 12 -26.19 6.68 -5.29
N GLU U 13 -26.64 6.98 -4.07
CA GLU U 13 -25.83 7.83 -3.22
C GLU U 13 -24.83 7.09 -2.36
N GLU U 14 -25.06 5.82 -2.09
CA GLU U 14 -24.13 5.09 -1.26
C GLU U 14 -24.07 3.63 -1.62
N ASP U 15 -22.97 2.98 -1.26
CA ASP U 15 -22.81 1.56 -1.52
C ASP U 15 -23.45 0.70 -0.45
N THR U 16 -24.75 0.71 -0.43
CA THR U 16 -25.57 -0.04 0.49
C THR U 16 -26.37 -1.03 -0.33
N PRO U 17 -26.36 -2.33 -0.02
CA PRO U 17 -27.06 -3.34 -0.77
C PRO U 17 -28.49 -2.99 -1.05
N ALA U 18 -29.17 -2.39 -0.10
CA ALA U 18 -30.54 -2.05 -0.35
C ALA U 18 -30.67 -1.00 -1.42
N ALA U 19 -29.73 -0.06 -1.46
CA ALA U 19 -29.80 1.02 -2.41
C ALA U 19 -29.50 0.52 -3.79
N ILE U 20 -28.58 -0.41 -3.86
CA ILE U 20 -28.21 -0.96 -5.14
C ILE U 20 -29.33 -1.75 -5.71
N LEU U 21 -29.94 -2.58 -4.89
CA LEU U 21 -31.02 -3.38 -5.37
C LEU U 21 -32.19 -2.53 -5.72
N ALA U 22 -32.51 -1.54 -4.91
CA ALA U 22 -33.66 -0.73 -5.20
C ALA U 22 -33.46 0.05 -6.48
N ALA U 23 -32.26 0.59 -6.67
CA ALA U 23 -31.98 1.36 -7.85
C ALA U 23 -32.00 0.48 -9.07
N THR U 24 -31.51 -0.73 -8.95
CA THR U 24 -31.49 -1.59 -10.08
C THR U 24 -32.90 -1.90 -10.50
N ILE U 25 -33.78 -2.15 -9.54
CA ILE U 25 -35.15 -2.44 -9.90
C ILE U 25 -35.75 -1.25 -10.59
N GLU U 26 -35.57 -0.06 -10.05
CA GLU U 26 -36.18 1.08 -10.68
C GLU U 26 -35.72 1.21 -12.11
N LEU U 27 -34.44 1.04 -12.36
CA LEU U 27 -33.97 1.18 -13.71
C LEU U 27 -34.48 0.10 -14.62
N LEU U 28 -34.46 -1.16 -14.19
CA LEU U 28 -34.90 -2.19 -15.09
C LEU U 28 -36.34 -2.04 -15.43
N LEU U 29 -37.16 -1.72 -14.45
CA LEU U 29 -38.55 -1.63 -14.78
C LEU U 29 -38.81 -0.46 -15.67
N LYS U 30 -38.11 0.64 -15.46
CA LYS U 30 -38.35 1.79 -16.28
C LYS U 30 -37.95 1.52 -17.71
N MET U 31 -36.83 0.82 -17.94
CA MET U 31 -36.42 0.49 -19.30
C MET U 31 -37.46 -0.34 -20.00
N LEU U 32 -37.98 -1.32 -19.30
CA LEU U 32 -38.96 -2.17 -19.90
C LEU U 32 -40.24 -1.42 -20.18
N GLU U 33 -40.65 -0.53 -19.29
CA GLU U 33 -41.85 0.22 -19.58
C GLU U 33 -41.66 1.13 -20.75
N ALA U 34 -40.52 1.77 -20.84
CA ALA U 34 -40.29 2.73 -21.89
C ALA U 34 -40.43 2.11 -23.24
N ASN U 35 -39.98 0.88 -23.37
CA ASN U 35 -40.05 0.20 -24.64
C ASN U 35 -41.24 -0.73 -24.80
N GLY U 36 -42.17 -0.71 -23.86
CA GLY U 36 -43.36 -1.53 -23.99
C GLY U 36 -43.11 -3.02 -23.82
N ILE U 37 -42.15 -3.42 -23.03
CA ILE U 37 -41.88 -4.82 -22.93
C ILE U 37 -42.68 -5.42 -21.81
N GLN U 38 -43.61 -6.29 -22.18
CA GLN U 38 -44.52 -6.90 -21.23
C GLN U 38 -44.09 -8.28 -20.80
N SER U 39 -43.02 -8.75 -21.37
CA SER U 39 -42.53 -10.09 -21.10
C SER U 39 -41.04 -10.19 -21.22
N TYR U 40 -40.47 -11.03 -20.40
CA TYR U 40 -39.05 -11.17 -20.39
C TYR U 40 -38.59 -12.14 -21.44
N GLU U 41 -39.53 -12.73 -22.11
CA GLU U 41 -39.28 -13.70 -23.16
C GLU U 41 -38.61 -13.05 -24.35
N GLU U 42 -38.71 -11.74 -24.44
CA GLU U 42 -38.14 -11.04 -25.55
C GLU U 42 -36.69 -10.67 -25.30
N LEU U 43 -36.18 -10.90 -24.10
CA LEU U 43 -34.83 -10.49 -23.81
C LEU U 43 -33.85 -11.62 -23.99
N ALA U 44 -32.88 -11.39 -24.86
CA ALA U 44 -31.89 -12.38 -25.14
C ALA U 44 -30.94 -12.49 -23.98
N ALA U 45 -30.60 -11.33 -23.43
CA ALA U 45 -29.67 -11.25 -22.31
C ALA U 45 -29.66 -9.87 -21.69
N VAL U 46 -29.21 -9.77 -20.44
CA VAL U 46 -28.96 -8.47 -19.83
C VAL U 46 -27.57 -8.38 -19.24
N ILE U 47 -26.84 -7.33 -19.58
CA ILE U 47 -25.52 -7.13 -19.05
C ILE U 47 -25.45 -5.91 -18.14
N PHE U 48 -25.01 -6.10 -16.93
CA PHE U 48 -24.94 -5.00 -15.98
C PHE U 48 -23.52 -4.60 -15.75
N THR U 49 -23.24 -3.32 -15.66
CA THR U 49 -21.90 -2.96 -15.27
C THR U 49 -21.96 -1.95 -14.18
N VAL U 50 -20.96 -1.97 -13.32
CA VAL U 50 -20.92 -0.95 -12.30
C VAL U 50 -19.58 -0.31 -12.15
N THR U 51 -19.61 0.86 -11.58
CA THR U 51 -18.39 1.57 -11.28
C THR U 51 -17.67 0.92 -10.13
N GLU U 52 -16.41 1.29 -9.98
CA GLU U 52 -15.50 0.69 -9.02
C GLU U 52 -15.85 0.88 -7.57
N ASP U 53 -16.70 1.84 -7.29
CA ASP U 53 -17.13 2.16 -5.96
C ASP U 53 -18.40 1.50 -5.47
N LEU U 54 -18.99 0.59 -6.26
CA LEU U 54 -20.15 -0.13 -5.78
C LEU U 54 -19.86 -1.60 -5.69
N THR U 55 -19.51 -2.07 -4.49
CA THR U 55 -19.17 -3.45 -4.34
C THR U 55 -20.02 -4.20 -3.32
N SER U 56 -21.03 -3.59 -2.72
CA SER U 56 -21.77 -4.31 -1.69
C SER U 56 -22.84 -5.30 -2.19
N ALA U 57 -23.19 -5.24 -3.46
CA ALA U 57 -24.23 -6.11 -3.98
C ALA U 57 -24.12 -6.28 -5.47
N PHE U 58 -24.73 -7.33 -5.99
CA PHE U 58 -24.77 -7.51 -7.43
C PHE U 58 -26.10 -7.07 -8.01
N PRO U 59 -26.17 -6.09 -8.92
CA PRO U 59 -27.39 -5.64 -9.54
C PRO U 59 -28.19 -6.78 -10.15
N ALA U 60 -27.51 -7.80 -10.62
CA ALA U 60 -28.17 -8.94 -11.21
C ALA U 60 -29.13 -9.59 -10.24
N GLU U 61 -28.88 -9.50 -8.95
CA GLU U 61 -29.78 -10.11 -8.00
C GLU U 61 -31.13 -9.44 -8.04
N ALA U 62 -31.15 -8.14 -8.27
CA ALA U 62 -32.41 -7.40 -8.32
C ALA U 62 -33.27 -7.89 -9.44
N ALA U 63 -32.63 -8.28 -10.51
CA ALA U 63 -33.36 -8.75 -11.65
C ALA U 63 -34.22 -9.96 -11.31
N ARG U 64 -33.83 -10.75 -10.33
CA ARG U 64 -34.63 -11.92 -10.01
C ARG U 64 -35.73 -11.58 -9.02
N LEU U 65 -35.75 -10.35 -8.52
CA LEU U 65 -36.77 -9.95 -7.60
C LEU U 65 -37.96 -9.51 -8.41
N ILE U 66 -37.69 -9.11 -9.64
CA ILE U 66 -38.78 -8.69 -10.53
C ILE U 66 -39.14 -9.79 -11.51
N GLY U 67 -38.65 -10.99 -11.24
CA GLY U 67 -39.00 -12.18 -11.99
C GLY U 67 -38.20 -12.54 -13.23
N MET U 68 -37.04 -11.95 -13.48
CA MET U 68 -36.30 -12.30 -14.68
C MET U 68 -35.47 -13.53 -14.43
N HIS U 69 -36.13 -14.63 -14.12
CA HIS U 69 -35.43 -15.83 -13.72
C HIS U 69 -34.83 -16.56 -14.87
N ARG U 70 -35.38 -16.39 -16.04
CA ARG U 70 -34.87 -17.10 -17.17
C ARG U 70 -34.09 -16.21 -18.10
N VAL U 71 -33.83 -14.98 -17.70
CA VAL U 71 -33.11 -14.10 -18.58
C VAL U 71 -31.65 -14.25 -18.22
N PRO U 72 -30.75 -14.58 -19.12
CA PRO U 72 -29.35 -14.69 -18.82
C PRO U 72 -28.84 -13.37 -18.29
N LEU U 73 -28.17 -13.40 -17.15
CA LEU U 73 -27.68 -12.15 -16.58
C LEU U 73 -26.19 -12.23 -16.37
N LEU U 74 -25.48 -11.27 -16.92
CA LEU U 74 -24.04 -11.21 -16.79
C LEU U 74 -23.64 -9.88 -16.20
N SER U 75 -22.57 -9.81 -15.41
CA SER U 75 -22.17 -8.50 -14.95
C SER U 75 -20.66 -8.30 -15.01
N ALA U 76 -20.25 -7.03 -15.07
CA ALA U 76 -18.83 -6.70 -15.16
C ALA U 76 -18.50 -5.36 -14.52
N ARG U 77 -17.24 -5.15 -14.23
CA ARG U 77 -16.83 -3.92 -13.60
C ARG U 77 -16.32 -2.94 -14.66
N GLU U 78 -16.67 -1.66 -14.49
CA GLU U 78 -16.32 -0.56 -15.40
C GLU U 78 -14.94 0.01 -15.22
N VAL U 79 -14.49 0.68 -16.27
CA VAL U 79 -13.21 1.35 -16.31
C VAL U 79 -13.24 2.63 -15.47
N PRO U 80 -12.36 2.80 -14.49
CA PRO U 80 -12.30 3.92 -13.58
C PRO U 80 -11.68 5.16 -14.16
N VAL U 81 -12.33 5.76 -15.13
CA VAL U 81 -11.78 6.97 -15.71
C VAL U 81 -11.98 8.13 -14.75
N PRO U 82 -10.93 8.87 -14.35
CA PRO U 82 -11.03 9.97 -13.43
C PRO U 82 -12.00 10.99 -13.96
N GLY U 83 -12.80 11.54 -13.08
CA GLY U 83 -13.75 12.56 -13.48
C GLY U 83 -15.09 11.97 -13.88
N SER U 84 -15.20 10.66 -13.94
CA SER U 84 -16.46 10.05 -14.33
C SER U 84 -17.48 10.20 -13.23
N LEU U 85 -18.73 10.02 -13.58
CA LEU U 85 -19.80 10.09 -12.61
C LEU U 85 -19.66 8.87 -11.69
N PRO U 86 -19.58 9.03 -10.35
CA PRO U 86 -19.42 7.98 -9.36
C PRO U 86 -20.70 7.23 -9.12
N ARG U 87 -20.58 6.04 -8.56
CA ARG U 87 -21.71 5.22 -8.14
C ARG U 87 -22.76 5.02 -9.21
N VAL U 88 -22.34 4.58 -10.38
CA VAL U 88 -23.25 4.41 -11.49
C VAL U 88 -23.47 2.96 -11.84
N ILE U 89 -24.72 2.60 -12.03
CA ILE U 89 -25.12 1.28 -12.46
C ILE U 89 -25.61 1.42 -13.89
N ARG U 90 -25.01 0.69 -14.82
CA ARG U 90 -25.41 0.78 -16.22
C ARG U 90 -25.93 -0.55 -16.70
N VAL U 91 -26.95 -0.51 -17.53
CA VAL U 91 -27.49 -1.72 -18.05
C VAL U 91 -27.66 -1.74 -19.54
N LEU U 92 -27.21 -2.82 -20.16
CA LEU U 92 -27.44 -3.07 -21.59
C LEU U 92 -28.32 -4.29 -21.75
N ALA U 93 -29.48 -4.13 -22.33
CA ALA U 93 -30.31 -5.30 -22.52
C ALA U 93 -30.36 -5.61 -23.98
N LEU U 94 -30.36 -6.87 -24.34
CA LEU U 94 -30.48 -7.23 -25.73
C LEU U 94 -31.86 -7.76 -25.98
N TRP U 95 -32.60 -7.01 -26.76
CA TRP U 95 -34.01 -7.19 -27.05
C TRP U 95 -34.33 -7.75 -28.43
N ASN U 96 -34.99 -8.88 -28.48
CA ASN U 96 -35.32 -9.51 -29.74
C ASN U 96 -36.58 -8.95 -30.34
N THR U 97 -36.44 -7.80 -30.92
CA THR U 97 -37.54 -7.04 -31.50
C THR U 97 -37.42 -6.70 -32.95
N ASP U 98 -38.47 -6.13 -33.49
CA ASP U 98 -38.48 -5.63 -34.85
C ASP U 98 -38.54 -4.10 -34.87
N THR U 99 -38.35 -3.53 -33.70
CA THR U 99 -38.34 -2.10 -33.49
C THR U 99 -37.09 -1.54 -34.18
N PRO U 100 -37.19 -0.46 -34.96
CA PRO U 100 -36.11 0.26 -35.59
C PRO U 100 -35.17 0.79 -34.54
N GLN U 101 -33.92 0.99 -34.90
CA GLN U 101 -32.96 1.46 -33.92
C GLN U 101 -33.35 2.78 -33.30
N ASP U 102 -33.96 3.65 -34.05
CA ASP U 102 -34.27 4.96 -33.55
C ASP U 102 -35.59 5.05 -32.84
N ARG U 103 -36.22 3.92 -32.63
CA ARG U 103 -37.46 3.89 -31.92
C ARG U 103 -37.27 3.21 -30.59
N VAL U 104 -36.02 2.87 -30.24
CA VAL U 104 -35.76 2.24 -28.98
C VAL U 104 -35.44 3.32 -28.00
N ARG U 105 -36.10 3.31 -26.87
CA ARG U 105 -35.89 4.33 -25.87
C ARG U 105 -34.90 3.91 -24.85
N HIS U 106 -34.12 4.86 -24.38
CA HIS U 106 -33.09 4.59 -23.40
C HIS U 106 -33.42 5.35 -22.15
N VAL U 107 -33.00 4.83 -21.02
CA VAL U 107 -33.36 5.45 -19.75
C VAL U 107 -32.23 5.90 -18.87
N TYR U 108 -32.23 7.17 -18.51
CA TYR U 108 -31.21 7.69 -17.63
C TYR U 108 -31.87 8.33 -16.44
N LEU U 109 -31.53 7.85 -15.27
CA LEU U 109 -32.13 8.29 -14.04
C LEU U 109 -31.17 8.95 -13.07
N ASN U 110 -31.71 9.78 -12.22
CA ASN U 110 -30.96 10.47 -11.19
C ASN U 110 -29.83 11.28 -11.78
N GLU U 111 -28.59 11.05 -11.38
CA GLU U 111 -27.56 11.91 -11.91
C GLU U 111 -27.04 11.41 -13.22
N ALA U 112 -27.54 10.28 -13.66
CA ALA U 112 -27.09 9.68 -14.89
C ALA U 112 -27.66 10.43 -16.05
N VAL U 113 -28.55 11.35 -15.80
CA VAL U 113 -29.09 12.07 -16.90
C VAL U 113 -28.01 12.90 -17.55
N ARG U 114 -26.98 13.29 -16.80
CA ARG U 114 -25.96 14.12 -17.40
C ARG U 114 -25.14 13.40 -18.44
N LEU U 115 -25.20 12.09 -18.46
CA LEU U 115 -24.42 11.33 -19.40
C LEU U 115 -25.27 10.78 -20.54
N ARG U 116 -26.50 11.23 -20.63
CA ARG U 116 -27.39 10.81 -21.69
C ARG U 116 -26.86 11.34 -23.01
N PRO U 117 -26.81 10.53 -24.08
CA PRO U 117 -26.32 10.90 -25.39
C PRO U 117 -27.30 11.74 -26.17
N ASP U 118 -27.49 12.96 -25.74
CA ASP U 118 -28.43 13.85 -26.39
C ASP U 118 -27.72 15.14 -26.77
N GLY V 1 -58.20 9.20 11.12
CA GLY V 1 -58.07 9.12 9.67
C GLY V 1 -57.76 7.68 9.26
N GLY V 2 -57.11 6.97 10.15
CA GLY V 2 -56.75 5.59 9.92
C GLY V 2 -55.38 5.39 9.31
N GLU V 3 -54.59 6.43 9.20
CA GLU V 3 -53.26 6.25 8.65
C GLU V 3 -52.41 5.52 9.69
N GLU V 4 -51.55 4.61 9.25
CA GLU V 4 -50.69 3.84 10.15
C GLU V 4 -49.26 3.64 9.69
N VAL V 5 -48.36 3.42 10.64
CA VAL V 5 -46.99 3.06 10.31
C VAL V 5 -46.76 1.63 10.72
N VAL V 6 -46.41 0.79 9.77
CA VAL V 6 -46.22 -0.61 10.06
C VAL V 6 -44.78 -0.97 10.12
N LEU V 7 -44.40 -1.64 11.17
CA LEU V 7 -43.05 -2.07 11.34
C LEU V 7 -42.92 -3.51 10.93
N ILE V 8 -42.10 -3.77 9.94
CA ILE V 8 -41.88 -5.14 9.50
C ILE V 8 -40.42 -5.44 9.63
N THR V 9 -40.09 -6.50 10.27
CA THR V 9 -38.67 -6.82 10.43
C THR V 9 -38.24 -7.89 9.44
N VAL V 10 -37.17 -7.64 8.69
CA VAL V 10 -36.74 -8.58 7.68
C VAL V 10 -35.29 -8.99 7.83
N PRO V 11 -34.91 -10.22 7.47
CA PRO V 11 -33.57 -10.74 7.58
C PRO V 11 -32.49 -10.26 6.63
N SER V 12 -32.83 -9.70 5.49
CA SER V 12 -31.80 -9.34 4.52
C SER V 12 -32.25 -8.27 3.60
N ALA V 13 -31.31 -7.65 2.90
CA ALA V 13 -31.64 -6.62 1.93
C ALA V 13 -32.50 -7.15 0.81
N LEU V 14 -32.30 -8.39 0.38
CA LEU V 14 -33.13 -8.87 -0.71
C LEU V 14 -34.54 -8.95 -0.27
N VAL V 15 -34.78 -9.41 0.94
CA VAL V 15 -36.13 -9.49 1.41
C VAL V 15 -36.67 -8.10 1.61
N ALA V 16 -35.88 -7.20 2.18
CA ALA V 16 -36.34 -5.88 2.43
C ALA V 16 -36.80 -5.17 1.19
N VAL V 17 -36.04 -5.32 0.12
CA VAL V 17 -36.40 -4.67 -1.10
C VAL V 17 -37.55 -5.37 -1.75
N LYS V 18 -37.55 -6.69 -1.76
CA LYS V 18 -38.62 -7.42 -2.38
C LYS V 18 -39.95 -7.07 -1.78
N ILE V 19 -40.03 -7.00 -0.46
CA ILE V 19 -41.27 -6.67 0.17
C ILE V 19 -41.59 -5.22 -0.02
N ALA V 20 -40.63 -4.35 0.21
CA ALA V 20 -40.94 -2.95 0.08
C ALA V 20 -41.40 -2.60 -1.30
N HIS V 21 -40.80 -3.22 -2.30
CA HIS V 21 -41.19 -2.91 -3.63
C HIS V 21 -42.58 -3.44 -3.87
N ALA V 22 -42.85 -4.67 -3.46
CA ALA V 22 -44.17 -5.20 -3.71
C ALA V 22 -45.25 -4.40 -3.04
N LEU V 23 -45.03 -3.93 -1.83
CA LEU V 23 -46.10 -3.22 -1.19
C LEU V 23 -46.36 -1.91 -1.87
N VAL V 24 -45.33 -1.21 -2.28
CA VAL V 24 -45.60 0.06 -2.90
C VAL V 24 -46.19 -0.17 -4.29
N GLU V 25 -45.63 -1.09 -5.06
CA GLU V 25 -46.09 -1.33 -6.41
C GLU V 25 -47.55 -1.71 -6.47
N GLU V 26 -47.99 -2.49 -5.51
CA GLU V 26 -49.34 -3.00 -5.43
C GLU V 26 -50.31 -2.08 -4.71
N ARG V 27 -49.84 -0.91 -4.33
CA ARG V 27 -50.63 0.06 -3.59
C ARG V 27 -51.13 -0.42 -2.24
N LEU V 28 -50.28 -1.15 -1.52
CA LEU V 28 -50.62 -1.52 -0.17
C LEU V 28 -49.92 -0.57 0.76
N ALA V 29 -49.07 0.27 0.19
CA ALA V 29 -48.29 1.24 0.89
C ALA V 29 -47.99 2.40 -0.01
N ALA V 30 -47.87 3.57 0.56
CA ALA V 30 -47.48 4.70 -0.27
C ALA V 30 -45.98 4.89 -0.21
N CYS V 31 -45.41 4.53 0.92
CA CYS V 31 -43.98 4.74 1.16
C CYS V 31 -43.38 3.76 2.12
N VAL V 32 -42.22 3.18 1.76
CA VAL V 32 -41.54 2.30 2.68
C VAL V 32 -40.11 2.72 2.94
N ASN V 33 -39.77 2.88 4.20
CA ASN V 33 -38.41 3.21 4.56
C ASN V 33 -37.67 2.02 5.09
N ILE V 34 -36.48 1.80 4.59
CA ILE V 34 -35.69 0.68 5.03
C ILE V 34 -34.57 1.16 5.91
N VAL V 35 -34.52 0.66 7.13
CA VAL V 35 -33.48 1.02 8.07
C VAL V 35 -32.56 -0.18 8.25
N PRO V 36 -31.35 -0.16 7.71
CA PRO V 36 -30.39 -1.23 7.71
C PRO V 36 -29.63 -1.34 9.00
N GLY V 37 -28.92 -2.45 9.17
CA GLY V 37 -27.94 -2.57 10.23
C GLY V 37 -28.43 -2.83 11.63
N LEU V 38 -29.55 -3.49 11.80
CA LEU V 38 -30.04 -3.72 13.13
C LEU V 38 -29.37 -4.91 13.76
N THR V 39 -29.37 -4.92 15.08
CA THR V 39 -28.95 -6.09 15.80
C THR V 39 -30.17 -6.53 16.57
N SER V 40 -30.53 -7.78 16.44
CA SER V 40 -31.75 -8.27 17.06
C SER V 40 -31.55 -9.32 18.10
N ILE V 41 -32.01 -9.02 19.31
CA ILE V 41 -31.91 -9.98 20.41
C ILE V 41 -33.30 -10.43 20.77
N TYR V 42 -33.54 -11.71 20.69
CA TYR V 42 -34.90 -12.13 20.95
C TYR V 42 -35.00 -13.51 21.52
N ARG V 43 -36.13 -13.81 22.10
CA ARG V 43 -36.23 -15.13 22.64
C ARG V 43 -36.64 -16.09 21.55
N GLU V 44 -35.97 -17.20 21.47
CA GLU V 44 -36.27 -18.20 20.49
C GLU V 44 -36.28 -19.55 21.17
N GLU V 45 -37.33 -20.32 20.96
CA GLU V 45 -37.43 -21.59 21.63
C GLU V 45 -37.21 -21.36 23.13
N GLY V 46 -36.17 -21.98 23.69
CA GLY V 46 -35.90 -21.85 25.11
C GLY V 46 -34.80 -20.89 25.49
N SER V 47 -34.27 -20.12 24.54
CA SER V 47 -33.16 -19.25 24.90
C SER V 47 -33.13 -17.92 24.20
N VAL V 48 -32.09 -17.17 24.48
CA VAL V 48 -31.98 -15.86 23.90
C VAL V 48 -30.91 -15.88 22.87
N VAL V 49 -31.28 -15.49 21.67
CA VAL V 49 -30.38 -15.55 20.54
C VAL V 49 -30.29 -14.25 19.83
N SER V 50 -29.27 -14.07 19.01
CA SER V 50 -29.23 -12.87 18.21
C SER V 50 -29.28 -13.12 16.72
N ASP V 51 -29.66 -12.09 15.98
CA ASP V 51 -29.71 -12.09 14.53
C ASP V 51 -29.34 -10.73 14.00
N HIS V 52 -29.33 -10.56 12.69
CA HIS V 52 -29.01 -9.27 12.11
C HIS V 52 -30.24 -8.40 11.92
N GLU V 53 -30.94 -8.60 10.83
CA GLU V 53 -32.18 -7.90 10.47
C GLU V 53 -32.06 -6.42 10.00
N LEU V 54 -33.07 -6.04 9.25
CA LEU V 54 -33.36 -4.69 8.77
C LEU V 54 -34.77 -4.34 9.15
N LEU V 55 -35.07 -3.08 9.31
CA LEU V 55 -36.43 -2.70 9.63
C LEU V 55 -37.15 -1.92 8.55
N LEU V 56 -38.35 -2.34 8.20
CA LEU V 56 -39.12 -1.60 7.23
C LEU V 56 -40.16 -0.77 7.93
N LEU V 57 -40.27 0.49 7.57
CA LEU V 57 -41.32 1.34 8.11
C LEU V 57 -42.28 1.61 6.99
N VAL V 58 -43.45 1.07 7.08
CA VAL V 58 -44.39 1.17 5.98
C VAL V 58 -45.48 2.15 6.27
N LYS V 59 -45.62 3.13 5.40
CA LYS V 59 -46.64 4.13 5.58
C LYS V 59 -47.80 3.72 4.71
N THR V 60 -48.83 3.27 5.40
CA THR V 60 -50.04 2.66 4.86
C THR V 60 -51.24 3.13 5.65
N THR V 61 -52.36 2.47 5.43
CA THR V 61 -53.60 2.81 6.12
C THR V 61 -54.17 1.56 6.75
N THR V 62 -55.07 1.71 7.70
CA THR V 62 -55.65 0.55 8.34
C THR V 62 -56.50 -0.30 7.41
N ASP V 63 -57.18 0.28 6.45
CA ASP V 63 -58.03 -0.55 5.64
C ASP V 63 -57.28 -1.47 4.72
N ALA V 64 -56.05 -1.14 4.39
CA ALA V 64 -55.26 -1.99 3.54
C ALA V 64 -54.44 -2.94 4.35
N PHE V 65 -54.51 -2.84 5.66
CA PHE V 65 -53.66 -3.65 6.47
C PHE V 65 -53.93 -5.12 6.28
N PRO V 66 -55.16 -5.63 6.29
CA PRO V 66 -55.41 -7.04 6.09
C PRO V 66 -54.77 -7.58 4.83
N LYS V 67 -54.71 -6.78 3.77
CA LYS V 67 -54.10 -7.23 2.53
C LYS V 67 -52.60 -7.27 2.69
N LEU V 68 -52.07 -6.27 3.38
CA LEU V 68 -50.66 -6.19 3.62
C LEU V 68 -50.25 -7.40 4.40
N LYS V 69 -50.99 -7.74 5.44
CA LYS V 69 -50.55 -8.89 6.20
C LYS V 69 -50.48 -10.11 5.34
N GLU V 70 -51.44 -10.31 4.46
CA GLU V 70 -51.35 -11.52 3.65
C GLU V 70 -50.21 -11.47 2.68
N ARG V 71 -49.98 -10.31 2.06
CA ARG V 71 -48.92 -10.25 1.08
C ARG V 71 -47.56 -10.42 1.72
N VAL V 72 -47.39 -9.86 2.89
CA VAL V 72 -46.12 -10.00 3.54
C VAL V 72 -45.93 -11.43 3.95
N LYS V 73 -46.94 -12.09 4.49
CA LYS V 73 -46.74 -13.48 4.84
C LYS V 73 -46.30 -14.30 3.64
N GLU V 74 -46.84 -14.03 2.46
CA GLU V 74 -46.44 -14.75 1.28
C GLU V 74 -44.98 -14.54 0.89
N LEU V 75 -44.48 -13.34 1.07
CA LEU V 75 -43.12 -13.01 0.66
C LEU V 75 -42.04 -13.26 1.70
N HIS V 76 -42.41 -13.04 2.97
CA HIS V 76 -41.46 -13.07 4.12
C HIS V 76 -41.13 -14.52 4.48
N PRO V 77 -39.83 -14.93 4.58
CA PRO V 77 -39.39 -16.29 4.88
C PRO V 77 -39.45 -16.72 6.34
N TYR V 78 -40.59 -16.52 6.98
CA TYR V 78 -40.78 -16.92 8.38
C TYR V 78 -42.15 -17.49 8.62
N GLU V 79 -42.23 -18.36 9.61
CA GLU V 79 -43.51 -18.86 10.02
C GLU V 79 -44.33 -17.76 10.65
N VAL V 80 -43.66 -16.91 11.41
CA VAL V 80 -44.30 -15.81 12.08
C VAL V 80 -43.57 -14.51 11.80
N PRO V 81 -43.96 -13.78 10.78
CA PRO V 81 -43.43 -12.50 10.44
C PRO V 81 -43.75 -11.55 11.55
N GLU V 82 -42.89 -10.60 11.78
CA GLU V 82 -43.11 -9.57 12.76
C GLU V 82 -43.72 -8.36 12.11
N ILE V 83 -45.04 -8.25 12.16
CA ILE V 83 -45.73 -7.15 11.51
C ILE V 83 -46.60 -6.42 12.51
N VAL V 84 -46.22 -5.21 12.89
CA VAL V 84 -47.07 -4.50 13.84
C VAL V 84 -47.37 -3.09 13.38
N ALA V 85 -48.59 -2.64 13.59
CA ALA V 85 -48.98 -1.30 13.20
C ALA V 85 -49.08 -0.35 14.35
N LEU V 86 -48.44 0.80 14.22
CA LEU V 86 -48.53 1.86 15.19
C LEU V 86 -49.44 2.92 14.58
N PRO V 87 -50.38 3.51 15.29
CA PRO V 87 -51.29 4.50 14.77
C PRO V 87 -50.65 5.85 14.57
N ILE V 88 -51.16 6.63 13.64
CA ILE V 88 -50.76 8.03 13.51
C ILE V 88 -51.79 8.91 14.14
N ALA V 89 -51.36 9.70 15.11
CA ALA V 89 -52.27 10.58 15.84
C ALA V 89 -52.63 11.79 15.03
N GLU V 90 -51.63 12.35 14.38
CA GLU V 90 -51.84 13.55 13.57
C GLU V 90 -50.70 13.77 12.62
N GLY V 91 -50.84 14.66 11.67
CA GLY V 91 -49.72 14.91 10.78
C GLY V 91 -49.97 15.98 9.74
N ASN V 92 -49.00 16.13 8.85
CA ASN V 92 -49.08 17.09 7.78
C ASN V 92 -50.29 16.70 6.95
N ARG V 93 -51.19 17.64 6.75
CA ARG V 93 -52.40 17.29 6.06
C ARG V 93 -52.20 16.86 4.65
N GLU V 94 -51.33 17.54 3.93
CA GLU V 94 -51.12 17.18 2.56
C GLU V 94 -50.52 15.81 2.48
N TYR V 95 -49.62 15.50 3.39
CA TYR V 95 -49.00 14.21 3.41
C TYR V 95 -50.02 13.12 3.65
N LEU V 96 -50.87 13.31 4.63
CA LEU V 96 -51.82 12.28 4.93
C LEU V 96 -52.80 12.12 3.77
N ASP V 97 -53.15 13.21 3.09
CA ASP V 97 -54.05 13.07 1.96
C ASP V 97 -53.37 12.27 0.89
N TRP V 98 -52.08 12.51 0.71
CA TRP V 98 -51.25 11.82 -0.24
C TRP V 98 -51.21 10.34 0.03
N LEU V 99 -51.03 9.95 1.30
CA LEU V 99 -50.99 8.53 1.59
C LEU V 99 -52.27 7.88 1.19
N ARG V 100 -53.39 8.54 1.45
CA ARG V 100 -54.63 7.90 1.10
C ARG V 100 -54.77 7.82 -0.41
N GLU V 101 -54.37 8.85 -1.13
CA GLU V 101 -54.50 8.83 -2.58
C GLU V 101 -53.71 7.70 -3.21
N ASN V 102 -52.55 7.42 -2.65
CA ASN V 102 -51.68 6.39 -3.16
C ASN V 102 -51.82 5.02 -2.54
N THR V 103 -52.82 4.82 -1.69
CA THR V 103 -52.96 3.52 -1.06
C THR V 103 -54.34 2.97 -1.39
N GLY V 104 -54.42 1.75 -1.88
CA GLY V 104 -55.71 1.16 -2.21
C GLY V 104 -56.05 1.19 -3.69
N GLY W 1 -10.65 49.61 17.70
CA GLY W 1 -10.72 48.17 17.93
C GLY W 1 -9.45 47.47 17.48
N SER W 2 -9.34 46.21 17.84
CA SER W 2 -8.20 45.40 17.49
C SER W 2 -8.68 44.03 17.14
N VAL W 3 -7.78 43.07 17.07
CA VAL W 3 -8.21 41.73 16.72
C VAL W 3 -7.79 40.72 17.73
N ARG W 4 -8.73 39.91 18.16
CA ARG W 4 -8.42 38.86 19.09
C ARG W 4 -8.89 37.56 18.54
N GLY W 5 -8.06 36.54 18.61
CA GLY W 5 -8.55 35.27 18.18
C GLY W 5 -9.35 34.61 19.28
N ILE W 6 -10.30 33.78 18.90
CA ILE W 6 -11.09 33.02 19.84
C ILE W 6 -10.89 31.57 19.49
N ARG W 7 -10.57 30.73 20.44
CA ARG W 7 -10.37 29.35 20.11
C ARG W 7 -11.31 28.42 20.80
N GLY W 8 -11.57 27.33 20.13
CA GLY W 8 -12.28 26.28 20.80
C GLY W 8 -12.16 24.97 20.07
N ALA W 9 -12.62 23.93 20.72
CA ALA W 9 -12.54 22.61 20.15
C ALA W 9 -13.60 21.69 20.68
N ILE W 10 -13.99 20.74 19.85
CA ILE W 10 -14.97 19.75 20.21
C ILE W 10 -14.62 18.42 19.61
N THR W 11 -14.97 17.34 20.28
CA THR W 11 -14.73 16.05 19.70
C THR W 11 -16.00 15.37 19.31
N VAL W 12 -15.90 14.43 18.39
CA VAL W 12 -17.04 13.63 17.99
C VAL W 12 -16.71 12.18 18.13
N GLU W 13 -17.70 11.32 18.20
CA GLU W 13 -17.41 9.90 18.32
C GLU W 13 -17.24 9.17 17.01
N GLU W 14 -17.79 9.69 15.94
CA GLU W 14 -17.64 9.01 14.67
C GLU W 14 -17.65 9.96 13.50
N ASP W 15 -17.10 9.53 12.38
CA ASP W 15 -17.06 10.35 11.20
C ASP W 15 -18.34 10.22 10.38
N THR W 16 -19.39 10.79 10.92
CA THR W 16 -20.71 10.82 10.32
C THR W 16 -21.05 12.26 10.05
N PRO W 17 -21.44 12.66 8.84
CA PRO W 17 -21.74 14.02 8.52
C PRO W 17 -22.67 14.69 9.48
N ALA W 18 -23.66 13.98 9.98
CA ALA W 18 -24.55 14.60 10.92
C ALA W 18 -23.85 14.95 12.21
N ALA W 19 -22.91 14.11 12.63
CA ALA W 19 -22.23 14.35 13.89
C ALA W 19 -21.29 15.49 13.75
N ILE W 20 -20.68 15.60 12.61
CA ILE W 20 -19.74 16.68 12.38
C ILE W 20 -20.45 17.98 12.36
N LEU W 21 -21.56 18.02 11.64
CA LEU W 21 -22.28 19.25 11.55
C LEU W 21 -22.87 19.62 12.87
N ALA W 22 -23.42 18.65 13.59
CA ALA W 22 -24.03 18.99 14.85
C ALA W 22 -22.99 19.49 15.83
N ALA W 23 -21.83 18.85 15.86
CA ALA W 23 -20.79 19.24 16.77
C ALA W 23 -20.26 20.60 16.41
N THR W 24 -20.15 20.88 15.14
CA THR W 24 -19.64 22.15 14.74
C THR W 24 -20.59 23.23 15.18
N ILE W 25 -21.89 23.01 15.04
CA ILE W 25 -22.81 24.02 15.47
C ILE W 25 -22.70 24.24 16.95
N GLU W 26 -22.65 23.16 17.73
CA GLU W 26 -22.57 23.36 19.15
C GLU W 26 -21.36 24.17 19.52
N LEU W 27 -20.23 23.88 18.91
CA LEU W 27 -19.05 24.62 19.27
C LEU W 27 -19.13 26.07 18.84
N LEU W 28 -19.58 26.33 17.62
CA LEU W 28 -19.58 27.72 17.20
C LEU W 28 -20.53 28.54 18.02
N LEU W 29 -21.68 27.99 18.34
CA LEU W 29 -22.58 28.81 19.08
C LEU W 29 -22.08 29.02 20.48
N LYS W 30 -21.45 28.02 21.06
CA LYS W 30 -20.98 28.19 22.40
C LYS W 30 -19.87 29.23 22.45
N MET W 31 -18.98 29.26 21.46
CA MET W 31 -17.92 30.27 21.44
C MET W 31 -18.49 31.65 21.37
N LEU W 32 -19.49 31.83 20.53
CA LEU W 32 -20.08 33.13 20.39
C LEU W 32 -20.80 33.52 21.65
N GLU W 33 -21.48 32.59 22.30
CA GLU W 33 -22.16 32.99 23.53
C GLU W 33 -21.17 33.34 24.60
N ALA W 34 -20.08 32.59 24.71
CA ALA W 34 -19.13 32.83 25.75
C ALA W 34 -18.57 34.20 25.71
N ASN W 35 -18.35 34.71 24.51
CA ASN W 35 -17.80 36.03 24.35
C ASN W 35 -18.82 37.12 24.09
N GLY W 36 -20.10 36.81 24.21
CA GLY W 36 -21.11 37.83 24.03
C GLY W 36 -21.29 38.32 22.61
N ILE W 37 -21.03 37.49 21.62
CA ILE W 37 -21.12 37.98 20.28
C ILE W 37 -22.51 37.78 19.75
N GLN W 38 -23.19 38.89 19.50
CA GLN W 38 -24.58 38.86 19.07
C GLN W 38 -24.73 39.02 17.57
N SER W 39 -23.62 39.21 16.89
CA SER W 39 -23.62 39.45 15.47
C SER W 39 -22.38 38.93 14.80
N TYR W 40 -22.53 38.47 13.60
CA TYR W 40 -21.43 37.91 12.88
C TYR W 40 -20.63 38.97 12.18
N GLU W 41 -21.10 40.19 12.29
CA GLU W 41 -20.46 41.33 11.68
C GLU W 41 -19.14 41.63 12.33
N GLU W 42 -18.94 41.11 13.53
CA GLU W 42 -17.71 41.37 14.23
C GLU W 42 -16.64 40.34 13.87
N LEU W 43 -16.97 39.33 13.10
CA LEU W 43 -15.97 38.33 12.80
C LEU W 43 -15.29 38.59 11.49
N ALA W 44 -13.98 38.71 11.55
CA ALA W 44 -13.19 38.97 10.38
C ALA W 44 -13.12 37.73 9.54
N ALA W 45 -12.97 36.60 10.22
CA ALA W 45 -12.85 35.31 9.55
C ALA W 45 -12.95 34.16 10.53
N VAL W 46 -13.30 32.98 10.04
CA VAL W 46 -13.21 31.78 10.86
C VAL W 46 -12.43 30.67 10.18
N ILE W 47 -11.46 30.10 10.89
CA ILE W 47 -10.68 29.02 10.35
C ILE W 47 -10.93 27.71 11.08
N PHE W 48 -11.32 26.69 10.35
CA PHE W 48 -11.61 25.41 10.97
C PHE W 48 -10.54 24.41 10.65
N THR W 49 -10.14 23.61 11.61
CA THR W 49 -9.22 22.54 11.24
C THR W 49 -9.73 21.25 11.79
N VAL W 50 -9.42 20.19 11.09
CA VAL W 50 -9.80 18.89 11.63
C VAL W 50 -8.71 17.89 11.59
N THR W 51 -8.85 16.89 12.42
CA THR W 51 -7.93 15.79 12.42
C THR W 51 -8.11 14.92 11.22
N GLU W 52 -7.13 14.08 10.97
CA GLU W 52 -7.07 13.25 9.77
C GLU W 52 -8.14 12.22 9.63
N ASP W 53 -8.82 11.91 10.71
CA ASP W 53 -9.87 10.92 10.75
C ASP W 53 -11.28 11.44 10.55
N LEU W 54 -11.46 12.73 10.27
CA LEU W 54 -12.79 13.23 9.98
C LEU W 54 -12.86 13.74 8.57
N THR W 55 -13.35 12.93 7.65
CA THR W 55 -13.42 13.33 6.27
C THR W 55 -14.81 13.29 5.66
N SER W 56 -15.85 12.98 6.42
CA SER W 56 -17.16 12.88 5.78
C SER W 56 -17.90 14.20 5.54
N ALA W 57 -17.44 15.29 6.13
CA ALA W 57 -18.13 16.57 5.97
C ALA W 57 -17.21 17.73 6.25
N PHE W 58 -17.59 18.90 5.78
CA PHE W 58 -16.82 20.09 6.08
C PHE W 58 -17.48 20.89 7.18
N PRO W 59 -16.84 21.13 8.32
CA PRO W 59 -17.38 21.91 9.41
C PRO W 59 -17.87 23.29 8.97
N ALA W 60 -17.22 23.84 7.96
CA ALA W 60 -17.61 25.13 7.45
C ALA W 60 -19.05 25.13 6.98
N GLU W 61 -19.58 24.00 6.55
CA GLU W 61 -20.95 23.97 6.09
C GLU W 61 -21.89 24.27 7.24
N ALA W 62 -21.56 23.83 8.43
CA ALA W 62 -22.40 24.04 9.60
C ALA W 62 -22.53 25.51 9.89
N ALA W 63 -21.47 26.23 9.62
CA ALA W 63 -21.48 27.65 9.88
C ALA W 63 -22.58 28.35 9.10
N ARG W 64 -22.97 27.82 7.94
CA ARG W 64 -23.99 28.49 7.18
C ARG W 64 -25.38 28.06 7.61
N LEU W 65 -25.46 27.09 8.52
CA LEU W 65 -26.76 26.64 8.99
C LEU W 65 -27.16 27.57 10.11
N ILE W 66 -26.17 28.19 10.74
CA ILE W 66 -26.46 29.13 11.81
C ILE W 66 -26.37 30.57 11.32
N GLY W 67 -26.34 30.73 10.02
CA GLY W 67 -26.39 32.03 9.38
C GLY W 67 -25.11 32.79 9.12
N MET W 68 -23.93 32.19 9.24
CA MET W 68 -22.72 32.94 9.00
C MET W 68 -22.41 32.99 7.53
N HIS W 69 -23.30 33.58 6.77
CA HIS W 69 -23.20 33.56 5.32
C HIS W 69 -22.17 34.52 4.80
N ARG W 70 -21.92 35.57 5.55
CA ARG W 70 -20.96 36.54 5.08
C ARG W 70 -19.67 36.46 5.81
N VAL W 71 -19.47 35.45 6.64
CA VAL W 71 -18.24 35.38 7.36
C VAL W 71 -17.31 34.55 6.53
N PRO W 72 -16.12 34.99 6.15
CA PRO W 72 -15.19 34.21 5.39
C PRO W 72 -14.88 32.93 6.13
N LEU W 73 -14.99 31.78 5.48
CA LEU W 73 -14.70 30.54 6.17
C LEU W 73 -13.64 29.77 5.42
N LEU W 74 -12.60 29.40 6.12
CA LEU W 74 -11.50 28.65 5.53
C LEU W 74 -11.29 27.39 6.33
N SER W 75 -10.88 26.29 5.71
CA SER W 75 -10.59 25.12 6.52
C SER W 75 -9.32 24.42 6.09
N ALA W 76 -8.73 23.66 7.01
CA ALA W 76 -7.48 22.94 6.75
C ALA W 76 -7.36 21.66 7.55
N ARG W 77 -6.48 20.79 7.12
CA ARG W 77 -6.29 19.54 7.81
C ARG W 77 -5.11 19.64 8.78
N GLU W 78 -5.27 19.04 9.95
CA GLU W 78 -4.28 19.04 11.03
C GLU W 78 -3.17 18.02 10.90
N VAL W 79 -2.09 18.30 11.61
CA VAL W 79 -0.93 17.44 11.67
C VAL W 79 -1.21 16.20 12.52
N PRO W 80 -1.05 14.99 12.00
CA PRO W 80 -1.33 13.73 12.64
C PRO W 80 -0.27 13.28 13.63
N VAL W 81 -0.13 14.01 14.72
CA VAL W 81 0.85 13.63 15.71
C VAL W 81 0.34 12.42 16.49
N PRO W 82 1.08 11.30 16.56
CA PRO W 82 0.66 10.11 17.26
C PRO W 82 0.38 10.43 18.68
N GLY W 83 -0.67 9.86 19.21
CA GLY W 83 -1.02 10.08 20.61
C GLY W 83 -1.97 11.26 20.79
N SER W 84 -2.25 11.99 19.72
CA SER W 84 -3.13 13.12 19.85
C SER W 84 -4.56 12.67 20.05
N LEU W 85 -5.39 13.57 20.51
CA LEU W 85 -6.79 13.27 20.71
C LEU W 85 -7.43 13.10 19.32
N PRO W 86 -8.10 11.98 19.01
CA PRO W 86 -8.73 11.67 17.74
C PRO W 86 -10.02 12.42 17.54
N ARG W 87 -10.46 12.52 16.30
CA ARG W 87 -11.74 13.09 15.94
C ARG W 87 -12.00 14.47 16.53
N VAL W 88 -11.07 15.37 16.35
CA VAL W 88 -11.19 16.70 16.93
C VAL W 88 -11.42 17.76 15.88
N ILE W 89 -12.38 18.63 16.15
CA ILE W 89 -12.67 19.77 15.32
C ILE W 89 -12.22 21.00 16.09
N ARG W 90 -11.34 21.80 15.51
CA ARG W 90 -10.84 22.98 16.18
C ARG W 90 -11.21 24.21 15.42
N VAL W 91 -11.54 25.26 16.13
CA VAL W 91 -11.89 26.49 15.47
C VAL W 91 -11.16 27.70 15.99
N LEU W 92 -10.64 28.51 15.08
CA LEU W 92 -10.05 29.80 15.41
C LEU W 92 -10.88 30.90 14.79
N ALA W 93 -11.44 31.78 15.57
CA ALA W 93 -12.19 32.85 14.98
C ALA W 93 -11.45 34.12 15.19
N LEU W 94 -11.47 35.01 14.23
CA LEU W 94 -10.82 36.30 14.39
C LEU W 94 -11.87 37.35 14.59
N TRP W 95 -11.89 37.89 15.79
CA TRP W 95 -12.88 38.81 16.29
C TRP W 95 -12.43 40.26 16.39
N ASN W 96 -13.14 41.14 15.70
CA ASN W 96 -12.79 42.55 15.70
C ASN W 96 -13.35 43.28 16.88
N THR W 97 -12.71 43.10 17.99
CA THR W 97 -13.12 43.65 19.27
C THR W 97 -12.13 44.52 19.96
N ASP W 98 -12.56 45.13 21.06
CA ASP W 98 -11.70 45.90 21.92
C ASP W 98 -11.46 45.20 23.25
N THR W 99 -11.90 43.96 23.31
CA THR W 99 -11.75 43.10 24.44
C THR W 99 -10.26 42.80 24.63
N PRO W 100 -9.71 42.91 25.85
CA PRO W 100 -8.35 42.55 26.21
C PRO W 100 -8.10 41.11 25.94
N GLN W 101 -6.87 40.72 25.71
CA GLN W 101 -6.57 39.35 25.41
C GLN W 101 -7.03 38.40 26.51
N ASP W 102 -6.91 38.82 27.74
CA ASP W 102 -7.23 37.93 28.83
C ASP W 102 -8.67 37.92 29.23
N ARG W 103 -9.50 38.59 28.46
CA ARG W 103 -10.90 38.60 28.73
C ARG W 103 -11.63 37.86 27.64
N VAL W 104 -10.90 37.21 26.74
CA VAL W 104 -11.52 36.44 25.69
C VAL W 104 -11.64 35.03 26.18
N ARG W 105 -12.83 34.47 26.08
CA ARG W 105 -13.05 33.14 26.57
C ARG W 105 -12.91 32.13 25.47
N HIS W 106 -12.38 30.97 25.81
CA HIS W 106 -12.18 29.91 24.86
C HIS W 106 -13.03 28.75 25.25
N VAL W 107 -13.44 27.95 24.28
CA VAL W 107 -14.35 26.85 24.57
C VAL W 107 -13.87 25.47 24.20
N TYR W 108 -13.85 24.59 25.17
CA TYR W 108 -13.46 23.21 24.94
C TYR W 108 -14.56 22.30 25.38
N LEU W 109 -15.03 21.50 24.46
CA LEU W 109 -16.15 20.61 24.70
C LEU W 109 -15.82 19.14 24.57
N ASN W 110 -16.59 18.32 25.24
CA ASN W 110 -16.47 16.88 25.20
C ASN W 110 -15.08 16.44 25.61
N GLU W 111 -14.37 15.71 24.77
CA GLU W 111 -13.08 15.25 25.25
C GLU W 111 -12.00 16.24 25.01
N ALA W 112 -12.34 17.35 24.40
CA ALA W 112 -11.38 18.37 24.08
C ALA W 112 -11.04 19.13 25.31
N VAL W 113 -11.74 18.89 26.39
CA VAL W 113 -11.40 19.60 27.58
C VAL W 113 -10.03 19.21 28.05
N ARG W 114 -9.56 18.02 27.71
CA ARG W 114 -8.26 17.62 28.20
C ARG W 114 -7.13 18.40 27.57
N LEU W 115 -7.40 19.07 26.48
CA LEU W 115 -6.37 19.82 25.80
C LEU W 115 -6.48 21.32 26.03
N ARG W 116 -7.35 21.71 26.96
CA ARG W 116 -7.52 23.10 27.29
C ARG W 116 -6.24 23.62 27.94
N PRO W 117 -5.73 24.79 27.57
CA PRO W 117 -4.52 25.39 28.10
C PRO W 117 -4.71 26.00 29.46
N ASP W 118 -4.90 25.16 30.45
CA ASP W 118 -5.12 25.64 31.80
C ASP W 118 -4.11 24.99 32.73
N GLY X 1 -51.29 12.53 28.35
CA GLY X 1 -50.36 13.62 28.68
C GLY X 1 -50.14 14.49 27.47
N GLY X 2 -50.24 13.87 26.30
CA GLY X 2 -50.08 14.56 25.04
C GLY X 2 -48.66 14.53 24.49
N GLU X 3 -47.77 13.75 25.09
CA GLU X 3 -46.43 13.67 24.56
C GLU X 3 -46.48 12.87 23.27
N GLU X 4 -45.69 13.28 22.27
CA GLU X 4 -45.66 12.59 20.97
C GLU X 4 -44.28 12.42 20.35
N VAL X 5 -44.16 11.41 19.50
CA VAL X 5 -42.93 11.23 18.73
C VAL X 5 -43.23 11.52 17.28
N VAL X 6 -42.57 12.50 16.72
CA VAL X 6 -42.82 12.88 15.36
C VAL X 6 -41.76 12.37 14.43
N LEU X 7 -42.18 11.74 13.38
CA LEU X 7 -41.27 11.24 12.39
C LEU X 7 -41.20 12.19 11.24
N ILE X 8 -40.01 12.70 10.98
CA ILE X 8 -39.82 13.61 9.86
C ILE X 8 -38.77 13.02 8.97
N THR X 9 -39.07 12.90 7.71
CA THR X 9 -38.08 12.32 6.81
C THR X 9 -37.36 13.39 6.03
N VAL X 10 -36.02 13.38 6.04
CA VAL X 10 -35.26 14.41 5.37
C VAL X 10 -34.26 13.87 4.36
N PRO X 11 -33.96 14.57 3.28
CA PRO X 11 -33.05 14.16 2.24
C PRO X 11 -31.56 14.16 2.51
N SER X 12 -31.08 14.91 3.49
CA SER X 12 -29.64 15.01 3.68
C SER X 12 -29.27 15.40 5.07
N ALA X 13 -28.00 15.20 5.43
CA ALA X 13 -27.53 15.58 6.74
C ALA X 13 -27.68 17.06 6.99
N LEU X 14 -27.48 17.90 5.99
CA LEU X 14 -27.61 19.31 6.26
C LEU X 14 -29.00 19.65 6.64
N VAL X 15 -29.97 19.06 5.96
CA VAL X 15 -31.33 19.33 6.31
C VAL X 15 -31.63 18.74 7.65
N ALA X 16 -31.16 17.52 7.91
CA ALA X 16 -31.46 16.90 9.17
C ALA X 16 -30.99 17.69 10.34
N VAL X 17 -29.79 18.24 10.24
CA VAL X 17 -29.25 19.00 11.32
C VAL X 17 -29.92 20.34 11.40
N LYS X 18 -30.16 20.99 10.27
CA LYS X 18 -30.78 22.28 10.28
C LYS X 18 -32.13 22.23 10.95
N ILE X 19 -32.94 21.24 10.62
CA ILE X 19 -34.24 21.13 11.22
C ILE X 19 -34.13 20.72 12.66
N ALA X 20 -33.35 19.70 12.93
CA ALA X 20 -33.27 19.25 14.29
C ALA X 20 -32.78 20.33 15.21
N HIS X 21 -31.84 21.13 14.75
CA HIS X 21 -31.33 22.16 15.60
C HIS X 21 -32.39 23.20 15.79
N ALA X 22 -33.06 23.61 14.72
CA ALA X 22 -34.07 24.63 14.88
C ALA X 22 -35.18 24.21 15.81
N LEU X 23 -35.61 22.96 15.73
CA LEU X 23 -36.72 22.61 16.58
C LEU X 23 -36.30 22.59 18.03
N VAL X 24 -35.11 22.12 18.33
CA VAL X 24 -34.75 22.09 19.72
C VAL X 24 -34.48 23.50 20.21
N GLU X 25 -33.74 24.28 19.44
CA GLU X 25 -33.38 25.63 19.84
C GLU X 25 -34.58 26.50 20.13
N GLU X 26 -35.62 26.34 19.34
CA GLU X 26 -36.83 27.12 19.43
C GLU X 26 -37.85 26.55 20.40
N ARG X 27 -37.50 25.48 21.09
CA ARG X 27 -38.37 24.79 22.01
C ARG X 27 -39.63 24.23 21.39
N LEU X 28 -39.50 23.67 20.19
CA LEU X 28 -40.61 22.98 19.59
C LEU X 28 -40.42 21.50 19.83
N ALA X 29 -39.27 21.17 20.37
CA ALA X 29 -38.87 19.82 20.66
C ALA X 29 -37.91 19.80 21.81
N ALA X 30 -37.93 18.75 22.59
CA ALA X 30 -36.96 18.66 23.64
C ALA X 30 -35.76 17.87 23.17
N CYS X 31 -36.02 16.93 22.28
CA CYS X 31 -34.98 16.03 21.79
C CYS X 31 -35.21 15.51 20.40
N VAL X 32 -34.19 15.55 19.55
CA VAL X 32 -34.32 14.99 18.23
C VAL X 32 -33.26 13.96 17.91
N ASN X 33 -33.69 12.78 17.52
CA ASN X 33 -32.75 11.75 17.13
C ASN X 33 -32.66 11.62 15.64
N ILE X 34 -31.47 11.59 15.12
CA ILE X 34 -31.29 11.44 13.69
C ILE X 34 -30.81 10.06 13.36
N VAL X 35 -31.55 9.35 12.54
CA VAL X 35 -31.21 8.02 12.13
C VAL X 35 -30.78 8.06 10.65
N PRO X 36 -29.50 7.93 10.35
CA PRO X 36 -28.92 8.04 9.04
C PRO X 36 -29.08 6.78 8.22
N GLY X 37 -28.80 6.89 6.93
CA GLY X 37 -28.64 5.72 6.09
C GLY X 37 -29.89 4.99 5.63
N LEU X 38 -30.99 5.67 5.48
CA LEU X 38 -32.19 4.99 5.06
C LEU X 38 -32.23 4.80 3.58
N THR X 39 -32.98 3.81 3.16
CA THR X 39 -33.27 3.65 1.75
C THR X 39 -34.77 3.82 1.63
N SER X 40 -35.19 4.68 0.75
CA SER X 40 -36.61 4.98 0.64
C SER X 40 -37.24 4.62 -0.65
N ILE X 41 -38.24 3.76 -0.60
CA ILE X 41 -38.96 3.35 -1.80
C ILE X 41 -40.35 3.91 -1.73
N TYR X 42 -40.74 4.70 -2.69
CA TYR X 42 -42.04 5.31 -2.58
C TYR X 42 -42.68 5.58 -3.89
N ARG X 43 -43.98 5.78 -3.86
CA ARG X 43 -44.61 6.07 -5.12
C ARG X 43 -44.47 7.53 -5.42
N GLU X 44 -44.09 7.84 -6.63
CA GLU X 44 -43.93 9.21 -7.07
C GLU X 44 -44.56 9.35 -8.42
N GLU X 45 -45.42 10.34 -8.58
CA GLU X 45 -46.10 10.49 -9.84
C GLU X 45 -46.74 9.15 -10.21
N GLY X 46 -46.36 8.58 -11.34
CA GLY X 46 -46.94 7.33 -11.78
C GLY X 46 -46.10 6.09 -11.52
N SER X 47 -45.00 6.19 -10.80
CA SER X 47 -44.16 5.01 -10.62
C SER X 47 -43.50 4.89 -9.28
N VAL X 48 -42.71 3.85 -9.15
CA VAL X 48 -42.05 3.60 -7.89
C VAL X 48 -40.61 3.93 -8.02
N VAL X 49 -40.14 4.81 -7.16
CA VAL X 49 -38.78 5.30 -7.24
C VAL X 49 -38.08 5.16 -5.94
N SER X 50 -36.76 5.25 -5.95
CA SER X 50 -36.06 5.25 -4.68
C SER X 50 -35.29 6.53 -4.42
N ASP X 51 -34.99 6.75 -3.15
CA ASP X 51 -34.20 7.87 -2.67
C ASP X 51 -33.35 7.44 -1.50
N HIS X 52 -32.57 8.35 -0.93
CA HIS X 52 -31.74 8.01 0.21
C HIS X 52 -32.47 8.27 1.52
N GLU X 53 -32.44 9.51 1.98
CA GLU X 53 -33.10 9.97 3.20
C GLU X 53 -32.48 9.56 4.56
N LEU X 54 -32.79 10.39 5.55
CA LEU X 54 -32.51 10.22 6.97
C LEU X 54 -33.79 10.38 7.73
N LEU X 55 -33.90 9.77 8.88
CA LEU X 55 -35.11 9.93 9.68
C LEU X 55 -34.93 10.69 10.97
N LEU X 56 -35.76 11.68 11.21
CA LEU X 56 -35.69 12.39 12.46
C LEU X 56 -36.78 11.91 13.38
N LEU X 57 -36.44 11.62 14.62
CA LEU X 57 -37.43 11.26 15.61
C LEU X 57 -37.50 12.40 16.59
N VAL X 58 -38.60 13.11 16.59
CA VAL X 58 -38.69 14.29 17.40
C VAL X 58 -39.56 14.08 18.60
N LYS X 59 -39.01 14.31 19.76
CA LYS X 59 -39.76 14.15 20.98
C LYS X 59 -40.24 15.51 21.38
N THR X 60 -41.55 15.66 21.21
CA THR X 60 -42.32 16.88 21.36
C THR X 60 -43.64 16.58 22.00
N THR X 61 -44.53 17.56 21.98
CA THR X 61 -45.86 17.43 22.55
C THR X 61 -46.90 17.81 21.52
N THR X 62 -48.13 17.40 21.73
CA THR X 62 -49.17 17.73 20.78
C THR X 62 -49.46 19.21 20.68
N ASP X 63 -49.35 19.96 21.76
CA ASP X 63 -49.72 21.35 21.66
C ASP X 63 -48.74 22.17 20.85
N ALA X 64 -47.51 21.71 20.73
CA ALA X 64 -46.53 22.42 19.94
C ALA X 64 -46.52 21.92 18.53
N PHE X 65 -47.31 20.91 18.23
CA PHE X 65 -47.24 20.32 16.95
C PHE X 65 -47.59 21.31 15.85
N PRO X 66 -48.68 22.08 15.92
CA PRO X 66 -49.01 23.02 14.89
C PRO X 66 -47.86 23.96 14.54
N LYS X 67 -47.06 24.34 15.54
CA LYS X 67 -45.94 25.23 15.29
C LYS X 67 -44.85 24.49 14.60
N LEU X 68 -44.65 23.25 15.02
CA LEU X 68 -43.65 22.40 14.42
C LEU X 68 -43.98 22.23 12.98
N LYS X 69 -45.22 21.92 12.66
CA LYS X 69 -45.52 21.72 11.26
C LYS X 69 -45.17 22.94 10.45
N GLU X 70 -45.47 24.12 10.96
CA GLU X 70 -45.14 25.27 10.14
C GLU X 70 -43.66 25.49 10.02
N ARG X 71 -42.93 25.29 11.10
CA ARG X 71 -41.50 25.54 11.03
C ARG X 71 -40.82 24.54 10.13
N VAL X 72 -41.25 23.30 10.15
CA VAL X 72 -40.63 22.33 9.32
C VAL X 72 -40.96 22.64 7.88
N LYS X 73 -42.20 23.00 7.57
CA LYS X 73 -42.48 23.32 6.18
C LYS X 73 -41.59 24.43 5.66
N GLU X 74 -41.30 25.41 6.50
CA GLU X 74 -40.42 26.51 6.08
C GLU X 74 -38.99 26.06 5.79
N LEU X 75 -38.48 25.10 6.56
CA LEU X 75 -37.10 24.66 6.40
C LEU X 75 -36.89 23.52 5.42
N HIS X 76 -37.87 22.62 5.36
CA HIS X 76 -37.77 21.35 4.59
C HIS X 76 -37.98 21.65 3.10
N PRO X 77 -37.05 21.19 2.18
CA PRO X 77 -37.13 21.44 0.75
C PRO X 77 -38.08 20.57 -0.05
N TYR X 78 -39.32 20.49 0.38
CA TYR X 78 -40.36 19.71 -0.32
C TYR X 78 -41.69 20.40 -0.33
N GLU X 79 -42.48 20.12 -1.34
CA GLU X 79 -43.83 20.61 -1.38
C GLU X 79 -44.65 19.95 -0.28
N VAL X 80 -44.40 18.68 -0.07
CA VAL X 80 -45.10 17.91 0.93
C VAL X 80 -44.14 17.16 1.82
N PRO X 81 -43.73 17.75 2.94
CA PRO X 81 -42.89 17.15 3.92
C PRO X 81 -43.62 15.99 4.49
N GLU X 82 -42.89 14.98 4.89
CA GLU X 82 -43.46 13.85 5.57
C GLU X 82 -43.36 14.00 7.04
N ILE X 83 -44.42 14.50 7.67
CA ILE X 83 -44.41 14.75 9.11
C ILE X 83 -45.54 14.01 9.77
N VAL X 84 -45.25 12.97 10.52
CA VAL X 84 -46.36 12.28 11.20
C VAL X 84 -46.08 12.07 12.67
N ALA X 85 -47.09 12.22 13.49
CA ALA X 85 -46.94 12.04 14.91
C ALA X 85 -47.53 10.75 15.41
N LEU X 86 -46.74 10.02 16.18
CA LEU X 86 -47.19 8.80 16.82
C LEU X 86 -47.36 9.14 18.29
N PRO X 87 -48.42 8.73 18.96
CA PRO X 87 -48.68 9.03 20.34
C PRO X 87 -47.82 8.25 21.29
N ILE X 88 -47.57 8.80 22.47
CA ILE X 88 -46.91 8.05 23.53
C ILE X 88 -47.96 7.59 24.51
N ALA X 89 -48.02 6.27 24.72
CA ALA X 89 -49.02 5.69 25.61
C ALA X 89 -48.62 5.88 27.05
N GLU X 90 -47.36 5.66 27.33
CA GLU X 90 -46.85 5.78 28.68
C GLU X 90 -45.36 5.90 28.70
N GLY X 91 -44.76 6.24 29.83
CA GLY X 91 -43.31 6.31 29.85
C GLY X 91 -42.73 6.68 31.19
N ASN X 92 -41.42 6.86 31.20
CA ASN X 92 -40.70 7.24 32.40
C ASN X 92 -41.25 8.57 32.82
N ARG X 93 -41.69 8.67 34.06
CA ARG X 93 -42.34 9.88 34.46
C ARG X 93 -41.43 11.07 34.47
N GLU X 94 -40.21 10.91 34.92
CA GLU X 94 -39.31 12.03 34.95
C GLU X 94 -39.02 12.50 33.54
N TYR X 95 -38.87 11.56 32.63
CA TYR X 95 -38.62 11.91 31.26
C TYR X 95 -39.77 12.69 30.68
N LEU X 96 -40.97 12.24 30.89
CA LEU X 96 -42.09 12.93 30.30
C LEU X 96 -42.23 14.31 30.93
N ASP X 97 -41.94 14.45 32.22
CA ASP X 97 -42.04 15.76 32.82
C ASP X 97 -41.01 16.67 32.18
N TRP X 98 -39.84 16.12 31.92
CA TRP X 98 -38.74 16.81 31.29
C TRP X 98 -39.13 17.30 29.91
N LEU X 99 -39.78 16.46 29.11
CA LEU X 99 -40.16 16.92 27.80
C LEU X 99 -41.07 18.10 27.88
N ARG X 100 -42.00 18.07 28.83
CA ARG X 100 -42.91 19.18 28.90
C ARG X 100 -42.17 20.42 29.37
N GLU X 101 -41.24 20.29 30.30
CA GLU X 101 -40.52 21.46 30.79
C GLU X 101 -39.71 22.13 29.71
N ASN X 102 -39.17 21.34 28.80
CA ASN X 102 -38.36 21.86 27.72
C ASN X 102 -39.08 22.11 26.42
N THR X 103 -40.40 22.00 26.39
CA THR X 103 -41.10 22.22 25.15
C THR X 103 -42.11 23.35 25.35
N GLY X 104 -42.10 24.35 24.48
CA GLY X 104 -43.04 25.44 24.61
C GLY X 104 -42.46 26.70 25.25
#